data_9JNN
#
_entry.id   9JNN
#
_cell.length_a   1.00
_cell.length_b   1.00
_cell.length_c   1.00
_cell.angle_alpha   90.00
_cell.angle_beta   90.00
_cell.angle_gamma   90.00
#
_symmetry.space_group_name_H-M   'P 1'
#
loop_
_entity.id
_entity.type
_entity.pdbx_description
1 polymer 'Glutamate receptor ionotropic, NMDA 1'
2 polymer 'Glutamate receptor ionotropic, NMDA 2B'
3 polymer 'Heavy Chain of GluN1 Fab, 4F11'
4 polymer 'Light Chain of GluN1 Fab, 4F11'
5 polymer 'Heavy Chain of GluN2B Fab2'
6 polymer 'Light Chain of GluN2B Fab2'
7 branched 2-acetamido-2-deoxy-beta-D-glucopyranose-(1-4)-2-acetamido-2-deoxy-beta-D-glucopyranose
8 branched alpha-D-mannopyranose-(1-4)-2-acetamido-2-deoxy-beta-D-glucopyranose-(1-4)-2-acetamido-2-deoxy-beta-D-glucopyranose
9 non-polymer 2-acetamido-2-deoxy-beta-D-glucopyranose
10 non-polymer '(2R)-4-(3-phosphonopropyl)piperazine-2-carboxylic acid'
#
loop_
_entity_poly.entity_id
_entity_poly.type
_entity_poly.pdbx_seq_one_letter_code
_entity_poly.pdbx_strand_id
1 'polypeptide(L)'
;KIVNIGAVLSTRKHEQMFREAVNQANKRHGSWKIQLNATSVTHKPNAIQMALSVCEDLISSQVYAILVSHPPTPNDHFTP
TPVSYTAGFYRIPVLGLTTRMSIYSDKSIHLSFLRTVPPYSHQSSVWFEMMRVYNWNHIILLVSDDHEGRAAQKRLETLL
EERESKAEKVLQFDPGTKNVTALLMEARELEARVIILSASEDDAATVYRAAAMLNMTGSGYVWLVGEREISGNALRYAPD
GIIGLQLINGKNESAHISDAVGVVAQAVHELLEKENITDPPRGCVGNTNIWKTGPLFKRVLMSSKYADGVTGRVEFNEDG
DRKFANYSIMNLQNRKLVQVGIYNGTHVIPNDRKIIWPGGETEKPRGYQMSTRLKIVTIHQEPFVYVKPTMSDGTCKEEF
TVNGDPVKKVICTGPNDTSPGSPRHTVPQCCYGFCIDLLIKLARTMNFTYEVHLVADGKFGTQERVNNSNKKEWNGMMGE
LLSGQADMIVAPLTINNERAQYIEFSKPFKYQGLTILVKKEIPRSTLDSFMQPFQSTLWLLVGLSVHVVAVMLYLLDRFS
PFGRFKVNSEEEEEDALTLSSAMWFSWGVLLNSGIGEGAPRSFSARILGMVWAGFAMIIVASYTANLAAFLVLDRPEERI
TGINDPRLRNPSDKFIYATVKQSSVDIYFRRQVELSTMYRHMEKHNYESAAEAIQAVRDNKLHAFIWDSAVLEFEASQKC
DLVTTGELFFRSGFGIGMRKDSPWKQNVSLSILKSHENGFMEDLDKTWVRYQECDSRSNAPATLTFENMAGVFMLVAGGI
VAGIFLIFIEIAYKRHK
;
A,C
2 'polypeptide(L)'
;IGIAVILVGTSDEVAIKDAHEKDDFHHLSVVPRVELVAMNETDPKSIITRICDLMSDRKIQGVVFADDTDQEAIAQILDF
ISAQTLTPILGIHGGSSMIMADKDESSMFFQFGPSIEQQASVMLNIMEEYDWYIFSIVTTYFPGYQDFVNKIRSTIENSF
VGWELEEVLLLDMSLDDGDSKIQNQLKKLQSPIILLYCTKEEATYIFEVANSVGLTGYGYTWIVPSLVAGDTDTVPSEFP
TGLISVSYDEWDYGLPARVRDGIAIITTAASDMLSEHSFIPEPKSSCYNTHEKRIYQSNMLNRYLINVTFEGRNLSFSED
GYQMHPKLVIILLNKERKWERVGKWKDKSLQMKYYVWPRMCPETEEQEDDHLSIVTLEEAPFVIVESVDPLSGTCMRNTV
PCQKRIISENKTDEEPGYIKKCCKGFCIDILKKISKSVKFTYDLYLVTNGKHGKKINGTWNGMIGEVVMKRAYMAVGSLT
INEERSEVVDFSVPFIETGISVMVSRSNGTVSPSAFLEPFSADVWVMMFVMLLIVSAVAVFVFEYFSPVGYNRCLADGRE
PGGPSFTIGKAIWLLWGLVFNNSVPVQNPKGTTSKIMVSVWAFFAVIFLASYTANLAAFMIQEEYVDQVSGLSDKKFQRP
NDFSPPFRFGTVPNGSTERNIRNNYAEMHAYMGKFNQRGVDDALLSLKTGKLDAFIYDAAVLNYMAGRDEGCKLVTIGSG
KVFASTGYGIAIQKDSGWKRQVDLAILQLFGDGEMEELEALWLTGICHNEKNEVMSSQLDIDNMAGVFYMLGAAMALSLI
TFICEHLFYWQ
;
B,D
3 'polypeptide(L)'
;DVQLQESGPGLVKPSQSLSLTCTVTGYSITSDYAWNWIRQFPGNKLEWMGYISYSGSTGYNPSLKSRISITRDTSKNQFF
LQLNSVTTEDTATYYCARLYYGFYGMDYWGQGTSVTVS
;
E,I
4 'polypeptide(L)'
;IVLTQSPASLAVSLGQRATISCKASQSVDYDGNSYMNWYQQKPGQPPKLLIYAASNLESGIPARFSGSGSGTDFTLNIHP
VEEEDAATYYCQQGNEDPPTFGGGTKLEIK
;
F,J
5 'polypeptide(L)'
;VKLQESGGGLVQPGGSLKLSCAASGFTFSSYTMSWVRQTPEKRLEWVAYISNGGGGTYYPDTVKGRFTISRDNAKNTLYL
QMNSLKEDTAMYYCARPSRGGSSYWYFDVWGAGTTVTV
;
G,K
6 'polypeptide(L)'
;DIQMTQSPSSLSASLGGKVTITCKASQDINKYIAWYQHKPGKGPRLLIHYTSSLQPGIPSRFSGSGSGRDYSFSISNLEP
EDIATYYCLQYDNLYTFGGGTKLEIK
;
H,L
#
# COMPACT_ATOMS: atom_id res chain seq x y z
N LYS A 1 -21.43 25.15 -56.44
CA LYS A 1 -22.50 25.68 -55.61
C LYS A 1 -22.16 27.08 -55.08
N ILE A 2 -23.02 28.06 -55.39
CA ILE A 2 -22.84 29.42 -54.90
C ILE A 2 -22.98 29.45 -53.38
N VAL A 3 -22.12 30.21 -52.72
CA VAL A 3 -22.28 30.44 -51.29
C VAL A 3 -22.58 31.92 -51.10
N ASN A 4 -23.78 32.23 -50.62
CA ASN A 4 -24.12 33.61 -50.28
C ASN A 4 -23.67 33.88 -48.84
N ILE A 5 -22.82 34.89 -48.65
CA ILE A 5 -22.25 35.19 -47.34
C ILE A 5 -22.72 36.56 -46.91
N GLY A 6 -23.27 36.65 -45.70
CA GLY A 6 -24.09 37.77 -45.30
C GLY A 6 -23.34 38.58 -44.24
N ALA A 7 -23.27 39.88 -44.46
CA ALA A 7 -22.41 40.75 -43.66
C ALA A 7 -23.24 41.88 -43.07
N VAL A 8 -23.19 42.03 -41.75
CA VAL A 8 -24.10 42.97 -41.08
C VAL A 8 -23.36 44.28 -40.86
N LEU A 9 -23.73 45.29 -41.62
CA LEU A 9 -22.95 46.52 -41.72
C LEU A 9 -23.78 47.79 -41.71
N SER A 10 -23.14 48.91 -41.35
CA SER A 10 -23.92 50.10 -41.02
C SER A 10 -24.00 51.14 -42.12
N THR A 11 -22.90 51.57 -42.73
CA THR A 11 -22.98 52.50 -43.85
C THR A 11 -22.86 51.73 -45.16
N ARG A 12 -23.26 52.39 -46.24
CA ARG A 12 -23.21 51.69 -47.52
C ARG A 12 -21.79 51.37 -47.92
N LYS A 13 -20.85 52.24 -47.51
CA LYS A 13 -19.44 52.14 -47.88
C LYS A 13 -18.86 50.87 -47.29
N HIS A 14 -19.43 50.45 -46.17
CA HIS A 14 -19.01 49.17 -45.62
C HIS A 14 -19.51 48.05 -46.52
N GLU A 15 -20.72 48.17 -47.05
CA GLU A 15 -21.21 47.14 -47.97
C GLU A 15 -20.35 47.03 -49.22
N GLN A 16 -19.94 48.17 -49.80
CA GLN A 16 -19.13 48.08 -51.01
C GLN A 16 -17.70 47.61 -50.72
N MET A 17 -17.10 48.05 -49.61
CA MET A 17 -15.82 47.47 -49.20
C MET A 17 -15.94 45.98 -48.91
N PHE A 18 -17.06 45.55 -48.32
CA PHE A 18 -17.21 44.12 -48.05
C PHE A 18 -17.30 43.35 -49.34
N ARG A 19 -18.00 43.91 -50.33
CA ARG A 19 -18.21 43.12 -51.54
C ARG A 19 -16.98 43.10 -52.43
N GLU A 20 -16.23 44.20 -52.47
CA GLU A 20 -14.90 44.17 -53.11
C GLU A 20 -13.93 43.29 -52.34
N ALA A 21 -13.99 43.24 -50.99
CA ALA A 21 -13.11 42.31 -50.28
C ALA A 21 -13.40 40.87 -50.70
N VAL A 22 -14.68 40.54 -50.88
CA VAL A 22 -15.06 39.18 -51.26
C VAL A 22 -14.58 38.92 -52.69
N ASN A 23 -14.71 39.91 -53.56
CA ASN A 23 -14.21 39.75 -54.93
C ASN A 23 -12.71 39.52 -54.95
N GLN A 24 -11.97 40.22 -54.09
CA GLN A 24 -10.51 40.09 -54.05
C GLN A 24 -10.11 38.76 -53.45
N ALA A 25 -10.86 38.28 -52.47
CA ALA A 25 -10.56 36.98 -51.88
C ALA A 25 -11.05 35.81 -52.72
N ASN A 26 -11.95 36.05 -53.67
CA ASN A 26 -12.27 35.09 -54.73
C ASN A 26 -11.24 35.07 -55.84
N LYS A 27 -10.62 36.21 -56.13
CA LYS A 27 -9.50 36.26 -57.07
C LYS A 27 -8.20 35.84 -56.40
N ARG A 28 -8.19 35.72 -55.08
CA ARG A 28 -7.00 35.32 -54.33
C ARG A 28 -6.97 33.80 -54.21
N HIS A 29 -7.96 33.24 -53.52
CA HIS A 29 -8.16 31.81 -53.42
C HIS A 29 -8.94 31.30 -54.62
N GLY A 30 -9.09 29.97 -54.67
CA GLY A 30 -9.94 29.23 -55.58
C GLY A 30 -11.27 29.82 -56.03
N SER A 31 -11.42 29.99 -57.35
CA SER A 31 -12.63 30.55 -57.96
C SER A 31 -13.21 29.64 -59.03
N TRP A 32 -12.66 28.43 -59.23
CA TRP A 32 -13.20 27.58 -60.30
C TRP A 32 -14.63 27.15 -59.99
N LYS A 33 -14.89 26.72 -58.75
CA LYS A 33 -16.21 26.27 -58.32
C LYS A 33 -16.63 26.80 -56.97
N ILE A 34 -15.71 27.31 -56.16
CA ILE A 34 -16.05 27.94 -54.89
C ILE A 34 -16.05 29.43 -55.16
N GLN A 35 -17.21 29.99 -55.52
CA GLN A 35 -17.34 31.42 -55.80
C GLN A 35 -18.40 32.01 -54.88
N LEU A 36 -17.98 32.98 -54.05
CA LEU A 36 -18.84 33.48 -52.99
C LEU A 36 -19.55 34.75 -53.47
N ASN A 37 -20.85 34.82 -53.20
CA ASN A 37 -21.65 36.01 -53.47
C ASN A 37 -21.81 36.78 -52.17
N ALA A 38 -21.22 37.96 -52.11
CA ALA A 38 -21.34 38.80 -50.93
C ALA A 38 -22.72 39.43 -50.89
N THR A 39 -23.38 39.35 -49.74
CA THR A 39 -24.65 40.02 -49.52
C THR A 39 -24.55 40.80 -48.23
N SER A 40 -25.14 41.99 -48.20
CA SER A 40 -24.90 42.94 -47.12
C SER A 40 -26.25 43.32 -46.54
N VAL A 41 -26.36 43.26 -45.21
CA VAL A 41 -27.59 43.56 -44.50
C VAL A 41 -27.32 44.71 -43.55
N THR A 42 -28.18 45.72 -43.60
CA THR A 42 -28.01 46.92 -42.80
C THR A 42 -28.43 46.62 -41.37
N HIS A 43 -28.26 47.62 -40.49
CA HIS A 43 -28.56 47.45 -39.08
C HIS A 43 -30.01 47.87 -38.83
N LYS A 44 -30.88 46.91 -38.54
CA LYS A 44 -32.13 47.39 -37.97
C LYS A 44 -32.05 47.36 -36.45
N PRO A 45 -32.78 48.26 -35.81
CA PRO A 45 -32.57 48.47 -34.37
C PRO A 45 -33.26 47.45 -33.47
N ASN A 46 -33.66 46.31 -34.01
CA ASN A 46 -34.41 45.33 -33.22
C ASN A 46 -33.83 43.95 -33.49
N ALA A 47 -33.71 43.17 -32.42
CA ALA A 47 -33.13 41.84 -32.55
C ALA A 47 -34.04 40.90 -33.31
N ILE A 48 -35.36 41.07 -33.18
CA ILE A 48 -36.28 40.24 -33.96
C ILE A 48 -36.35 40.73 -35.39
N GLN A 49 -36.02 42.00 -35.61
CA GLN A 49 -35.83 42.50 -36.96
C GLN A 49 -34.62 41.82 -37.60
N MET A 50 -33.54 41.70 -36.83
CA MET A 50 -32.34 40.99 -37.29
C MET A 50 -32.64 39.53 -37.60
N ALA A 51 -33.37 38.87 -36.69
CA ALA A 51 -33.78 37.48 -36.89
C ALA A 51 -34.52 37.30 -38.21
N LEU A 52 -35.44 38.20 -38.49
CA LEU A 52 -36.33 38.17 -39.65
C LEU A 52 -35.55 38.46 -40.93
N SER A 53 -34.53 39.31 -40.83
CA SER A 53 -33.74 39.63 -42.00
C SER A 53 -32.75 38.53 -42.34
N VAL A 54 -32.14 37.91 -41.33
CA VAL A 54 -31.27 36.77 -41.54
C VAL A 54 -32.05 35.52 -41.89
N CYS A 55 -33.37 35.52 -41.68
CA CYS A 55 -34.17 34.35 -42.03
C CYS A 55 -34.89 34.48 -43.36
N GLU A 56 -35.29 35.68 -43.75
CA GLU A 56 -36.09 35.82 -44.96
C GLU A 56 -35.27 35.89 -46.25
N ASP A 57 -33.96 36.11 -46.15
CA ASP A 57 -33.12 36.32 -47.32
C ASP A 57 -31.74 35.71 -47.20
N LEU A 58 -31.29 35.33 -46.01
CA LEU A 58 -29.95 34.77 -45.79
C LEU A 58 -29.99 33.25 -45.67
N ILE A 59 -30.86 32.74 -44.80
CA ILE A 59 -31.02 31.30 -44.55
C ILE A 59 -31.66 30.59 -45.74
N SER A 60 -32.27 31.35 -46.67
CA SER A 60 -32.58 30.78 -47.97
C SER A 60 -31.53 31.11 -49.00
N SER A 61 -30.67 32.11 -48.73
CA SER A 61 -29.43 32.19 -49.49
C SER A 61 -28.49 31.05 -49.18
N GLN A 62 -28.74 30.30 -48.10
CA GLN A 62 -27.84 29.24 -47.62
C GLN A 62 -26.47 29.82 -47.23
N VAL A 63 -26.51 30.62 -46.17
CA VAL A 63 -25.36 31.33 -45.63
C VAL A 63 -24.53 30.35 -44.83
N TYR A 64 -23.21 30.41 -45.03
CA TYR A 64 -22.29 29.54 -44.31
C TYR A 64 -21.66 30.20 -43.09
N ALA A 65 -21.62 31.54 -43.04
CA ALA A 65 -21.00 32.24 -41.92
C ALA A 65 -21.52 33.68 -41.86
N ILE A 66 -22.31 34.03 -40.83
CA ILE A 66 -22.75 35.41 -40.76
C ILE A 66 -21.60 36.34 -40.34
N LEU A 67 -21.80 37.65 -40.48
CA LEU A 67 -20.83 38.65 -40.05
C LEU A 67 -21.49 39.73 -39.21
N VAL A 68 -20.96 40.00 -38.00
CA VAL A 68 -21.66 40.82 -37.01
C VAL A 68 -20.75 41.88 -36.40
N SER A 69 -21.30 43.07 -36.21
CA SER A 69 -20.64 44.27 -35.70
C SER A 69 -21.40 44.80 -34.50
N HIS A 70 -20.73 45.70 -33.76
CA HIS A 70 -21.15 46.16 -32.44
C HIS A 70 -22.37 47.05 -32.56
N PRO A 71 -23.27 47.03 -31.58
CA PRO A 71 -24.52 47.75 -31.72
C PRO A 71 -24.26 49.24 -31.67
N PRO A 72 -24.98 50.03 -32.47
CA PRO A 72 -24.77 51.47 -32.45
C PRO A 72 -24.79 52.22 -31.12
N THR A 73 -25.72 51.87 -30.23
CA THR A 73 -25.92 52.50 -28.93
C THR A 73 -25.46 51.56 -27.85
N PRO A 74 -24.32 51.82 -27.25
CA PRO A 74 -23.78 50.90 -26.23
C PRO A 74 -24.42 50.93 -24.85
N ASN A 75 -25.74 50.94 -24.82
CA ASN A 75 -26.60 50.88 -23.65
C ASN A 75 -27.02 49.44 -23.38
N ASP A 76 -27.31 48.67 -24.44
CA ASP A 76 -27.49 47.23 -24.31
C ASP A 76 -26.89 46.56 -25.53
N HIS A 77 -26.02 45.57 -25.31
CA HIS A 77 -25.29 44.94 -26.40
C HIS A 77 -25.97 43.65 -26.85
N PHE A 78 -27.19 43.78 -27.38
CA PHE A 78 -28.00 42.62 -27.71
C PHE A 78 -28.25 42.45 -29.21
N THR A 79 -27.62 43.28 -30.06
CA THR A 79 -27.67 43.05 -31.51
C THR A 79 -27.09 41.73 -31.97
N PRO A 80 -25.90 41.28 -31.53
CA PRO A 80 -25.36 40.04 -32.09
C PRO A 80 -26.05 38.83 -31.51
N THR A 81 -26.84 39.04 -30.47
CA THR A 81 -27.51 37.95 -29.74
C THR A 81 -28.42 37.12 -30.64
N PRO A 82 -29.41 37.67 -31.34
CA PRO A 82 -30.27 36.86 -32.21
C PRO A 82 -29.48 36.20 -33.33
N VAL A 83 -28.41 36.86 -33.80
CA VAL A 83 -27.73 36.25 -34.94
C VAL A 83 -26.87 35.06 -34.50
N SER A 84 -26.19 35.16 -33.36
CA SER A 84 -25.62 33.98 -32.73
C SER A 84 -26.69 32.92 -32.44
N TYR A 85 -27.91 33.33 -32.08
CA TYR A 85 -29.02 32.42 -31.93
C TYR A 85 -29.25 31.52 -33.14
N THR A 86 -29.28 32.16 -34.27
CA THR A 86 -29.77 31.56 -35.50
C THR A 86 -28.62 30.78 -36.15
N ALA A 87 -27.39 31.28 -36.04
CA ALA A 87 -26.23 30.46 -36.33
C ALA A 87 -26.25 29.21 -35.48
N GLY A 88 -26.37 29.36 -34.16
CA GLY A 88 -26.09 28.22 -33.30
C GLY A 88 -27.22 27.22 -33.20
N PHE A 89 -28.36 27.50 -33.83
CA PHE A 89 -29.50 26.63 -33.66
C PHE A 89 -29.26 25.31 -34.37
N TYR A 90 -28.37 25.30 -35.38
CA TYR A 90 -27.71 24.11 -35.88
C TYR A 90 -26.21 24.06 -35.55
N ARG A 91 -25.72 25.00 -34.74
CA ARG A 91 -24.33 25.11 -34.30
C ARG A 91 -23.39 25.48 -35.45
N ILE A 92 -23.74 26.54 -36.16
CA ILE A 92 -22.84 27.23 -37.10
C ILE A 92 -22.16 28.40 -36.39
N PRO A 93 -20.84 28.52 -36.42
CA PRO A 93 -20.23 29.56 -35.60
C PRO A 93 -20.46 30.91 -36.24
N VAL A 94 -20.35 31.95 -35.41
CA VAL A 94 -20.44 33.35 -35.85
C VAL A 94 -19.05 33.92 -36.02
N LEU A 95 -18.93 34.90 -36.93
CA LEU A 95 -17.71 35.70 -37.06
C LEU A 95 -17.97 37.05 -36.41
N GLY A 96 -17.68 37.17 -35.12
CA GLY A 96 -17.74 38.44 -34.44
C GLY A 96 -16.59 39.34 -34.84
N LEU A 97 -16.90 40.60 -35.12
CA LEU A 97 -15.90 41.45 -35.76
C LEU A 97 -15.43 42.60 -34.88
N THR A 98 -16.34 43.50 -34.51
CA THR A 98 -16.03 44.49 -33.49
C THR A 98 -16.69 44.18 -32.15
N THR A 99 -16.35 43.06 -31.52
CA THR A 99 -17.01 42.68 -30.27
C THR A 99 -15.97 42.41 -29.20
N ARG A 100 -16.26 42.87 -27.97
CA ARG A 100 -15.28 42.80 -26.90
C ARG A 100 -15.94 42.41 -25.58
N MET A 101 -17.13 41.80 -25.65
CA MET A 101 -17.88 41.45 -24.45
C MET A 101 -17.65 39.99 -24.13
N SER A 102 -17.48 39.71 -22.84
CA SER A 102 -17.19 38.39 -22.34
C SER A 102 -18.41 37.48 -22.16
N ILE A 103 -19.60 37.99 -22.44
CA ILE A 103 -20.82 37.22 -22.46
C ILE A 103 -20.93 36.36 -23.71
N TYR A 104 -20.29 36.76 -24.80
CA TYR A 104 -20.13 35.88 -25.95
C TYR A 104 -18.85 35.06 -25.89
N SER A 105 -17.94 35.36 -24.97
CA SER A 105 -16.70 34.61 -24.87
C SER A 105 -16.89 33.25 -24.20
N ASP A 106 -17.96 33.09 -23.42
CA ASP A 106 -18.25 31.83 -22.72
C ASP A 106 -18.73 30.72 -23.65
N LYS A 107 -17.80 29.93 -24.17
CA LYS A 107 -18.08 28.93 -25.19
C LYS A 107 -19.11 27.89 -24.75
N SER A 108 -19.58 27.97 -23.49
CA SER A 108 -20.57 27.02 -23.00
C SER A 108 -21.78 26.94 -23.94
N ILE A 109 -22.26 28.07 -24.43
CA ILE A 109 -23.34 28.09 -25.41
C ILE A 109 -22.97 28.98 -26.59
N HIS A 110 -22.11 29.98 -26.36
CA HIS A 110 -21.47 30.68 -27.46
C HIS A 110 -20.20 29.91 -27.84
N LEU A 111 -20.39 28.64 -28.18
CA LEU A 111 -19.36 27.87 -28.86
C LEU A 111 -19.46 28.02 -30.36
N SER A 112 -20.55 28.59 -30.85
CA SER A 112 -20.63 29.05 -32.24
C SER A 112 -20.34 30.55 -32.30
N PHE A 113 -19.10 30.90 -31.97
CA PHE A 113 -18.71 32.31 -31.98
C PHE A 113 -17.19 32.40 -31.97
N LEU A 114 -16.61 33.14 -32.93
CA LEU A 114 -15.19 33.43 -32.93
C LEU A 114 -15.00 34.89 -33.30
N ARG A 115 -14.22 35.62 -32.49
CA ARG A 115 -13.97 37.04 -32.71
C ARG A 115 -12.60 37.24 -33.30
N THR A 116 -12.41 38.38 -33.97
CA THR A 116 -11.05 38.62 -34.42
C THR A 116 -10.17 39.29 -33.35
N VAL A 117 -10.77 40.03 -32.43
CA VAL A 117 -10.02 40.69 -31.35
C VAL A 117 -10.51 40.11 -30.02
N PRO A 118 -9.62 39.73 -29.11
CA PRO A 118 -10.06 39.22 -27.82
C PRO A 118 -10.86 40.25 -27.06
N PRO A 119 -11.80 39.81 -26.20
CA PRO A 119 -12.51 40.74 -25.31
C PRO A 119 -11.59 41.39 -24.28
N TYR A 120 -12.19 42.24 -23.44
CA TYR A 120 -11.44 42.84 -22.34
C TYR A 120 -10.97 41.81 -21.32
N SER A 121 -11.49 40.59 -21.33
CA SER A 121 -11.06 39.67 -20.29
C SER A 121 -9.63 39.19 -20.53
N HIS A 122 -9.26 39.04 -21.81
CA HIS A 122 -7.90 38.66 -22.17
C HIS A 122 -6.87 39.68 -21.70
N GLN A 123 -7.23 40.96 -21.65
CA GLN A 123 -6.25 41.96 -21.22
C GLN A 123 -5.85 41.76 -19.77
N SER A 124 -6.46 40.80 -19.09
CA SER A 124 -6.00 40.47 -17.74
C SER A 124 -4.58 39.96 -17.81
N SER A 125 -4.28 39.13 -18.80
CA SER A 125 -2.90 38.75 -19.03
C SER A 125 -2.04 39.96 -19.35
N VAL A 126 -2.65 41.04 -19.86
CA VAL A 126 -1.83 42.19 -20.21
C VAL A 126 -1.44 42.86 -18.92
N TRP A 127 -2.26 42.68 -17.91
CA TRP A 127 -1.88 43.07 -16.57
C TRP A 127 -0.89 42.09 -15.98
N PHE A 128 -0.93 40.81 -16.39
CA PHE A 128 -0.09 39.81 -15.72
C PHE A 128 1.38 40.08 -15.99
N GLU A 129 1.69 40.49 -17.22
CA GLU A 129 3.05 40.83 -17.61
C GLU A 129 3.49 42.13 -16.94
N MET A 130 2.54 42.92 -16.44
CA MET A 130 2.89 44.04 -15.57
C MET A 130 3.59 43.56 -14.32
N MET A 131 3.26 42.35 -13.86
CA MET A 131 3.95 41.75 -12.74
C MET A 131 5.44 41.63 -13.03
N ARG A 132 5.79 41.41 -14.30
CA ARG A 132 7.19 41.36 -14.65
C ARG A 132 7.85 42.73 -14.72
N VAL A 133 7.07 43.81 -14.94
CA VAL A 133 7.69 45.12 -15.17
C VAL A 133 8.38 45.64 -13.91
N TYR A 134 7.67 45.67 -12.78
CA TYR A 134 8.20 46.35 -11.59
C TYR A 134 8.17 45.54 -10.31
N ASN A 135 7.76 44.27 -10.36
CA ASN A 135 7.80 43.34 -9.23
C ASN A 135 7.01 43.88 -8.03
N TRP A 136 5.69 43.90 -8.23
CA TRP A 136 4.76 44.52 -7.31
C TRP A 136 3.83 43.41 -6.81
N ASN A 137 4.19 42.83 -5.67
CA ASN A 137 3.59 41.59 -5.19
C ASN A 137 2.20 41.78 -4.58
N HIS A 138 1.84 43.01 -4.21
CA HIS A 138 0.59 43.29 -3.51
C HIS A 138 -0.32 44.03 -4.48
N ILE A 139 -1.37 43.35 -4.94
CA ILE A 139 -2.35 43.93 -5.85
C ILE A 139 -3.75 43.62 -5.32
N ILE A 140 -4.63 44.62 -5.39
CA ILE A 140 -6.00 44.48 -4.94
C ILE A 140 -6.85 43.95 -6.09
N LEU A 141 -7.99 43.33 -5.77
CA LEU A 141 -8.98 43.10 -6.81
C LEU A 141 -10.30 43.76 -6.42
N LEU A 142 -10.80 44.66 -7.28
CA LEU A 142 -12.16 45.17 -7.10
C LEU A 142 -12.92 45.11 -8.42
N VAL A 143 -14.17 44.69 -8.34
CA VAL A 143 -14.99 44.30 -9.49
C VAL A 143 -16.44 44.68 -9.23
N SER A 144 -17.14 45.12 -10.29
CA SER A 144 -18.55 45.44 -10.16
C SER A 144 -19.40 44.20 -10.47
N ASP A 145 -20.70 44.30 -10.21
CA ASP A 145 -21.59 43.19 -10.58
C ASP A 145 -21.82 43.37 -12.07
N ASP A 146 -20.98 42.71 -12.86
CA ASP A 146 -21.10 42.65 -14.31
C ASP A 146 -20.38 41.40 -14.80
N HIS A 147 -20.95 40.78 -15.84
CA HIS A 147 -20.35 39.58 -16.45
C HIS A 147 -18.90 39.81 -16.87
N GLU A 148 -18.62 40.92 -17.55
CA GLU A 148 -17.23 41.18 -17.95
C GLU A 148 -16.33 41.28 -16.72
N GLY A 149 -16.81 41.95 -15.67
CA GLY A 149 -16.01 42.09 -14.47
C GLY A 149 -15.64 40.76 -13.87
N ARG A 150 -16.61 39.84 -13.71
CA ARG A 150 -16.19 38.65 -13.01
C ARG A 150 -15.48 37.68 -13.94
N ALA A 151 -15.75 37.71 -15.24
CA ALA A 151 -14.89 36.95 -16.15
C ALA A 151 -13.44 37.41 -16.02
N ALA A 152 -13.22 38.73 -15.96
CA ALA A 152 -11.86 39.23 -15.94
C ALA A 152 -11.18 38.98 -14.61
N GLN A 153 -11.94 38.94 -13.52
CA GLN A 153 -11.28 38.66 -12.25
C GLN A 153 -11.05 37.17 -12.04
N LYS A 154 -11.90 36.35 -12.67
CA LYS A 154 -11.65 34.92 -12.63
C LYS A 154 -10.42 34.57 -13.44
N ARG A 155 -10.20 35.28 -14.55
CA ARG A 155 -9.13 34.85 -15.43
C ARG A 155 -7.80 35.46 -14.98
N LEU A 156 -7.82 36.65 -14.38
CA LEU A 156 -6.63 37.14 -13.71
C LEU A 156 -6.33 36.35 -12.44
N GLU A 157 -7.35 35.80 -11.76
CA GLU A 157 -7.08 34.96 -10.60
C GLU A 157 -6.38 33.67 -11.03
N THR A 158 -6.86 33.04 -12.11
CA THR A 158 -6.14 31.89 -12.63
C THR A 158 -4.73 32.28 -13.05
N LEU A 159 -4.57 33.47 -13.66
CA LEU A 159 -3.25 33.92 -14.08
C LEU A 159 -2.31 34.02 -12.89
N LEU A 160 -2.71 34.76 -11.86
CA LEU A 160 -1.90 34.86 -10.66
C LEU A 160 -1.76 33.53 -9.91
N GLU A 161 -2.58 32.52 -10.24
CA GLU A 161 -2.44 31.23 -9.57
C GLU A 161 -1.51 30.27 -10.30
N GLU A 162 -1.24 30.49 -11.59
CA GLU A 162 -0.29 29.70 -12.37
C GLU A 162 1.16 30.17 -12.18
N ARG A 163 1.43 30.99 -11.16
CA ARG A 163 2.77 31.40 -10.76
C ARG A 163 2.75 31.56 -9.25
N GLU A 164 2.16 30.57 -8.58
CA GLU A 164 2.05 30.43 -7.13
C GLU A 164 1.85 31.77 -6.41
N SER A 165 1.10 32.69 -7.00
CA SER A 165 0.96 34.02 -6.42
C SER A 165 -0.46 34.21 -5.93
N LYS A 166 -0.64 35.25 -5.11
CA LYS A 166 -1.94 35.55 -4.52
C LYS A 166 -2.23 37.04 -4.65
N ALA A 167 -3.52 37.38 -4.80
CA ALA A 167 -3.97 38.76 -4.69
C ALA A 167 -4.05 39.10 -3.21
N GLU A 168 -4.70 40.20 -2.86
CA GLU A 168 -4.79 40.56 -1.46
C GLU A 168 -6.21 40.67 -0.92
N LYS A 169 -7.12 41.36 -1.62
CA LYS A 169 -8.52 41.31 -1.22
C LYS A 169 -9.46 41.41 -2.42
N VAL A 170 -10.42 40.49 -2.48
CA VAL A 170 -11.46 40.51 -3.50
C VAL A 170 -12.65 41.38 -3.07
N LEU A 171 -13.01 42.35 -3.91
CA LEU A 171 -14.08 43.31 -3.60
C LEU A 171 -15.15 43.26 -4.69
N GLN A 172 -16.42 43.21 -4.27
CA GLN A 172 -17.56 42.99 -5.15
C GLN A 172 -18.58 44.11 -4.90
N PHE A 173 -18.53 45.17 -5.71
CA PHE A 173 -19.47 46.29 -5.57
C PHE A 173 -20.47 46.31 -6.71
N ASP A 174 -21.57 47.07 -6.50
CA ASP A 174 -22.57 47.18 -7.57
C ASP A 174 -22.26 48.32 -8.53
N PRO A 175 -22.44 48.10 -9.84
CA PRO A 175 -22.30 49.21 -10.79
C PRO A 175 -23.42 50.22 -10.62
N GLY A 176 -23.12 51.47 -11.00
CA GLY A 176 -24.09 52.54 -10.95
C GLY A 176 -24.26 53.19 -9.60
N THR A 177 -23.68 52.62 -8.55
CA THR A 177 -23.77 53.20 -7.22
C THR A 177 -22.90 54.46 -7.12
N LYS A 178 -23.37 55.41 -6.31
CA LYS A 178 -22.66 56.67 -6.11
C LYS A 178 -22.06 56.79 -4.72
N ASN A 179 -22.21 55.79 -3.88
CA ASN A 179 -21.62 55.78 -2.54
C ASN A 179 -20.62 54.62 -2.50
N VAL A 180 -19.38 54.89 -2.85
CA VAL A 180 -18.29 53.92 -2.77
C VAL A 180 -17.31 54.33 -1.68
N THR A 181 -17.84 54.93 -0.62
CA THR A 181 -16.93 55.51 0.37
C THR A 181 -16.36 54.45 1.28
N ALA A 182 -17.22 53.56 1.79
CA ALA A 182 -16.76 52.50 2.67
C ALA A 182 -15.82 51.55 1.97
N LEU A 183 -16.11 51.20 0.72
CA LEU A 183 -15.27 50.27 -0.02
C LEU A 183 -13.87 50.85 -0.26
N LEU A 184 -13.81 52.11 -0.66
CA LEU A 184 -12.57 52.83 -0.84
C LEU A 184 -11.82 52.96 0.49
N MET A 185 -12.55 53.23 1.58
CA MET A 185 -11.91 53.32 2.88
C MET A 185 -11.24 52.00 3.25
N GLU A 186 -11.97 50.90 3.18
CA GLU A 186 -11.39 49.61 3.55
C GLU A 186 -10.36 49.12 2.55
N ALA A 187 -10.25 49.77 1.40
CA ALA A 187 -9.25 49.31 0.44
C ALA A 187 -7.98 50.12 0.51
N ARG A 188 -8.09 51.39 0.87
CA ARG A 188 -6.94 52.26 0.99
C ARG A 188 -6.18 52.02 2.30
N GLU A 189 -6.89 51.63 3.37
CA GLU A 189 -6.22 51.32 4.64
C GLU A 189 -5.27 50.14 4.52
N LEU A 190 -5.45 49.28 3.52
CA LEU A 190 -4.59 48.13 3.26
C LEU A 190 -3.31 48.57 2.58
N GLU A 191 -2.39 47.61 2.42
CA GLU A 191 -1.07 47.92 1.88
C GLU A 191 -1.10 48.19 0.39
N ALA A 192 -2.08 47.62 -0.32
CA ALA A 192 -2.40 47.96 -1.70
C ALA A 192 -2.22 49.41 -2.05
N ARG A 193 -1.31 49.67 -2.97
CA ARG A 193 -1.23 50.98 -3.59
C ARG A 193 -1.57 50.93 -5.07
N VAL A 194 -1.95 49.77 -5.60
CA VAL A 194 -2.32 49.64 -7.01
C VAL A 194 -3.70 49.00 -7.11
N ILE A 195 -4.61 49.69 -7.79
CA ILE A 195 -5.93 49.15 -8.06
C ILE A 195 -6.06 48.84 -9.54
N ILE A 196 -7.07 48.01 -9.87
CA ILE A 196 -7.33 47.66 -11.26
C ILE A 196 -8.77 47.18 -11.49
N LEU A 197 -9.42 47.71 -12.53
CA LEU A 197 -10.78 47.36 -12.93
C LEU A 197 -11.13 47.95 -14.29
N SER A 198 -11.63 47.12 -15.18
CA SER A 198 -12.18 47.51 -16.47
C SER A 198 -13.70 47.29 -16.39
N ALA A 199 -14.43 48.32 -15.96
CA ALA A 199 -15.87 48.22 -15.78
C ALA A 199 -16.53 49.44 -16.42
N SER A 200 -17.79 49.64 -16.10
CA SER A 200 -18.58 50.80 -16.53
C SER A 200 -17.89 52.11 -16.14
N GLU A 201 -18.23 53.19 -16.85
CA GLU A 201 -17.52 54.45 -16.69
C GLU A 201 -17.89 55.19 -15.40
N ASP A 202 -19.15 55.10 -14.99
CA ASP A 202 -19.60 55.88 -13.84
C ASP A 202 -18.89 55.44 -12.55
N ASP A 203 -18.67 54.13 -12.37
CA ASP A 203 -17.92 53.66 -11.21
C ASP A 203 -16.49 54.17 -11.24
N ALA A 204 -15.86 54.12 -12.42
CA ALA A 204 -14.56 54.70 -12.66
C ALA A 204 -14.50 56.09 -12.06
N ALA A 205 -15.31 56.97 -12.64
CA ALA A 205 -15.56 58.37 -12.36
C ALA A 205 -15.77 58.62 -10.87
N THR A 206 -16.54 57.75 -10.22
CA THR A 206 -16.82 57.97 -8.81
C THR A 206 -15.57 57.69 -7.98
N VAL A 207 -14.84 56.61 -8.32
CA VAL A 207 -13.55 56.34 -7.71
C VAL A 207 -12.59 57.51 -7.89
N TYR A 208 -12.57 58.08 -9.10
CA TYR A 208 -11.68 59.19 -9.41
C TYR A 208 -12.05 60.41 -8.57
N ARG A 209 -13.34 60.70 -8.46
CA ARG A 209 -13.78 61.81 -7.62
C ARG A 209 -13.40 61.58 -6.16
N ALA A 210 -13.55 60.35 -5.67
CA ALA A 210 -13.23 60.06 -4.26
C ALA A 210 -11.73 60.17 -4.01
N ALA A 211 -10.93 59.67 -4.95
CA ALA A 211 -9.48 59.80 -4.83
C ALA A 211 -9.04 61.24 -4.98
N ALA A 212 -9.85 62.06 -5.67
CA ALA A 212 -9.52 63.48 -5.83
C ALA A 212 -9.85 64.28 -4.58
N MET A 213 -11.06 64.13 -4.05
CA MET A 213 -11.45 64.78 -2.81
C MET A 213 -10.51 64.40 -1.67
N LEU A 214 -9.95 63.20 -1.73
CA LEU A 214 -9.05 62.71 -0.72
C LEU A 214 -7.63 62.62 -1.30
N ASN A 215 -6.72 62.06 -0.50
CA ASN A 215 -5.28 62.09 -0.74
C ASN A 215 -4.84 60.73 -1.27
N MET A 216 -5.18 60.46 -2.54
CA MET A 216 -4.74 59.23 -3.18
C MET A 216 -4.30 59.48 -4.61
N THR A 217 -3.87 60.70 -4.92
CA THR A 217 -3.23 60.99 -6.20
C THR A 217 -1.78 61.42 -6.05
N GLY A 218 -1.18 61.21 -4.89
CA GLY A 218 0.20 61.61 -4.68
C GLY A 218 1.18 60.64 -5.31
N SER A 219 2.45 60.86 -5.00
CA SER A 219 3.53 60.01 -5.50
C SER A 219 3.55 58.72 -4.69
N GLY A 220 3.02 57.65 -5.28
CA GLY A 220 2.91 56.38 -4.59
C GLY A 220 1.61 55.66 -4.91
N TYR A 221 0.55 56.42 -5.13
CA TYR A 221 -0.74 55.84 -5.47
C TYR A 221 -0.83 55.75 -6.98
N VAL A 222 -0.28 54.67 -7.55
CA VAL A 222 -0.35 54.47 -8.99
C VAL A 222 -1.16 53.21 -9.29
N TRP A 223 -1.83 53.21 -10.44
CA TRP A 223 -2.61 52.05 -10.84
C TRP A 223 -2.86 52.09 -12.34
N LEU A 224 -3.34 50.96 -12.86
CA LEU A 224 -3.67 50.78 -14.27
C LEU A 224 -5.18 50.84 -14.49
N VAL A 225 -5.55 51.16 -15.73
CA VAL A 225 -6.94 51.32 -16.14
C VAL A 225 -7.18 50.56 -17.44
N GLY A 226 -8.43 50.18 -17.67
CA GLY A 226 -8.80 49.38 -18.82
C GLY A 226 -9.01 50.13 -20.11
N GLU A 227 -10.02 49.75 -20.91
CA GLU A 227 -10.16 50.30 -22.26
C GLU A 227 -11.10 51.51 -22.31
N ARG A 228 -12.39 51.30 -22.00
CA ARG A 228 -13.36 52.36 -22.24
C ARG A 228 -13.57 53.29 -21.06
N GLU A 229 -13.03 52.99 -19.88
CA GLU A 229 -13.20 53.89 -18.75
C GLU A 229 -12.40 55.17 -18.93
N ILE A 230 -11.64 55.27 -20.02
CA ILE A 230 -10.73 56.41 -20.22
C ILE A 230 -11.28 57.42 -21.22
N SER A 231 -12.50 57.25 -21.70
CA SER A 231 -13.09 58.14 -22.69
C SER A 231 -14.42 58.65 -22.17
N GLY A 232 -14.44 59.90 -21.68
CA GLY A 232 -15.67 60.49 -21.20
C GLY A 232 -15.52 61.22 -19.88
N ASN A 233 -16.49 61.02 -18.99
CA ASN A 233 -16.47 61.72 -17.71
C ASN A 233 -15.28 61.30 -16.86
N ALA A 234 -14.94 60.01 -16.87
CA ALA A 234 -13.77 59.51 -16.15
C ALA A 234 -12.47 59.91 -16.80
N LEU A 235 -12.53 60.62 -17.93
CA LEU A 235 -11.34 61.21 -18.54
C LEU A 235 -11.20 62.66 -18.12
N ARG A 236 -12.33 63.28 -17.77
CA ARG A 236 -12.30 64.60 -17.14
C ARG A 236 -11.81 64.54 -15.70
N TYR A 237 -12.17 63.47 -14.97
CA TYR A 237 -11.76 63.27 -13.59
C TYR A 237 -10.43 62.52 -13.50
N ALA A 238 -9.76 62.33 -14.63
CA ALA A 238 -8.53 61.55 -14.66
C ALA A 238 -7.41 62.26 -13.92
N PRO A 239 -6.49 61.51 -13.33
CA PRO A 239 -5.33 62.13 -12.68
C PRO A 239 -4.29 62.58 -13.70
N ASP A 240 -3.12 63.01 -13.24
CA ASP A 240 -2.03 63.39 -14.13
C ASP A 240 -0.95 62.31 -14.01
N GLY A 241 -1.06 61.27 -14.84
CA GLY A 241 -0.05 60.24 -14.88
C GLY A 241 -0.52 58.81 -14.94
N ILE A 242 -1.84 58.58 -15.04
CA ILE A 242 -2.36 57.22 -15.14
C ILE A 242 -1.93 56.61 -16.47
N ILE A 243 -1.84 55.28 -16.49
CA ILE A 243 -1.45 54.53 -17.69
C ILE A 243 -2.55 53.53 -18.05
N GLY A 244 -2.70 53.29 -19.35
CA GLY A 244 -3.73 52.43 -19.88
C GLY A 244 -3.31 51.80 -21.19
N LEU A 245 -4.08 50.81 -21.62
CA LEU A 245 -3.81 50.02 -22.81
C LEU A 245 -4.76 50.42 -23.93
N GLN A 246 -4.28 50.31 -25.16
CA GLN A 246 -5.06 50.71 -26.32
C GLN A 246 -4.78 49.77 -27.48
N LEU A 247 -5.80 49.59 -28.33
CA LEU A 247 -5.74 48.64 -29.43
C LEU A 247 -5.18 49.29 -30.68
N ILE A 248 -4.24 48.61 -31.33
CA ILE A 248 -3.77 49.07 -32.64
C ILE A 248 -4.81 48.73 -33.69
N ASN A 249 -5.19 49.73 -34.50
CA ASN A 249 -6.21 49.58 -35.54
C ASN A 249 -7.54 49.11 -34.94
N GLY A 250 -7.86 49.63 -33.76
CA GLY A 250 -9.13 49.28 -33.12
C GLY A 250 -10.34 49.97 -33.71
N LYS A 251 -10.14 50.99 -34.55
CA LYS A 251 -11.23 51.68 -35.21
C LYS A 251 -11.36 51.32 -36.68
N ASN A 252 -10.25 51.10 -37.38
CA ASN A 252 -10.27 50.79 -38.80
C ASN A 252 -10.82 49.38 -38.98
N GLU A 253 -12.10 49.29 -39.36
CA GLU A 253 -12.78 48.02 -39.54
C GLU A 253 -12.45 47.35 -40.87
N SER A 254 -11.76 48.05 -41.77
CA SER A 254 -11.47 47.47 -43.08
C SER A 254 -10.48 46.33 -42.98
N ALA A 255 -9.41 46.51 -42.19
CA ALA A 255 -8.43 45.44 -42.03
C ALA A 255 -9.06 44.22 -41.37
N HIS A 256 -9.86 44.43 -40.33
CA HIS A 256 -10.52 43.31 -39.66
C HIS A 256 -11.48 42.60 -40.60
N ILE A 257 -12.24 43.37 -41.40
CA ILE A 257 -13.19 42.77 -42.33
C ILE A 257 -12.45 41.93 -43.38
N SER A 258 -11.38 42.47 -43.93
CA SER A 258 -10.62 41.75 -44.94
C SER A 258 -9.99 40.48 -44.36
N ASP A 259 -9.44 40.58 -43.14
CA ASP A 259 -8.91 39.43 -42.45
C ASP A 259 -9.97 38.36 -42.24
N ALA A 260 -11.18 38.76 -41.88
CA ALA A 260 -12.22 37.77 -41.65
C ALA A 260 -12.74 37.15 -42.94
N VAL A 261 -12.79 37.92 -44.02
CA VAL A 261 -13.14 37.39 -45.33
C VAL A 261 -12.12 36.34 -45.79
N GLY A 262 -10.84 36.67 -45.64
CA GLY A 262 -9.80 35.69 -45.90
C GLY A 262 -9.89 34.45 -45.03
N VAL A 263 -10.05 34.63 -43.71
CA VAL A 263 -10.23 33.45 -42.85
C VAL A 263 -11.37 32.57 -43.36
N VAL A 264 -12.53 33.17 -43.62
CA VAL A 264 -13.73 32.41 -43.95
C VAL A 264 -13.58 31.76 -45.31
N ALA A 265 -12.93 32.45 -46.25
CA ALA A 265 -12.66 31.88 -47.56
C ALA A 265 -11.74 30.67 -47.44
N GLN A 266 -10.68 30.78 -46.63
CA GLN A 266 -9.79 29.64 -46.42
C GLN A 266 -10.55 28.47 -45.80
N ALA A 267 -11.41 28.75 -44.83
CA ALA A 267 -12.14 27.68 -44.15
C ALA A 267 -13.10 26.98 -45.11
N VAL A 268 -13.84 27.76 -45.89
CA VAL A 268 -14.78 27.19 -46.86
C VAL A 268 -14.03 26.42 -47.94
N HIS A 269 -12.85 26.91 -48.32
CA HIS A 269 -12.09 26.21 -49.36
C HIS A 269 -11.62 24.88 -48.85
N GLU A 270 -11.09 24.86 -47.62
CA GLU A 270 -10.66 23.60 -47.02
C GLU A 270 -11.83 22.63 -46.92
N LEU A 271 -12.94 23.09 -46.34
CA LEU A 271 -14.14 22.26 -46.22
C LEU A 271 -14.59 21.70 -47.56
N LEU A 272 -14.75 22.55 -48.58
CA LEU A 272 -15.28 22.06 -49.85
C LEU A 272 -14.29 21.16 -50.58
N GLU A 273 -12.99 21.38 -50.39
CA GLU A 273 -12.00 20.46 -50.93
C GLU A 273 -11.86 19.19 -50.09
N LYS A 274 -12.48 19.16 -48.92
CA LYS A 274 -12.45 18.01 -48.02
C LYS A 274 -13.59 17.07 -48.38
N GLU A 275 -13.93 16.17 -47.46
CA GLU A 275 -14.89 15.09 -47.67
C GLU A 275 -16.30 15.59 -48.01
N ASN A 276 -17.23 14.67 -48.20
CA ASN A 276 -18.56 15.06 -48.68
C ASN A 276 -19.26 16.00 -47.71
N ILE A 277 -20.08 16.89 -48.26
CA ILE A 277 -20.80 17.89 -47.49
C ILE A 277 -22.26 17.91 -47.93
N THR A 278 -23.17 18.02 -46.97
CA THR A 278 -24.58 18.21 -47.32
C THR A 278 -24.88 19.71 -47.38
N ASP A 279 -26.13 20.06 -47.50
CA ASP A 279 -26.48 21.46 -47.60
C ASP A 279 -26.95 22.04 -46.25
N PRO A 280 -26.77 23.34 -46.05
CA PRO A 280 -27.44 24.03 -44.93
C PRO A 280 -28.93 24.12 -45.18
N PRO A 281 -29.73 24.43 -44.16
CA PRO A 281 -31.18 24.57 -44.38
C PRO A 281 -31.48 25.61 -45.44
N ARG A 282 -32.05 25.15 -46.57
CA ARG A 282 -32.57 26.08 -47.57
C ARG A 282 -33.60 27.08 -47.06
N GLY A 283 -34.10 26.93 -45.84
CA GLY A 283 -35.11 27.87 -45.36
C GLY A 283 -35.38 27.65 -43.90
N CYS A 284 -36.25 28.52 -43.35
CA CYS A 284 -36.62 28.48 -41.94
C CYS A 284 -37.85 27.61 -41.69
N VAL A 285 -38.14 26.65 -42.57
CA VAL A 285 -39.33 25.82 -42.46
C VAL A 285 -38.95 24.38 -42.79
N GLY A 286 -39.48 23.44 -42.01
CA GLY A 286 -39.33 22.01 -42.25
C GLY A 286 -38.16 21.28 -41.61
N ASN A 287 -36.96 21.86 -41.68
CA ASN A 287 -35.78 21.19 -41.14
C ASN A 287 -35.79 21.23 -39.61
N THR A 288 -35.46 20.10 -38.99
CA THR A 288 -35.55 19.94 -37.54
C THR A 288 -34.20 19.65 -36.89
N ASN A 289 -33.46 18.67 -37.39
CA ASN A 289 -32.28 18.10 -36.74
C ASN A 289 -31.07 19.00 -36.94
N ILE A 290 -30.03 18.74 -36.14
CA ILE A 290 -28.83 19.57 -36.22
C ILE A 290 -28.08 19.28 -37.52
N TRP A 291 -27.23 20.23 -37.91
CA TRP A 291 -26.41 20.09 -39.10
C TRP A 291 -25.15 19.30 -38.81
N LYS A 292 -24.83 18.37 -39.71
CA LYS A 292 -23.62 17.57 -39.57
C LYS A 292 -22.36 18.33 -40.00
N THR A 293 -22.51 19.40 -40.77
CA THR A 293 -21.35 20.16 -41.21
C THR A 293 -20.75 21.01 -40.09
N GLY A 294 -21.50 21.24 -39.01
CA GLY A 294 -21.04 22.03 -37.90
C GLY A 294 -19.76 21.52 -37.25
N PRO A 295 -19.69 20.22 -36.97
CA PRO A 295 -18.43 19.65 -36.47
C PRO A 295 -17.23 19.95 -37.35
N LEU A 296 -17.33 19.64 -38.65
CA LEU A 296 -16.20 19.84 -39.54
C LEU A 296 -15.83 21.31 -39.64
N PHE A 297 -16.82 22.19 -39.71
CA PHE A 297 -16.54 23.61 -39.85
C PHE A 297 -15.89 24.19 -38.60
N LYS A 298 -16.38 23.82 -37.41
CA LYS A 298 -15.75 24.30 -36.19
C LYS A 298 -14.34 23.72 -36.04
N ARG A 299 -14.14 22.47 -36.46
CA ARG A 299 -12.80 21.89 -36.42
C ARG A 299 -11.85 22.64 -37.36
N VAL A 300 -12.34 23.00 -38.55
CA VAL A 300 -11.52 23.75 -39.50
C VAL A 300 -11.18 25.12 -38.94
N LEU A 301 -12.17 25.79 -38.35
CA LEU A 301 -11.94 27.12 -37.79
C LEU A 301 -10.96 27.06 -36.61
N MET A 302 -11.03 25.99 -35.80
CA MET A 302 -10.06 25.82 -34.74
C MET A 302 -8.65 25.67 -35.30
N SER A 303 -8.50 24.85 -36.33
CA SER A 303 -7.20 24.60 -36.95
C SER A 303 -6.83 25.63 -37.99
N SER A 304 -7.40 26.83 -37.95
CA SER A 304 -7.26 27.76 -39.06
C SER A 304 -5.90 28.42 -38.98
N LYS A 305 -5.13 28.38 -40.08
CA LYS A 305 -3.81 29.00 -40.04
C LYS A 305 -3.85 30.23 -40.94
N TYR A 306 -4.27 31.36 -40.38
CA TYR A 306 -4.33 32.59 -41.19
C TYR A 306 -3.03 33.38 -41.02
N ALA A 307 -1.93 32.75 -41.44
CA ALA A 307 -0.65 33.42 -41.33
C ALA A 307 -0.53 34.61 -42.28
N ASP A 308 -1.34 34.63 -43.33
CA ASP A 308 -1.34 35.74 -44.29
C ASP A 308 -2.30 36.83 -43.85
N GLY A 309 -2.03 37.37 -42.67
CA GLY A 309 -2.85 38.45 -42.15
C GLY A 309 -2.47 39.80 -42.70
N VAL A 310 -3.44 40.72 -42.61
CA VAL A 310 -3.23 42.10 -43.06
C VAL A 310 -2.38 42.87 -42.07
N THR A 311 -2.77 42.87 -40.80
CA THR A 311 -2.07 43.68 -39.79
C THR A 311 -1.11 42.87 -38.93
N GLY A 312 -0.62 41.74 -39.43
CA GLY A 312 0.30 40.91 -38.71
C GLY A 312 -0.13 39.46 -38.80
N ARG A 313 0.37 38.64 -37.88
CA ARG A 313 0.01 37.22 -37.85
C ARG A 313 -1.35 37.12 -37.19
N VAL A 314 -2.40 37.14 -38.01
CA VAL A 314 -3.77 37.07 -37.50
C VAL A 314 -4.10 35.58 -37.36
N GLU A 315 -3.68 35.01 -36.24
CA GLU A 315 -3.95 33.61 -35.92
C GLU A 315 -4.59 33.53 -34.54
N PHE A 316 -5.62 32.70 -34.42
CA PHE A 316 -6.41 32.65 -33.20
C PHE A 316 -6.03 31.44 -32.36
N ASN A 317 -6.75 31.28 -31.26
CA ASN A 317 -6.52 30.28 -30.23
C ASN A 317 -7.73 29.36 -30.18
N GLU A 318 -7.77 28.47 -29.17
CA GLU A 318 -8.91 27.57 -29.08
C GLU A 318 -10.24 28.29 -28.90
N ASP A 319 -10.24 29.56 -28.50
CA ASP A 319 -11.47 30.31 -28.31
C ASP A 319 -11.62 31.46 -29.33
N GLY A 320 -11.09 31.26 -30.53
CA GLY A 320 -10.87 32.29 -31.52
C GLY A 320 -10.43 33.65 -31.01
N ASP A 321 -9.21 33.76 -30.50
CA ASP A 321 -8.69 35.02 -30.01
C ASP A 321 -7.29 35.24 -30.56
N ARG A 322 -7.06 36.40 -31.17
CA ARG A 322 -5.78 36.68 -31.82
C ARG A 322 -4.63 36.48 -30.85
N LYS A 323 -3.56 35.90 -31.34
CA LYS A 323 -2.40 35.66 -30.50
C LYS A 323 -1.32 36.66 -30.89
N PHE A 324 -0.30 36.77 -30.04
CA PHE A 324 0.77 37.75 -30.23
C PHE A 324 0.20 39.15 -30.44
N ALA A 325 -0.80 39.50 -29.64
CA ALA A 325 -1.52 40.74 -29.82
C ALA A 325 -0.61 41.94 -29.57
N ASN A 326 -0.85 43.01 -30.32
CA ASN A 326 -0.09 44.24 -30.22
C ASN A 326 -0.96 45.33 -29.61
N TYR A 327 -0.47 45.95 -28.53
CA TYR A 327 -1.21 46.98 -27.82
C TYR A 327 -0.30 48.13 -27.48
N SER A 328 -0.80 49.35 -27.66
CA SER A 328 -0.05 50.54 -27.29
C SER A 328 -0.35 50.91 -25.84
N ILE A 329 0.60 51.63 -25.23
CA ILE A 329 0.56 51.94 -23.82
C ILE A 329 0.50 53.47 -23.70
N MET A 330 -0.69 54.01 -23.46
CA MET A 330 -0.85 55.45 -23.31
C MET A 330 -0.69 55.84 -21.85
N ASN A 331 0.32 56.65 -21.58
CA ASN A 331 0.51 57.33 -20.31
C ASN A 331 -0.15 58.70 -20.41
N LEU A 332 -0.67 59.19 -19.30
CA LEU A 332 -1.39 60.45 -19.25
C LEU A 332 -0.40 61.58 -18.96
N GLN A 333 0.30 61.99 -20.01
CA GLN A 333 1.21 63.13 -19.93
C GLN A 333 0.38 64.39 -20.16
N ASN A 334 0.12 65.12 -19.07
CA ASN A 334 -0.65 66.36 -19.10
C ASN A 334 -1.99 66.16 -19.82
N ARG A 335 -2.73 65.15 -19.33
CA ARG A 335 -4.05 64.77 -19.83
C ARG A 335 -3.98 64.17 -21.23
N LYS A 336 -2.81 64.11 -21.83
CA LYS A 336 -2.65 63.60 -23.19
C LYS A 336 -2.21 62.14 -23.14
N LEU A 337 -2.78 61.34 -24.03
CA LEU A 337 -2.46 59.91 -24.12
C LEU A 337 -1.23 59.76 -25.03
N VAL A 338 -0.08 59.49 -24.43
CA VAL A 338 1.18 59.40 -25.17
C VAL A 338 1.76 58.01 -25.01
N GLN A 339 2.21 57.41 -26.11
CA GLN A 339 2.75 56.05 -26.04
C GLN A 339 4.06 56.04 -25.28
N VAL A 340 4.16 55.13 -24.32
CA VAL A 340 5.37 54.97 -23.51
C VAL A 340 5.77 53.50 -23.47
N GLY A 341 5.05 52.67 -24.21
CA GLY A 341 5.34 51.25 -24.24
C GLY A 341 4.58 50.57 -25.35
N ILE A 342 5.09 49.41 -25.75
CA ILE A 342 4.49 48.59 -26.80
C ILE A 342 4.43 47.15 -26.32
N TYR A 343 3.27 46.53 -26.50
CA TYR A 343 3.06 45.12 -26.21
C TYR A 343 3.12 44.36 -27.52
N ASN A 344 3.96 43.32 -27.59
CA ASN A 344 4.07 42.58 -28.83
C ASN A 344 3.36 41.23 -28.77
N GLY A 345 3.03 40.76 -27.58
CA GLY A 345 2.35 39.49 -27.41
C GLY A 345 3.05 38.63 -26.37
N THR A 346 4.37 38.63 -26.39
CA THR A 346 5.10 38.00 -25.29
C THR A 346 5.66 38.98 -24.27
N HIS A 347 6.28 40.08 -24.68
CA HIS A 347 6.85 41.03 -23.71
C HIS A 347 6.18 42.39 -23.82
N VAL A 348 6.65 43.33 -23.01
CA VAL A 348 6.28 44.74 -23.13
C VAL A 348 7.53 45.60 -23.06
N ILE A 349 7.78 46.37 -24.11
CA ILE A 349 9.01 47.13 -24.26
C ILE A 349 8.66 48.61 -24.13
N PRO A 350 9.25 49.32 -23.16
CA PRO A 350 8.97 50.76 -23.05
C PRO A 350 9.58 51.54 -24.21
N ASN A 351 8.96 52.68 -24.49
CA ASN A 351 9.38 53.55 -25.58
C ASN A 351 10.43 54.53 -25.07
N ASP A 352 10.79 55.50 -25.92
CA ASP A 352 11.87 56.43 -25.60
C ASP A 352 11.42 57.65 -24.80
N ARG A 353 10.13 57.80 -24.56
CA ARG A 353 9.60 58.93 -23.82
C ARG A 353 9.40 58.54 -22.36
N LYS A 354 9.79 59.44 -21.46
CA LYS A 354 9.74 59.13 -20.03
C LYS A 354 8.30 58.95 -19.57
N ILE A 355 8.09 57.93 -18.74
CA ILE A 355 6.76 57.65 -18.20
C ILE A 355 6.47 58.67 -17.11
N ILE A 356 5.48 59.52 -17.34
CA ILE A 356 5.08 60.50 -16.34
C ILE A 356 4.20 59.80 -15.30
N TRP A 357 4.63 59.88 -14.00
CA TRP A 357 3.89 59.06 -13.05
C TRP A 357 2.84 59.88 -12.32
N PRO A 358 1.79 59.25 -11.78
CA PRO A 358 0.84 59.98 -10.94
C PRO A 358 1.56 60.61 -9.76
N GLY A 359 1.21 61.86 -9.47
CA GLY A 359 1.88 62.63 -8.45
C GLY A 359 3.13 63.34 -8.89
N GLY A 360 3.56 63.13 -10.14
CA GLY A 360 4.72 63.82 -10.67
C GLY A 360 6.05 63.17 -10.33
N GLU A 361 6.21 61.91 -10.72
CA GLU A 361 7.44 61.17 -10.48
C GLU A 361 8.18 60.92 -11.79
N THR A 362 9.47 60.61 -11.64
CA THR A 362 10.30 60.21 -12.77
C THR A 362 10.92 58.83 -12.58
N GLU A 363 10.61 58.14 -11.48
CA GLU A 363 11.22 56.86 -11.16
C GLU A 363 10.16 55.81 -10.85
N LYS A 364 10.58 54.64 -10.37
CA LYS A 364 9.64 53.56 -10.11
C LYS A 364 8.80 53.85 -8.87
N PRO A 365 7.48 53.98 -8.99
CA PRO A 365 6.66 54.25 -7.82
C PRO A 365 6.62 53.06 -6.86
N ARG A 366 6.43 53.36 -5.58
CA ARG A 366 6.37 52.34 -4.55
C ARG A 366 5.00 51.68 -4.58
N GLY A 367 4.95 50.39 -4.90
CA GLY A 367 3.69 49.67 -4.99
C GLY A 367 3.26 48.96 -3.74
N TYR A 368 4.11 48.89 -2.72
CA TYR A 368 3.77 48.17 -1.50
C TYR A 368 4.80 48.51 -0.43
N GLN A 369 4.34 48.73 0.79
CA GLN A 369 5.18 49.25 1.86
C GLN A 369 5.22 48.28 3.04
N MET A 370 6.17 48.54 3.93
CA MET A 370 6.36 47.73 5.15
C MET A 370 5.51 48.31 6.25
N SER A 371 4.52 47.55 6.72
CA SER A 371 3.65 48.03 7.78
C SER A 371 4.40 48.10 9.09
N THR A 372 4.96 49.27 9.40
CA THR A 372 5.73 49.43 10.63
C THR A 372 4.85 49.26 11.86
N ARG A 373 3.62 49.74 11.81
CA ARG A 373 2.72 49.61 12.95
C ARG A 373 2.16 48.19 13.00
N LEU A 374 2.47 47.47 14.07
CA LEU A 374 2.09 46.07 14.22
C LEU A 374 0.95 45.95 15.23
N LYS A 375 0.07 44.99 14.97
CA LYS A 375 -1.07 44.72 15.83
C LYS A 375 -0.97 43.33 16.41
N ILE A 376 -1.15 43.21 17.72
CA ILE A 376 -0.97 41.95 18.44
C ILE A 376 -2.17 41.70 19.35
N VAL A 377 -2.61 40.44 19.39
CA VAL A 377 -3.66 39.99 20.30
C VAL A 377 -3.18 38.72 20.97
N THR A 378 -3.68 38.45 22.18
CA THR A 378 -3.24 37.24 22.89
C THR A 378 -4.29 36.87 23.92
N ILE A 379 -4.17 35.63 24.44
CA ILE A 379 -4.99 35.19 25.57
C ILE A 379 -4.28 35.53 26.86
N HIS A 380 -5.04 36.02 27.83
CA HIS A 380 -4.51 36.29 29.16
C HIS A 380 -4.38 34.99 29.92
N GLN A 381 -3.14 34.59 30.21
CA GLN A 381 -2.87 33.34 30.91
C GLN A 381 -1.52 33.44 31.58
N GLU A 382 -1.47 33.06 32.86
CA GLU A 382 -0.22 33.10 33.61
C GLU A 382 0.68 31.93 33.23
N PRO A 383 2.00 32.12 33.21
CA PRO A 383 2.74 33.34 33.56
C PRO A 383 3.25 34.10 32.34
N PHE A 384 2.48 34.12 31.26
CA PHE A 384 2.90 34.84 30.06
C PHE A 384 2.17 36.17 29.87
N VAL A 385 0.90 36.25 30.25
CA VAL A 385 0.15 37.51 30.18
C VAL A 385 -0.29 37.87 31.60
N TYR A 386 0.12 39.05 32.06
CA TYR A 386 -0.26 39.58 33.36
C TYR A 386 -1.03 40.87 33.13
N VAL A 387 -2.31 40.88 33.53
CA VAL A 387 -3.20 42.01 33.30
C VAL A 387 -3.74 42.49 34.64
N LYS A 388 -3.67 43.80 34.88
CA LYS A 388 -4.26 44.40 36.05
C LYS A 388 -4.96 45.69 35.68
N PRO A 389 -6.04 46.04 36.39
CA PRO A 389 -6.71 47.32 36.13
C PRO A 389 -5.86 48.50 36.57
N THR A 390 -6.12 49.63 35.93
CA THR A 390 -5.39 50.88 36.13
C THR A 390 -6.26 51.89 36.87
N MET A 391 -5.63 53.00 37.26
CA MET A 391 -6.30 54.11 37.89
C MET A 391 -6.87 55.02 36.80
N SER A 392 -7.50 56.12 37.18
CA SER A 392 -8.01 57.06 36.19
C SER A 392 -6.88 57.66 35.35
N ASP A 393 -5.63 57.61 35.82
CA ASP A 393 -4.53 58.06 34.98
C ASP A 393 -4.18 57.06 33.89
N GLY A 394 -4.76 55.86 33.93
CA GLY A 394 -4.43 54.83 32.96
C GLY A 394 -3.15 54.08 33.24
N THR A 395 -2.48 54.36 34.36
CA THR A 395 -1.23 53.70 34.72
C THR A 395 -1.40 52.96 36.05
N CYS A 396 -0.28 52.44 36.53
CA CYS A 396 -0.24 51.53 37.67
C CYS A 396 1.20 51.49 38.18
N LYS A 397 1.33 50.75 39.28
CA LYS A 397 2.54 50.72 40.10
C LYS A 397 3.71 50.26 39.27
N GLU A 398 4.83 51.00 39.34
CA GLU A 398 6.00 50.67 38.53
C GLU A 398 6.91 49.75 39.33
N GLU A 399 6.60 48.46 39.27
CA GLU A 399 7.29 47.47 40.09
C GLU A 399 8.74 47.30 39.62
N PHE A 400 9.54 46.66 40.48
CA PHE A 400 10.93 46.40 40.20
C PHE A 400 11.26 44.93 40.39
N THR A 401 12.54 44.59 40.37
CA THR A 401 13.00 43.21 40.53
C THR A 401 13.98 43.15 41.71
N VAL A 402 14.64 41.99 41.85
CA VAL A 402 15.55 41.79 42.97
C VAL A 402 16.74 42.76 42.88
N ASN A 403 17.34 42.88 41.70
CA ASN A 403 18.43 43.83 41.51
C ASN A 403 17.94 45.22 41.10
N GLY A 404 16.69 45.53 41.41
CA GLY A 404 16.29 46.92 41.23
C GLY A 404 15.85 47.27 39.83
N ASP A 405 15.93 46.34 38.89
CA ASP A 405 15.53 46.62 37.52
C ASP A 405 14.01 46.73 37.43
N PRO A 406 13.47 47.82 36.89
CA PRO A 406 12.01 47.97 36.81
C PRO A 406 11.40 46.99 35.83
N VAL A 407 10.32 46.33 36.26
CA VAL A 407 9.59 45.42 35.38
C VAL A 407 8.93 46.21 34.26
N LYS A 408 9.15 45.76 33.02
CA LYS A 408 8.63 46.47 31.87
C LYS A 408 7.11 46.44 31.87
N LYS A 409 6.50 47.61 31.70
CA LYS A 409 5.05 47.75 31.68
C LYS A 409 4.61 48.15 30.28
N VAL A 410 3.48 47.59 29.84
CA VAL A 410 2.85 48.06 28.62
C VAL A 410 1.38 48.34 28.92
N ILE A 411 0.79 49.18 28.09
CA ILE A 411 -0.62 49.52 28.20
C ILE A 411 -1.38 48.69 27.18
N CYS A 412 -2.28 47.85 27.66
CA CYS A 412 -3.03 46.93 26.81
C CYS A 412 -4.49 47.28 26.87
N THR A 413 -5.14 47.33 25.72
CA THR A 413 -6.53 47.75 25.67
C THR A 413 -7.37 46.49 25.71
N GLY A 414 -7.84 46.13 26.91
CA GLY A 414 -8.45 44.83 27.10
C GLY A 414 -9.95 44.91 27.25
N PRO A 415 -10.67 44.16 26.43
CA PRO A 415 -12.14 44.10 26.58
C PRO A 415 -12.52 43.48 27.92
N ASN A 416 -13.64 43.98 28.46
CA ASN A 416 -14.13 43.58 29.78
C ASN A 416 -14.92 42.28 29.66
N ASP A 417 -14.17 41.19 29.48
CA ASP A 417 -14.76 39.88 29.25
C ASP A 417 -14.97 39.12 30.55
N THR A 418 -15.67 39.74 31.51
CA THR A 418 -15.96 39.05 32.77
C THR A 418 -16.96 37.93 32.57
N SER A 419 -18.05 38.21 31.85
CA SER A 419 -19.09 37.23 31.62
C SER A 419 -19.62 37.37 30.19
N PRO A 420 -20.07 36.28 29.58
CA PRO A 420 -20.66 36.38 28.24
C PRO A 420 -22.02 37.07 28.26
N GLY A 421 -22.07 38.28 27.73
CA GLY A 421 -23.27 39.11 27.79
C GLY A 421 -23.09 40.38 28.59
N SER A 422 -22.10 40.43 29.48
CA SER A 422 -21.85 41.59 30.31
C SER A 422 -21.19 42.65 29.46
N PRO A 423 -21.14 43.92 29.93
CA PRO A 423 -20.36 44.91 29.18
C PRO A 423 -18.97 44.40 28.84
N ARG A 424 -18.71 44.19 27.55
CA ARG A 424 -17.44 43.66 27.08
C ARG A 424 -16.85 44.72 26.17
N HIS A 425 -16.19 45.69 26.80
CA HIS A 425 -15.64 46.84 26.09
C HIS A 425 -14.21 47.05 26.52
N THR A 426 -13.45 47.64 25.61
CA THR A 426 -12.00 47.73 25.72
C THR A 426 -11.58 48.85 26.65
N VAL A 427 -10.86 48.50 27.73
CA VAL A 427 -10.43 49.46 28.74
C VAL A 427 -8.92 49.40 28.86
N PRO A 428 -8.26 50.53 29.15
CA PRO A 428 -6.81 50.49 29.35
C PRO A 428 -6.44 49.68 30.59
N GLN A 429 -5.42 48.84 30.45
CA GLN A 429 -4.96 48.01 31.55
C GLN A 429 -3.45 47.89 31.54
N CYS A 430 -2.88 47.50 32.68
CA CYS A 430 -1.46 47.24 32.79
C CYS A 430 -1.14 45.80 32.41
N CYS A 431 -0.26 45.62 31.44
CA CYS A 431 0.12 44.30 30.95
C CYS A 431 1.62 44.10 31.08
N TYR A 432 2.01 42.89 31.49
CA TYR A 432 3.39 42.49 31.73
C TYR A 432 3.47 40.98 31.88
N GLY A 433 4.52 40.39 31.32
CA GLY A 433 4.68 38.95 31.37
C GLY A 433 5.71 38.50 30.36
N PHE A 434 5.69 37.18 30.12
CA PHE A 434 6.68 36.56 29.23
C PHE A 434 6.57 37.08 27.82
N CYS A 435 5.36 37.04 27.24
CA CYS A 435 5.20 37.55 25.90
C CYS A 435 5.44 39.05 25.84
N ILE A 436 5.12 39.77 26.93
CA ILE A 436 5.26 41.22 26.91
C ILE A 436 6.73 41.62 26.80
N ASP A 437 7.57 41.10 27.69
CA ASP A 437 8.98 41.46 27.58
C ASP A 437 9.65 40.76 26.41
N LEU A 438 9.10 39.66 25.93
CA LEU A 438 9.63 39.07 24.70
C LEU A 438 9.42 40.00 23.52
N LEU A 439 8.22 40.56 23.37
CA LEU A 439 8.01 41.48 22.25
C LEU A 439 8.72 42.81 22.48
N ILE A 440 8.93 43.24 23.72
CA ILE A 440 9.72 44.45 23.89
C ILE A 440 11.18 44.18 23.50
N LYS A 441 11.67 42.96 23.77
CA LYS A 441 13.02 42.61 23.33
C LYS A 441 13.09 42.57 21.81
N LEU A 442 12.04 42.03 21.17
CA LEU A 442 12.00 42.03 19.72
C LEU A 442 11.97 43.45 19.16
N ALA A 443 11.21 44.34 19.81
CA ALA A 443 11.16 45.74 19.40
C ALA A 443 12.50 46.43 19.60
N ARG A 444 13.24 46.00 20.60
CA ARG A 444 14.54 46.60 20.87
C ARG A 444 15.54 46.12 19.82
N THR A 445 15.38 44.87 19.39
CA THR A 445 16.27 44.27 18.40
C THR A 445 16.03 44.86 17.01
N MET A 446 14.82 44.67 16.48
CA MET A 446 14.55 45.02 15.10
C MET A 446 13.66 46.25 14.94
N ASN A 447 13.35 46.95 16.04
CA ASN A 447 12.83 48.32 16.01
C ASN A 447 11.51 48.43 15.25
N PHE A 448 10.47 47.82 15.83
CA PHE A 448 9.13 47.98 15.31
C PHE A 448 8.27 48.79 16.28
N THR A 449 7.06 49.12 15.83
CA THR A 449 6.03 49.72 16.66
C THR A 449 4.88 48.72 16.79
N TYR A 450 4.12 48.82 17.89
CA TYR A 450 3.22 47.74 18.23
C TYR A 450 2.04 48.25 19.05
N GLU A 451 1.02 47.40 19.15
CA GLU A 451 -0.05 47.54 20.12
C GLU A 451 -0.32 46.18 20.74
N VAL A 452 -0.87 46.19 21.94
CA VAL A 452 -1.19 44.95 22.66
C VAL A 452 -2.62 45.04 23.19
N HIS A 453 -3.34 43.93 23.09
CA HIS A 453 -4.69 43.83 23.62
C HIS A 453 -5.05 42.36 23.72
N LEU A 454 -5.98 42.05 24.61
CA LEU A 454 -6.40 40.67 24.80
C LEU A 454 -7.67 40.38 24.00
N VAL A 455 -7.83 39.10 23.64
CA VAL A 455 -8.95 38.66 22.81
C VAL A 455 -10.25 38.68 23.62
N ALA A 456 -11.37 38.78 22.91
CA ALA A 456 -12.67 38.88 23.56
C ALA A 456 -13.11 37.54 24.17
N ASP A 457 -13.17 36.49 23.35
CA ASP A 457 -13.70 35.21 23.83
C ASP A 457 -12.73 34.48 24.76
N GLY A 458 -11.44 34.77 24.66
CA GLY A 458 -10.45 34.09 25.49
C GLY A 458 -10.41 32.61 25.22
N LYS A 459 -10.08 32.22 23.99
CA LYS A 459 -10.12 30.82 23.62
C LYS A 459 -9.19 30.58 22.44
N PHE A 460 -8.62 29.37 22.40
CA PHE A 460 -7.63 29.03 21.39
C PHE A 460 -8.21 29.12 19.98
N GLY A 461 -9.19 28.26 19.68
CA GLY A 461 -9.78 28.23 18.34
C GLY A 461 -9.30 27.07 17.50
N THR A 462 -10.24 26.35 16.87
CA THR A 462 -9.95 25.26 15.95
C THR A 462 -11.10 25.16 14.95
N GLN A 463 -11.08 24.13 14.12
CA GLN A 463 -12.13 23.89 13.13
C GLN A 463 -13.37 23.41 13.85
N GLU A 464 -14.35 24.31 13.98
CA GLU A 464 -15.60 24.01 14.66
C GLU A 464 -16.75 24.56 13.82
N ARG A 465 -17.94 24.02 14.07
CA ARG A 465 -19.10 24.38 13.27
C ARG A 465 -19.60 25.76 13.68
N VAL A 466 -19.89 26.59 12.68
CA VAL A 466 -20.20 28.00 12.91
C VAL A 466 -21.69 28.10 13.20
N ASN A 467 -22.05 27.93 14.47
CA ASN A 467 -23.43 28.05 14.93
C ASN A 467 -24.35 27.08 14.18
N ASN A 468 -24.06 25.79 14.37
CA ASN A 468 -24.75 24.66 13.72
C ASN A 468 -25.10 24.91 12.26
N SER A 469 -24.16 25.50 11.53
CA SER A 469 -24.30 25.76 10.10
C SER A 469 -23.74 24.56 9.34
N ASN A 470 -23.48 24.72 8.05
CA ASN A 470 -22.76 23.72 7.28
C ASN A 470 -21.33 24.15 6.97
N LYS A 471 -20.66 24.79 7.93
CA LYS A 471 -19.30 25.30 7.71
C LYS A 471 -18.45 25.11 8.96
N LYS A 472 -17.29 24.46 8.78
CA LYS A 472 -16.31 24.25 9.85
C LYS A 472 -15.13 25.20 9.63
N GLU A 473 -15.00 26.20 10.48
CA GLU A 473 -13.97 27.23 10.34
C GLU A 473 -13.27 27.46 11.68
N TRP A 474 -12.28 28.34 11.66
CA TRP A 474 -11.46 28.64 12.83
C TRP A 474 -12.17 29.65 13.73
N ASN A 475 -11.61 29.83 14.92
CA ASN A 475 -12.02 30.88 15.84
C ASN A 475 -10.81 31.24 16.69
N GLY A 476 -11.01 32.16 17.64
CA GLY A 476 -9.91 32.52 18.52
C GLY A 476 -8.80 33.23 17.76
N MET A 477 -7.60 33.20 18.34
CA MET A 477 -6.49 34.01 17.83
C MET A 477 -6.32 33.83 16.33
N MET A 478 -6.09 32.60 15.89
CA MET A 478 -5.92 32.38 14.46
C MET A 478 -7.23 32.55 13.71
N GLY A 479 -8.37 32.45 14.40
CA GLY A 479 -9.63 32.75 13.75
C GLY A 479 -9.72 34.16 13.25
N GLU A 480 -9.27 35.12 14.07
CA GLU A 480 -9.23 36.50 13.60
C GLU A 480 -7.92 36.89 12.93
N LEU A 481 -6.88 36.06 13.06
CA LEU A 481 -5.63 36.33 12.36
C LEU A 481 -5.76 36.03 10.88
N LEU A 482 -6.40 34.91 10.53
CA LEU A 482 -6.69 34.63 9.14
C LEU A 482 -7.65 35.65 8.57
N SER A 483 -8.42 36.34 9.43
CA SER A 483 -9.34 37.34 8.93
C SER A 483 -8.69 38.71 8.77
N GLY A 484 -7.46 38.88 9.27
CA GLY A 484 -6.74 40.13 9.13
C GLY A 484 -6.92 41.12 10.26
N GLN A 485 -7.52 40.71 11.38
CA GLN A 485 -7.72 41.64 12.49
C GLN A 485 -6.39 42.04 13.11
N ALA A 486 -5.63 41.08 13.60
CA ALA A 486 -4.32 41.32 14.19
C ALA A 486 -3.22 40.93 13.22
N ASP A 487 -2.07 41.59 13.32
CA ASP A 487 -0.99 41.30 12.38
C ASP A 487 -0.20 40.05 12.79
N MET A 488 0.48 40.14 13.93
CA MET A 488 1.36 39.09 14.41
C MET A 488 0.81 38.53 15.72
N ILE A 489 1.01 37.23 15.94
CA ILE A 489 0.63 36.60 17.20
C ILE A 489 1.87 36.38 18.05
N VAL A 490 1.80 36.78 19.32
CA VAL A 490 2.76 36.35 20.32
C VAL A 490 1.97 35.71 21.46
N ALA A 491 2.16 34.41 21.63
CA ALA A 491 1.51 33.63 22.67
C ALA A 491 2.09 32.24 22.63
N PRO A 492 2.06 31.55 23.76
CA PRO A 492 2.54 30.21 23.81
C PRO A 492 1.45 29.29 23.27
N LEU A 493 1.40 29.15 21.96
CA LEU A 493 0.50 28.21 21.28
C LEU A 493 1.31 27.04 20.73
N THR A 494 0.79 25.82 20.92
CA THR A 494 1.34 24.65 20.27
C THR A 494 1.24 24.78 18.75
N ILE A 495 1.89 23.85 18.06
CA ILE A 495 1.90 23.83 16.60
C ILE A 495 1.42 22.45 16.16
N ASN A 496 0.12 22.31 15.91
CA ASN A 496 -0.41 21.05 15.39
C ASN A 496 -0.34 21.08 13.86
N ASN A 497 -0.98 20.09 13.22
CA ASN A 497 -0.87 20.03 11.77
C ASN A 497 -1.77 21.05 11.07
N GLU A 498 -2.95 21.30 11.64
CA GLU A 498 -3.94 22.13 10.95
C GLU A 498 -3.47 23.57 10.81
N ARG A 499 -3.22 24.25 11.93
CA ARG A 499 -2.78 25.63 11.85
C ARG A 499 -1.43 25.76 11.18
N ALA A 500 -0.62 24.70 11.16
CA ALA A 500 0.63 24.73 10.40
C ALA A 500 0.34 24.71 8.90
N GLN A 501 -0.62 23.89 8.47
CA GLN A 501 -1.04 23.93 7.07
C GLN A 501 -1.58 25.31 6.71
N TYR A 502 -2.37 25.91 7.60
CA TYR A 502 -2.93 27.22 7.30
C TYR A 502 -1.85 28.30 7.28
N ILE A 503 -0.98 28.33 8.29
CA ILE A 503 0.08 29.33 8.40
C ILE A 503 1.35 28.65 8.90
N GLU A 504 2.49 29.09 8.34
CA GLU A 504 3.77 28.57 8.78
C GLU A 504 4.18 29.22 10.10
N PHE A 505 5.19 28.63 10.73
CA PHE A 505 5.68 29.08 12.04
C PHE A 505 7.19 29.17 12.01
N SER A 506 7.73 29.94 12.97
CA SER A 506 9.17 30.09 13.10
C SER A 506 9.71 29.04 14.08
N LYS A 507 10.96 29.22 14.50
CA LYS A 507 11.59 28.30 15.42
C LYS A 507 10.89 28.37 16.77
N PRO A 508 10.84 27.29 17.52
CA PRO A 508 10.13 27.31 18.82
C PRO A 508 10.96 28.03 19.87
N PHE A 509 10.52 29.22 20.26
CA PHE A 509 11.28 30.01 21.22
C PHE A 509 11.41 29.31 22.55
N LYS A 510 10.47 28.44 22.91
CA LYS A 510 10.57 27.80 24.22
C LYS A 510 10.09 26.36 24.14
N TYR A 511 10.93 25.42 24.55
CA TYR A 511 10.56 24.02 24.56
C TYR A 511 9.60 23.73 25.72
N GLN A 512 8.90 22.61 25.61
CA GLN A 512 7.82 22.34 26.55
C GLN A 512 7.41 20.89 26.47
N GLY A 513 6.90 20.38 27.59
CA GLY A 513 6.26 19.08 27.60
C GLY A 513 4.91 19.15 28.29
N LEU A 514 4.39 17.99 28.67
CA LEU A 514 2.98 17.85 29.00
C LEU A 514 2.89 16.95 30.23
N THR A 515 2.14 17.40 31.22
CA THR A 515 2.10 16.72 32.51
C THR A 515 0.74 16.92 33.16
N ILE A 516 0.37 15.95 33.94
CA ILE A 516 -0.84 15.97 34.75
C ILE A 516 -0.47 16.68 36.06
N LEU A 517 -1.42 17.39 36.64
CA LEU A 517 -1.17 18.13 37.87
C LEU A 517 -2.25 17.80 38.88
N VAL A 518 -1.84 17.46 40.10
CA VAL A 518 -2.76 17.16 41.20
C VAL A 518 -2.24 17.88 42.44
N LYS A 519 -3.16 18.23 43.36
CA LYS A 519 -2.78 18.92 44.59
C LYS A 519 -2.29 17.93 45.63
N LYS A 520 -1.36 17.06 45.25
CA LYS A 520 -0.74 16.03 46.09
C LYS A 520 -1.71 15.41 47.08
N GLU A 521 -1.27 15.24 48.33
CA GLU A 521 -2.08 14.67 49.39
C GLU A 521 -1.35 14.87 50.71
N ILE A 522 -2.08 15.28 51.74
CA ILE A 522 -1.47 15.52 53.05
C ILE A 522 -1.07 14.17 53.64
N PRO A 523 0.18 13.99 54.03
CA PRO A 523 0.62 12.69 54.56
C PRO A 523 -0.10 12.34 55.85
N ARG A 524 -0.89 11.26 55.81
CA ARG A 524 -1.69 10.83 56.94
C ARG A 524 -1.66 9.31 57.02
N SER A 525 -1.26 8.79 58.18
CA SER A 525 -1.35 7.35 58.42
C SER A 525 -2.74 7.01 58.97
N THR A 526 -3.45 6.11 58.31
CA THR A 526 -4.78 5.73 58.72
C THR A 526 -4.72 4.44 59.54
N LEU A 527 -5.20 4.52 60.78
CA LEU A 527 -5.36 3.34 61.62
C LEU A 527 -6.17 3.75 62.84
N ASP A 528 -6.79 2.77 63.49
CA ASP A 528 -7.77 3.09 64.53
C ASP A 528 -7.11 3.46 65.86
N SER A 529 -6.41 2.51 66.48
CA SER A 529 -5.91 2.73 67.84
C SER A 529 -4.77 1.76 68.11
N PHE A 530 -4.42 1.59 69.39
CA PHE A 530 -3.41 0.61 69.77
C PHE A 530 -3.85 -0.81 69.44
N MET A 531 -5.15 -1.08 69.42
CA MET A 531 -5.70 -2.42 69.31
C MET A 531 -5.55 -3.01 67.91
N GLN A 532 -5.08 -2.26 66.92
CA GLN A 532 -4.98 -2.79 65.57
C GLN A 532 -4.19 -4.09 65.48
N PRO A 533 -3.07 -4.28 66.20
CA PRO A 533 -2.40 -5.59 66.10
C PRO A 533 -3.17 -6.75 66.72
N PHE A 534 -3.72 -6.59 67.92
CA PHE A 534 -4.23 -7.72 68.70
C PHE A 534 -5.71 -7.54 69.03
N GLN A 535 -6.48 -8.64 69.02
CA GLN A 535 -7.90 -8.41 68.96
C GLN A 535 -8.39 -8.37 70.40
N SER A 536 -9.58 -7.78 70.61
CA SER A 536 -10.13 -7.76 71.95
C SER A 536 -10.22 -9.17 72.54
N THR A 537 -10.45 -10.16 71.67
CA THR A 537 -10.43 -11.55 72.12
C THR A 537 -9.06 -11.91 72.67
N LEU A 538 -7.99 -11.47 72.01
CA LEU A 538 -6.65 -11.70 72.52
C LEU A 538 -6.42 -10.99 73.84
N TRP A 539 -6.95 -9.76 73.96
CA TRP A 539 -6.78 -9.03 75.21
C TRP A 539 -7.40 -9.79 76.37
N LEU A 540 -8.67 -10.19 76.20
CA LEU A 540 -9.32 -11.03 77.21
C LEU A 540 -8.56 -12.32 77.46
N LEU A 541 -8.06 -12.96 76.40
CA LEU A 541 -7.33 -14.21 76.55
C LEU A 541 -6.14 -14.04 77.46
N VAL A 542 -5.33 -13.00 77.21
CA VAL A 542 -4.14 -12.79 78.04
C VAL A 542 -4.52 -12.34 79.44
N GLY A 543 -5.57 -11.53 79.57
CA GLY A 543 -5.97 -11.04 80.88
C GLY A 543 -6.56 -12.13 81.75
N LEU A 544 -7.08 -13.19 81.14
CA LEU A 544 -7.52 -14.36 81.90
C LEU A 544 -6.37 -15.33 82.14
N SER A 545 -5.46 -15.46 81.17
CA SER A 545 -4.33 -16.37 81.33
C SER A 545 -3.39 -15.91 82.42
N VAL A 546 -3.22 -14.59 82.59
CA VAL A 546 -2.36 -14.10 83.67
C VAL A 546 -2.94 -14.50 85.02
N HIS A 547 -4.26 -14.37 85.18
CA HIS A 547 -4.88 -14.76 86.45
C HIS A 547 -4.81 -16.27 86.65
N VAL A 548 -4.97 -17.05 85.57
CA VAL A 548 -4.90 -18.51 85.69
C VAL A 548 -3.49 -18.93 86.12
N VAL A 549 -2.47 -18.35 85.49
CA VAL A 549 -1.11 -18.74 85.85
C VAL A 549 -0.75 -18.22 87.24
N ALA A 550 -1.32 -17.08 87.65
CA ALA A 550 -1.11 -16.62 89.02
C ALA A 550 -1.74 -17.59 90.02
N VAL A 551 -2.93 -18.10 89.73
CA VAL A 551 -3.58 -19.07 90.60
C VAL A 551 -2.74 -20.34 90.68
N MET A 552 -2.23 -20.80 89.53
CA MET A 552 -1.38 -21.98 89.54
C MET A 552 -0.10 -21.73 90.33
N LEU A 553 0.48 -20.54 90.19
CA LEU A 553 1.69 -20.22 90.94
C LEU A 553 1.42 -20.23 92.44
N TYR A 554 0.28 -19.68 92.86
CA TYR A 554 -0.07 -19.72 94.27
C TYR A 554 -0.27 -21.15 94.76
N LEU A 555 -0.92 -21.97 93.94
CA LEU A 555 -1.12 -23.38 94.33
C LEU A 555 0.21 -24.11 94.45
N LEU A 556 1.14 -23.86 93.52
CA LEU A 556 2.46 -24.46 93.60
C LEU A 556 3.20 -23.99 94.85
N ASP A 557 3.12 -22.70 95.16
CA ASP A 557 3.79 -22.17 96.34
C ASP A 557 3.13 -22.65 97.63
N ARG A 558 1.88 -23.12 97.56
CA ARG A 558 1.26 -23.76 98.72
C ARG A 558 2.02 -25.04 99.10
N PHE A 559 2.44 -25.82 98.11
CA PHE A 559 3.18 -27.04 98.35
C PHE A 559 4.67 -26.72 98.49
N SER A 560 5.26 -27.15 99.59
CA SER A 560 6.68 -26.90 99.84
C SER A 560 7.54 -27.88 99.06
N THR A 578 1.01 -16.66 99.79
CA THR A 578 1.45 -15.89 98.63
C THR A 578 0.38 -15.89 97.54
N LEU A 579 -0.77 -15.29 97.84
CA LEU A 579 -1.87 -15.18 96.91
C LEU A 579 -1.94 -13.82 96.23
N SER A 580 -1.87 -12.74 97.00
CA SER A 580 -1.93 -11.40 96.42
C SER A 580 -0.59 -10.99 95.81
N SER A 581 0.51 -11.24 96.53
CA SER A 581 1.83 -10.86 96.02
C SER A 581 2.17 -11.63 94.75
N ALA A 582 1.73 -12.88 94.64
CA ALA A 582 2.04 -13.67 93.46
C ALA A 582 1.30 -13.14 92.23
N MET A 583 0.01 -12.85 92.37
CA MET A 583 -0.74 -12.30 91.24
C MET A 583 -0.22 -10.91 90.87
N TRP A 584 0.15 -10.11 91.88
CA TRP A 584 0.72 -8.81 91.58
C TRP A 584 2.01 -8.96 90.78
N PHE A 585 2.89 -9.87 91.20
CA PHE A 585 4.15 -10.07 90.49
C PHE A 585 3.92 -10.57 89.08
N SER A 586 3.01 -11.52 88.90
CA SER A 586 2.75 -12.06 87.56
C SER A 586 2.16 -11.00 86.64
N TRP A 587 1.22 -10.21 87.15
CA TRP A 587 0.58 -9.19 86.31
C TRP A 587 1.51 -8.00 86.06
N GLY A 588 2.49 -7.75 86.93
CA GLY A 588 3.55 -6.80 86.58
C GLY A 588 4.49 -7.37 85.54
N VAL A 589 4.80 -8.66 85.62
CA VAL A 589 5.64 -9.31 84.61
C VAL A 589 4.97 -9.27 83.25
N LEU A 590 3.64 -9.38 83.23
CA LEU A 590 2.91 -9.20 81.98
C LEU A 590 3.26 -7.87 81.32
N LEU A 591 3.53 -6.84 82.12
CA LEU A 591 3.87 -5.52 81.62
C LEU A 591 5.36 -5.22 81.72
N ASN A 592 6.19 -6.23 82.01
CA ASN A 592 7.64 -6.05 82.14
C ASN A 592 7.97 -4.96 83.15
N SER A 593 7.26 -4.96 84.27
CA SER A 593 7.43 -3.98 85.33
C SER A 593 8.13 -4.62 86.52
N GLY A 594 8.74 -3.76 87.35
CA GLY A 594 9.43 -4.23 88.53
C GLY A 594 8.52 -4.44 89.72
N ILE A 595 7.32 -4.96 89.48
CA ILE A 595 6.34 -5.24 90.52
C ILE A 595 6.47 -6.71 90.91
N GLY A 596 6.73 -6.96 92.19
CA GLY A 596 6.89 -8.32 92.66
C GLY A 596 8.35 -8.73 92.74
N GLU A 597 8.88 -8.82 93.95
CA GLU A 597 10.29 -9.08 94.18
C GLU A 597 10.60 -10.47 94.71
N GLY A 598 9.59 -11.25 95.10
CA GLY A 598 9.82 -12.59 95.55
C GLY A 598 10.35 -13.51 94.46
N ALA A 599 11.00 -14.59 94.92
CA ALA A 599 11.60 -15.63 94.11
C ALA A 599 10.83 -16.93 94.26
N PRO A 600 10.92 -17.85 93.30
CA PRO A 600 10.22 -19.13 93.44
C PRO A 600 10.75 -19.93 94.63
N ARG A 601 9.83 -20.60 95.32
CA ARG A 601 10.19 -21.46 96.45
C ARG A 601 10.32 -22.93 96.05
N SER A 602 10.08 -23.25 94.78
CA SER A 602 10.34 -24.59 94.26
C SER A 602 10.73 -24.47 92.79
N PHE A 603 11.41 -25.49 92.27
CA PHE A 603 11.74 -25.48 90.85
C PHE A 603 10.48 -25.52 89.98
N SER A 604 9.36 -25.98 90.55
CA SER A 604 8.12 -26.06 89.79
C SER A 604 7.54 -24.66 89.60
N ALA A 605 7.47 -23.90 90.69
CA ALA A 605 7.12 -22.48 90.58
C ALA A 605 8.13 -21.75 89.70
N ARG A 606 9.41 -22.13 89.80
CA ARG A 606 10.45 -21.59 88.94
C ARG A 606 10.07 -21.73 87.48
N ILE A 607 9.88 -22.97 87.01
CA ILE A 607 9.52 -23.18 85.61
C ILE A 607 8.17 -22.56 85.26
N LEU A 608 7.22 -22.51 86.19
CA LEU A 608 5.89 -21.96 85.90
C LEU A 608 5.96 -20.46 85.61
N GLY A 609 6.56 -19.70 86.54
CA GLY A 609 6.79 -18.29 86.27
C GLY A 609 7.71 -18.07 85.10
N MET A 610 8.64 -18.99 84.88
CA MET A 610 9.54 -18.90 83.73
C MET A 610 8.75 -18.90 82.42
N VAL A 611 7.89 -19.92 82.23
CA VAL A 611 7.14 -20.01 80.99
C VAL A 611 6.11 -18.90 80.90
N TRP A 612 5.58 -18.45 82.04
CA TRP A 612 4.66 -17.32 82.02
C TRP A 612 5.34 -16.07 81.47
N ALA A 613 6.53 -15.74 81.99
CA ALA A 613 7.26 -14.59 81.50
C ALA A 613 7.68 -14.78 80.05
N GLY A 614 8.01 -16.01 79.67
CA GLY A 614 8.34 -16.28 78.29
C GLY A 614 7.21 -15.94 77.34
N PHE A 615 6.01 -16.41 77.66
CA PHE A 615 4.85 -16.07 76.84
C PHE A 615 4.55 -14.59 76.90
N ALA A 616 4.77 -13.94 78.05
CA ALA A 616 4.50 -12.51 78.16
C ALA A 616 5.38 -11.72 77.18
N MET A 617 6.67 -11.96 77.21
CA MET A 617 7.53 -11.19 76.34
C MET A 617 7.40 -11.62 74.87
N ILE A 618 7.08 -12.88 74.61
CA ILE A 618 6.89 -13.25 73.21
C ILE A 618 5.66 -12.54 72.66
N ILE A 619 4.63 -12.38 73.49
CA ILE A 619 3.45 -11.65 73.05
C ILE A 619 3.78 -10.18 72.82
N VAL A 620 4.58 -9.59 73.71
CA VAL A 620 4.87 -8.16 73.52
C VAL A 620 5.75 -7.96 72.29
N ALA A 621 6.71 -8.84 72.06
CA ALA A 621 7.51 -8.77 70.84
C ALA A 621 6.64 -8.94 69.60
N SER A 622 5.72 -9.93 69.62
CA SER A 622 4.83 -10.15 68.48
C SER A 622 4.02 -8.88 68.21
N TYR A 623 3.64 -8.14 69.26
CA TYR A 623 2.76 -6.99 69.03
C TYR A 623 3.47 -5.81 68.59
N THR A 624 4.68 -5.64 69.09
CA THR A 624 5.45 -4.54 68.58
C THR A 624 5.76 -4.75 67.12
N ALA A 625 6.14 -5.98 66.74
CA ALA A 625 6.40 -6.24 65.33
C ALA A 625 5.14 -6.03 64.49
N ASN A 626 4.00 -6.50 65.00
CA ASN A 626 2.75 -6.41 64.25
C ASN A 626 2.35 -4.96 64.01
N LEU A 627 2.47 -4.10 65.04
CA LEU A 627 2.17 -2.69 64.83
C LEU A 627 3.17 -2.04 63.90
N ALA A 628 4.43 -2.47 63.96
CA ALA A 628 5.43 -1.96 63.03
C ALA A 628 5.03 -2.26 61.60
N ALA A 629 4.71 -3.52 61.31
CA ALA A 629 4.32 -3.90 59.97
C ALA A 629 3.05 -3.18 59.56
N PHE A 630 2.13 -2.98 60.50
CA PHE A 630 0.89 -2.28 60.19
C PHE A 630 1.16 -0.86 59.72
N LEU A 631 1.94 -0.10 60.50
CA LEU A 631 2.08 1.31 60.11
C LEU A 631 3.03 1.49 58.94
N VAL A 632 4.09 0.68 58.84
CA VAL A 632 5.00 0.89 57.74
C VAL A 632 4.37 0.47 56.42
N LEU A 633 3.53 -0.57 56.43
CA LEU A 633 2.97 -1.02 55.17
C LEU A 633 1.77 -0.20 54.72
N ASP A 634 1.50 0.95 55.36
CA ASP A 634 0.31 1.72 55.01
C ASP A 634 0.78 2.91 54.17
N ARG A 635 0.96 2.64 52.88
CA ARG A 635 1.49 3.65 51.98
C ARG A 635 0.36 4.55 51.46
N PRO A 636 0.65 5.82 51.20
CA PRO A 636 -0.38 6.70 50.67
C PRO A 636 -0.63 6.45 49.19
N GLU A 637 -1.82 6.88 48.75
CA GLU A 637 -2.23 6.71 47.37
C GLU A 637 -2.89 8.00 46.89
N GLU A 638 -2.76 8.28 45.59
CA GLU A 638 -2.03 7.45 44.63
C GLU A 638 -1.13 8.29 43.75
N ARG A 639 0.11 7.83 43.56
CA ARG A 639 1.08 8.53 42.71
C ARG A 639 0.77 8.21 41.26
N ILE A 640 0.21 9.18 40.55
CA ILE A 640 -0.18 8.97 39.16
C ILE A 640 1.06 8.79 38.30
N THR A 641 1.09 7.69 37.54
CA THR A 641 2.25 7.43 36.69
C THR A 641 2.25 8.35 35.46
N GLY A 642 1.07 8.62 34.91
CA GLY A 642 0.96 9.45 33.71
C GLY A 642 0.14 8.78 32.64
N ILE A 643 0.72 8.64 31.44
CA ILE A 643 0.02 7.98 30.34
C ILE A 643 -0.31 6.55 30.70
N ASN A 644 0.58 5.89 31.45
CA ASN A 644 0.42 4.47 31.75
C ASN A 644 -0.37 4.25 33.04
N ASP A 645 -1.14 5.23 33.46
CA ASP A 645 -1.96 5.09 34.65
C ASP A 645 -3.13 4.16 34.36
N PRO A 646 -3.36 3.13 35.18
CA PRO A 646 -4.61 2.36 35.07
C PRO A 646 -5.85 3.22 35.15
N ARG A 647 -5.83 4.26 35.99
CA ARG A 647 -6.97 5.17 36.05
C ARG A 647 -7.15 5.93 34.75
N LEU A 648 -6.05 6.20 34.03
CA LEU A 648 -6.16 6.89 32.76
C LEU A 648 -6.76 5.99 31.68
N ARG A 649 -6.58 4.68 31.80
CA ARG A 649 -7.10 3.80 30.76
C ARG A 649 -8.60 3.67 30.78
N ASN A 650 -9.37 4.51 31.50
CA ASN A 650 -10.80 4.25 31.56
C ASN A 650 -11.39 5.51 32.19
N PRO A 651 -12.62 5.87 31.89
CA PRO A 651 -13.18 7.10 32.49
C PRO A 651 -13.43 6.93 33.99
N SER A 652 -12.58 7.56 34.80
CA SER A 652 -12.66 7.41 36.25
C SER A 652 -13.81 8.27 36.77
N ASP A 653 -14.91 7.61 37.12
CA ASP A 653 -16.05 8.34 37.68
C ASP A 653 -15.73 8.93 39.04
N LYS A 654 -14.87 8.27 39.82
CA LYS A 654 -14.50 8.77 41.13
C LYS A 654 -13.46 9.88 41.01
N PHE A 655 -12.31 9.58 40.43
CA PHE A 655 -11.25 10.56 40.28
C PHE A 655 -11.59 11.50 39.13
N ILE A 656 -11.74 12.78 39.44
CA ILE A 656 -12.16 13.77 38.45
C ILE A 656 -10.94 14.39 37.80
N TYR A 657 -10.79 14.17 36.50
CA TYR A 657 -9.70 14.79 35.74
C TYR A 657 -10.21 15.09 34.34
N ALA A 658 -9.79 16.23 33.80
CA ALA A 658 -10.19 16.66 32.47
C ALA A 658 -9.17 17.68 31.97
N THR A 659 -9.51 18.39 30.90
CA THR A 659 -8.63 19.38 30.30
C THR A 659 -9.44 20.60 29.91
N VAL A 660 -8.74 21.62 29.40
CA VAL A 660 -9.42 22.82 28.94
C VAL A 660 -10.16 22.51 27.65
N LYS A 661 -11.46 22.74 27.63
CA LYS A 661 -12.28 22.41 26.47
C LYS A 661 -11.78 23.16 25.24
N GLN A 662 -11.78 22.47 24.11
CA GLN A 662 -11.49 23.06 22.80
C GLN A 662 -10.13 23.77 22.81
N SER A 663 -9.09 22.96 22.94
CA SER A 663 -7.73 23.48 23.01
C SER A 663 -6.83 22.60 22.16
N SER A 664 -5.52 22.84 22.25
CA SER A 664 -4.58 22.06 21.46
C SER A 664 -4.63 20.59 21.83
N VAL A 665 -4.72 20.29 23.13
CA VAL A 665 -4.82 18.90 23.56
C VAL A 665 -6.06 18.24 22.99
N ASP A 666 -7.07 19.01 22.62
CA ASP A 666 -8.32 18.43 22.13
C ASP A 666 -8.08 17.77 20.78
N ILE A 667 -7.44 18.50 19.86
CA ILE A 667 -7.09 17.94 18.56
C ILE A 667 -5.96 16.93 18.70
N TYR A 668 -5.12 17.08 19.73
CA TYR A 668 -4.11 16.08 20.00
C TYR A 668 -4.74 14.72 20.28
N PHE A 669 -5.82 14.73 21.05
CA PHE A 669 -6.59 13.53 21.35
C PHE A 669 -7.48 13.16 20.18
N ARG A 670 -7.79 14.12 19.31
CA ARG A 670 -8.58 13.82 18.13
C ARG A 670 -7.77 13.05 17.10
N ARG A 671 -6.44 13.22 17.13
CA ARG A 671 -5.56 12.37 16.34
C ARG A 671 -5.57 10.94 16.87
N GLN A 672 -5.43 10.77 18.18
CA GLN A 672 -5.44 9.44 18.76
C GLN A 672 -6.79 9.25 19.44
N VAL A 673 -7.75 8.70 18.70
CA VAL A 673 -9.08 8.48 19.25
C VAL A 673 -9.12 7.17 20.01
N GLU A 674 -7.95 6.56 20.21
CA GLU A 674 -7.84 5.46 21.15
C GLU A 674 -8.13 5.92 22.57
N LEU A 675 -7.96 7.21 22.84
CA LEU A 675 -8.38 7.85 24.08
C LEU A 675 -9.82 8.35 24.00
N SER A 676 -10.53 8.03 22.91
CA SER A 676 -11.85 8.62 22.67
C SER A 676 -12.79 8.44 23.85
N THR A 677 -12.71 7.30 24.54
CA THR A 677 -13.50 7.10 25.74
C THR A 677 -13.24 8.21 26.75
N MET A 678 -11.98 8.37 27.16
CA MET A 678 -11.65 9.48 28.04
C MET A 678 -12.03 10.82 27.41
N TYR A 679 -12.04 10.91 26.07
CA TYR A 679 -12.43 12.13 25.40
C TYR A 679 -13.87 12.51 25.73
N ARG A 680 -14.80 11.55 25.69
CA ARG A 680 -16.16 11.95 26.06
C ARG A 680 -16.37 11.94 27.56
N HIS A 681 -15.33 11.56 28.32
CA HIS A 681 -15.28 11.88 29.74
C HIS A 681 -14.80 13.32 29.96
N MET A 682 -14.25 13.95 28.93
CA MET A 682 -13.65 15.27 29.10
C MET A 682 -14.70 16.37 29.17
N GLU A 683 -15.58 16.45 28.15
CA GLU A 683 -16.57 17.53 28.13
C GLU A 683 -17.44 17.52 29.37
N LYS A 684 -17.72 16.33 29.91
CA LYS A 684 -18.57 16.23 31.09
C LYS A 684 -17.95 16.92 32.30
N HIS A 685 -16.66 17.22 32.25
CA HIS A 685 -15.97 17.95 33.30
C HIS A 685 -14.95 18.94 32.74
N ASN A 686 -15.19 19.48 31.55
CA ASN A 686 -14.22 20.39 30.95
C ASN A 686 -14.33 21.77 31.57
N TYR A 687 -13.32 22.59 31.29
CA TYR A 687 -13.27 23.97 31.76
C TYR A 687 -12.91 24.90 30.62
N GLU A 688 -13.40 26.13 30.70
CA GLU A 688 -13.25 27.08 29.62
C GLU A 688 -12.00 27.93 29.75
N SER A 689 -11.23 27.77 30.82
CA SER A 689 -10.00 28.52 31.00
C SER A 689 -9.07 27.73 31.90
N ALA A 690 -7.78 28.02 31.79
CA ALA A 690 -6.81 27.29 32.59
C ALA A 690 -6.83 27.77 34.02
N ALA A 691 -7.16 29.06 34.18
CA ALA A 691 -7.21 29.72 35.47
C ALA A 691 -8.27 29.11 36.37
N GLU A 692 -9.50 28.95 35.85
CA GLU A 692 -10.52 28.22 36.59
C GLU A 692 -10.18 26.74 36.71
N ALA A 693 -9.34 26.21 35.82
CA ALA A 693 -8.97 24.81 35.93
C ALA A 693 -8.07 24.59 37.13
N ILE A 694 -7.07 25.45 37.29
CA ILE A 694 -6.21 25.36 38.47
C ILE A 694 -6.99 25.76 39.72
N GLN A 695 -7.96 26.67 39.58
CA GLN A 695 -8.81 26.98 40.72
C GLN A 695 -9.61 25.77 41.17
N ALA A 696 -10.13 25.00 40.21
CA ALA A 696 -10.78 23.74 40.57
C ALA A 696 -9.78 22.77 41.20
N VAL A 697 -8.56 22.70 40.65
CA VAL A 697 -7.55 21.83 41.21
C VAL A 697 -7.29 22.20 42.67
N ARG A 698 -7.43 23.48 43.01
CA ARG A 698 -7.24 23.90 44.40
C ARG A 698 -8.25 23.26 45.34
N ASP A 699 -9.46 23.01 44.88
CA ASP A 699 -10.51 22.43 45.74
C ASP A 699 -10.92 21.06 45.19
N ASN A 700 -12.02 20.52 45.74
CA ASN A 700 -12.30 19.10 45.61
C ASN A 700 -12.47 18.68 44.15
N LYS A 701 -13.21 19.45 43.37
CA LYS A 701 -13.55 19.01 42.04
C LYS A 701 -12.37 19.24 41.10
N LEU A 702 -12.22 18.34 40.12
CA LEU A 702 -11.11 18.37 39.15
C LEU A 702 -9.77 18.25 39.89
N HIS A 703 -9.59 17.09 40.51
CA HIS A 703 -8.36 16.82 41.24
C HIS A 703 -7.13 16.90 40.34
N ALA A 704 -7.27 16.59 39.05
CA ALA A 704 -6.11 16.53 38.18
C ALA A 704 -6.38 17.24 36.87
N PHE A 705 -5.35 17.91 36.34
CA PHE A 705 -5.46 18.68 35.11
C PHE A 705 -4.23 18.50 34.24
N ILE A 706 -4.43 18.08 32.99
CA ILE A 706 -3.33 17.88 32.06
C ILE A 706 -3.03 19.19 31.36
N TRP A 707 -1.75 19.58 31.33
CA TRP A 707 -1.38 20.89 30.80
C TRP A 707 0.13 20.90 30.57
N ASP A 708 0.61 22.00 29.98
CA ASP A 708 2.03 22.13 29.71
C ASP A 708 2.82 22.19 31.02
N SER A 709 4.08 21.78 30.93
CA SER A 709 4.87 21.55 32.13
C SER A 709 5.18 22.86 32.85
N ALA A 710 5.41 23.91 32.07
CA ALA A 710 6.02 25.13 32.62
C ALA A 710 5.03 25.89 33.51
N VAL A 711 3.80 26.09 33.03
CA VAL A 711 2.79 26.76 33.84
C VAL A 711 2.52 25.97 35.11
N LEU A 712 2.43 24.64 34.98
CA LEU A 712 2.01 23.81 36.11
C LEU A 712 3.09 23.75 37.17
N GLU A 713 4.35 23.65 36.77
CA GLU A 713 5.43 23.73 37.76
C GLU A 713 5.60 25.13 38.31
N PHE A 714 5.20 26.16 37.54
CA PHE A 714 5.27 27.50 38.09
C PHE A 714 4.27 27.64 39.23
N GLU A 715 3.02 27.24 38.98
CA GLU A 715 1.99 27.25 40.01
C GLU A 715 2.36 26.33 41.16
N ALA A 716 3.01 25.20 40.87
CA ALA A 716 3.47 24.32 41.94
C ALA A 716 4.52 25.01 42.80
N SER A 717 5.44 25.76 42.19
CA SER A 717 6.43 26.46 43.00
C SER A 717 5.79 27.58 43.81
N GLN A 718 4.80 28.25 43.23
CA GLN A 718 4.14 29.36 43.89
C GLN A 718 3.32 28.88 45.09
N LYS A 719 2.57 27.80 44.92
CA LYS A 719 1.64 27.35 45.95
C LYS A 719 2.24 26.31 46.88
N CYS A 720 3.30 25.61 46.45
CA CYS A 720 4.04 24.65 47.25
C CYS A 720 3.20 23.43 47.62
N ASP A 721 2.10 23.18 46.91
CA ASP A 721 1.30 21.98 47.17
C ASP A 721 0.78 21.35 45.88
N LEU A 722 1.55 21.44 44.80
CA LEU A 722 1.23 20.79 43.54
C LEU A 722 2.43 19.97 43.08
N VAL A 723 2.14 18.84 42.44
CA VAL A 723 3.18 17.90 42.03
C VAL A 723 3.01 17.55 40.56
N THR A 724 4.13 17.41 39.85
CA THR A 724 4.14 16.90 38.48
C THR A 724 4.16 15.37 38.45
N THR A 725 3.86 14.85 37.28
CA THR A 725 3.72 13.44 36.95
C THR A 725 5.06 12.84 36.54
N GLY A 726 5.30 11.60 36.97
CA GLY A 726 5.99 10.60 36.18
C GLY A 726 7.05 11.09 35.23
N GLU A 727 6.83 10.77 33.95
CA GLU A 727 7.63 11.24 32.84
C GLU A 727 6.76 12.13 31.96
N LEU A 728 7.38 13.13 31.35
CA LEU A 728 6.63 14.05 30.48
C LEU A 728 6.61 13.51 29.06
N PHE A 729 5.55 13.88 28.34
CA PHE A 729 5.30 13.41 26.99
C PHE A 729 4.94 14.58 26.10
N PHE A 730 4.95 14.34 24.79
CA PHE A 730 4.73 15.37 23.78
C PHE A 730 5.73 16.53 23.98
N ARG A 731 7.01 16.18 23.77
CA ARG A 731 8.13 17.10 23.95
C ARG A 731 8.18 18.05 22.76
N SER A 732 7.30 19.04 22.80
CA SER A 732 7.09 20.01 21.73
C SER A 732 7.80 21.33 21.97
N GLY A 733 7.54 22.29 21.09
CA GLY A 733 8.06 23.63 21.26
C GLY A 733 6.98 24.64 20.95
N PHE A 734 7.14 25.83 21.51
CA PHE A 734 6.25 26.95 21.26
C PHE A 734 7.05 28.00 20.51
N GLY A 735 6.65 28.34 19.27
CA GLY A 735 7.25 29.54 18.75
C GLY A 735 6.21 30.49 18.18
N ILE A 736 6.52 31.18 17.09
CA ILE A 736 5.66 32.27 16.62
C ILE A 736 5.42 32.15 15.11
N GLY A 737 4.16 32.28 14.68
CA GLY A 737 3.82 32.21 13.28
C GLY A 737 2.47 32.76 12.89
N MET A 738 2.43 33.53 11.80
CA MET A 738 1.18 34.08 11.27
C MET A 738 1.10 33.79 9.77
N ARG A 739 0.17 34.48 9.10
CA ARG A 739 -0.02 34.34 7.66
C ARG A 739 1.28 34.39 6.88
N LYS A 740 1.26 33.78 5.69
CA LYS A 740 2.47 33.51 4.95
C LYS A 740 3.06 34.72 4.20
N ASP A 741 2.49 35.89 4.36
CA ASP A 741 2.73 37.12 3.63
C ASP A 741 3.78 37.94 4.36
N SER A 742 4.65 37.27 5.11
CA SER A 742 5.44 37.90 6.16
C SER A 742 6.73 37.14 6.37
N PRO A 743 7.87 37.70 5.92
CA PRO A 743 9.17 37.12 6.21
C PRO A 743 9.71 37.51 7.59
N TRP A 744 8.84 38.06 8.43
CA TRP A 744 9.26 38.46 9.76
C TRP A 744 9.73 37.26 10.57
N LYS A 745 9.05 36.12 10.42
CA LYS A 745 9.45 34.88 11.10
C LYS A 745 10.92 34.55 10.86
N GLN A 746 11.51 34.99 9.75
CA GLN A 746 12.93 34.66 9.72
C GLN A 746 13.68 35.51 10.73
N ASN A 747 13.38 36.80 10.79
CA ASN A 747 13.94 37.67 11.82
C ASN A 747 13.58 37.17 13.22
N VAL A 748 12.47 36.46 13.37
CA VAL A 748 12.13 35.91 14.69
C VAL A 748 13.11 34.81 15.04
N SER A 749 13.43 33.97 14.06
CA SER A 749 14.44 32.96 14.29
C SER A 749 15.79 33.62 14.57
N LEU A 750 16.07 34.70 13.85
CA LEU A 750 17.27 35.48 14.06
C LEU A 750 17.35 35.99 15.51
N SER A 751 16.24 36.49 16.02
CA SER A 751 16.22 37.01 17.38
C SER A 751 16.37 35.89 18.41
N ILE A 752 15.75 34.74 18.15
CA ILE A 752 15.87 33.65 19.13
C ILE A 752 17.30 33.13 19.16
N LEU A 753 17.98 33.04 18.01
CA LEU A 753 19.37 32.62 18.04
C LEU A 753 20.26 33.70 18.63
N LYS A 754 19.94 34.98 18.38
CA LYS A 754 20.70 36.06 18.98
C LYS A 754 20.63 36.01 20.51
N SER A 755 19.44 35.72 21.04
CA SER A 755 19.30 35.54 22.48
C SER A 755 19.91 34.23 22.95
N HIS A 756 20.03 33.24 22.07
CA HIS A 756 20.84 32.07 22.37
C HIS A 756 22.32 32.43 22.51
N GLU A 757 22.75 33.50 21.84
CA GLU A 757 24.13 33.96 21.90
C GLU A 757 24.37 35.00 22.98
N ASN A 758 23.36 35.33 23.79
CA ASN A 758 23.55 36.29 24.87
C ASN A 758 22.86 35.87 26.16
N GLY A 759 22.11 34.77 26.16
CA GLY A 759 21.44 34.31 27.36
C GLY A 759 20.34 35.25 27.80
N PHE A 760 19.30 35.38 26.99
CA PHE A 760 18.15 36.22 27.34
C PHE A 760 16.93 35.42 27.74
N MET A 761 16.73 34.23 27.20
CA MET A 761 15.68 33.37 27.71
C MET A 761 15.96 32.89 29.11
N GLU A 762 17.23 32.78 29.49
CA GLU A 762 17.54 32.51 30.89
C GLU A 762 17.18 33.70 31.77
N ASP A 763 17.29 34.92 31.23
CA ASP A 763 16.79 36.08 31.97
C ASP A 763 15.28 35.99 32.17
N LEU A 764 14.54 35.60 31.13
CA LEU A 764 13.11 35.42 31.26
C LEU A 764 12.79 34.32 32.27
N ASP A 765 13.57 33.24 32.22
CA ASP A 765 13.38 32.13 33.16
C ASP A 765 13.58 32.59 34.59
N LYS A 766 14.72 33.23 34.86
CA LYS A 766 14.97 33.72 36.22
C LYS A 766 14.01 34.82 36.63
N THR A 767 13.34 35.46 35.66
CA THR A 767 12.38 36.49 36.06
C THR A 767 11.03 35.89 36.42
N TRP A 768 10.61 34.87 35.69
CA TRP A 768 9.26 34.31 35.69
C TRP A 768 9.23 32.84 36.08
N VAL A 769 10.00 31.99 35.39
CA VAL A 769 9.84 30.55 35.52
C VAL A 769 10.62 30.03 36.71
N ARG A 770 11.94 30.15 36.66
CA ARG A 770 12.78 29.72 37.78
C ARG A 770 13.17 30.92 38.65
N TYR A 771 12.16 31.54 39.23
CA TYR A 771 12.39 32.63 40.17
C TYR A 771 12.43 32.10 41.61
N GLN A 772 13.19 31.01 41.78
CA GLN A 772 13.32 30.30 43.06
C GLN A 772 11.93 29.87 43.53
N GLU A 773 11.34 30.65 44.44
CA GLU A 773 9.92 30.54 44.77
C GLU A 773 9.56 29.15 45.29
N CYS A 774 10.07 28.86 46.49
CA CYS A 774 9.58 27.75 47.32
C CYS A 774 9.81 26.39 46.63
N ASP A 775 11.10 26.03 46.54
CA ASP A 775 11.47 24.71 46.05
C ASP A 775 11.07 23.64 47.06
N SER A 776 9.90 23.05 46.85
CA SER A 776 9.36 22.09 47.81
C SER A 776 10.09 20.75 47.73
N ARG A 777 10.20 20.11 48.89
CA ARG A 777 10.92 18.85 49.03
C ARG A 777 10.41 18.14 50.28
N SER A 778 11.17 17.17 50.78
CA SER A 778 10.90 16.43 52.01
C SER A 778 9.58 15.66 51.97
N ASN A 779 9.46 14.74 51.02
CA ASN A 779 8.26 13.92 50.87
C ASN A 779 8.33 12.78 51.88
N ALA A 780 7.93 13.08 53.11
CA ALA A 780 7.99 12.09 54.17
C ALA A 780 6.94 11.00 53.97
N PRO A 781 7.23 9.76 54.38
CA PRO A 781 6.25 8.67 54.26
C PRO A 781 5.22 8.67 55.39
N ALA A 782 4.67 9.85 55.65
CA ALA A 782 3.67 10.19 56.66
C ALA A 782 4.16 9.91 58.07
N THR A 783 3.60 10.61 59.05
CA THR A 783 4.03 10.54 60.43
C THR A 783 2.91 10.00 61.32
N LEU A 784 3.13 10.03 62.63
CA LEU A 784 2.16 9.64 63.63
C LEU A 784 1.94 10.80 64.59
N THR A 785 0.68 11.02 64.97
CA THR A 785 0.31 12.14 65.80
C THR A 785 -0.46 11.65 67.02
N PHE A 786 -0.66 12.57 67.97
CA PHE A 786 -1.23 12.18 69.26
C PHE A 786 -2.73 11.93 69.16
N GLU A 787 -3.45 12.74 68.39
CA GLU A 787 -4.90 12.55 68.31
C GLU A 787 -5.26 11.20 67.69
N ASN A 788 -4.41 10.70 66.79
CA ASN A 788 -4.61 9.34 66.27
C ASN A 788 -4.62 8.32 67.40
N MET A 789 -3.80 8.55 68.42
CA MET A 789 -3.76 7.71 69.61
C MET A 789 -4.58 8.29 70.76
N ALA A 790 -5.38 9.34 70.50
CA ALA A 790 -6.11 9.99 71.57
C ALA A 790 -6.90 8.99 72.40
N GLY A 791 -7.41 7.95 71.75
CA GLY A 791 -8.18 6.94 72.47
C GLY A 791 -7.43 6.36 73.65
N VAL A 792 -6.20 5.88 73.42
CA VAL A 792 -5.47 5.25 74.53
C VAL A 792 -5.36 6.22 75.70
N PHE A 793 -5.32 7.52 75.40
CA PHE A 793 -5.15 8.51 76.44
C PHE A 793 -6.30 8.50 77.43
N MET A 794 -7.55 8.42 76.93
CA MET A 794 -8.66 8.40 77.88
C MET A 794 -8.66 7.17 78.76
N LEU A 795 -7.87 6.16 78.40
CA LEU A 795 -7.74 5.01 79.29
C LEU A 795 -7.23 5.44 80.66
N VAL A 796 -6.25 6.35 80.69
CA VAL A 796 -5.77 6.80 81.99
C VAL A 796 -6.88 7.53 82.74
N ALA A 797 -7.79 8.16 82.02
CA ALA A 797 -8.93 8.81 82.68
C ALA A 797 -9.73 7.79 83.48
N GLY A 798 -9.84 6.58 82.94
CA GLY A 798 -10.46 5.49 83.69
C GLY A 798 -9.79 5.28 85.03
N GLY A 799 -8.46 5.24 85.03
CA GLY A 799 -7.72 5.16 86.29
C GLY A 799 -7.98 6.36 87.17
N ILE A 800 -8.14 7.55 86.57
CA ILE A 800 -8.54 8.72 87.33
C ILE A 800 -9.85 8.45 88.06
N VAL A 801 -10.79 7.77 87.39
CA VAL A 801 -12.03 7.39 88.04
C VAL A 801 -11.74 6.48 89.22
N ALA A 802 -10.79 5.56 89.05
CA ALA A 802 -10.42 4.67 90.15
C ALA A 802 -9.83 5.45 91.32
N GLY A 803 -9.33 6.67 91.08
CA GLY A 803 -8.88 7.51 92.17
C GLY A 803 -9.97 7.86 93.16
N ILE A 804 -11.24 7.78 92.76
CA ILE A 804 -12.35 8.05 93.66
C ILE A 804 -13.09 6.79 94.08
N PHE A 805 -12.63 5.61 93.67
CA PHE A 805 -13.29 4.36 94.03
C PHE A 805 -12.42 3.52 94.97
N LEU A 806 -11.18 3.23 94.59
CA LEU A 806 -10.33 2.38 95.43
C LEU A 806 -10.06 3.00 96.79
N ILE A 807 -10.16 4.33 96.91
CA ILE A 807 -9.78 4.98 98.15
C ILE A 807 -10.89 4.85 99.20
N PHE A 808 -12.12 4.55 98.78
CA PHE A 808 -13.15 4.09 99.69
C PHE A 808 -13.01 2.60 99.98
N ILE A 809 -12.54 1.82 99.01
CA ILE A 809 -12.22 0.42 99.28
C ILE A 809 -11.11 0.31 100.30
N GLU A 810 -10.27 1.33 100.44
CA GLU A 810 -9.28 1.35 101.51
C GLU A 810 -9.95 1.32 102.88
N ILE A 811 -11.00 2.12 103.07
CA ILE A 811 -11.75 2.08 104.31
C ILE A 811 -12.52 0.77 104.44
N ALA A 812 -13.04 0.27 103.31
CA ALA A 812 -13.72 -1.02 103.33
C ALA A 812 -12.79 -2.14 103.77
N TYR A 813 -11.49 -2.01 103.48
CA TYR A 813 -10.51 -2.99 103.94
C TYR A 813 -10.49 -3.08 105.45
N LYS A 814 -10.77 -1.98 106.15
CA LYS A 814 -10.92 -2.00 107.60
C LYS A 814 -12.34 -2.32 108.04
N ARG A 815 -13.33 -2.12 107.16
CA ARG A 815 -14.71 -2.40 107.53
C ARG A 815 -15.00 -3.89 107.55
N HIS A 816 -14.49 -4.65 106.58
CA HIS A 816 -14.84 -6.06 106.45
C HIS A 816 -14.28 -6.87 107.60
N LYS A 817 -12.95 -6.91 107.73
CA LYS A 817 -12.26 -7.70 108.75
C LYS A 817 -12.70 -9.16 108.73
N ILE B 1 -55.85 36.30 -17.73
CA ILE B 1 -54.50 36.40 -18.30
C ILE B 1 -54.33 35.34 -19.38
N GLY B 2 -53.77 35.76 -20.52
CA GLY B 2 -53.58 34.84 -21.64
C GLY B 2 -52.39 33.93 -21.40
N ILE B 3 -52.63 32.63 -21.52
CA ILE B 3 -51.58 31.61 -21.36
C ILE B 3 -51.53 30.78 -22.63
N ALA B 4 -50.32 30.51 -23.10
CA ALA B 4 -50.09 29.71 -24.29
C ALA B 4 -49.33 28.45 -23.93
N VAL B 5 -49.85 27.30 -24.33
CA VAL B 5 -49.23 26.02 -24.06
C VAL B 5 -48.74 25.45 -25.39
N ILE B 6 -47.43 25.35 -25.53
CA ILE B 6 -46.81 24.87 -26.75
C ILE B 6 -46.64 23.35 -26.65
N LEU B 7 -47.21 22.62 -27.59
CA LEU B 7 -47.19 21.16 -27.58
C LEU B 7 -46.30 20.67 -28.72
N VAL B 8 -45.28 19.88 -28.37
CA VAL B 8 -44.40 19.25 -29.35
C VAL B 8 -44.26 17.79 -28.92
N GLY B 9 -45.05 16.91 -29.50
CA GLY B 9 -44.96 15.51 -29.21
C GLY B 9 -46.33 14.85 -29.22
N THR B 10 -46.45 13.77 -28.46
CA THR B 10 -47.65 12.94 -28.41
C THR B 10 -48.62 13.37 -27.33
N SER B 11 -48.37 14.49 -26.65
CA SER B 11 -49.24 14.94 -25.58
C SER B 11 -50.64 15.24 -26.12
N ASP B 12 -51.65 14.92 -25.32
CA ASP B 12 -53.03 15.08 -25.74
C ASP B 12 -53.84 15.87 -24.72
N GLU B 13 -55.17 15.88 -24.88
CA GLU B 13 -56.04 16.66 -24.01
C GLU B 13 -56.10 16.12 -22.58
N VAL B 14 -55.57 14.91 -22.34
CA VAL B 14 -55.55 14.39 -20.98
C VAL B 14 -54.66 15.26 -20.10
N ALA B 15 -53.57 15.78 -20.65
CA ALA B 15 -52.73 16.71 -19.90
C ALA B 15 -53.49 17.98 -19.56
N ILE B 16 -54.31 18.46 -20.51
CA ILE B 16 -55.13 19.64 -20.24
C ILE B 16 -56.13 19.35 -19.13
N LYS B 17 -56.76 18.17 -19.16
CA LYS B 17 -57.71 17.81 -18.13
C LYS B 17 -57.04 17.73 -16.75
N ASP B 18 -55.85 17.15 -16.70
CA ASP B 18 -55.17 16.99 -15.42
C ASP B 18 -54.59 18.31 -14.92
N ALA B 19 -54.26 19.23 -15.82
CA ALA B 19 -53.54 20.44 -15.43
C ALA B 19 -54.48 21.48 -14.81
N HIS B 20 -55.45 21.97 -15.58
CA HIS B 20 -56.27 23.09 -15.15
C HIS B 20 -57.71 22.72 -14.81
N GLU B 21 -58.19 21.56 -15.25
CA GLU B 21 -59.55 21.16 -14.96
C GLU B 21 -59.71 20.48 -13.61
N LYS B 22 -58.74 20.65 -12.71
CA LYS B 22 -58.80 20.04 -11.39
C LYS B 22 -58.55 21.02 -10.24
N ASP B 23 -57.88 22.14 -10.48
CA ASP B 23 -57.56 23.10 -9.43
C ASP B 23 -58.41 24.35 -9.56
N ASP B 24 -58.51 25.09 -8.46
CA ASP B 24 -59.27 26.33 -8.42
C ASP B 24 -58.35 27.49 -8.77
N PHE B 25 -58.66 28.19 -9.86
CA PHE B 25 -57.85 29.30 -10.35
C PHE B 25 -58.47 30.66 -10.00
N HIS B 26 -59.21 30.73 -8.90
CA HIS B 26 -59.86 31.97 -8.50
C HIS B 26 -58.85 32.86 -7.78
N HIS B 27 -59.35 33.90 -7.09
CA HIS B 27 -58.58 34.95 -6.45
C HIS B 27 -57.82 35.82 -7.44
N LEU B 28 -58.15 35.72 -8.73
CA LEU B 28 -57.55 36.55 -9.76
C LEU B 28 -58.63 37.43 -10.38
N SER B 29 -58.32 38.71 -10.59
CA SER B 29 -59.29 39.62 -11.18
C SER B 29 -59.67 39.20 -12.58
N VAL B 30 -58.69 38.76 -13.38
CA VAL B 30 -58.92 38.29 -14.73
C VAL B 30 -58.76 36.78 -14.76
N VAL B 31 -59.67 36.10 -15.44
CA VAL B 31 -59.66 34.65 -15.53
C VAL B 31 -58.54 34.21 -16.47
N PRO B 32 -57.75 33.20 -16.10
CA PRO B 32 -56.68 32.75 -17.00
C PRO B 32 -57.19 32.00 -18.21
N ARG B 33 -57.16 32.64 -19.37
CA ARG B 33 -57.59 32.03 -20.62
C ARG B 33 -56.42 31.27 -21.23
N VAL B 34 -56.54 29.96 -21.31
CA VAL B 34 -55.46 29.08 -21.76
C VAL B 34 -55.75 28.61 -23.18
N GLU B 35 -54.73 28.64 -24.04
CA GLU B 35 -54.83 28.16 -25.40
C GLU B 35 -53.67 27.24 -25.70
N LEU B 36 -53.96 26.06 -26.25
CA LEU B 36 -52.94 25.08 -26.60
C LEU B 36 -52.68 25.14 -28.10
N VAL B 37 -51.42 25.31 -28.47
CA VAL B 37 -51.03 25.33 -29.87
C VAL B 37 -50.02 24.20 -30.07
N ALA B 38 -50.26 23.35 -31.07
CA ALA B 38 -49.48 22.15 -31.29
C ALA B 38 -48.72 22.24 -32.60
N MET B 39 -47.46 21.80 -32.57
CA MET B 39 -46.61 21.80 -33.75
C MET B 39 -45.46 20.83 -33.51
N ASN B 40 -45.07 20.11 -34.55
CA ASN B 40 -43.94 19.20 -34.49
C ASN B 40 -42.61 19.90 -34.69
N GLU B 41 -42.62 21.21 -34.93
CA GLU B 41 -41.46 21.94 -35.42
C GLU B 41 -40.88 22.83 -34.34
N THR B 42 -39.55 22.94 -34.33
CA THR B 42 -38.82 23.89 -33.49
C THR B 42 -38.08 24.92 -34.32
N ASP B 43 -38.40 25.01 -35.61
CA ASP B 43 -37.74 25.98 -36.48
C ASP B 43 -38.10 27.39 -36.03
N PRO B 44 -37.11 28.28 -35.85
CA PRO B 44 -37.40 29.58 -35.24
C PRO B 44 -38.49 30.41 -35.91
N LYS B 45 -38.58 30.40 -37.25
CA LYS B 45 -39.47 31.33 -37.92
C LYS B 45 -40.92 31.13 -37.50
N SER B 46 -41.41 29.90 -37.60
CA SER B 46 -42.82 29.64 -37.32
C SER B 46 -43.15 29.92 -35.86
N ILE B 47 -42.28 29.50 -34.94
CA ILE B 47 -42.59 29.67 -33.52
C ILE B 47 -42.53 31.14 -33.14
N ILE B 48 -41.56 31.89 -33.67
CA ILE B 48 -41.48 33.30 -33.32
C ILE B 48 -42.64 34.07 -33.92
N THR B 49 -43.06 33.72 -35.13
CA THR B 49 -44.23 34.40 -35.69
C THR B 49 -45.48 34.08 -34.89
N ARG B 50 -45.65 32.82 -34.48
CA ARG B 50 -46.82 32.45 -33.70
C ARG B 50 -46.84 33.17 -32.36
N ILE B 51 -45.70 33.20 -31.66
CA ILE B 51 -45.69 33.88 -30.36
C ILE B 51 -45.86 35.38 -30.52
N CYS B 52 -45.33 35.96 -31.61
CA CYS B 52 -45.53 37.39 -31.83
C CYS B 52 -47.00 37.70 -32.07
N ASP B 53 -47.68 36.83 -32.83
CA ASP B 53 -49.11 37.00 -33.03
C ASP B 53 -49.87 36.85 -31.71
N LEU B 54 -49.48 35.88 -30.89
CA LEU B 54 -50.16 35.68 -29.61
C LEU B 54 -49.86 36.81 -28.62
N MET B 55 -48.73 37.48 -28.79
CA MET B 55 -48.32 38.54 -27.88
C MET B 55 -48.97 39.86 -28.25
N SER B 56 -48.90 40.24 -29.53
CA SER B 56 -49.43 41.54 -29.93
C SER B 56 -50.94 41.51 -30.07
N ASP B 57 -51.47 40.53 -30.81
CA ASP B 57 -52.90 40.47 -31.05
C ASP B 57 -53.67 39.98 -29.84
N ARG B 58 -53.16 38.95 -29.16
CA ARG B 58 -53.89 38.31 -28.07
C ARG B 58 -53.40 38.70 -26.68
N LYS B 59 -52.21 39.27 -26.57
CA LYS B 59 -51.65 39.72 -25.29
C LYS B 59 -51.55 38.56 -24.30
N ILE B 60 -50.72 37.59 -24.65
CA ILE B 60 -50.48 36.42 -23.81
C ILE B 60 -49.24 36.68 -22.95
N GLN B 61 -49.37 36.51 -21.64
CA GLN B 61 -48.31 36.80 -20.69
C GLN B 61 -47.74 35.56 -20.03
N GLY B 62 -48.29 34.39 -20.29
CA GLY B 62 -47.81 33.15 -19.70
C GLY B 62 -47.35 32.18 -20.77
N VAL B 63 -46.20 31.55 -20.53
CA VAL B 63 -45.60 30.62 -21.47
C VAL B 63 -45.41 29.27 -20.78
N VAL B 64 -45.93 28.22 -21.41
CA VAL B 64 -45.76 26.84 -20.94
C VAL B 64 -45.33 26.01 -22.14
N PHE B 65 -44.23 25.29 -21.99
CA PHE B 65 -43.67 24.52 -23.11
C PHE B 65 -43.08 23.21 -22.62
N ALA B 66 -43.27 22.16 -23.41
CA ALA B 66 -42.65 20.87 -23.17
C ALA B 66 -42.55 20.14 -24.50
N ASP B 67 -41.59 19.24 -24.60
CA ASP B 67 -41.35 18.50 -25.83
C ASP B 67 -40.64 17.19 -25.49
N ASP B 68 -40.26 16.45 -26.53
CA ASP B 68 -39.60 15.16 -26.36
C ASP B 68 -38.37 15.03 -27.26
N THR B 69 -37.66 16.13 -27.47
CA THR B 69 -36.47 16.13 -28.33
C THR B 69 -35.23 16.45 -27.49
N ASP B 70 -34.10 15.89 -27.93
CA ASP B 70 -32.83 16.10 -27.26
C ASP B 70 -32.18 17.43 -27.61
N GLN B 71 -32.85 18.27 -28.42
CA GLN B 71 -32.33 19.58 -28.75
C GLN B 71 -32.27 20.45 -27.50
N GLU B 72 -31.06 20.86 -27.14
CA GLU B 72 -30.82 21.61 -25.91
C GLU B 72 -30.80 23.12 -26.13
N ALA B 73 -30.56 23.57 -27.37
CA ALA B 73 -30.51 25.00 -27.64
C ALA B 73 -31.88 25.65 -27.53
N ILE B 74 -32.96 24.88 -27.63
CA ILE B 74 -34.29 25.46 -27.51
C ILE B 74 -34.57 25.90 -26.08
N ALA B 75 -33.90 25.29 -25.10
CA ALA B 75 -34.05 25.72 -23.71
C ALA B 75 -33.69 27.20 -23.56
N GLN B 76 -32.65 27.64 -24.25
CA GLN B 76 -32.25 29.05 -24.24
C GLN B 76 -32.87 29.86 -25.36
N ILE B 77 -33.43 29.21 -26.39
CA ILE B 77 -34.38 29.88 -27.27
C ILE B 77 -35.51 30.48 -26.43
N LEU B 78 -36.02 29.67 -25.51
CA LEU B 78 -37.02 30.16 -24.56
C LEU B 78 -36.50 31.37 -23.79
N ASP B 79 -35.20 31.36 -23.43
CA ASP B 79 -34.64 32.51 -22.74
C ASP B 79 -34.69 33.76 -23.61
N PHE B 80 -34.41 33.60 -24.90
CA PHE B 80 -34.53 34.75 -25.81
C PHE B 80 -35.96 35.25 -25.88
N ILE B 81 -36.92 34.33 -25.93
CA ILE B 81 -38.31 34.76 -25.97
C ILE B 81 -38.64 35.54 -24.71
N SER B 82 -38.12 35.09 -23.57
CA SER B 82 -38.32 35.82 -22.32
C SER B 82 -37.70 37.20 -22.40
N ALA B 83 -36.50 37.31 -22.99
CA ALA B 83 -35.88 38.62 -23.14
C ALA B 83 -36.67 39.52 -24.07
N GLN B 84 -37.37 38.94 -25.05
CA GLN B 84 -38.11 39.72 -26.02
C GLN B 84 -39.56 39.97 -25.65
N THR B 85 -40.06 39.36 -24.56
CA THR B 85 -41.46 39.52 -24.21
C THR B 85 -41.66 40.04 -22.79
N LEU B 86 -40.65 39.85 -21.93
CA LEU B 86 -40.75 40.18 -20.51
C LEU B 86 -41.89 39.43 -19.84
N THR B 87 -42.16 38.21 -20.29
CA THR B 87 -43.21 37.37 -19.74
C THR B 87 -42.61 36.08 -19.17
N PRO B 88 -43.10 35.60 -18.04
CA PRO B 88 -42.51 34.42 -17.41
C PRO B 88 -42.61 33.19 -18.30
N ILE B 89 -41.55 32.39 -18.31
CA ILE B 89 -41.46 31.16 -19.09
C ILE B 89 -40.94 30.05 -18.19
N LEU B 90 -41.51 28.86 -18.34
CA LEU B 90 -41.12 27.69 -17.56
C LEU B 90 -40.79 26.54 -18.51
N GLY B 91 -39.66 25.89 -18.26
CA GLY B 91 -39.26 24.71 -18.99
C GLY B 91 -39.62 23.46 -18.20
N ILE B 92 -40.15 22.46 -18.90
CA ILE B 92 -40.71 21.29 -18.24
C ILE B 92 -40.04 20.00 -18.68
N HIS B 93 -40.17 19.66 -19.96
CA HIS B 93 -39.82 18.34 -20.44
C HIS B 93 -39.02 18.42 -21.74
N GLY B 94 -38.21 17.40 -21.97
CA GLY B 94 -37.50 17.27 -23.23
C GLY B 94 -36.48 18.38 -23.41
N GLY B 95 -36.60 19.10 -24.52
CA GLY B 95 -35.67 20.17 -24.84
C GLY B 95 -35.69 21.32 -23.85
N SER B 96 -36.72 21.40 -23.01
CA SER B 96 -36.83 22.42 -21.98
C SER B 96 -36.61 21.85 -20.58
N SER B 97 -35.79 20.81 -20.48
CA SER B 97 -35.58 20.13 -19.21
C SER B 97 -34.15 20.21 -18.71
N MET B 98 -33.16 20.17 -19.60
CA MET B 98 -31.76 20.15 -19.19
C MET B 98 -31.32 21.53 -18.73
N ILE B 99 -30.03 21.65 -18.42
CA ILE B 99 -29.49 22.89 -17.85
C ILE B 99 -29.47 23.99 -18.91
N MET B 100 -29.35 25.23 -18.43
CA MET B 100 -29.29 26.40 -19.29
C MET B 100 -28.11 27.28 -18.88
N ALA B 101 -27.56 27.97 -19.86
CA ALA B 101 -26.52 28.96 -19.67
C ALA B 101 -27.11 30.35 -19.93
N ASP B 102 -26.25 31.35 -20.02
CA ASP B 102 -26.58 32.77 -20.14
C ASP B 102 -27.78 33.17 -19.28
N LYS B 103 -27.65 32.93 -17.97
CA LYS B 103 -28.64 33.42 -17.02
C LYS B 103 -28.76 34.93 -17.18
N ASP B 104 -29.89 35.40 -17.69
CA ASP B 104 -30.06 36.78 -18.09
C ASP B 104 -30.75 37.57 -16.99
N GLU B 105 -30.19 38.73 -16.65
CA GLU B 105 -30.76 39.55 -15.60
C GLU B 105 -32.13 40.10 -15.99
N SER B 106 -32.36 40.34 -17.27
CA SER B 106 -33.64 40.83 -17.75
C SER B 106 -34.62 39.72 -18.08
N SER B 107 -34.16 38.47 -18.07
CA SER B 107 -35.02 37.32 -18.35
C SER B 107 -35.41 36.62 -17.05
N MET B 108 -36.63 36.10 -17.02
CA MET B 108 -37.17 35.39 -15.87
C MET B 108 -37.59 33.97 -16.25
N PHE B 109 -36.81 33.34 -17.12
CA PHE B 109 -37.08 31.96 -17.52
C PHE B 109 -36.59 31.00 -16.45
N PHE B 110 -37.47 30.10 -16.04
CA PHE B 110 -37.17 29.12 -15.00
C PHE B 110 -37.25 27.71 -15.59
N GLN B 111 -36.57 26.77 -14.94
CA GLN B 111 -36.57 25.39 -15.37
C GLN B 111 -36.81 24.46 -14.19
N PHE B 112 -37.52 23.36 -14.46
CA PHE B 112 -37.98 22.46 -13.41
C PHE B 112 -36.94 21.42 -13.01
N GLY B 113 -35.86 21.27 -13.76
CA GLY B 113 -34.88 20.25 -13.49
C GLY B 113 -33.97 20.60 -12.34
N PRO B 114 -32.82 19.92 -12.25
CA PRO B 114 -31.83 20.28 -11.23
C PRO B 114 -30.78 21.25 -11.74
N SER B 115 -30.42 22.23 -10.91
CA SER B 115 -29.33 23.14 -11.22
C SER B 115 -27.99 22.43 -11.03
N ILE B 116 -26.95 22.96 -11.67
CA ILE B 116 -25.66 22.27 -11.74
C ILE B 116 -25.16 21.93 -10.34
N GLU B 117 -25.20 22.92 -9.44
CA GLU B 117 -24.79 22.67 -8.06
C GLU B 117 -25.70 21.65 -7.38
N GLN B 118 -26.96 21.58 -7.81
CA GLN B 118 -27.89 20.62 -7.20
C GLN B 118 -27.51 19.18 -7.52
N GLN B 119 -27.24 18.86 -8.79
CA GLN B 119 -26.80 17.50 -9.07
C GLN B 119 -25.40 17.27 -8.54
N ALA B 120 -24.59 18.32 -8.43
CA ALA B 120 -23.29 18.15 -7.77
C ALA B 120 -23.46 17.68 -6.34
N SER B 121 -24.33 18.35 -5.58
CA SER B 121 -24.57 17.99 -4.19
C SER B 121 -25.21 16.61 -4.09
N VAL B 122 -26.13 16.30 -5.00
CA VAL B 122 -26.76 14.98 -4.99
C VAL B 122 -25.71 13.89 -5.26
N MET B 123 -24.82 14.14 -6.22
CA MET B 123 -23.79 13.16 -6.55
C MET B 123 -22.85 12.94 -5.39
N LEU B 124 -22.45 14.02 -4.70
CA LEU B 124 -21.56 13.83 -3.56
C LEU B 124 -22.29 13.19 -2.39
N ASN B 125 -23.60 13.42 -2.25
CA ASN B 125 -24.35 12.70 -1.22
C ASN B 125 -24.40 11.22 -1.53
N ILE B 126 -24.60 10.85 -2.80
CA ILE B 126 -24.53 9.45 -3.20
C ILE B 126 -23.14 8.89 -2.92
N MET B 127 -22.11 9.70 -3.19
CA MET B 127 -20.74 9.30 -2.95
C MET B 127 -20.52 8.97 -1.48
N GLU B 128 -21.03 9.83 -0.60
CA GLU B 128 -20.95 9.56 0.84
C GLU B 128 -21.76 8.33 1.23
N GLU B 129 -22.90 8.13 0.56
CA GLU B 129 -23.78 7.03 0.92
C GLU B 129 -23.11 5.68 0.71
N TYR B 130 -22.37 5.52 -0.38
CA TYR B 130 -21.65 4.28 -0.66
C TYR B 130 -20.26 4.27 -0.07
N ASP B 131 -19.92 5.26 0.75
CA ASP B 131 -18.73 5.35 1.61
C ASP B 131 -17.48 4.67 1.05
N TRP B 132 -17.08 5.06 -0.17
CA TRP B 132 -15.84 4.59 -0.79
C TRP B 132 -15.04 5.83 -1.19
N TYR B 133 -14.28 6.38 -0.26
CA TYR B 133 -13.70 7.71 -0.43
C TYR B 133 -12.64 7.81 -1.54
N ILE B 134 -12.41 6.78 -2.38
CA ILE B 134 -11.47 6.84 -3.48
C ILE B 134 -12.25 7.04 -4.77
N PHE B 135 -11.86 8.04 -5.56
CA PHE B 135 -12.55 8.35 -6.81
C PHE B 135 -11.66 9.22 -7.68
N SER B 136 -12.00 9.26 -8.97
CA SER B 136 -11.31 10.11 -9.94
C SER B 136 -12.36 10.93 -10.69
N ILE B 137 -11.87 11.87 -11.50
CA ILE B 137 -12.74 12.76 -12.27
C ILE B 137 -12.23 12.81 -13.70
N VAL B 138 -13.11 12.50 -14.65
CA VAL B 138 -12.83 12.64 -16.07
C VAL B 138 -13.77 13.70 -16.62
N THR B 139 -13.19 14.76 -17.17
CA THR B 139 -13.96 15.92 -17.62
C THR B 139 -13.40 16.41 -18.94
N THR B 140 -14.28 16.68 -19.89
CA THR B 140 -13.86 17.11 -21.21
C THR B 140 -13.67 18.63 -21.23
N TYR B 141 -13.23 19.16 -22.37
CA TYR B 141 -13.03 20.59 -22.52
C TYR B 141 -14.32 21.34 -22.80
N PHE B 142 -15.47 20.70 -22.60
CA PHE B 142 -16.74 21.41 -22.74
C PHE B 142 -16.83 22.49 -21.66
N PRO B 143 -17.11 23.73 -22.04
CA PRO B 143 -17.08 24.83 -21.06
C PRO B 143 -18.17 24.68 -20.01
N GLY B 144 -17.97 25.40 -18.90
CA GLY B 144 -18.80 25.25 -17.72
C GLY B 144 -18.29 24.21 -16.74
N TYR B 145 -17.25 23.47 -17.10
CA TYR B 145 -16.69 22.46 -16.21
C TYR B 145 -15.91 23.09 -15.07
N GLN B 146 -15.34 24.28 -15.29
CA GLN B 146 -14.52 24.92 -14.27
C GLN B 146 -15.34 25.24 -13.03
N ASP B 147 -16.54 25.80 -13.22
CA ASP B 147 -17.39 26.10 -12.07
C ASP B 147 -17.91 24.82 -11.42
N PHE B 148 -18.17 23.79 -12.22
CA PHE B 148 -18.61 22.52 -11.66
C PHE B 148 -17.55 21.94 -10.73
N VAL B 149 -16.31 21.84 -11.21
CA VAL B 149 -15.26 21.30 -10.35
C VAL B 149 -14.97 22.25 -9.19
N ASN B 150 -15.15 23.56 -9.39
CA ASN B 150 -14.97 24.50 -8.30
C ASN B 150 -15.95 24.22 -7.17
N LYS B 151 -17.22 24.00 -7.49
CA LYS B 151 -18.20 23.72 -6.45
C LYS B 151 -18.03 22.32 -5.87
N ILE B 152 -17.62 21.35 -6.70
CA ILE B 152 -17.30 20.02 -6.17
C ILE B 152 -16.23 20.14 -5.10
N ARG B 153 -15.16 20.87 -5.40
CA ARG B 153 -14.11 21.12 -4.41
C ARG B 153 -14.70 21.82 -3.19
N SER B 154 -15.28 23.01 -3.39
CA SER B 154 -15.82 23.79 -2.28
C SER B 154 -16.62 22.93 -1.31
N THR B 155 -17.46 22.03 -1.82
CA THR B 155 -18.23 21.18 -0.91
C THR B 155 -17.38 20.04 -0.33
N ILE B 156 -16.43 19.50 -1.11
CA ILE B 156 -15.64 18.37 -0.63
C ILE B 156 -14.74 18.79 0.53
N GLU B 157 -14.23 20.02 0.51
CA GLU B 157 -13.53 20.50 1.70
C GLU B 157 -14.46 21.18 2.69
N ASN B 158 -15.69 21.52 2.29
CA ASN B 158 -16.65 21.99 3.26
C ASN B 158 -16.98 20.91 4.29
N SER B 159 -17.09 19.66 3.82
CA SER B 159 -17.18 18.51 4.71
C SER B 159 -15.76 18.04 5.01
N PHE B 160 -15.29 18.30 6.22
CA PHE B 160 -13.89 18.10 6.57
C PHE B 160 -13.54 16.67 6.93
N VAL B 161 -14.35 15.69 6.51
CA VAL B 161 -13.99 14.29 6.69
C VAL B 161 -12.88 13.97 5.70
N GLY B 162 -12.20 12.83 5.91
CA GLY B 162 -11.00 12.53 5.16
C GLY B 162 -11.22 11.99 3.76
N TRP B 163 -11.62 12.85 2.83
CA TRP B 163 -11.80 12.44 1.45
C TRP B 163 -10.47 12.11 0.79
N GLU B 164 -10.54 11.58 -0.43
CA GLU B 164 -9.35 11.26 -1.21
C GLU B 164 -9.69 11.47 -2.69
N LEU B 165 -9.37 12.66 -3.19
CA LEU B 165 -9.53 12.98 -4.60
C LEU B 165 -8.26 12.55 -5.33
N GLU B 166 -8.39 11.57 -6.23
CA GLU B 166 -7.23 11.06 -6.93
C GLU B 166 -6.70 12.06 -7.95
N GLU B 167 -7.47 12.34 -8.98
CA GLU B 167 -7.05 13.26 -10.04
C GLU B 167 -8.27 13.94 -10.64
N VAL B 168 -8.01 15.06 -11.33
CA VAL B 168 -9.00 15.75 -12.12
C VAL B 168 -8.49 15.82 -13.55
N LEU B 169 -9.35 15.53 -14.52
CA LEU B 169 -8.93 15.34 -15.89
C LEU B 169 -9.56 16.36 -16.81
N LEU B 170 -8.76 16.88 -17.74
CA LEU B 170 -9.22 17.73 -18.83
C LEU B 170 -8.93 17.03 -20.14
N LEU B 171 -9.97 16.83 -20.94
CA LEU B 171 -9.90 16.03 -22.15
C LEU B 171 -9.97 16.93 -23.38
N ASP B 172 -9.14 16.63 -24.37
CA ASP B 172 -9.06 17.38 -25.62
C ASP B 172 -9.30 16.41 -26.78
N MET B 173 -10.53 16.38 -27.31
CA MET B 173 -10.86 15.50 -28.41
C MET B 173 -10.67 16.16 -29.77
N SER B 174 -10.43 17.47 -29.82
CA SER B 174 -10.17 18.14 -31.09
C SER B 174 -8.83 17.76 -31.69
N LEU B 175 -7.95 17.12 -30.92
CA LEU B 175 -6.63 16.70 -31.40
C LEU B 175 -6.53 15.19 -31.30
N ASP B 176 -6.08 14.55 -32.38
CA ASP B 176 -5.87 13.11 -32.35
C ASP B 176 -4.77 12.74 -31.36
N ASP B 177 -3.70 13.52 -31.31
CA ASP B 177 -2.67 13.33 -30.29
C ASP B 177 -3.17 13.66 -28.89
N GLY B 178 -4.33 14.31 -28.78
CA GLY B 178 -4.90 14.55 -27.46
C GLY B 178 -5.22 13.27 -26.73
N ASP B 179 -5.76 12.28 -27.45
CA ASP B 179 -6.05 10.99 -26.81
C ASP B 179 -4.76 10.29 -26.38
N SER B 180 -3.72 10.36 -27.20
CA SER B 180 -2.44 9.76 -26.83
C SER B 180 -1.87 10.44 -25.60
N LYS B 181 -2.01 11.77 -25.51
CA LYS B 181 -1.62 12.47 -24.30
C LYS B 181 -2.44 12.02 -23.11
N ILE B 182 -3.74 11.77 -23.35
CA ILE B 182 -4.64 11.35 -22.30
C ILE B 182 -4.28 9.96 -21.78
N GLN B 183 -3.68 9.13 -22.62
CA GLN B 183 -3.33 7.78 -22.20
C GLN B 183 -2.37 7.78 -21.02
N ASN B 184 -1.53 8.81 -20.90
CA ASN B 184 -0.53 8.83 -19.82
C ASN B 184 -1.19 8.84 -18.45
N GLN B 185 -2.20 9.70 -18.28
CA GLN B 185 -2.95 9.75 -17.04
C GLN B 185 -3.99 8.65 -16.95
N LEU B 186 -4.43 8.12 -18.09
CA LEU B 186 -5.27 6.93 -18.08
C LEU B 186 -4.53 5.75 -17.47
N LYS B 187 -3.19 5.73 -17.64
CA LYS B 187 -2.37 4.75 -16.95
C LYS B 187 -2.50 4.89 -15.43
N LYS B 188 -2.89 6.07 -14.93
CA LYS B 188 -3.09 6.31 -13.52
C LYS B 188 -4.54 6.08 -13.09
N LEU B 189 -5.27 5.21 -13.77
CA LEU B 189 -6.67 4.92 -13.45
C LEU B 189 -6.73 3.70 -12.54
N GLN B 190 -6.99 3.93 -11.26
CA GLN B 190 -7.14 2.84 -10.29
C GLN B 190 -8.38 2.98 -9.41
N SER B 191 -8.97 4.16 -9.31
CA SER B 191 -10.17 4.31 -8.50
C SER B 191 -11.35 3.61 -9.17
N PRO B 192 -12.20 2.93 -8.39
CA PRO B 192 -13.36 2.25 -8.99
C PRO B 192 -14.50 3.18 -9.38
N ILE B 193 -14.48 4.43 -8.94
CA ILE B 193 -15.54 5.39 -9.22
C ILE B 193 -14.94 6.60 -9.90
N ILE B 194 -15.51 7.00 -11.03
CA ILE B 194 -15.06 8.15 -11.81
C ILE B 194 -16.25 9.04 -12.12
N LEU B 195 -16.10 10.33 -11.85
CA LEU B 195 -17.14 11.31 -12.12
C LEU B 195 -16.94 11.89 -13.51
N LEU B 196 -17.97 11.80 -14.35
CA LEU B 196 -17.85 12.11 -15.77
C LEU B 196 -18.48 13.46 -16.09
N TYR B 197 -17.81 14.22 -16.94
CA TYR B 197 -18.33 15.49 -17.47
C TYR B 197 -18.07 15.52 -18.96
N CYS B 198 -19.15 15.51 -19.76
CA CYS B 198 -19.04 15.52 -21.22
C CYS B 198 -20.45 15.68 -21.79
N THR B 199 -20.51 15.81 -23.11
CA THR B 199 -21.74 15.76 -23.85
C THR B 199 -21.98 14.32 -24.31
N LYS B 200 -23.01 14.10 -25.15
CA LYS B 200 -23.30 12.74 -25.61
C LYS B 200 -22.31 12.26 -26.67
N GLU B 201 -21.99 13.13 -27.63
CA GLU B 201 -21.04 12.76 -28.67
C GLU B 201 -19.65 12.54 -28.09
N GLU B 202 -19.25 13.37 -27.12
CA GLU B 202 -18.02 13.10 -26.38
C GLU B 202 -18.16 11.86 -25.52
N ALA B 203 -19.37 11.61 -25.02
CA ALA B 203 -19.60 10.44 -24.19
C ALA B 203 -19.32 9.17 -24.97
N THR B 204 -19.77 9.09 -26.22
CA THR B 204 -19.56 7.86 -26.98
C THR B 204 -18.07 7.54 -27.08
N TYR B 205 -17.26 8.55 -27.38
CA TYR B 205 -15.81 8.36 -27.43
C TYR B 205 -15.25 7.97 -26.06
N ILE B 206 -15.80 8.57 -24.99
CA ILE B 206 -15.31 8.28 -23.65
C ILE B 206 -15.56 6.83 -23.29
N PHE B 207 -16.79 6.35 -23.54
CA PHE B 207 -17.11 4.95 -23.28
C PHE B 207 -16.29 4.02 -24.16
N GLU B 208 -16.05 4.42 -25.41
CA GLU B 208 -15.21 3.62 -26.29
C GLU B 208 -13.81 3.44 -25.71
N VAL B 209 -13.20 4.54 -25.26
CA VAL B 209 -11.89 4.46 -24.65
C VAL B 209 -11.93 3.60 -23.38
N ALA B 210 -12.98 3.81 -22.56
CA ALA B 210 -13.07 3.10 -21.29
C ALA B 210 -13.15 1.58 -21.50
N ASN B 211 -14.01 1.14 -22.41
CA ASN B 211 -14.14 -0.30 -22.64
C ASN B 211 -13.05 -0.86 -23.54
N SER B 212 -12.29 0.00 -24.23
CA SER B 212 -11.10 -0.48 -24.92
C SER B 212 -9.97 -0.76 -23.94
N VAL B 213 -9.82 0.11 -22.93
CA VAL B 213 -8.80 -0.14 -21.90
C VAL B 213 -9.24 -1.29 -21.00
N GLY B 214 -10.53 -1.43 -20.74
CA GLY B 214 -11.02 -2.49 -19.88
C GLY B 214 -11.52 -1.99 -18.54
N LEU B 215 -12.20 -0.84 -18.54
CA LEU B 215 -12.74 -0.24 -17.34
C LEU B 215 -14.15 -0.74 -17.02
N THR B 216 -14.53 -1.90 -17.53
CA THR B 216 -15.85 -2.48 -17.28
C THR B 216 -15.80 -3.60 -16.26
N GLY B 217 -14.72 -3.72 -15.51
CA GLY B 217 -14.56 -4.80 -14.56
C GLY B 217 -15.38 -4.59 -13.30
N TYR B 218 -15.21 -5.52 -12.37
CA TYR B 218 -15.96 -5.48 -11.12
C TYR B 218 -15.55 -4.27 -10.28
N GLY B 219 -16.52 -3.73 -9.54
CA GLY B 219 -16.30 -2.56 -8.73
C GLY B 219 -16.31 -1.24 -9.48
N TYR B 220 -16.14 -1.27 -10.80
CA TYR B 220 -16.13 -0.04 -11.59
C TYR B 220 -17.55 0.51 -11.73
N THR B 221 -17.92 1.43 -10.85
CA THR B 221 -19.24 2.04 -10.85
C THR B 221 -19.14 3.45 -11.44
N TRP B 222 -20.01 3.75 -12.40
CA TRP B 222 -20.00 5.02 -13.10
C TRP B 222 -21.31 5.75 -12.83
N ILE B 223 -21.20 7.02 -12.47
CA ILE B 223 -22.35 7.88 -12.21
C ILE B 223 -22.27 9.09 -13.12
N VAL B 224 -23.28 9.29 -13.95
CA VAL B 224 -23.29 10.39 -14.91
C VAL B 224 -24.60 11.16 -14.78
N PRO B 225 -24.61 12.46 -15.05
CA PRO B 225 -25.86 13.23 -15.00
C PRO B 225 -26.71 12.98 -16.24
N SER B 226 -27.84 13.67 -16.30
CA SER B 226 -28.77 13.48 -17.41
C SER B 226 -28.19 14.00 -18.72
N LEU B 227 -27.41 15.09 -18.67
CA LEU B 227 -26.84 15.64 -19.90
C LEU B 227 -25.86 14.68 -20.53
N VAL B 228 -25.04 14.00 -19.72
CA VAL B 228 -24.05 13.07 -20.26
C VAL B 228 -24.74 11.89 -20.92
N ALA B 229 -25.74 11.32 -20.25
CA ALA B 229 -26.42 10.13 -20.75
C ALA B 229 -27.48 10.44 -21.79
N GLY B 230 -27.84 11.71 -21.97
CA GLY B 230 -28.88 12.03 -22.93
C GLY B 230 -30.23 11.49 -22.48
N ASP B 231 -30.94 10.87 -23.43
CA ASP B 231 -32.24 10.28 -23.15
C ASP B 231 -32.09 8.82 -22.74
N THR B 232 -32.94 8.38 -21.82
CA THR B 232 -32.84 7.01 -21.32
C THR B 232 -33.18 5.98 -22.40
N ASP B 233 -34.19 6.28 -23.24
CA ASP B 233 -34.60 5.31 -24.25
C ASP B 233 -33.49 5.05 -25.25
N THR B 234 -32.77 6.09 -25.66
CA THR B 234 -31.65 5.95 -26.59
C THR B 234 -30.45 5.39 -25.82
N VAL B 235 -30.11 4.14 -26.08
CA VAL B 235 -29.01 3.47 -25.40
C VAL B 235 -27.90 3.17 -26.41
N PRO B 236 -26.84 3.95 -26.44
CA PRO B 236 -25.73 3.67 -27.36
C PRO B 236 -25.06 2.34 -27.01
N SER B 237 -24.51 1.69 -28.04
CA SER B 237 -23.84 0.41 -27.84
C SER B 237 -22.61 0.52 -26.98
N GLU B 238 -22.06 1.72 -26.80
CA GLU B 238 -20.89 1.91 -25.96
C GLU B 238 -21.22 1.87 -24.48
N PHE B 239 -22.50 1.81 -24.12
CA PHE B 239 -22.89 1.80 -22.71
C PHE B 239 -22.48 0.49 -22.06
N PRO B 240 -21.66 0.52 -21.00
CA PRO B 240 -21.29 -0.72 -20.32
C PRO B 240 -22.44 -1.24 -19.45
N THR B 241 -22.37 -2.54 -19.18
CA THR B 241 -23.36 -3.17 -18.32
C THR B 241 -23.20 -2.67 -16.89
N GLY B 242 -24.32 -2.39 -16.24
CA GLY B 242 -24.31 -1.85 -14.90
C GLY B 242 -24.04 -0.36 -14.83
N LEU B 243 -24.43 0.39 -15.85
CA LEU B 243 -24.14 1.82 -15.92
C LEU B 243 -25.23 2.61 -15.20
N ILE B 244 -24.83 3.47 -14.27
CA ILE B 244 -25.77 4.20 -13.42
C ILE B 244 -25.76 5.68 -13.81
N SER B 245 -26.95 6.26 -13.90
CA SER B 245 -27.11 7.66 -14.25
C SER B 245 -28.08 8.31 -13.30
N VAL B 246 -28.07 9.65 -13.28
CA VAL B 246 -28.97 10.44 -12.45
C VAL B 246 -29.69 11.43 -13.34
N SER B 247 -31.02 11.51 -13.20
CA SER B 247 -31.82 12.41 -14.02
C SER B 247 -33.04 12.85 -13.21
N TYR B 248 -34.01 13.43 -13.89
CA TYR B 248 -35.25 13.84 -13.26
C TYR B 248 -36.26 12.70 -13.32
N ASP B 249 -37.31 12.84 -12.50
CA ASP B 249 -38.36 11.82 -12.41
C ASP B 249 -39.21 11.88 -13.68
N GLU B 250 -39.00 10.92 -14.58
CA GLU B 250 -39.72 10.87 -15.84
C GLU B 250 -40.85 9.84 -15.85
N TRP B 251 -40.87 8.93 -14.87
CA TRP B 251 -41.87 7.87 -14.82
C TRP B 251 -42.92 8.12 -13.75
N ASP B 252 -42.50 8.31 -12.50
CA ASP B 252 -43.48 8.55 -11.44
C ASP B 252 -44.06 9.96 -11.50
N TYR B 253 -43.28 10.92 -11.99
CA TYR B 253 -43.68 12.32 -12.03
C TYR B 253 -44.06 12.64 -13.47
N GLY B 254 -45.32 12.37 -13.82
CA GLY B 254 -45.77 12.51 -15.19
C GLY B 254 -45.92 13.96 -15.61
N LEU B 255 -45.84 14.16 -16.93
CA LEU B 255 -45.92 15.50 -17.49
C LEU B 255 -47.18 16.28 -17.10
N PRO B 256 -48.39 15.68 -17.10
CA PRO B 256 -49.55 16.45 -16.63
C PRO B 256 -49.39 16.98 -15.22
N ALA B 257 -48.80 16.19 -14.32
CA ALA B 257 -48.53 16.68 -12.97
C ALA B 257 -47.55 17.84 -13.00
N ARG B 258 -46.53 17.76 -13.87
CA ARG B 258 -45.57 18.85 -13.98
C ARG B 258 -46.24 20.14 -14.42
N VAL B 259 -47.07 20.08 -15.47
CA VAL B 259 -47.70 21.29 -15.97
C VAL B 259 -48.74 21.80 -14.98
N ARG B 260 -49.41 20.90 -14.24
CA ARG B 260 -50.36 21.35 -13.22
C ARG B 260 -49.63 22.11 -12.11
N ASP B 261 -48.51 21.57 -11.64
CA ASP B 261 -47.73 22.26 -10.62
C ASP B 261 -47.21 23.60 -11.13
N GLY B 262 -46.76 23.62 -12.38
CA GLY B 262 -46.26 24.87 -12.95
C GLY B 262 -47.33 25.93 -13.05
N ILE B 263 -48.52 25.56 -13.52
CA ILE B 263 -49.59 26.55 -13.65
C ILE B 263 -50.09 26.99 -12.27
N ALA B 264 -50.07 26.08 -11.28
CA ALA B 264 -50.41 26.49 -9.92
C ALA B 264 -49.41 27.49 -9.37
N ILE B 265 -48.11 27.25 -9.62
CA ILE B 265 -47.09 28.19 -9.18
C ILE B 265 -47.26 29.53 -9.88
N ILE B 266 -47.61 29.50 -11.17
CA ILE B 266 -47.83 30.74 -11.92
C ILE B 266 -48.99 31.52 -11.33
N THR B 267 -50.09 30.83 -11.01
CA THR B 267 -51.25 31.48 -10.42
C THR B 267 -50.90 32.07 -9.06
N THR B 268 -50.13 31.33 -8.25
CA THR B 268 -49.74 31.85 -6.94
C THR B 268 -48.87 33.10 -7.08
N ALA B 269 -47.94 33.09 -8.04
CA ALA B 269 -47.09 34.26 -8.25
C ALA B 269 -47.91 35.45 -8.73
N ALA B 270 -48.88 35.21 -9.62
CA ALA B 270 -49.74 36.29 -10.09
C ALA B 270 -50.55 36.89 -8.94
N SER B 271 -51.10 36.04 -8.07
CA SER B 271 -51.84 36.53 -6.92
C SER B 271 -50.94 37.31 -5.98
N ASP B 272 -49.71 36.83 -5.76
CA ASP B 272 -48.77 37.55 -4.91
C ASP B 272 -48.45 38.92 -5.46
N MET B 273 -48.21 39.02 -6.77
CA MET B 273 -47.99 40.32 -7.38
C MET B 273 -49.23 41.21 -7.20
N LEU B 274 -50.42 40.67 -7.48
CA LEU B 274 -51.62 41.48 -7.38
C LEU B 274 -51.81 42.02 -5.97
N SER B 275 -51.43 41.23 -4.97
CA SER B 275 -51.45 41.75 -3.60
C SER B 275 -50.33 42.76 -3.38
N GLU B 276 -49.21 42.62 -4.07
CA GLU B 276 -48.07 43.51 -3.87
C GLU B 276 -48.34 44.90 -4.42
N HIS B 277 -48.83 44.99 -5.65
CA HIS B 277 -48.95 46.27 -6.35
C HIS B 277 -50.32 46.54 -6.95
N SER B 278 -51.15 45.53 -7.19
CA SER B 278 -52.54 45.72 -7.61
C SER B 278 -52.65 46.43 -8.96
N PHE B 279 -51.74 46.11 -9.87
CA PHE B 279 -51.86 46.55 -11.26
C PHE B 279 -51.39 45.43 -12.18
N ILE B 280 -51.97 45.40 -13.38
CA ILE B 280 -51.65 44.37 -14.37
C ILE B 280 -50.65 44.95 -15.36
N PRO B 281 -49.40 44.49 -15.38
CA PRO B 281 -48.44 45.00 -16.37
C PRO B 281 -48.83 44.60 -17.78
N GLU B 282 -49.21 45.58 -18.59
CA GLU B 282 -49.61 45.29 -19.96
C GLU B 282 -48.42 44.80 -20.76
N PRO B 283 -48.59 43.76 -21.58
CA PRO B 283 -47.48 43.26 -22.40
C PRO B 283 -47.08 44.25 -23.48
N LYS B 284 -46.06 43.90 -24.27
CA LYS B 284 -45.56 44.80 -25.29
C LYS B 284 -46.61 45.04 -26.36
N SER B 285 -46.52 46.21 -27.01
CA SER B 285 -47.44 46.51 -28.09
C SER B 285 -47.11 45.71 -29.35
N SER B 286 -45.82 45.51 -29.60
CA SER B 286 -45.37 44.76 -30.77
C SER B 286 -44.02 44.13 -30.47
N CYS B 287 -43.68 43.09 -31.25
CA CYS B 287 -42.40 42.44 -31.08
C CYS B 287 -41.24 43.37 -31.42
N TYR B 288 -41.47 44.35 -32.30
CA TYR B 288 -40.45 45.32 -32.64
C TYR B 288 -40.40 46.48 -31.65
N ASN B 289 -41.31 46.54 -30.69
CA ASN B 289 -41.36 47.60 -29.70
C ASN B 289 -40.90 47.03 -28.36
N THR B 290 -39.59 47.11 -28.12
CA THR B 290 -39.01 46.60 -26.88
C THR B 290 -39.19 47.63 -25.76
N HIS B 291 -39.63 47.16 -24.61
CA HIS B 291 -39.85 48.03 -23.45
C HIS B 291 -38.58 48.10 -22.62
N GLU B 292 -38.01 49.30 -22.52
CA GLU B 292 -36.76 49.51 -21.78
C GLU B 292 -37.00 49.99 -20.35
N LYS B 293 -37.87 51.00 -20.18
CA LYS B 293 -38.16 51.53 -18.85
C LYS B 293 -39.21 50.73 -18.11
N ARG B 294 -39.87 49.77 -18.78
CA ARG B 294 -40.93 48.98 -18.17
C ARG B 294 -40.40 47.70 -17.53
N ILE B 295 -39.08 47.51 -17.48
CA ILE B 295 -38.51 46.31 -16.88
C ILE B 295 -38.94 46.20 -15.42
N TYR B 296 -38.96 47.32 -14.70
CA TYR B 296 -39.37 47.31 -13.31
C TYR B 296 -40.79 46.78 -13.15
N GLN B 297 -41.62 46.91 -14.18
CA GLN B 297 -42.97 46.36 -14.12
C GLN B 297 -42.95 44.85 -14.01
N SER B 298 -42.03 44.19 -14.71
CA SER B 298 -41.95 42.74 -14.69
C SER B 298 -41.00 42.22 -13.61
N ASN B 299 -40.01 43.03 -13.23
CA ASN B 299 -39.04 42.58 -12.23
C ASN B 299 -39.70 42.26 -10.90
N MET B 300 -40.70 43.05 -10.50
CA MET B 300 -41.44 42.74 -9.30
C MET B 300 -42.12 41.38 -9.42
N LEU B 301 -42.64 41.04 -10.61
CA LEU B 301 -43.11 39.69 -10.87
C LEU B 301 -42.03 38.67 -10.54
N ASN B 302 -40.81 38.90 -11.04
CA ASN B 302 -39.70 38.01 -10.76
C ASN B 302 -39.47 37.89 -9.25
N ARG B 303 -39.72 38.96 -8.50
CA ARG B 303 -39.51 38.92 -7.06
C ARG B 303 -40.34 37.83 -6.38
N TYR B 304 -41.46 37.43 -6.98
CA TYR B 304 -42.28 36.36 -6.43
C TYR B 304 -42.07 35.03 -7.14
N LEU B 305 -41.27 34.99 -8.21
CA LEU B 305 -41.09 33.75 -8.96
C LEU B 305 -40.15 32.78 -8.24
N ILE B 306 -39.17 33.31 -7.50
CA ILE B 306 -38.21 32.43 -6.84
C ILE B 306 -38.85 31.69 -5.68
N ASN B 307 -39.68 32.38 -4.90
CA ASN B 307 -40.26 31.82 -3.67
C ASN B 307 -41.76 31.59 -3.89
N VAL B 308 -42.13 30.34 -4.16
CA VAL B 308 -43.52 29.94 -4.27
C VAL B 308 -43.70 28.62 -3.53
N THR B 309 -44.70 28.56 -2.64
CA THR B 309 -45.04 27.36 -1.91
C THR B 309 -46.37 26.82 -2.42
N PHE B 310 -46.39 25.53 -2.75
CA PHE B 310 -47.58 24.91 -3.33
C PHE B 310 -47.81 23.55 -2.69
N GLU B 311 -49.05 23.30 -2.26
CA GLU B 311 -49.46 22.01 -1.71
C GLU B 311 -48.60 21.60 -0.52
N GLY B 312 -48.23 22.57 0.31
CA GLY B 312 -47.44 22.30 1.50
C GLY B 312 -46.04 21.82 1.24
N ARG B 313 -45.55 21.92 0.00
CA ARG B 313 -44.22 21.50 -0.36
C ARG B 313 -43.44 22.70 -0.89
N ASN B 314 -42.13 22.72 -0.61
CA ASN B 314 -41.27 23.82 -1.01
C ASN B 314 -40.82 23.60 -2.46
N LEU B 315 -41.77 23.79 -3.38
CA LEU B 315 -41.50 23.72 -4.81
C LEU B 315 -40.92 25.03 -5.34
N SER B 316 -40.50 25.93 -4.46
CA SER B 316 -39.93 27.20 -4.90
C SER B 316 -38.61 27.00 -5.61
N PHE B 317 -38.33 27.91 -6.55
CA PHE B 317 -37.07 27.88 -7.28
C PHE B 317 -35.98 28.55 -6.44
N SER B 318 -34.82 28.79 -7.06
CA SER B 318 -33.70 29.45 -6.41
C SER B 318 -33.32 30.70 -7.20
N GLU B 319 -32.18 31.29 -6.84
CA GLU B 319 -31.76 32.54 -7.48
C GLU B 319 -31.52 32.34 -8.97
N ASP B 320 -30.86 31.25 -9.36
CA ASP B 320 -30.62 31.00 -10.77
C ASP B 320 -31.87 30.55 -11.51
N GLY B 321 -32.92 30.17 -10.81
CA GLY B 321 -34.17 29.78 -11.45
C GLY B 321 -34.40 28.29 -11.56
N TYR B 322 -34.08 27.56 -10.49
CA TYR B 322 -34.24 26.12 -10.47
C TYR B 322 -34.88 25.68 -9.15
N GLN B 323 -35.83 24.75 -9.25
CA GLN B 323 -36.58 24.31 -8.07
C GLN B 323 -35.63 23.72 -7.03
N MET B 324 -35.68 24.28 -5.82
CA MET B 324 -34.76 23.88 -4.75
C MET B 324 -35.06 22.49 -4.21
N HIS B 325 -36.23 21.92 -4.50
CA HIS B 325 -36.59 20.57 -4.07
C HIS B 325 -37.07 19.77 -5.27
N PRO B 326 -36.16 19.35 -6.14
CA PRO B 326 -36.56 18.57 -7.31
C PRO B 326 -36.60 17.07 -7.04
N LYS B 327 -37.52 16.40 -7.71
CA LYS B 327 -37.65 14.95 -7.61
C LYS B 327 -36.64 14.32 -8.54
N LEU B 328 -35.49 13.90 -7.99
CA LEU B 328 -34.41 13.33 -8.78
C LEU B 328 -34.42 11.82 -8.66
N VAL B 329 -34.14 11.14 -9.76
CA VAL B 329 -34.17 9.68 -9.82
C VAL B 329 -32.84 9.17 -10.35
N ILE B 330 -32.27 8.20 -9.65
CA ILE B 330 -31.02 7.54 -10.04
C ILE B 330 -31.39 6.19 -10.63
N ILE B 331 -31.08 6.00 -11.91
CA ILE B 331 -31.49 4.82 -12.66
C ILE B 331 -30.26 4.00 -12.99
N LEU B 332 -30.45 2.69 -13.12
CA LEU B 332 -29.38 1.73 -13.39
C LEU B 332 -29.71 0.93 -14.63
N LEU B 333 -28.72 0.77 -15.50
CA LEU B 333 -28.80 -0.08 -16.68
C LEU B 333 -28.02 -1.35 -16.39
N ASN B 334 -28.72 -2.49 -16.33
CA ASN B 334 -28.12 -3.75 -15.97
C ASN B 334 -27.69 -4.51 -17.23
N LYS B 335 -27.36 -5.80 -17.06
CA LYS B 335 -26.98 -6.62 -18.21
C LYS B 335 -28.13 -6.74 -19.21
N GLU B 336 -29.37 -6.63 -18.74
CA GLU B 336 -30.53 -6.70 -19.62
C GLU B 336 -30.65 -5.48 -20.52
N ARG B 337 -29.83 -4.45 -20.31
CA ARG B 337 -29.88 -3.21 -21.07
C ARG B 337 -31.27 -2.56 -20.98
N LYS B 338 -31.84 -2.58 -19.79
CA LYS B 338 -33.06 -1.87 -19.47
C LYS B 338 -32.80 -0.94 -18.29
N TRP B 339 -33.43 0.24 -18.32
CA TRP B 339 -33.21 1.24 -17.30
C TRP B 339 -34.20 1.03 -16.16
N GLU B 340 -33.67 0.76 -14.97
CA GLU B 340 -34.47 0.51 -13.77
C GLU B 340 -34.10 1.54 -12.71
N ARG B 341 -35.11 2.26 -12.23
CA ARG B 341 -34.88 3.26 -11.19
C ARG B 341 -34.51 2.59 -9.88
N VAL B 342 -33.35 2.94 -9.33
CA VAL B 342 -32.82 2.31 -8.13
C VAL B 342 -32.54 3.30 -7.01
N GLY B 343 -32.78 4.59 -7.23
CA GLY B 343 -32.60 5.57 -6.16
C GLY B 343 -33.52 6.75 -6.35
N LYS B 344 -33.96 7.33 -5.24
CA LYS B 344 -34.85 8.47 -5.26
C LYS B 344 -34.32 9.56 -4.34
N TRP B 345 -34.56 10.81 -4.73
CA TRP B 345 -34.19 11.98 -3.92
C TRP B 345 -35.31 13.00 -4.02
N LYS B 346 -35.96 13.26 -2.88
CA LYS B 346 -37.08 14.20 -2.85
C LYS B 346 -37.30 14.65 -1.41
N ASP B 347 -37.70 15.91 -1.26
CA ASP B 347 -37.96 16.52 0.04
C ASP B 347 -36.79 16.27 1.00
N LYS B 348 -35.61 16.70 0.56
CA LYS B 348 -34.33 16.54 1.26
C LYS B 348 -34.12 15.13 1.80
N SER B 349 -34.77 14.13 1.22
CA SER B 349 -34.65 12.74 1.65
C SER B 349 -34.12 11.90 0.50
N LEU B 350 -33.14 11.05 0.81
CA LEU B 350 -32.51 10.17 -0.17
C LEU B 350 -32.81 8.73 0.20
N GLN B 351 -33.38 7.98 -0.75
CA GLN B 351 -33.78 6.60 -0.51
C GLN B 351 -33.16 5.70 -1.57
N MET B 352 -32.58 4.60 -1.13
CA MET B 352 -31.97 3.61 -2.01
C MET B 352 -32.89 2.40 -2.14
N LYS B 353 -33.09 1.95 -3.38
CA LYS B 353 -33.89 0.75 -3.60
C LYS B 353 -33.26 -0.47 -2.96
N TYR B 354 -31.94 -0.48 -2.81
CA TYR B 354 -31.22 -1.56 -2.16
C TYR B 354 -30.46 -0.98 -0.97
N TYR B 355 -30.80 -1.43 0.24
CA TYR B 355 -30.06 -0.99 1.41
C TYR B 355 -28.60 -1.44 1.33
N VAL B 356 -28.38 -2.73 1.09
CA VAL B 356 -27.05 -3.20 0.76
C VAL B 356 -26.69 -2.71 -0.64
N TRP B 357 -25.41 -2.46 -0.86
CA TRP B 357 -24.95 -1.98 -2.15
C TRP B 357 -25.31 -2.99 -3.23
N PRO B 358 -26.03 -2.60 -4.29
CA PRO B 358 -26.43 -3.56 -5.32
C PRO B 358 -25.22 -4.19 -5.99
N ARG B 359 -25.38 -5.46 -6.35
CA ARG B 359 -24.28 -6.24 -6.92
C ARG B 359 -24.22 -6.01 -8.42
N MET B 360 -23.41 -5.04 -8.84
CA MET B 360 -23.18 -4.78 -10.25
C MET B 360 -22.01 -5.62 -10.76
N CYS B 361 -22.19 -6.93 -10.66
CA CYS B 361 -21.19 -7.86 -11.17
C CYS B 361 -21.15 -7.78 -12.69
N PRO B 362 -20.00 -7.54 -13.30
CA PRO B 362 -19.93 -7.38 -14.75
C PRO B 362 -20.00 -8.74 -15.45
N GLU B 363 -19.96 -8.70 -16.78
CA GLU B 363 -19.98 -9.90 -17.60
C GLU B 363 -18.56 -10.45 -17.77
N THR B 364 -17.97 -10.83 -16.64
CA THR B 364 -16.61 -11.35 -16.59
C THR B 364 -16.63 -12.78 -16.07
N GLU B 365 -15.57 -13.53 -16.42
CA GLU B 365 -15.45 -14.90 -15.97
C GLU B 365 -15.13 -14.93 -14.47
N GLU B 366 -15.03 -16.16 -13.93
CA GLU B 366 -14.76 -16.42 -12.52
C GLU B 366 -15.92 -15.98 -11.64
N GLN B 367 -16.08 -14.66 -11.45
CA GLN B 367 -17.12 -14.10 -10.60
C GLN B 367 -17.01 -14.63 -9.18
N GLU B 368 -15.77 -14.79 -8.70
CA GLU B 368 -15.55 -15.21 -7.33
C GLU B 368 -16.05 -14.15 -6.37
N ASP B 369 -16.75 -14.60 -5.32
CA ASP B 369 -17.34 -13.68 -4.34
C ASP B 369 -16.24 -13.22 -3.39
N ASP B 370 -15.52 -12.19 -3.81
CA ASP B 370 -14.52 -11.58 -2.93
C ASP B 370 -15.17 -10.97 -1.70
N HIS B 371 -16.43 -10.56 -1.81
CA HIS B 371 -17.19 -10.01 -0.69
C HIS B 371 -17.96 -11.16 -0.03
N LEU B 372 -17.26 -11.87 0.86
CA LEU B 372 -17.85 -13.03 1.51
C LEU B 372 -18.96 -12.61 2.47
N SER B 373 -20.04 -13.40 2.48
CA SER B 373 -21.15 -13.14 3.38
C SER B 373 -20.78 -13.60 4.79
N ILE B 374 -20.81 -12.67 5.73
CA ILE B 374 -20.36 -12.91 7.10
C ILE B 374 -21.49 -12.55 8.06
N VAL B 375 -21.81 -13.48 8.97
CA VAL B 375 -22.82 -13.25 9.99
C VAL B 375 -22.17 -13.43 11.35
N THR B 376 -22.70 -12.71 12.34
CA THR B 376 -22.11 -12.70 13.67
C THR B 376 -23.21 -12.39 14.68
N LEU B 377 -23.04 -12.92 15.90
CA LEU B 377 -23.95 -12.69 17.00
C LEU B 377 -23.30 -11.78 18.03
N GLU B 378 -24.09 -10.84 18.56
CA GLU B 378 -23.60 -9.87 19.54
C GLU B 378 -23.10 -10.54 20.81
N GLU B 379 -21.79 -10.44 21.06
CA GLU B 379 -21.20 -11.00 22.29
C GLU B 379 -19.96 -10.18 22.60
N ALA B 380 -20.10 -9.25 23.54
CA ALA B 380 -18.99 -8.39 23.91
C ALA B 380 -17.94 -9.18 24.68
N PRO B 381 -16.66 -8.81 24.54
CA PRO B 381 -16.12 -7.73 23.70
C PRO B 381 -15.71 -8.23 22.33
N PHE B 382 -16.13 -9.42 21.93
CA PHE B 382 -15.90 -9.86 20.55
C PHE B 382 -16.63 -8.95 19.57
N VAL B 383 -17.87 -8.59 19.90
CA VAL B 383 -18.72 -7.77 19.04
C VAL B 383 -19.15 -6.54 19.82
N ILE B 384 -18.92 -5.37 19.26
CA ILE B 384 -19.37 -4.10 19.84
C ILE B 384 -20.05 -3.32 18.72
N VAL B 385 -21.37 -3.27 18.74
CA VAL B 385 -22.16 -2.58 17.73
C VAL B 385 -22.73 -1.31 18.33
N GLU B 386 -22.61 -0.20 17.60
CA GLU B 386 -23.11 1.09 18.04
C GLU B 386 -23.79 1.78 16.87
N SER B 387 -24.63 2.74 17.20
CA SER B 387 -25.35 3.50 16.18
C SER B 387 -24.40 4.39 15.40
N VAL B 388 -24.61 4.44 14.07
CA VAL B 388 -23.78 5.28 13.22
C VAL B 388 -24.08 6.74 13.51
N ASP B 389 -23.03 7.54 13.70
CA ASP B 389 -23.16 8.97 13.97
C ASP B 389 -23.86 9.65 12.80
N PRO B 390 -25.09 10.15 13.00
CA PRO B 390 -25.80 10.78 11.87
C PRO B 390 -25.13 12.01 11.32
N LEU B 391 -24.44 12.79 12.16
CA LEU B 391 -23.79 14.00 11.69
C LEU B 391 -22.64 13.70 10.74
N SER B 392 -21.88 12.65 11.03
CA SER B 392 -20.72 12.30 10.22
C SER B 392 -21.05 11.32 9.10
N GLY B 393 -22.24 10.73 9.12
CA GLY B 393 -22.61 9.75 8.11
C GLY B 393 -22.09 8.37 8.42
N THR B 394 -20.94 8.29 9.07
CA THR B 394 -20.34 7.02 9.46
C THR B 394 -19.80 7.17 10.88
N CYS B 395 -19.05 6.16 11.31
CA CYS B 395 -18.30 6.20 12.56
C CYS B 395 -16.82 6.31 12.23
N MET B 396 -15.97 6.25 13.25
CA MET B 396 -14.54 6.36 13.03
C MET B 396 -14.03 5.16 12.22
N ARG B 397 -12.82 5.32 11.66
CA ARG B 397 -12.38 4.47 10.55
C ARG B 397 -12.27 3.00 10.94
N ASN B 398 -11.87 2.70 12.17
CA ASN B 398 -11.71 1.30 12.56
C ASN B 398 -13.03 0.55 12.63
N THR B 399 -14.15 1.25 12.81
CA THR B 399 -15.44 0.58 12.80
C THR B 399 -15.81 0.16 11.38
N VAL B 400 -16.64 -0.87 11.29
CA VAL B 400 -17.11 -1.38 9.99
C VAL B 400 -18.63 -1.36 10.01
N PRO B 401 -19.28 -0.98 8.91
CA PRO B 401 -20.74 -1.07 8.86
C PRO B 401 -21.21 -2.52 8.83
N CYS B 402 -22.15 -2.83 9.71
CA CYS B 402 -22.77 -4.14 9.77
C CYS B 402 -24.29 -3.98 9.86
N GLN B 403 -25.00 -5.00 9.37
CA GLN B 403 -26.43 -4.92 9.10
C GLN B 403 -27.23 -5.61 10.19
N LYS B 404 -28.13 -4.86 10.80
CA LYS B 404 -29.19 -5.46 11.61
C LYS B 404 -30.18 -6.14 10.68
N ARG B 405 -30.55 -7.37 11.02
CA ARG B 405 -31.26 -8.28 10.14
C ARG B 405 -32.67 -7.78 9.82
N ILE B 406 -33.32 -8.48 8.91
CA ILE B 406 -34.64 -8.11 8.42
C ILE B 406 -35.65 -9.00 9.15
N ILE B 407 -36.12 -8.52 10.30
CA ILE B 407 -37.13 -9.22 11.10
C ILE B 407 -38.00 -8.20 11.79
N SER B 408 -39.32 -8.33 11.63
CA SER B 408 -40.28 -7.54 12.39
C SER B 408 -41.59 -8.33 12.42
N GLU B 409 -41.86 -8.95 13.56
CA GLU B 409 -43.09 -9.74 13.72
C GLU B 409 -44.34 -8.87 13.75
N ASN B 410 -44.20 -7.56 13.93
CA ASN B 410 -45.35 -6.67 13.90
C ASN B 410 -46.02 -6.68 12.52
N LYS B 411 -45.21 -6.65 11.47
CA LYS B 411 -45.70 -6.70 10.08
C LYS B 411 -44.73 -7.56 9.28
N THR B 412 -45.02 -8.86 9.19
CA THR B 412 -44.19 -9.77 8.42
C THR B 412 -44.42 -9.65 6.92
N ASP B 413 -45.53 -9.04 6.50
CA ASP B 413 -45.79 -8.86 5.08
C ASP B 413 -44.80 -7.88 4.45
N GLU B 414 -44.30 -6.91 5.22
CA GLU B 414 -43.29 -5.98 4.77
C GLU B 414 -41.97 -6.32 5.42
N GLU B 415 -40.91 -6.45 4.62
CA GLU B 415 -39.60 -6.84 5.13
C GLU B 415 -38.86 -5.59 5.59
N PRO B 416 -38.57 -5.46 6.89
CA PRO B 416 -37.83 -4.29 7.39
C PRO B 416 -36.36 -4.39 7.05
N GLY B 417 -35.91 -3.59 6.08
CA GLY B 417 -34.55 -3.64 5.59
C GLY B 417 -33.49 -3.60 6.66
N TYR B 418 -32.33 -4.18 6.36
CA TYR B 418 -31.19 -4.21 7.27
C TYR B 418 -30.85 -2.81 7.75
N ILE B 419 -30.26 -2.67 8.93
CA ILE B 419 -29.93 -1.37 9.48
C ILE B 419 -28.43 -1.28 9.66
N LYS B 420 -27.81 -0.27 9.03
CA LYS B 420 -26.37 -0.12 9.08
C LYS B 420 -25.95 0.51 10.40
N LYS B 421 -25.08 -0.18 11.12
CA LYS B 421 -24.52 0.32 12.39
C LYS B 421 -23.03 0.07 12.40
N CYS B 422 -22.29 0.93 13.09
CA CYS B 422 -20.84 0.83 13.11
C CYS B 422 -20.43 -0.11 14.23
N CYS B 423 -19.66 -1.15 13.89
CA CYS B 423 -19.27 -2.17 14.84
C CYS B 423 -17.78 -2.47 14.77
N LYS B 424 -17.22 -2.80 15.94
CA LYS B 424 -15.81 -3.07 16.11
C LYS B 424 -15.64 -4.30 16.98
N GLY B 425 -14.46 -4.91 16.88
CA GLY B 425 -14.15 -6.08 17.69
C GLY B 425 -12.82 -6.72 17.35
N PHE B 426 -12.33 -7.60 18.24
CA PHE B 426 -11.11 -8.35 17.98
C PHE B 426 -11.27 -9.24 16.76
N CYS B 427 -12.41 -9.95 16.69
CA CYS B 427 -12.67 -10.75 15.50
C CYS B 427 -12.65 -9.88 14.26
N ILE B 428 -13.30 -8.72 14.30
CA ILE B 428 -13.28 -7.83 13.15
C ILE B 428 -11.85 -7.41 12.83
N ASP B 429 -11.00 -7.30 13.85
CA ASP B 429 -9.60 -6.97 13.60
C ASP B 429 -8.93 -8.10 12.82
N ILE B 430 -9.16 -9.34 13.24
CA ILE B 430 -8.63 -10.50 12.51
C ILE B 430 -9.15 -10.50 11.09
N LEU B 431 -10.43 -10.16 10.91
CA LEU B 431 -11.03 -10.17 9.59
C LEU B 431 -10.40 -9.13 8.68
N LYS B 432 -10.14 -7.93 9.20
CA LYS B 432 -9.54 -6.91 8.33
C LYS B 432 -8.08 -7.25 8.04
N LYS B 433 -7.39 -7.87 8.99
CA LYS B 433 -6.02 -8.30 8.73
C LYS B 433 -5.98 -9.37 7.63
N ILE B 434 -6.85 -10.37 7.72
CA ILE B 434 -6.84 -11.41 6.70
C ILE B 434 -7.35 -10.86 5.37
N SER B 435 -8.23 -9.87 5.40
CA SER B 435 -8.72 -9.26 4.17
C SER B 435 -7.61 -8.47 3.47
N LYS B 436 -6.78 -7.78 4.25
CA LYS B 436 -5.65 -7.07 3.67
C LYS B 436 -4.53 -8.01 3.25
N SER B 437 -4.45 -9.20 3.86
CA SER B 437 -3.40 -10.14 3.48
C SER B 437 -3.78 -10.93 2.24
N VAL B 438 -5.04 -11.39 2.15
CA VAL B 438 -5.50 -12.19 1.01
C VAL B 438 -6.07 -11.33 -0.10
N LYS B 439 -6.28 -10.03 0.15
CA LYS B 439 -6.83 -9.09 -0.84
C LYS B 439 -8.26 -9.46 -1.22
N PHE B 440 -9.11 -9.61 -0.21
CA PHE B 440 -10.54 -9.84 -0.41
C PHE B 440 -11.31 -9.01 0.61
N THR B 441 -12.63 -9.09 0.55
CA THR B 441 -13.48 -8.26 1.41
C THR B 441 -14.57 -9.09 2.07
N TYR B 442 -15.53 -8.44 2.71
CA TYR B 442 -16.59 -9.15 3.41
C TYR B 442 -17.74 -8.19 3.71
N ASP B 443 -18.95 -8.76 3.79
CA ASP B 443 -20.13 -8.04 4.23
C ASP B 443 -20.58 -8.57 5.57
N LEU B 444 -20.97 -7.67 6.47
CA LEU B 444 -21.33 -8.03 7.84
C LEU B 444 -22.82 -7.84 8.05
N TYR B 445 -23.46 -8.85 8.64
CA TYR B 445 -24.86 -8.75 9.01
C TYR B 445 -25.08 -9.56 10.29
N LEU B 446 -26.30 -9.47 10.81
CA LEU B 446 -26.63 -10.03 12.12
C LEU B 446 -27.43 -11.31 11.97
N VAL B 447 -27.21 -12.23 12.92
CA VAL B 447 -27.93 -13.49 12.94
C VAL B 447 -29.42 -13.23 13.21
N THR B 448 -30.27 -14.00 12.54
CA THR B 448 -31.71 -13.75 12.61
C THR B 448 -32.26 -14.03 14.00
N ASN B 449 -31.94 -15.20 14.56
CA ASN B 449 -32.52 -15.64 15.82
C ASN B 449 -31.66 -15.31 17.03
N GLY B 450 -30.52 -14.65 16.84
CA GLY B 450 -29.67 -14.29 17.96
C GLY B 450 -29.07 -15.48 18.69
N LYS B 451 -28.75 -16.55 17.96
CA LYS B 451 -28.19 -17.74 18.57
C LYS B 451 -27.02 -18.23 17.72
N HIS B 452 -26.06 -18.88 18.37
CA HIS B 452 -24.93 -19.46 17.64
C HIS B 452 -25.40 -20.57 16.72
N GLY B 453 -26.28 -21.43 17.20
CA GLY B 453 -26.79 -22.53 16.39
C GLY B 453 -27.07 -23.78 17.19
N LYS B 454 -28.14 -24.49 16.81
CA LYS B 454 -28.53 -25.72 17.48
C LYS B 454 -29.25 -26.61 16.49
N LYS B 455 -29.07 -27.92 16.65
CA LYS B 455 -29.68 -28.91 15.76
C LYS B 455 -31.12 -29.14 16.22
N ILE B 456 -32.03 -28.31 15.72
CA ILE B 456 -33.45 -28.43 16.05
C ILE B 456 -34.03 -29.53 15.16
N ASN B 457 -34.12 -30.74 15.72
CA ASN B 457 -34.67 -31.90 15.01
C ASN B 457 -33.93 -32.12 13.68
N GLY B 458 -32.60 -32.05 13.74
CA GLY B 458 -31.76 -32.26 12.59
C GLY B 458 -31.46 -31.01 11.79
N THR B 459 -32.38 -30.05 11.76
CA THR B 459 -32.19 -28.83 11.01
C THR B 459 -31.44 -27.81 11.86
N TRP B 460 -30.35 -27.28 11.31
CA TRP B 460 -29.55 -26.29 12.03
C TRP B 460 -30.12 -24.90 11.84
N ASN B 461 -30.01 -24.09 12.89
CA ASN B 461 -30.48 -22.72 12.87
C ASN B 461 -29.35 -21.79 13.32
N GLY B 462 -29.64 -20.50 13.40
CA GLY B 462 -28.63 -19.55 13.81
C GLY B 462 -27.51 -19.43 12.78
N MET B 463 -26.31 -19.12 13.27
CA MET B 463 -25.16 -19.03 12.39
C MET B 463 -24.87 -20.36 11.72
N ILE B 464 -24.95 -21.45 12.47
CA ILE B 464 -24.73 -22.77 11.88
C ILE B 464 -25.77 -23.05 10.81
N GLY B 465 -27.03 -22.66 11.06
CA GLY B 465 -28.04 -22.81 10.03
C GLY B 465 -27.76 -22.00 8.79
N GLU B 466 -27.29 -20.76 8.95
CA GLU B 466 -26.94 -19.95 7.80
C GLU B 466 -25.80 -20.57 7.00
N VAL B 467 -24.80 -21.11 7.69
CA VAL B 467 -23.68 -21.74 6.99
C VAL B 467 -24.13 -23.00 6.27
N VAL B 468 -24.99 -23.80 6.91
CA VAL B 468 -25.46 -25.04 6.30
C VAL B 468 -26.25 -24.74 5.03
N MET B 469 -27.14 -23.75 5.10
CA MET B 469 -27.96 -23.38 3.96
C MET B 469 -27.23 -22.45 2.99
N LYS B 470 -25.92 -22.27 3.17
CA LYS B 470 -25.06 -21.45 2.31
C LYS B 470 -25.46 -19.98 2.30
N ARG B 471 -26.36 -19.56 3.19
CA ARG B 471 -26.69 -18.15 3.30
C ARG B 471 -25.48 -17.35 3.77
N ALA B 472 -24.73 -17.90 4.73
CA ALA B 472 -23.48 -17.32 5.20
C ALA B 472 -22.35 -18.22 4.73
N TYR B 473 -21.50 -17.69 3.85
CA TYR B 473 -20.41 -18.47 3.29
C TYR B 473 -19.38 -18.82 4.36
N MET B 474 -18.76 -17.80 4.94
CA MET B 474 -17.81 -17.97 6.03
C MET B 474 -18.43 -17.49 7.32
N ALA B 475 -17.97 -18.06 8.44
CA ALA B 475 -18.51 -17.79 9.76
C ALA B 475 -17.53 -16.98 10.59
N VAL B 476 -18.07 -16.04 11.39
CA VAL B 476 -17.26 -15.23 12.28
C VAL B 476 -18.02 -15.08 13.59
N GLY B 477 -17.38 -15.45 14.70
CA GLY B 477 -17.99 -15.34 16.01
C GLY B 477 -17.24 -16.15 17.05
N SER B 478 -17.51 -15.88 18.33
CA SER B 478 -16.87 -16.61 19.41
C SER B 478 -17.65 -17.89 19.69
N LEU B 479 -17.52 -18.83 18.77
CA LEU B 479 -18.15 -20.14 18.89
C LEU B 479 -17.09 -21.22 19.01
N THR B 480 -17.26 -22.11 19.98
CA THR B 480 -16.29 -23.16 20.25
C THR B 480 -16.41 -24.26 19.20
N ILE B 481 -15.68 -25.36 19.40
CA ILE B 481 -15.65 -26.47 18.45
C ILE B 481 -16.48 -27.61 19.03
N ASN B 482 -17.47 -28.06 18.27
CA ASN B 482 -18.34 -29.15 18.66
C ASN B 482 -18.36 -30.22 17.57
N GLU B 483 -18.58 -31.46 17.98
CA GLU B 483 -18.59 -32.56 17.02
C GLU B 483 -19.78 -32.47 16.08
N GLU B 484 -20.93 -32.05 16.58
CA GLU B 484 -22.12 -31.93 15.73
C GLU B 484 -21.88 -30.91 14.63
N ARG B 485 -21.26 -29.77 14.97
CA ARG B 485 -20.92 -28.79 13.95
C ARG B 485 -19.81 -29.32 13.05
N SER B 486 -18.90 -30.13 13.60
CA SER B 486 -17.80 -30.66 12.79
C SER B 486 -18.31 -31.51 11.63
N GLU B 487 -19.44 -32.19 11.81
CA GLU B 487 -19.98 -33.03 10.75
C GLU B 487 -20.67 -32.23 9.67
N VAL B 488 -21.03 -30.98 9.94
CA VAL B 488 -21.77 -30.17 8.97
C VAL B 488 -20.96 -29.00 8.42
N VAL B 489 -19.90 -28.57 9.11
CA VAL B 489 -19.04 -27.50 8.66
C VAL B 489 -17.59 -27.92 8.88
N ASP B 490 -16.66 -27.09 8.43
CA ASP B 490 -15.24 -27.34 8.56
C ASP B 490 -14.67 -26.35 9.59
N PHE B 491 -14.15 -26.88 10.69
CA PHE B 491 -13.59 -26.03 11.73
C PHE B 491 -12.17 -25.63 11.35
N SER B 492 -11.90 -24.33 11.37
CA SER B 492 -10.59 -23.82 11.01
C SER B 492 -9.64 -23.91 12.20
N VAL B 493 -8.42 -23.42 12.02
CA VAL B 493 -7.45 -23.39 13.12
C VAL B 493 -7.88 -22.34 14.14
N PRO B 494 -8.02 -22.69 15.41
CA PRO B 494 -8.45 -21.69 16.39
C PRO B 494 -7.38 -20.63 16.62
N PHE B 495 -7.84 -19.43 17.00
CA PHE B 495 -6.95 -18.32 17.28
C PHE B 495 -6.76 -18.05 18.77
N ILE B 496 -7.59 -18.64 19.63
CA ILE B 496 -7.45 -18.50 21.07
C ILE B 496 -8.03 -19.75 21.72
N GLU B 497 -7.60 -20.02 22.95
CA GLU B 497 -7.97 -21.23 23.65
C GLU B 497 -8.99 -20.96 24.74
N THR B 498 -9.71 -22.01 25.12
CA THR B 498 -10.73 -21.95 26.16
C THR B 498 -11.04 -23.39 26.58
N GLY B 499 -11.95 -23.53 27.54
CA GLY B 499 -12.33 -24.85 28.00
C GLY B 499 -13.09 -24.77 29.31
N ILE B 500 -13.16 -25.92 29.98
CA ILE B 500 -13.88 -26.04 31.25
C ILE B 500 -13.01 -25.41 32.34
N SER B 501 -13.27 -24.15 32.65
CA SER B 501 -12.49 -23.40 33.63
C SER B 501 -13.34 -23.09 34.86
N VAL B 502 -12.66 -22.90 35.98
CA VAL B 502 -13.30 -22.58 37.25
C VAL B 502 -12.69 -21.29 37.78
N MET B 503 -13.55 -20.38 38.22
CA MET B 503 -13.14 -19.11 38.78
C MET B 503 -13.59 -19.04 40.24
N VAL B 504 -12.71 -18.52 41.10
CA VAL B 504 -12.96 -18.40 42.52
C VAL B 504 -12.62 -16.99 42.97
N SER B 505 -13.28 -16.54 44.02
CA SER B 505 -12.96 -15.24 44.61
C SER B 505 -11.49 -15.19 45.01
N ARG B 506 -10.85 -14.07 44.73
CA ARG B 506 -9.44 -13.90 45.10
C ARG B 506 -9.27 -13.96 46.62
N SER B 507 -10.19 -13.33 47.36
CA SER B 507 -10.21 -13.37 48.82
C SER B 507 -8.92 -12.80 49.42
N ASN B 508 -8.70 -13.06 50.71
CA ASN B 508 -7.52 -12.57 51.40
C ASN B 508 -6.85 -13.73 52.12
N GLY B 509 -5.53 -13.64 52.27
CA GLY B 509 -4.74 -14.69 52.87
C GLY B 509 -4.81 -14.68 54.38
N THR B 510 -3.89 -15.44 54.98
CA THR B 510 -3.84 -15.58 56.43
C THR B 510 -2.38 -15.74 56.85
N VAL B 511 -2.16 -15.82 58.16
CA VAL B 511 -0.83 -15.93 58.74
C VAL B 511 -0.64 -17.33 59.29
N SER B 512 0.55 -17.89 59.06
CA SER B 512 0.84 -19.23 59.56
C SER B 512 0.87 -19.23 61.08
N PRO B 513 0.17 -20.17 61.73
CA PRO B 513 0.18 -20.19 63.20
C PRO B 513 1.55 -20.43 63.79
N SER B 514 2.40 -21.22 63.13
CA SER B 514 3.73 -21.54 63.63
C SER B 514 4.81 -20.65 63.01
N ALA B 515 4.43 -19.49 62.49
CA ALA B 515 5.41 -18.61 61.85
C ALA B 515 6.36 -17.97 62.85
N PHE B 516 6.04 -18.02 64.14
CA PHE B 516 6.91 -17.38 65.13
C PHE B 516 8.26 -18.08 65.26
N LEU B 517 8.30 -19.39 65.03
CA LEU B 517 9.55 -20.13 65.04
C LEU B 517 10.21 -20.19 63.67
N GLU B 518 9.57 -19.61 62.65
CA GLU B 518 10.20 -19.56 61.34
C GLU B 518 11.53 -18.82 61.31
N PRO B 519 11.72 -17.68 62.00
CA PRO B 519 13.03 -17.00 61.93
C PRO B 519 14.20 -17.84 62.40
N PHE B 520 14.01 -18.68 63.42
CA PHE B 520 15.11 -19.38 64.06
C PHE B 520 14.78 -20.85 64.20
N SER B 521 15.72 -21.70 63.76
CA SER B 521 15.55 -23.15 63.85
C SER B 521 15.90 -23.61 65.28
N ALA B 522 16.06 -24.92 65.46
CA ALA B 522 16.45 -25.46 66.75
C ALA B 522 17.87 -25.04 67.14
N ASP B 523 18.63 -24.47 66.21
CA ASP B 523 19.97 -23.99 66.54
C ASP B 523 19.93 -23.01 67.70
N VAL B 524 18.96 -22.09 67.72
CA VAL B 524 18.90 -21.12 68.80
C VAL B 524 18.58 -21.80 70.12
N TRP B 525 17.73 -22.83 70.09
CA TRP B 525 17.42 -23.57 71.31
C TRP B 525 18.67 -24.24 71.88
N VAL B 526 19.38 -25.00 71.04
CA VAL B 526 20.55 -25.71 71.55
C VAL B 526 21.62 -24.73 71.98
N MET B 527 21.78 -23.62 71.25
CA MET B 527 22.82 -22.67 71.61
C MET B 527 22.50 -21.98 72.93
N MET B 528 21.24 -21.55 73.11
CA MET B 528 20.91 -20.88 74.36
C MET B 528 21.09 -21.83 75.53
N PHE B 529 20.73 -23.11 75.35
CA PHE B 529 20.90 -24.05 76.45
C PHE B 529 22.38 -24.27 76.77
N VAL B 530 23.22 -24.46 75.75
CA VAL B 530 24.62 -24.76 76.02
C VAL B 530 25.34 -23.55 76.60
N MET B 531 25.04 -22.35 76.08
CA MET B 531 25.65 -21.15 76.66
C MET B 531 25.16 -20.92 78.08
N LEU B 532 23.87 -21.19 78.34
CA LEU B 532 23.36 -21.07 79.70
C LEU B 532 24.14 -21.99 80.64
N LEU B 533 24.32 -23.24 80.26
CA LEU B 533 25.01 -24.18 81.15
C LEU B 533 26.47 -23.79 81.34
N ILE B 534 27.17 -23.39 80.27
CA ILE B 534 28.58 -23.07 80.42
C ILE B 534 28.77 -21.82 81.28
N VAL B 535 27.95 -20.79 81.06
CA VAL B 535 28.15 -19.58 81.85
C VAL B 535 27.66 -19.77 83.27
N SER B 536 26.68 -20.65 83.50
CA SER B 536 26.28 -20.95 84.88
C SER B 536 27.41 -21.68 85.60
N ALA B 537 28.06 -22.63 84.93
CA ALA B 537 29.22 -23.29 85.52
C ALA B 537 30.32 -22.29 85.84
N VAL B 538 30.60 -21.36 84.91
CA VAL B 538 31.65 -20.38 85.16
C VAL B 538 31.29 -19.48 86.33
N ALA B 539 30.03 -19.04 86.39
CA ALA B 539 29.60 -18.15 87.46
C ALA B 539 29.67 -18.82 88.81
N VAL B 540 29.23 -20.08 88.89
CA VAL B 540 29.28 -20.77 90.19
C VAL B 540 30.73 -21.06 90.56
N PHE B 541 31.60 -21.33 89.59
CA PHE B 541 33.01 -21.52 89.90
C PHE B 541 33.64 -20.23 90.42
N VAL B 542 33.26 -19.09 89.84
CA VAL B 542 33.74 -17.81 90.32
C VAL B 542 33.25 -17.55 91.73
N PHE B 543 31.97 -17.82 91.99
CA PHE B 543 31.42 -17.64 93.33
C PHE B 543 32.08 -18.57 94.34
N GLU B 544 32.56 -19.73 93.88
CA GLU B 544 33.25 -20.66 94.77
C GLU B 544 34.49 -20.02 95.38
N TYR B 545 35.14 -19.09 94.66
CA TYR B 545 36.31 -18.42 95.18
C TYR B 545 35.97 -17.41 96.27
N PHE B 546 34.69 -17.08 96.45
CA PHE B 546 34.27 -16.14 97.49
C PHE B 546 32.94 -16.56 98.10
N PHE B 566 24.49 -22.28 96.92
CA PHE B 566 23.88 -20.97 97.14
C PHE B 566 23.58 -20.26 95.83
N THR B 567 24.46 -20.46 94.85
CA THR B 567 24.30 -19.87 93.53
C THR B 567 24.04 -20.90 92.44
N ILE B 568 24.39 -22.17 92.68
CA ILE B 568 24.23 -23.21 91.67
C ILE B 568 22.77 -23.41 91.28
N GLY B 569 21.84 -23.03 92.14
CA GLY B 569 20.42 -23.19 91.84
C GLY B 569 19.81 -21.95 91.21
N LYS B 570 20.13 -20.78 91.77
CA LYS B 570 19.60 -19.52 91.24
C LYS B 570 20.29 -19.08 89.96
N ALA B 571 21.37 -19.75 89.56
CA ALA B 571 22.12 -19.32 88.39
C ALA B 571 21.28 -19.38 87.12
N ILE B 572 20.50 -20.45 86.95
CA ILE B 572 19.70 -20.61 85.75
C ILE B 572 18.67 -19.49 85.65
N TRP B 573 17.96 -19.22 86.77
CA TRP B 573 16.97 -18.17 86.79
C TRP B 573 17.60 -16.82 86.48
N LEU B 574 18.70 -16.50 87.17
CA LEU B 574 19.37 -15.22 86.97
C LEU B 574 19.80 -15.05 85.52
N LEU B 575 20.46 -16.06 84.95
CA LEU B 575 21.03 -15.92 83.63
C LEU B 575 19.97 -15.88 82.55
N TRP B 576 18.91 -16.68 82.68
CA TRP B 576 17.86 -16.61 81.67
C TRP B 576 17.10 -15.29 81.78
N GLY B 577 16.90 -14.78 83.01
CA GLY B 577 16.36 -13.44 83.15
C GLY B 577 17.23 -12.40 82.49
N LEU B 578 18.55 -12.61 82.53
CA LEU B 578 19.47 -11.67 81.89
C LEU B 578 19.36 -11.73 80.37
N VAL B 579 19.39 -12.95 79.80
CA VAL B 579 19.32 -13.07 78.34
C VAL B 579 17.92 -12.91 77.78
N PHE B 580 16.91 -12.77 78.63
CA PHE B 580 15.53 -12.85 78.15
C PHE B 580 14.78 -11.54 78.32
N ASN B 581 14.64 -11.06 79.55
CA ASN B 581 13.93 -9.83 79.85
C ASN B 581 14.08 -9.56 81.33
N ASN B 582 14.24 -8.29 81.68
CA ASN B 582 14.36 -7.91 83.09
C ASN B 582 12.97 -7.62 83.67
N SER B 583 12.16 -8.68 83.68
CA SER B 583 10.80 -8.61 84.21
C SER B 583 10.68 -9.07 85.65
N VAL B 584 11.62 -9.87 86.13
CA VAL B 584 11.62 -10.36 87.50
C VAL B 584 12.91 -9.88 88.17
N PRO B 585 12.84 -9.31 89.37
CA PRO B 585 14.08 -8.99 90.09
C PRO B 585 14.86 -10.26 90.41
N VAL B 586 16.17 -10.16 90.35
CA VAL B 586 17.06 -11.30 90.58
C VAL B 586 18.13 -10.90 91.58
N GLN B 587 18.58 -11.87 92.37
CA GLN B 587 19.66 -11.66 93.33
C GLN B 587 20.99 -11.84 92.61
N ASN B 588 21.27 -10.89 91.71
CA ASN B 588 22.44 -10.98 90.85
C ASN B 588 23.79 -10.67 91.50
N PRO B 589 23.91 -9.77 92.52
CA PRO B 589 25.26 -9.33 92.88
C PRO B 589 26.00 -10.36 93.72
N LYS B 590 26.89 -11.11 93.07
CA LYS B 590 27.70 -12.13 93.73
C LYS B 590 28.97 -12.31 92.90
N GLY B 591 30.12 -12.10 93.52
CA GLY B 591 31.35 -12.15 92.75
C GLY B 591 31.38 -11.04 91.72
N THR B 592 31.58 -9.80 92.19
CA THR B 592 31.41 -8.62 91.35
C THR B 592 32.23 -8.67 90.07
N THR B 593 33.27 -9.49 89.99
CA THR B 593 34.05 -9.58 88.76
C THR B 593 33.28 -10.30 87.67
N SER B 594 32.39 -11.22 88.02
CA SER B 594 31.54 -11.90 87.05
C SER B 594 30.45 -10.99 86.49
N LYS B 595 30.30 -9.79 87.04
CA LYS B 595 29.32 -8.86 86.51
C LYS B 595 29.64 -8.47 85.07
N ILE B 596 30.92 -8.47 84.69
CA ILE B 596 31.29 -8.25 83.30
C ILE B 596 30.70 -9.35 82.42
N MET B 597 30.81 -10.60 82.87
CA MET B 597 30.29 -11.71 82.10
C MET B 597 28.77 -11.65 81.99
N VAL B 598 28.09 -11.35 83.10
CA VAL B 598 26.64 -11.28 83.03
C VAL B 598 26.17 -10.07 82.23
N SER B 599 26.99 -9.02 82.15
CA SER B 599 26.62 -7.87 81.32
C SER B 599 26.78 -8.18 79.84
N VAL B 600 27.85 -8.88 79.45
CA VAL B 600 27.93 -9.26 78.05
C VAL B 600 26.85 -10.29 77.73
N TRP B 601 26.45 -11.08 78.72
CA TRP B 601 25.25 -11.92 78.61
C TRP B 601 24.03 -11.08 78.26
N ALA B 602 23.83 -9.98 79.00
CA ALA B 602 22.73 -9.07 78.69
C ALA B 602 22.90 -8.43 77.32
N PHE B 603 24.13 -8.25 76.86
CA PHE B 603 24.36 -7.75 75.51
C PHE B 603 23.88 -8.75 74.47
N PHE B 604 24.18 -10.03 74.68
CA PHE B 604 23.59 -11.07 73.86
C PHE B 604 22.07 -10.95 73.84
N ALA B 605 21.49 -10.70 75.02
CA ALA B 605 20.04 -10.51 75.11
C ALA B 605 19.58 -9.38 74.21
N VAL B 606 20.19 -8.21 74.35
CA VAL B 606 19.70 -7.01 73.68
C VAL B 606 19.96 -7.04 72.18
N ILE B 607 20.86 -7.91 71.71
CA ILE B 607 20.97 -8.08 70.27
C ILE B 607 20.01 -9.16 69.76
N PHE B 608 19.83 -10.23 70.53
CA PHE B 608 19.00 -11.34 70.08
C PHE B 608 17.54 -10.94 70.00
N LEU B 609 17.05 -10.21 71.00
CA LEU B 609 15.64 -9.81 70.97
C LEU B 609 15.38 -8.88 69.80
N ALA B 610 16.31 -7.97 69.53
CA ALA B 610 16.18 -7.07 68.39
C ALA B 610 16.10 -7.86 67.10
N SER B 611 17.03 -8.79 66.90
CA SER B 611 17.03 -9.58 65.68
C SER B 611 15.74 -10.39 65.53
N TYR B 612 15.21 -10.90 66.65
CA TYR B 612 13.95 -11.65 66.58
C TYR B 612 12.80 -10.76 66.16
N THR B 613 12.62 -9.63 66.85
CA THR B 613 11.51 -8.74 66.53
C THR B 613 11.64 -8.17 65.13
N ALA B 614 12.84 -8.17 64.57
CA ALA B 614 13.02 -7.72 63.19
C ALA B 614 12.67 -8.81 62.19
N ASN B 615 13.30 -9.99 62.34
CA ASN B 615 13.12 -11.05 61.36
C ASN B 615 11.69 -11.55 61.34
N LEU B 616 11.07 -11.70 62.51
CA LEU B 616 9.70 -12.17 62.52
C LEU B 616 8.77 -11.18 61.85
N ALA B 617 8.98 -9.89 62.13
CA ALA B 617 8.21 -8.85 61.44
C ALA B 617 8.39 -8.97 59.94
N ALA B 618 9.62 -9.23 59.48
CA ALA B 618 9.86 -9.43 58.06
C ALA B 618 9.04 -10.60 57.54
N PHE B 619 8.99 -11.70 58.30
CA PHE B 619 8.20 -12.86 57.90
C PHE B 619 6.71 -12.56 57.87
N MET B 620 6.26 -11.57 58.61
CA MET B 620 4.85 -11.24 58.72
C MET B 620 4.35 -10.36 57.57
N ILE B 621 5.24 -9.98 56.64
CA ILE B 621 4.85 -9.10 55.55
C ILE B 621 4.51 -9.95 54.33
N GLN B 622 4.07 -11.18 54.57
CA GLN B 622 3.65 -12.04 53.48
C GLN B 622 2.44 -11.46 52.77
N GLU B 623 2.31 -11.82 51.49
CA GLU B 623 1.18 -11.39 50.67
C GLU B 623 0.14 -12.51 50.59
N GLU B 624 -1.08 -12.13 50.26
CA GLU B 624 -2.17 -13.10 50.21
C GLU B 624 -1.91 -14.13 49.11
N TYR B 625 -1.86 -15.41 49.50
CA TYR B 625 -1.55 -16.47 48.56
C TYR B 625 -2.80 -17.13 48.00
N VAL B 626 -3.63 -17.71 48.87
CA VAL B 626 -4.83 -18.45 48.47
C VAL B 626 -4.45 -19.56 47.50
N ASP B 627 -4.26 -20.78 48.02
CA ASP B 627 -3.79 -21.90 47.20
C ASP B 627 -4.75 -22.30 46.10
N GLN B 628 -5.92 -21.66 46.00
CA GLN B 628 -6.96 -21.88 44.99
C GLN B 628 -7.29 -23.37 44.89
N VAL B 629 -7.77 -23.80 43.73
CA VAL B 629 -8.07 -25.21 43.47
C VAL B 629 -7.10 -25.70 42.42
N SER B 630 -6.50 -26.86 42.66
CA SER B 630 -5.52 -27.39 41.73
C SER B 630 -6.12 -27.65 40.36
N GLY B 631 -7.35 -28.15 40.32
CA GLY B 631 -8.01 -28.41 39.06
C GLY B 631 -9.40 -28.96 39.30
N LEU B 632 -10.07 -29.28 38.19
CA LEU B 632 -11.42 -29.84 38.28
C LEU B 632 -11.41 -31.17 39.02
N SER B 633 -10.34 -31.95 38.86
CA SER B 633 -10.20 -33.24 39.52
C SER B 633 -9.60 -33.14 40.92
N ASP B 634 -9.68 -31.97 41.55
CA ASP B 634 -9.17 -31.81 42.90
C ASP B 634 -9.99 -32.66 43.87
N LYS B 635 -9.28 -33.37 44.76
CA LYS B 635 -9.94 -34.27 45.70
C LYS B 635 -11.03 -33.56 46.49
N LYS B 636 -10.80 -32.30 46.85
CA LYS B 636 -11.84 -31.54 47.54
C LYS B 636 -13.06 -31.35 46.67
N PHE B 637 -12.86 -31.13 45.37
CA PHE B 637 -13.96 -30.85 44.46
C PHE B 637 -14.94 -32.02 44.37
N GLN B 638 -14.42 -33.25 44.31
CA GLN B 638 -15.30 -34.40 44.10
C GLN B 638 -16.21 -34.63 45.30
N ARG B 639 -15.70 -34.48 46.51
CA ARG B 639 -16.46 -34.71 47.73
C ARG B 639 -16.33 -33.50 48.65
N PRO B 640 -16.99 -32.39 48.30
CA PRO B 640 -16.94 -31.22 49.19
C PRO B 640 -17.69 -31.41 50.48
N ASN B 641 -18.63 -32.35 50.53
CA ASN B 641 -19.39 -32.59 51.76
C ASN B 641 -18.52 -33.08 52.91
N ASP B 642 -17.36 -33.65 52.60
CA ASP B 642 -16.44 -34.07 53.64
C ASP B 642 -15.78 -32.89 54.36
N PHE B 643 -15.94 -31.68 53.84
CA PHE B 643 -15.34 -30.49 54.42
C PHE B 643 -16.43 -29.57 54.94
N SER B 644 -16.14 -28.88 56.03
CA SER B 644 -17.09 -27.97 56.66
C SER B 644 -16.62 -26.53 56.48
N PRO B 645 -17.37 -25.69 55.75
CA PRO B 645 -18.62 -25.99 55.03
C PRO B 645 -18.35 -26.64 53.67
N PRO B 646 -19.32 -27.34 53.10
CA PRO B 646 -19.13 -27.94 51.78
C PRO B 646 -18.96 -26.86 50.72
N PHE B 647 -17.96 -27.07 49.84
CA PHE B 647 -17.68 -26.11 48.79
C PHE B 647 -18.76 -26.15 47.72
N ARG B 648 -19.33 -24.99 47.41
CA ARG B 648 -20.50 -24.89 46.54
C ARG B 648 -20.09 -24.28 45.20
N PHE B 649 -20.41 -24.99 44.12
CA PHE B 649 -20.15 -24.51 42.77
C PHE B 649 -21.39 -24.76 41.91
N GLY B 650 -21.56 -23.92 40.90
CA GLY B 650 -22.72 -24.05 40.02
C GLY B 650 -22.58 -23.16 38.80
N THR B 651 -23.53 -23.31 37.89
CA THR B 651 -23.55 -22.55 36.65
C THR B 651 -24.95 -22.62 36.06
N VAL B 652 -25.14 -21.91 34.95
CA VAL B 652 -26.44 -21.91 34.26
C VAL B 652 -26.63 -23.26 33.56
N PRO B 653 -27.82 -23.86 33.63
CA PRO B 653 -28.04 -25.12 32.91
C PRO B 653 -28.16 -24.94 31.40
N ASN B 654 -28.49 -26.02 30.70
CA ASN B 654 -28.62 -26.03 29.24
C ASN B 654 -27.32 -25.62 28.55
N GLY B 655 -26.18 -25.96 29.15
CA GLY B 655 -24.89 -25.59 28.62
C GLY B 655 -24.09 -26.81 28.19
N SER B 656 -23.19 -26.61 27.22
CA SER B 656 -22.32 -27.68 26.78
C SER B 656 -21.43 -28.16 27.92
N THR B 657 -21.07 -27.27 28.84
CA THR B 657 -20.33 -27.69 30.03
C THR B 657 -21.16 -28.67 30.84
N GLU B 658 -22.46 -28.39 31.00
CA GLU B 658 -23.33 -29.33 31.71
C GLU B 658 -23.45 -30.63 30.95
N ARG B 659 -23.45 -30.57 29.61
CA ARG B 659 -23.51 -31.80 28.83
C ARG B 659 -22.28 -32.66 29.09
N ASN B 660 -21.10 -32.05 29.08
CA ASN B 660 -19.87 -32.80 29.34
C ASN B 660 -19.87 -33.35 30.76
N ILE B 661 -20.32 -32.56 31.73
CA ILE B 661 -20.32 -33.02 33.12
C ILE B 661 -21.31 -34.16 33.31
N ARG B 662 -22.46 -34.08 32.64
CA ARG B 662 -23.42 -35.17 32.70
C ARG B 662 -22.88 -36.42 32.04
N ASN B 663 -22.12 -36.27 30.96
CA ASN B 663 -21.54 -37.40 30.27
C ASN B 663 -20.37 -38.03 31.01
N ASN B 664 -19.69 -37.28 31.86
CA ASN B 664 -18.48 -37.77 32.50
C ASN B 664 -18.58 -37.90 34.01
N TYR B 665 -19.17 -36.91 34.69
CA TYR B 665 -19.16 -36.82 36.14
C TYR B 665 -20.58 -36.62 36.66
N ALA B 666 -21.22 -37.73 37.05
CA ALA B 666 -22.63 -37.66 37.46
C ALA B 666 -22.79 -37.00 38.82
N GLU B 667 -21.90 -37.28 39.76
CA GLU B 667 -22.03 -36.72 41.10
C GLU B 667 -21.89 -35.20 41.06
N MET B 668 -20.88 -34.70 40.35
CA MET B 668 -20.70 -33.26 40.24
C MET B 668 -21.81 -32.62 39.43
N HIS B 669 -22.38 -33.36 38.46
CA HIS B 669 -23.55 -32.86 37.75
C HIS B 669 -24.74 -32.69 38.69
N ALA B 670 -24.95 -33.67 39.58
CA ALA B 670 -26.02 -33.55 40.56
C ALA B 670 -25.76 -32.39 41.51
N TYR B 671 -24.51 -32.17 41.90
CA TYR B 671 -24.19 -31.04 42.75
C TYR B 671 -24.48 -29.72 42.06
N MET B 672 -24.09 -29.61 40.78
CA MET B 672 -24.40 -28.43 40.00
C MET B 672 -25.91 -28.20 39.94
N GLY B 673 -26.68 -29.27 39.75
CA GLY B 673 -28.12 -29.15 39.81
C GLY B 673 -28.59 -28.64 41.16
N LYS B 674 -27.95 -29.10 42.23
CA LYS B 674 -28.27 -28.59 43.57
C LYS B 674 -27.98 -27.10 43.68
N PHE B 675 -27.01 -26.60 42.91
CA PHE B 675 -26.61 -25.20 42.99
C PHE B 675 -26.69 -24.54 41.62
N ASN B 676 -27.84 -24.70 40.96
CA ASN B 676 -28.05 -24.14 39.63
C ASN B 676 -28.10 -22.61 39.69
N GLN B 677 -27.74 -21.99 38.57
CA GLN B 677 -27.79 -20.55 38.40
C GLN B 677 -28.71 -20.20 37.23
N ARG B 678 -28.80 -18.90 36.93
CA ARG B 678 -29.64 -18.44 35.83
C ARG B 678 -28.99 -17.38 34.96
N GLY B 679 -27.78 -16.94 35.27
CA GLY B 679 -27.13 -15.93 34.45
C GLY B 679 -25.64 -15.91 34.70
N VAL B 680 -25.01 -14.84 34.20
CA VAL B 680 -23.57 -14.65 34.36
C VAL B 680 -23.26 -13.73 35.53
N ASP B 681 -23.89 -12.55 35.57
CA ASP B 681 -23.57 -11.57 36.60
C ASP B 681 -24.17 -11.93 37.95
N ASP B 682 -25.25 -12.71 37.99
CA ASP B 682 -25.80 -13.12 39.27
C ASP B 682 -24.83 -14.02 40.03
N ALA B 683 -24.16 -14.94 39.32
CA ALA B 683 -23.12 -15.73 39.96
C ALA B 683 -21.96 -14.85 40.39
N LEU B 684 -21.66 -13.81 39.61
CA LEU B 684 -20.60 -12.87 39.98
C LEU B 684 -20.91 -12.18 41.29
N LEU B 685 -22.13 -11.67 41.44
CA LEU B 685 -22.49 -11.00 42.68
C LEU B 685 -22.61 -11.97 43.84
N SER B 686 -23.06 -13.21 43.57
CA SER B 686 -23.08 -14.21 44.63
C SER B 686 -21.67 -14.50 45.12
N LEU B 687 -20.71 -14.59 44.21
CA LEU B 687 -19.32 -14.76 44.60
C LEU B 687 -18.81 -13.54 45.36
N LYS B 688 -19.22 -12.34 44.94
CA LYS B 688 -18.80 -11.13 45.64
C LYS B 688 -19.29 -11.11 47.08
N THR B 689 -20.54 -11.50 47.29
CA THR B 689 -21.16 -11.44 48.62
C THR B 689 -21.04 -12.74 49.39
N GLY B 690 -20.38 -13.76 48.85
CA GLY B 690 -20.18 -14.99 49.56
C GLY B 690 -21.30 -15.99 49.49
N LYS B 691 -22.34 -15.73 48.70
CA LYS B 691 -23.41 -16.71 48.53
C LYS B 691 -23.02 -17.86 47.61
N LEU B 692 -21.98 -17.69 46.80
CA LEU B 692 -21.46 -18.75 45.95
C LEU B 692 -19.95 -18.79 46.07
N ASP B 693 -19.40 -20.01 46.09
CA ASP B 693 -17.96 -20.17 46.31
C ASP B 693 -17.16 -20.13 45.00
N ALA B 694 -17.70 -20.70 43.92
CA ALA B 694 -16.97 -20.73 42.66
C ALA B 694 -17.95 -20.80 41.50
N PHE B 695 -17.43 -20.48 40.32
CA PHE B 695 -18.19 -20.52 39.08
C PHE B 695 -17.45 -21.38 38.06
N ILE B 696 -18.20 -22.09 37.25
CA ILE B 696 -17.62 -22.92 36.19
C ILE B 696 -18.14 -22.40 34.85
N TYR B 697 -17.22 -22.16 33.91
CA TYR B 697 -17.53 -21.49 32.66
C TYR B 697 -16.28 -21.56 31.78
N ASP B 698 -16.39 -20.98 30.58
CA ASP B 698 -15.24 -20.94 29.68
C ASP B 698 -14.23 -19.91 30.18
N ALA B 699 -13.13 -19.76 29.44
CA ALA B 699 -12.03 -18.92 29.91
C ALA B 699 -12.19 -17.46 29.49
N ALA B 700 -12.59 -17.23 28.24
CA ALA B 700 -12.54 -15.87 27.68
C ALA B 700 -13.45 -14.92 28.43
N VAL B 701 -14.71 -15.31 28.62
CA VAL B 701 -15.68 -14.39 29.23
C VAL B 701 -15.37 -14.20 30.71
N LEU B 702 -14.90 -15.24 31.39
CA LEU B 702 -14.50 -15.07 32.78
C LEU B 702 -13.32 -14.11 32.90
N ASN B 703 -12.34 -14.23 32.00
CA ASN B 703 -11.24 -13.28 32.00
C ASN B 703 -11.73 -11.86 31.73
N TYR B 704 -12.67 -11.72 30.80
CA TYR B 704 -13.23 -10.41 30.51
C TYR B 704 -13.92 -9.82 31.73
N MET B 705 -14.71 -10.63 32.43
CA MET B 705 -15.40 -10.16 33.62
C MET B 705 -14.42 -9.76 34.70
N ALA B 706 -13.37 -10.56 34.88
CA ALA B 706 -12.40 -10.27 35.95
C ALA B 706 -11.53 -9.07 35.60
N GLY B 707 -11.36 -8.77 34.32
CA GLY B 707 -10.42 -7.73 33.92
C GLY B 707 -10.84 -6.35 34.38
N ARG B 708 -12.12 -6.01 34.23
CA ARG B 708 -12.61 -4.67 34.53
C ARG B 708 -13.24 -4.59 35.92
N ASP B 709 -13.06 -5.59 36.76
CA ASP B 709 -13.60 -5.53 38.11
C ASP B 709 -12.88 -4.45 38.91
N GLU B 710 -13.65 -3.67 39.67
CA GLU B 710 -13.06 -2.58 40.45
C GLU B 710 -12.28 -3.11 41.64
N GLY B 711 -12.67 -4.25 42.20
CA GLY B 711 -12.00 -4.78 43.38
C GLY B 711 -11.04 -5.89 43.08
N CYS B 712 -11.09 -6.44 41.86
CA CYS B 712 -10.25 -7.56 41.45
C CYS B 712 -10.39 -8.74 42.41
N LYS B 713 -11.62 -8.98 42.87
CA LYS B 713 -11.90 -10.02 43.85
C LYS B 713 -12.29 -11.34 43.21
N LEU B 714 -11.84 -11.61 42.00
CA LEU B 714 -12.19 -12.84 41.30
C LEU B 714 -11.04 -13.22 40.37
N VAL B 715 -10.58 -14.47 40.46
CA VAL B 715 -9.48 -14.95 39.64
C VAL B 715 -9.78 -16.37 39.20
N THR B 716 -9.33 -16.72 38.00
CA THR B 716 -9.30 -18.08 37.52
C THR B 716 -7.85 -18.56 37.45
N ILE B 717 -7.65 -19.84 37.74
CA ILE B 717 -6.31 -20.41 37.87
C ILE B 717 -6.18 -21.61 36.95
N GLY B 718 -4.96 -21.84 36.47
CA GLY B 718 -4.68 -22.99 35.64
C GLY B 718 -3.83 -22.64 34.43
N SER B 719 -3.83 -21.36 34.07
CA SER B 719 -3.12 -20.86 32.88
C SER B 719 -3.52 -21.65 31.63
N GLY B 720 -4.79 -22.04 31.58
CA GLY B 720 -5.29 -22.90 30.52
C GLY B 720 -5.47 -24.34 30.92
N LYS B 721 -5.23 -24.70 32.18
CA LYS B 721 -5.44 -26.07 32.63
C LYS B 721 -6.93 -26.33 32.78
N VAL B 722 -7.58 -26.73 31.69
CA VAL B 722 -9.02 -26.89 31.65
C VAL B 722 -9.37 -28.23 31.04
N PHE B 723 -10.58 -28.69 31.34
CA PHE B 723 -11.10 -29.90 30.70
C PHE B 723 -11.67 -29.55 29.33
N ALA B 724 -11.60 -30.52 28.43
CA ALA B 724 -12.07 -30.36 27.06
C ALA B 724 -11.43 -29.13 26.40
N SER B 725 -10.11 -29.21 26.24
CA SER B 725 -9.35 -28.12 25.67
C SER B 725 -9.77 -27.83 24.24
N THR B 726 -10.46 -26.72 24.02
CA THR B 726 -11.02 -26.41 22.71
C THR B 726 -10.79 -24.94 22.40
N GLY B 727 -10.79 -24.62 21.12
CA GLY B 727 -10.59 -23.25 20.68
C GLY B 727 -11.75 -22.71 19.88
N TYR B 728 -11.53 -21.59 19.20
CA TYR B 728 -12.56 -20.96 18.38
C TYR B 728 -12.28 -21.31 16.92
N GLY B 729 -12.84 -22.43 16.48
CA GLY B 729 -12.69 -22.84 15.09
C GLY B 729 -13.71 -22.17 14.19
N ILE B 730 -13.23 -21.47 13.16
CA ILE B 730 -14.13 -20.77 12.25
C ILE B 730 -14.85 -21.77 11.38
N ALA B 731 -16.18 -21.71 11.38
CA ALA B 731 -16.97 -22.63 10.58
C ALA B 731 -16.82 -22.31 9.11
N ILE B 732 -16.72 -23.35 8.29
CA ILE B 732 -16.48 -23.23 6.86
C ILE B 732 -17.44 -24.15 6.12
N GLN B 733 -17.97 -23.65 5.00
CA GLN B 733 -18.79 -24.51 4.15
C GLN B 733 -17.99 -25.72 3.70
N LYS B 734 -18.65 -26.88 3.68
CA LYS B 734 -17.95 -28.14 3.45
C LYS B 734 -17.23 -28.12 2.10
N ASP B 735 -15.98 -28.60 2.12
CA ASP B 735 -15.16 -28.74 0.93
C ASP B 735 -14.92 -27.40 0.23
N SER B 736 -14.88 -26.32 1.01
CA SER B 736 -14.55 -25.01 0.46
C SER B 736 -13.04 -24.92 0.23
N GLY B 737 -12.65 -24.45 -0.95
CA GLY B 737 -11.25 -24.37 -1.28
C GLY B 737 -10.49 -23.33 -0.48
N TRP B 738 -11.19 -22.35 0.07
CA TRP B 738 -10.52 -21.29 0.81
C TRP B 738 -9.90 -21.79 2.11
N LYS B 739 -10.44 -22.88 2.67
CA LYS B 739 -10.08 -23.32 4.01
C LYS B 739 -8.58 -23.35 4.24
N ARG B 740 -7.83 -24.00 3.35
CA ARG B 740 -6.40 -24.15 3.55
C ARG B 740 -5.71 -22.79 3.57
N GLN B 741 -5.93 -21.98 2.53
CA GLN B 741 -5.20 -20.73 2.42
C GLN B 741 -5.57 -19.75 3.53
N VAL B 742 -6.85 -19.70 3.91
CA VAL B 742 -7.24 -18.80 4.99
C VAL B 742 -6.67 -19.30 6.32
N ASP B 743 -6.57 -20.62 6.51
CA ASP B 743 -5.91 -21.14 7.69
C ASP B 743 -4.45 -20.75 7.71
N LEU B 744 -3.78 -20.82 6.56
CA LEU B 744 -2.39 -20.40 6.48
C LEU B 744 -2.24 -18.91 6.79
N ALA B 745 -3.21 -18.11 6.37
CA ALA B 745 -3.17 -16.67 6.65
C ALA B 745 -3.32 -16.39 8.14
N ILE B 746 -4.32 -17.02 8.78
CA ILE B 746 -4.49 -16.79 10.21
C ILE B 746 -3.32 -17.37 10.98
N LEU B 747 -2.68 -18.41 10.46
CA LEU B 747 -1.48 -18.92 11.11
C LEU B 747 -0.32 -17.95 10.93
N GLN B 748 -0.25 -17.27 9.79
CA GLN B 748 0.75 -16.22 9.63
C GLN B 748 0.54 -15.13 10.65
N LEU B 749 -0.72 -14.77 10.90
CA LEU B 749 -1.02 -13.84 11.98
C LEU B 749 -0.56 -14.40 13.33
N PHE B 750 -0.85 -15.69 13.56
CA PHE B 750 -0.41 -16.35 14.79
C PHE B 750 1.10 -16.32 14.93
N GLY B 751 1.81 -16.31 13.82
CA GLY B 751 3.25 -16.24 13.84
C GLY B 751 3.82 -14.85 13.79
N ASP B 752 2.98 -13.84 13.60
CA ASP B 752 3.42 -12.45 13.51
C ASP B 752 3.58 -11.79 14.86
N GLY B 753 3.22 -12.46 15.95
CA GLY B 753 3.44 -11.93 17.29
C GLY B 753 2.74 -10.62 17.57
N GLU B 754 1.51 -10.46 17.09
CA GLU B 754 0.72 -9.27 17.37
C GLU B 754 -0.46 -9.55 18.28
N MET B 755 -0.65 -10.79 18.72
CA MET B 755 -1.82 -11.13 19.51
C MET B 755 -1.78 -10.50 20.88
N GLU B 756 -0.58 -10.21 21.40
CA GLU B 756 -0.46 -9.78 22.79
C GLU B 756 -1.15 -8.43 23.02
N GLU B 757 -0.80 -7.43 22.21
CA GLU B 757 -1.34 -6.09 22.46
C GLU B 757 -2.80 -5.99 22.06
N LEU B 758 -3.20 -6.68 20.98
CA LEU B 758 -4.60 -6.68 20.61
C LEU B 758 -5.46 -7.37 21.66
N GLU B 759 -4.97 -8.50 22.19
CA GLU B 759 -5.67 -9.19 23.25
C GLU B 759 -5.75 -8.33 24.51
N ALA B 760 -4.67 -7.62 24.82
CA ALA B 760 -4.69 -6.71 25.97
C ALA B 760 -5.70 -5.60 25.76
N LEU B 761 -5.85 -5.14 24.52
CA LEU B 761 -6.77 -4.04 24.25
C LEU B 761 -8.23 -4.50 24.29
N TRP B 762 -8.52 -5.69 23.75
CA TRP B 762 -9.90 -6.07 23.48
C TRP B 762 -10.47 -7.04 24.52
N LEU B 763 -9.83 -8.18 24.72
CA LEU B 763 -10.44 -9.30 25.44
C LEU B 763 -9.94 -9.43 26.87
N THR B 764 -9.41 -8.36 27.46
CA THR B 764 -8.89 -8.42 28.81
C THR B 764 -9.29 -7.14 29.55
N GLY B 765 -8.66 -6.92 30.70
CA GLY B 765 -8.87 -5.72 31.48
C GLY B 765 -7.57 -5.19 32.06
N ILE B 766 -7.66 -4.22 32.95
CA ILE B 766 -6.45 -3.59 33.47
C ILE B 766 -5.85 -4.39 34.62
N CYS B 767 -6.67 -5.15 35.34
CA CYS B 767 -6.24 -5.84 36.56
C CYS B 767 -5.69 -7.23 36.30
N HIS B 768 -5.14 -7.48 35.12
CA HIS B 768 -4.55 -8.76 34.79
C HIS B 768 -3.05 -8.81 35.05
N ASN B 769 -2.48 -7.76 35.66
CA ASN B 769 -1.04 -7.73 35.87
C ASN B 769 -0.60 -8.70 36.96
N GLU B 770 -1.09 -8.48 38.18
CA GLU B 770 -0.72 -9.30 39.33
C GLU B 770 -1.55 -8.83 40.52
N LYS B 771 -1.47 -9.59 41.62
CA LYS B 771 -2.14 -9.24 42.85
C LYS B 771 -1.30 -8.21 43.62
N ASN B 772 -1.70 -7.90 44.85
CA ASN B 772 -0.98 -6.96 45.68
C ASN B 772 -0.66 -7.59 47.03
N GLU B 773 0.32 -7.00 47.71
CA GLU B 773 0.70 -7.44 49.05
C GLU B 773 -0.29 -6.81 50.04
N VAL B 774 -1.35 -7.55 50.34
CA VAL B 774 -2.34 -7.06 51.30
C VAL B 774 -1.76 -7.16 52.70
N MET B 775 -2.19 -6.25 53.57
CA MET B 775 -1.85 -6.29 54.98
C MET B 775 -2.95 -7.00 55.75
N SER B 776 -2.56 -7.81 56.73
CA SER B 776 -3.51 -8.59 57.49
C SER B 776 -4.50 -7.69 58.22
N SER B 777 -5.67 -8.23 58.51
CA SER B 777 -6.65 -7.55 59.34
C SER B 777 -6.29 -7.73 60.80
N GLN B 778 -7.23 -7.45 61.70
CA GLN B 778 -7.04 -7.69 63.12
C GLN B 778 -6.57 -9.11 63.37
N LEU B 779 -5.34 -9.25 63.87
CA LEU B 779 -4.74 -10.57 64.03
C LEU B 779 -5.49 -11.36 65.11
N ASP B 780 -5.90 -12.57 64.77
CA ASP B 780 -6.59 -13.46 65.68
C ASP B 780 -5.60 -14.46 66.28
N ILE B 781 -6.00 -15.05 67.40
CA ILE B 781 -5.23 -16.10 68.07
C ILE B 781 -4.76 -17.19 67.12
N ASP B 782 -5.63 -17.66 66.25
CA ASP B 782 -5.29 -18.77 65.39
C ASP B 782 -4.13 -18.44 64.46
N ASN B 783 -4.00 -17.17 64.07
CA ASN B 783 -2.87 -16.76 63.23
C ASN B 783 -1.54 -16.98 63.92
N MET B 784 -1.54 -17.05 65.26
CA MET B 784 -0.36 -17.40 66.03
C MET B 784 -0.64 -18.62 66.90
N ALA B 785 -1.57 -19.47 66.46
CA ALA B 785 -2.07 -20.56 67.29
C ALA B 785 -0.96 -21.47 67.79
N GLY B 786 0.17 -21.53 67.06
CA GLY B 786 1.29 -22.35 67.51
C GLY B 786 1.72 -22.02 68.92
N VAL B 787 1.83 -20.72 69.24
CA VAL B 787 2.22 -20.37 70.61
C VAL B 787 1.19 -20.89 71.59
N PHE B 788 -0.09 -20.78 71.25
CA PHE B 788 -1.13 -21.34 72.10
C PHE B 788 -0.89 -22.82 72.35
N TYR B 789 -0.48 -23.55 71.30
CA TYR B 789 -0.12 -24.95 71.47
C TYR B 789 0.94 -25.11 72.54
N MET B 790 2.03 -24.34 72.43
CA MET B 790 3.07 -24.39 73.46
C MET B 790 2.50 -24.06 74.83
N LEU B 791 1.54 -23.13 74.86
CA LEU B 791 0.88 -22.79 76.12
C LEU B 791 0.31 -24.03 76.76
N GLY B 792 -0.43 -24.83 75.98
CA GLY B 792 -0.92 -26.10 76.50
C GLY B 792 0.20 -26.96 77.04
N ALA B 793 1.28 -27.08 76.26
CA ALA B 793 2.42 -27.87 76.70
C ALA B 793 2.92 -27.41 78.06
N ALA B 794 2.89 -26.09 78.29
CA ALA B 794 3.32 -25.55 79.58
C ALA B 794 2.57 -26.24 80.71
N MET B 795 1.23 -26.27 80.64
CA MET B 795 0.48 -26.93 81.69
C MET B 795 0.85 -28.39 81.80
N ALA B 796 1.05 -29.06 80.66
CA ALA B 796 1.51 -30.44 80.69
C ALA B 796 2.75 -30.55 81.56
N LEU B 797 3.75 -29.69 81.30
CA LEU B 797 4.96 -29.73 82.09
C LEU B 797 4.65 -29.53 83.57
N SER B 798 3.78 -28.57 83.88
CA SER B 798 3.46 -28.32 85.29
C SER B 798 2.87 -29.56 85.92
N LEU B 799 2.04 -30.29 85.16
CA LEU B 799 1.48 -31.53 85.68
C LEU B 799 2.58 -32.46 86.17
N ILE B 800 3.63 -32.62 85.34
CA ILE B 800 4.74 -33.47 85.74
C ILE B 800 5.35 -32.96 87.04
N THR B 801 5.58 -31.65 87.13
CA THR B 801 6.19 -31.11 88.35
C THR B 801 5.25 -31.27 89.53
N PHE B 802 3.93 -31.32 89.28
CA PHE B 802 2.99 -31.59 90.35
C PHE B 802 3.26 -32.96 90.97
N ILE B 803 3.56 -33.95 90.13
CA ILE B 803 3.98 -35.25 90.64
C ILE B 803 5.24 -35.09 91.48
N CYS B 804 6.18 -34.26 91.02
CA CYS B 804 7.38 -34.00 91.78
C CYS B 804 7.06 -33.39 93.14
N GLU B 805 5.93 -32.68 93.24
CA GLU B 805 5.51 -32.15 94.54
C GLU B 805 4.86 -33.23 95.39
N HIS B 806 4.18 -34.19 94.76
CA HIS B 806 3.47 -35.23 95.51
C HIS B 806 4.39 -36.37 95.96
N LEU B 807 5.51 -36.57 95.27
CA LEU B 807 6.43 -37.65 95.57
C LEU B 807 7.79 -37.15 96.04
N PHE B 808 7.85 -35.94 96.59
CA PHE B 808 9.11 -35.33 97.02
C PHE B 808 9.56 -35.81 98.41
N TYR B 809 8.96 -36.88 98.93
CA TYR B 809 9.32 -37.38 100.25
C TYR B 809 10.58 -38.21 100.25
N TRP B 810 11.14 -38.54 99.09
CA TRP B 810 12.35 -39.34 99.03
C TRP B 810 13.60 -38.53 99.33
N GLN B 811 13.55 -37.21 99.17
CA GLN B 811 14.69 -36.35 99.48
C GLN B 811 14.23 -35.02 100.06
N LYS C 1 1.70 -19.08 -62.52
CA LYS C 1 2.98 -19.67 -62.13
C LYS C 1 2.80 -21.11 -61.66
N ILE C 2 3.49 -22.05 -62.32
CA ILE C 2 3.45 -23.45 -61.94
C ILE C 2 4.08 -23.62 -60.56
N VAL C 3 3.47 -24.47 -59.73
CA VAL C 3 4.08 -24.84 -58.46
C VAL C 3 4.39 -26.33 -58.52
N ASN C 4 5.68 -26.67 -58.50
CA ASN C 4 6.08 -28.07 -58.41
C ASN C 4 6.13 -28.48 -56.95
N ILE C 5 5.35 -29.51 -56.60
CA ILE C 5 5.24 -29.95 -55.21
C ILE C 5 5.80 -31.36 -55.09
N GLY C 6 6.71 -31.55 -54.14
CA GLY C 6 7.58 -32.70 -54.13
C GLY C 6 7.21 -33.61 -52.98
N ALA C 7 7.05 -34.90 -53.29
CA ALA C 7 6.47 -35.85 -52.35
C ALA C 7 7.43 -37.02 -52.17
N VAL C 8 7.81 -37.30 -50.93
CA VAL C 8 8.87 -38.28 -50.67
C VAL C 8 8.22 -39.62 -50.36
N LEU C 9 8.31 -40.55 -51.29
CA LEU C 9 7.52 -41.77 -51.26
C LEU C 9 8.28 -43.03 -51.65
N SER C 10 7.78 -44.18 -51.22
CA SER C 10 8.61 -45.38 -51.27
C SER C 10 8.30 -46.33 -52.44
N THR C 11 7.05 -46.70 -52.70
CA THR C 11 6.76 -47.51 -53.87
C THR C 11 6.23 -46.62 -54.98
N ARG C 12 6.25 -47.15 -56.20
CA ARG C 12 5.81 -46.35 -57.32
C ARG C 12 4.34 -46.01 -57.19
N LYS C 13 3.57 -46.92 -56.61
CA LYS C 13 2.12 -46.81 -56.49
C LYS C 13 1.78 -45.61 -55.62
N HIS C 14 2.69 -45.29 -54.70
CA HIS C 14 2.47 -44.08 -53.92
C HIS C 14 2.69 -42.87 -54.82
N GLU C 15 3.66 -42.92 -55.74
CA GLU C 15 3.84 -41.80 -56.64
C GLU C 15 2.63 -41.58 -57.54
N GLN C 16 2.03 -42.66 -58.06
CA GLN C 16 0.88 -42.46 -58.93
C GLN C 16 -0.36 -42.04 -58.15
N MET C 17 -0.59 -42.61 -56.95
CA MET C 17 -1.66 -42.09 -56.11
C MET C 17 -1.41 -40.63 -55.73
N PHE C 18 -0.17 -40.24 -55.48
CA PHE C 18 0.09 -38.85 -55.13
C PHE C 18 -0.24 -37.95 -56.31
N ARG C 19 0.10 -38.39 -57.51
CA ARG C 19 -0.06 -37.48 -58.63
C ARG C 19 -1.52 -37.40 -59.09
N GLU C 20 -2.27 -38.50 -58.99
CA GLU C 20 -3.73 -38.43 -59.16
C GLU C 20 -4.39 -37.65 -58.03
N ALA C 21 -3.89 -37.72 -56.78
CA ALA C 21 -4.48 -36.88 -55.74
C ALA C 21 -4.31 -35.41 -56.09
N VAL C 22 -3.15 -35.04 -56.64
CA VAL C 22 -2.89 -33.65 -56.97
C VAL C 22 -3.80 -33.25 -58.13
N ASN C 23 -3.99 -34.15 -59.10
CA ASN C 23 -4.89 -33.86 -60.21
C ASN C 23 -6.32 -33.66 -59.72
N GLN C 24 -6.76 -34.46 -58.75
CA GLN C 24 -8.11 -34.35 -58.23
C GLN C 24 -8.29 -33.09 -57.40
N ALA C 25 -7.25 -32.69 -56.68
CA ALA C 25 -7.32 -31.47 -55.89
C ALA C 25 -7.11 -30.20 -56.73
N ASN C 26 -6.57 -30.33 -57.94
CA ASN C 26 -6.58 -29.28 -58.94
C ASN C 26 -7.92 -29.16 -59.65
N LYS C 27 -8.62 -30.28 -59.84
CA LYS C 27 -9.98 -30.24 -60.36
C LYS C 27 -11.00 -29.92 -59.28
N ARG C 28 -10.57 -29.93 -58.01
CA ARG C 28 -11.45 -29.62 -56.90
C ARG C 28 -11.42 -28.13 -56.61
N HIS C 29 -10.25 -27.63 -56.24
CA HIS C 29 -10.00 -26.22 -56.06
C HIS C 29 -9.64 -25.57 -57.40
N GLY C 30 -9.49 -24.25 -57.34
CA GLY C 30 -8.97 -23.40 -58.41
C GLY C 30 -7.86 -23.92 -59.32
N SER C 31 -8.15 -23.96 -60.63
CA SER C 31 -7.21 -24.43 -61.65
C SER C 31 -6.99 -23.41 -62.75
N TRP C 32 -7.55 -22.20 -62.65
CA TRP C 32 -7.37 -21.24 -63.73
C TRP C 32 -5.91 -20.81 -63.87
N LYS C 33 -5.27 -20.50 -62.75
CA LYS C 33 -3.86 -20.08 -62.72
C LYS C 33 -3.04 -20.74 -61.63
N ILE C 34 -3.66 -21.34 -60.62
CA ILE C 34 -2.94 -22.09 -59.60
C ILE C 34 -3.05 -23.55 -60.01
N GLN C 35 -2.08 -24.05 -60.77
CA GLN C 35 -2.07 -25.43 -61.21
C GLN C 35 -0.78 -26.10 -60.74
N LEU C 36 -0.93 -27.15 -59.93
CA LEU C 36 0.22 -27.75 -59.26
C LEU C 36 0.72 -28.95 -60.06
N ASN C 37 2.03 -29.02 -60.23
CA ASN C 37 2.68 -30.16 -60.87
C ASN C 37 3.24 -31.05 -59.77
N ALA C 38 2.68 -32.26 -59.64
CA ALA C 38 3.16 -33.20 -58.65
C ALA C 38 4.47 -33.81 -59.13
N THR C 39 5.46 -33.84 -58.24
CA THR C 39 6.73 -34.50 -58.51
C THR C 39 7.04 -35.41 -57.33
N SER C 40 7.59 -36.58 -57.62
CA SER C 40 7.69 -37.64 -56.62
C SER C 40 9.14 -38.06 -56.54
N VAL C 41 9.67 -38.13 -55.32
CA VAL C 41 11.06 -38.48 -55.08
C VAL C 41 11.09 -39.72 -54.21
N THR C 42 11.88 -40.71 -54.63
CA THR C 42 11.95 -41.98 -53.95
C THR C 42 12.82 -41.83 -52.70
N HIS C 43 12.92 -42.90 -51.92
CA HIS C 43 13.67 -42.87 -50.68
C HIS C 43 15.10 -43.30 -50.95
N LYS C 44 16.04 -42.35 -50.85
CA LYS C 44 17.40 -42.86 -50.78
C LYS C 44 17.81 -42.98 -49.32
N PRO C 45 18.69 -43.93 -49.03
CA PRO C 45 18.96 -44.29 -47.63
C PRO C 45 19.92 -43.36 -46.91
N ASN C 46 20.15 -42.15 -47.42
CA ASN C 46 21.12 -41.25 -46.83
C ASN C 46 20.52 -39.87 -46.76
N ALA C 47 20.76 -39.18 -45.65
CA ALA C 47 20.18 -37.86 -45.44
C ALA C 47 20.82 -36.83 -46.36
N ILE C 48 22.11 -37.01 -46.67
CA ILE C 48 22.74 -36.09 -47.61
C ILE C 48 22.34 -36.42 -49.04
N GLN C 49 21.93 -37.67 -49.26
CA GLN C 49 21.31 -38.04 -50.53
C GLN C 49 19.97 -37.32 -50.68
N MET C 50 19.19 -37.29 -49.59
CA MET C 50 17.93 -36.56 -49.57
C MET C 50 18.14 -35.08 -49.81
N ALA C 51 19.13 -34.49 -49.12
CA ALA C 51 19.48 -33.09 -49.30
C ALA C 51 19.76 -32.75 -50.77
N LEU C 52 20.53 -33.61 -51.42
CA LEU C 52 20.99 -33.46 -52.79
C LEU C 52 19.84 -33.63 -53.77
N SER C 53 18.89 -34.50 -53.44
CA SER C 53 17.75 -34.72 -54.32
C SER C 53 16.73 -33.60 -54.21
N VAL C 54 16.50 -33.10 -53.00
CA VAL C 54 15.61 -31.95 -52.80
C VAL C 54 16.26 -30.66 -53.26
N CYS C 55 17.58 -30.66 -53.50
CA CYS C 55 18.24 -29.46 -53.95
C CYS C 55 18.50 -29.43 -55.46
N GLU C 56 18.73 -30.59 -56.07
CA GLU C 56 19.09 -30.59 -57.48
C GLU C 56 17.91 -30.55 -58.44
N ASP C 57 16.70 -30.80 -57.95
CA ASP C 57 15.51 -30.91 -58.79
C ASP C 57 14.25 -30.32 -58.19
N LEU C 58 14.22 -30.08 -56.87
CA LEU C 58 13.04 -29.57 -56.19
C LEU C 58 13.14 -28.07 -55.94
N ILE C 59 14.25 -27.62 -55.34
CA ILE C 59 14.51 -26.22 -55.03
C ILE C 59 14.74 -25.39 -56.28
N SER C 60 15.00 -26.03 -57.41
CA SER C 60 14.89 -25.34 -58.68
C SER C 60 13.55 -25.58 -59.34
N SER C 61 12.81 -26.62 -58.92
CA SER C 61 11.40 -26.64 -59.25
C SER C 61 10.62 -25.55 -58.54
N GLN C 62 11.22 -24.91 -57.52
CA GLN C 62 10.54 -23.92 -56.67
C GLN C 62 9.35 -24.54 -55.93
N VAL C 63 9.73 -25.46 -55.02
CA VAL C 63 8.79 -26.23 -54.22
C VAL C 63 8.28 -25.35 -53.09
N TYR C 64 6.97 -25.41 -52.87
CA TYR C 64 6.35 -24.63 -51.80
C TYR C 64 6.14 -25.42 -50.52
N ALA C 65 6.09 -26.76 -50.59
CA ALA C 65 5.85 -27.58 -49.41
C ALA C 65 6.33 -29.00 -49.66
N ILE C 66 7.40 -29.45 -48.98
CA ILE C 66 7.82 -30.82 -49.19
C ILE C 66 6.87 -31.80 -48.52
N LEU C 67 6.97 -33.09 -48.85
CA LEU C 67 6.17 -34.15 -48.23
C LEU C 67 7.06 -35.29 -47.75
N VAL C 68 6.94 -35.68 -46.48
CA VAL C 68 7.90 -36.59 -45.85
C VAL C 68 7.22 -37.72 -45.09
N SER C 69 7.79 -38.92 -45.19
CA SER C 69 7.30 -40.17 -44.63
C SER C 69 8.41 -40.81 -43.79
N HIS C 70 7.98 -41.78 -42.97
CA HIS C 70 8.80 -42.35 -41.90
C HIS C 70 9.91 -43.22 -42.50
N PRO C 71 11.08 -43.27 -41.86
CA PRO C 71 12.20 -43.97 -42.47
C PRO C 71 11.94 -45.45 -42.49
N PRO C 72 12.37 -46.15 -43.55
CA PRO C 72 12.14 -47.59 -43.60
C PRO C 72 12.58 -48.46 -42.43
N THR C 73 13.75 -48.19 -41.86
CA THR C 73 14.35 -48.95 -40.78
C THR C 73 14.27 -48.12 -39.51
N PRO C 74 13.39 -48.46 -38.59
CA PRO C 74 13.22 -47.65 -37.38
C PRO C 74 14.26 -47.80 -36.29
N ASN C 75 15.52 -47.81 -36.69
CA ASN C 75 16.71 -47.84 -35.86
C ASN C 75 17.23 -46.43 -35.60
N ASP C 76 17.17 -45.56 -36.61
CA ASP C 76 17.41 -44.12 -36.40
C ASP C 76 16.46 -43.35 -37.29
N HIS C 77 15.72 -42.40 -36.70
CA HIS C 77 14.68 -41.68 -37.44
C HIS C 77 15.21 -40.34 -37.95
N PHE C 78 16.20 -40.40 -38.84
CA PHE C 78 16.88 -39.20 -39.31
C PHE C 78 16.63 -38.88 -40.78
N THR C 79 15.74 -39.63 -41.46
CA THR C 79 15.32 -39.26 -42.82
C THR C 79 14.65 -37.90 -42.94
N PRO C 80 13.68 -37.53 -42.10
CA PRO C 80 13.01 -36.24 -42.33
C PRO C 80 13.87 -35.07 -41.88
N THR C 81 14.96 -35.38 -41.18
CA THR C 81 15.84 -34.36 -40.61
C THR C 81 16.43 -33.42 -41.66
N PRO C 82 17.13 -33.90 -42.69
CA PRO C 82 17.67 -32.99 -43.71
C PRO C 82 16.57 -32.23 -44.44
N VAL C 83 15.40 -32.85 -44.61
CA VAL C 83 14.40 -32.15 -45.40
C VAL C 83 13.75 -31.01 -44.60
N SER C 84 13.46 -31.25 -43.32
CA SER C 84 13.16 -30.15 -42.41
C SER C 84 14.27 -29.10 -42.38
N TYR C 85 15.54 -29.53 -42.48
CA TYR C 85 16.66 -28.62 -42.60
C TYR C 85 16.49 -27.60 -43.72
N THR C 86 16.16 -28.13 -44.86
CA THR C 86 16.23 -27.40 -46.12
C THR C 86 14.95 -26.57 -46.28
N ALA C 87 13.80 -27.10 -45.84
CA ALA C 87 12.63 -26.27 -45.65
C ALA C 87 12.94 -25.12 -44.72
N GLY C 88 13.48 -25.39 -43.55
CA GLY C 88 13.52 -24.36 -42.53
C GLY C 88 14.63 -23.35 -42.71
N PHE C 89 15.50 -23.55 -43.70
CA PHE C 89 16.65 -22.68 -43.81
C PHE C 89 16.21 -21.30 -44.28
N TYR C 90 15.04 -21.20 -44.93
CA TYR C 90 14.28 -19.97 -45.08
C TYR C 90 12.97 -19.98 -44.28
N ARG C 91 12.76 -21.00 -43.45
CA ARG C 91 11.57 -21.18 -42.60
C ARG C 91 10.31 -21.45 -43.42
N ILE C 92 10.40 -22.43 -44.30
CA ILE C 92 9.24 -23.04 -44.96
C ILE C 92 8.80 -24.28 -44.19
N PRO C 93 7.53 -24.42 -43.81
CA PRO C 93 7.21 -25.54 -42.95
C PRO C 93 7.19 -26.83 -43.75
N VAL C 94 7.33 -27.95 -43.04
CA VAL C 94 7.25 -29.29 -43.62
C VAL C 94 5.87 -29.87 -43.40
N LEU C 95 5.45 -30.75 -44.30
CA LEU C 95 4.25 -31.55 -44.12
C LEU C 95 4.68 -32.96 -43.72
N GLY C 96 4.82 -33.20 -42.42
CA GLY C 96 5.07 -34.55 -41.93
C GLY C 96 3.84 -35.41 -42.03
N LEU C 97 4.02 -36.63 -42.52
CA LEU C 97 2.85 -37.43 -42.89
C LEU C 97 2.67 -38.67 -42.02
N THR C 98 3.64 -39.60 -42.04
CA THR C 98 3.66 -40.69 -41.09
C THR C 98 4.71 -40.49 -40.00
N THR C 99 4.61 -39.45 -39.19
CA THR C 99 5.63 -39.18 -38.19
C THR C 99 5.01 -39.04 -36.81
N ARG C 100 5.67 -39.61 -35.79
CA ARG C 100 5.09 -39.66 -34.46
C ARG C 100 6.16 -39.40 -33.41
N MET C 101 7.26 -38.76 -33.78
CA MET C 101 8.36 -38.53 -32.88
C MET C 101 8.28 -37.10 -32.34
N SER C 102 8.54 -36.96 -31.06
CA SER C 102 8.44 -35.68 -30.35
C SER C 102 9.66 -34.79 -30.49
N ILE C 103 10.69 -35.25 -31.19
CA ILE C 103 11.86 -34.46 -31.51
C ILE C 103 11.58 -33.48 -32.64
N TYR C 104 10.61 -33.78 -33.50
CA TYR C 104 10.10 -32.79 -34.45
C TYR C 104 8.93 -32.00 -33.90
N SER C 105 8.35 -32.41 -32.77
CA SER C 105 7.23 -31.69 -32.20
C SER C 105 7.65 -30.41 -31.49
N ASP C 106 8.92 -30.29 -31.09
CA ASP C 106 9.43 -29.12 -30.41
C ASP C 106 9.61 -27.92 -31.32
N LYS C 107 8.57 -27.09 -31.43
CA LYS C 107 8.52 -25.99 -32.39
C LYS C 107 9.67 -24.98 -32.20
N SER C 108 10.51 -25.18 -31.18
CA SER C 108 11.64 -24.27 -30.94
C SER C 108 12.47 -24.07 -32.21
N ILE C 109 12.74 -25.15 -32.94
CA ILE C 109 13.45 -25.05 -34.21
C ILE C 109 12.71 -25.82 -35.29
N HIS C 110 11.95 -26.85 -34.89
CA HIS C 110 10.97 -27.45 -35.79
C HIS C 110 9.67 -26.66 -35.66
N LEU C 111 9.76 -25.37 -35.91
CA LEU C 111 8.58 -24.55 -36.15
C LEU C 111 8.19 -24.54 -37.62
N SER C 112 9.06 -25.05 -38.48
CA SER C 112 8.68 -25.36 -39.85
C SER C 112 8.35 -26.85 -39.97
N PHE C 113 7.28 -27.27 -39.29
CA PHE C 113 6.88 -28.67 -39.32
C PHE C 113 5.44 -28.78 -38.82
N LEU C 114 4.59 -29.43 -39.62
CA LEU C 114 3.22 -29.74 -39.19
C LEU C 114 2.90 -31.17 -39.62
N ARG C 115 2.41 -31.98 -38.68
CA ARG C 115 2.08 -33.37 -38.95
C ARG C 115 0.58 -33.54 -39.08
N THR C 116 0.17 -34.61 -39.77
CA THR C 116 -1.28 -34.83 -39.77
C THR C 116 -1.76 -35.61 -38.56
N VAL C 117 -0.92 -36.44 -37.95
CA VAL C 117 -1.28 -37.19 -36.76
C VAL C 117 -0.38 -36.74 -35.61
N PRO C 118 -0.93 -36.47 -34.42
CA PRO C 118 -0.08 -36.08 -33.30
C PRO C 118 0.89 -37.17 -32.95
N PRO C 119 2.08 -36.82 -32.39
CA PRO C 119 3.01 -37.82 -31.87
C PRO C 119 2.47 -38.58 -30.68
N TYR C 120 3.29 -39.49 -30.15
CA TYR C 120 2.92 -40.21 -28.94
C TYR C 120 2.82 -39.30 -27.73
N SER C 121 3.34 -38.08 -27.79
CA SER C 121 3.27 -37.27 -26.57
C SER C 121 1.85 -36.79 -26.30
N HIS C 122 1.09 -36.52 -27.36
CA HIS C 122 -0.31 -36.13 -27.23
C HIS C 122 -1.15 -37.21 -26.56
N GLN C 123 -0.81 -38.48 -26.75
CA GLN C 123 -1.61 -39.53 -26.13
C GLN C 123 -1.52 -39.49 -24.62
N SER C 124 -0.70 -38.58 -24.06
CA SER C 124 -0.70 -38.40 -22.62
C SER C 124 -2.06 -37.91 -22.18
N SER C 125 -2.65 -36.99 -22.93
CA SER C 125 -4.02 -36.61 -22.67
C SER C 125 -4.96 -37.79 -22.82
N VAL C 126 -4.56 -38.81 -23.60
CA VAL C 126 -5.47 -39.93 -23.77
C VAL C 126 -5.44 -40.74 -22.51
N TRP C 127 -4.33 -40.64 -21.80
CA TRP C 127 -4.27 -41.17 -20.46
C TRP C 127 -5.01 -40.27 -19.47
N PHE C 128 -5.07 -38.95 -19.75
CA PHE C 128 -5.64 -38.04 -18.75
C PHE C 128 -7.12 -38.30 -18.56
N GLU C 129 -7.81 -38.59 -19.66
CA GLU C 129 -9.23 -38.92 -19.62
C GLU C 129 -9.46 -40.28 -18.98
N MET C 130 -8.42 -41.11 -18.89
CA MET C 130 -8.48 -42.31 -18.07
C MET C 130 -8.74 -41.97 -16.62
N MET C 131 -8.25 -40.80 -16.18
CA MET C 131 -8.53 -40.33 -14.84
C MET C 131 -10.03 -40.21 -14.62
N ARG C 132 -10.77 -39.87 -15.68
CA ARG C 132 -12.21 -39.80 -15.55
C ARG C 132 -12.88 -41.17 -15.55
N VAL C 133 -12.24 -42.21 -16.10
CA VAL C 133 -12.91 -43.50 -16.26
C VAL C 133 -13.17 -44.16 -14.90
N TYR C 134 -12.13 -44.29 -14.07
CA TYR C 134 -12.26 -45.09 -12.85
C TYR C 134 -11.82 -44.40 -11.57
N ASN C 135 -11.41 -43.13 -11.62
CA ASN C 135 -11.08 -42.31 -10.45
C ASN C 135 -9.95 -42.95 -9.63
N TRP C 136 -8.77 -42.95 -10.24
CA TRP C 136 -7.59 -43.63 -9.74
C TRP C 136 -6.54 -42.57 -9.46
N ASN C 137 -6.51 -42.11 -8.21
CA ASN C 137 -5.75 -40.92 -7.84
C ASN C 137 -4.26 -41.14 -7.72
N HIS C 138 -3.82 -42.40 -7.61
CA HIS C 138 -2.42 -42.71 -7.39
C HIS C 138 -1.86 -43.35 -8.66
N ILE C 139 -1.01 -42.61 -9.36
CA ILE C 139 -0.39 -43.08 -10.59
C ILE C 139 1.10 -42.80 -10.51
N ILE C 140 1.90 -43.78 -10.96
CA ILE C 140 3.35 -43.66 -10.96
C ILE C 140 3.79 -43.01 -12.27
N LEU C 141 4.99 -42.40 -12.29
CA LEU C 141 5.59 -42.05 -13.56
C LEU C 141 6.95 -42.73 -13.68
N LEU C 142 7.14 -43.53 -14.73
CA LEU C 142 8.47 -44.03 -15.06
C LEU C 142 8.76 -43.83 -16.54
N VAL C 143 9.99 -43.40 -16.82
CA VAL C 143 10.39 -42.88 -18.13
C VAL C 143 11.85 -43.26 -18.39
N SER C 144 12.16 -43.59 -19.66
CA SER C 144 13.54 -43.89 -20.02
C SER C 144 14.26 -42.63 -20.46
N ASP C 145 15.58 -42.72 -20.65
CA ASP C 145 16.32 -41.58 -21.18
C ASP C 145 16.05 -41.60 -22.67
N ASP C 146 15.01 -40.87 -23.08
CA ASP C 146 14.66 -40.66 -24.47
C ASP C 146 13.83 -39.38 -24.58
N HIS C 147 14.05 -38.66 -25.68
CA HIS C 147 13.31 -37.42 -25.94
C HIS C 147 11.80 -37.62 -25.89
N GLU C 148 11.29 -38.67 -26.56
CA GLU C 148 9.86 -38.92 -26.51
C GLU C 148 9.39 -39.14 -25.07
N GLY C 149 10.17 -39.90 -24.30
CA GLY C 149 9.79 -40.17 -22.94
C GLY C 149 9.66 -38.91 -22.11
N ARG C 150 10.65 -38.01 -22.20
CA ARG C 150 10.50 -36.89 -21.28
C ARG C 150 9.55 -35.85 -21.83
N ALA C 151 9.37 -35.75 -23.15
CA ALA C 151 8.28 -34.91 -23.63
C ALA C 151 6.94 -35.41 -23.09
N ALA C 152 6.74 -36.73 -23.09
CA ALA C 152 5.44 -37.26 -22.70
C ALA C 152 5.23 -37.14 -21.20
N GLN C 153 6.31 -37.20 -20.41
CA GLN C 153 6.09 -37.06 -18.97
C GLN C 153 5.97 -35.59 -18.56
N LYS C 154 6.59 -34.71 -19.34
CA LYS C 154 6.39 -33.29 -19.08
C LYS C 154 4.96 -32.89 -19.41
N ARG C 155 4.39 -33.49 -20.45
CA ARG C 155 3.10 -32.99 -20.90
C ARG C 155 1.98 -33.66 -20.11
N LEU C 156 2.17 -34.91 -19.67
CA LEU C 156 1.24 -35.47 -18.71
C LEU C 156 1.38 -34.82 -17.33
N GLU C 157 2.58 -34.33 -16.97
CA GLU C 157 2.71 -33.61 -15.71
C GLU C 157 1.94 -32.30 -15.76
N THR C 158 2.06 -31.56 -16.87
CA THR C 158 1.22 -30.38 -17.01
C THR C 158 -0.26 -30.75 -17.00
N LEU C 159 -0.62 -31.86 -17.63
CA LEU C 159 -2.02 -32.29 -17.65
C LEU C 159 -2.53 -32.53 -16.23
N LEU C 160 -1.83 -33.35 -15.46
CA LEU C 160 -2.21 -33.59 -14.08
C LEU C 160 -2.06 -32.34 -13.20
N GLU C 161 -1.39 -31.30 -13.67
CA GLU C 161 -1.28 -30.08 -12.88
C GLU C 161 -2.39 -29.06 -13.16
N GLU C 162 -3.05 -29.15 -14.31
CA GLU C 162 -4.20 -28.30 -14.65
C GLU C 162 -5.52 -28.81 -14.07
N ARG C 163 -5.46 -29.73 -13.11
CA ARG C 163 -6.61 -30.21 -12.32
C ARG C 163 -6.11 -30.51 -10.93
N GLU C 164 -5.31 -29.59 -10.39
CA GLU C 164 -4.73 -29.59 -9.05
C GLU C 164 -4.34 -30.98 -8.58
N SER C 165 -3.84 -31.84 -9.46
CA SER C 165 -3.54 -33.21 -9.09
C SER C 165 -2.03 -33.43 -9.10
N LYS C 166 -1.62 -34.54 -8.49
CA LYS C 166 -0.21 -34.88 -8.39
C LYS C 166 0.00 -36.35 -8.75
N ALA C 167 1.17 -36.64 -9.34
CA ALA C 167 1.60 -38.02 -9.52
C ALA C 167 2.16 -38.51 -8.18
N GLU C 168 2.85 -39.63 -8.17
CA GLU C 168 3.38 -40.12 -6.92
C GLU C 168 4.90 -40.27 -6.88
N LYS C 169 5.53 -40.86 -7.90
CA LYS C 169 6.99 -40.83 -7.97
C LYS C 169 7.49 -40.80 -9.40
N VAL C 170 8.40 -39.86 -9.68
CA VAL C 170 9.05 -39.77 -10.98
C VAL C 170 10.30 -40.66 -11.05
N LEU C 171 10.36 -41.53 -12.05
CA LEU C 171 11.44 -42.50 -12.19
C LEU C 171 12.12 -42.32 -13.56
N GLN C 172 13.45 -42.30 -13.56
CA GLN C 172 14.26 -41.97 -14.75
C GLN C 172 15.28 -43.09 -14.94
N PHE C 173 14.95 -44.07 -15.80
CA PHE C 173 15.87 -45.18 -16.08
C PHE C 173 16.45 -45.08 -17.48
N ASP C 174 17.54 -45.83 -17.71
CA ASP C 174 18.15 -45.82 -19.05
C ASP C 174 17.52 -46.86 -19.96
N PRO C 175 17.26 -46.52 -21.23
CA PRO C 175 16.82 -47.53 -22.20
C PRO C 175 17.92 -48.54 -22.49
N GLY C 176 17.49 -49.74 -22.88
CA GLY C 176 18.41 -50.79 -23.25
C GLY C 176 18.99 -51.57 -22.09
N THR C 177 18.78 -51.12 -20.86
CA THR C 177 19.29 -51.83 -19.70
C THR C 177 18.48 -53.10 -19.45
N LYS C 178 19.16 -54.12 -18.93
CA LYS C 178 18.54 -55.40 -18.65
C LYS C 178 18.41 -55.68 -17.15
N ASN C 179 18.85 -54.76 -16.31
CA ASN C 179 18.71 -54.89 -14.86
C ASN C 179 17.81 -53.76 -14.39
N VAL C 180 16.50 -54.02 -14.34
CA VAL C 180 15.52 -53.07 -13.82
C VAL C 180 14.94 -53.60 -12.51
N THR C 181 15.76 -54.29 -11.74
CA THR C 181 15.22 -54.99 -10.58
C THR C 181 14.99 -54.03 -9.43
N ALA C 182 15.98 -53.18 -9.15
CA ALA C 182 15.86 -52.23 -8.06
C ALA C 182 14.74 -51.22 -8.33
N LEU C 183 14.63 -50.75 -9.56
CA LEU C 183 13.61 -49.76 -9.90
C LEU C 183 12.20 -50.33 -9.73
N LEU C 184 11.99 -51.55 -10.20
CA LEU C 184 10.75 -52.26 -10.04
C LEU C 184 10.47 -52.54 -8.57
N MET C 185 11.49 -52.90 -7.81
CA MET C 185 11.32 -53.13 -6.39
C MET C 185 10.82 -51.87 -5.69
N GLU C 186 11.50 -50.75 -5.89
CA GLU C 186 11.10 -49.52 -5.22
C GLU C 186 9.81 -48.95 -5.78
N ALA C 187 9.31 -49.48 -6.89
CA ALA C 187 8.09 -48.95 -7.43
C ALA C 187 6.88 -49.78 -7.03
N ARG C 188 7.08 -51.08 -6.86
CA ARG C 188 6.01 -51.97 -6.46
C ARG C 188 5.73 -51.88 -4.96
N GLU C 189 6.75 -51.59 -4.13
CA GLU C 189 6.53 -51.41 -2.70
C GLU C 189 5.60 -50.23 -2.39
N LEU C 190 5.47 -49.28 -3.30
CA LEU C 190 4.60 -48.13 -3.16
C LEU C 190 3.14 -48.51 -3.42
N GLU C 191 2.25 -47.56 -3.18
CA GLU C 191 0.82 -47.83 -3.29
C GLU C 191 0.37 -47.96 -4.75
N ALA C 192 1.08 -47.30 -5.66
CA ALA C 192 0.92 -47.50 -7.11
C ALA C 192 0.62 -48.92 -7.52
N ARG C 193 -0.55 -49.10 -8.12
CA ARG C 193 -0.84 -50.34 -8.81
C ARG C 193 -1.00 -50.13 -10.31
N VAL C 194 -0.79 -48.92 -10.82
CA VAL C 194 -0.89 -48.65 -12.24
C VAL C 194 0.39 -47.99 -12.71
N ILE C 195 1.03 -48.58 -13.72
CA ILE C 195 2.21 -47.99 -14.34
C ILE C 195 1.86 -47.53 -15.75
N ILE C 196 2.71 -46.67 -16.31
CA ILE C 196 2.53 -46.18 -17.67
C ILE C 196 3.82 -45.66 -18.30
N LEU C 197 4.08 -46.07 -19.54
CA LEU C 197 5.25 -45.65 -20.31
C LEU C 197 5.14 -46.11 -21.77
N SER C 198 5.34 -45.18 -22.69
CA SER C 198 5.44 -45.44 -24.12
C SER C 198 6.90 -45.20 -24.51
N ALA C 199 7.71 -46.25 -24.44
CA ALA C 199 9.14 -46.15 -24.73
C ALA C 199 9.53 -47.29 -25.66
N SER C 200 10.84 -47.50 -25.79
CA SER C 200 11.41 -48.60 -26.55
C SER C 200 10.87 -49.95 -26.10
N GLU C 201 10.94 -50.95 -26.98
CA GLU C 201 10.30 -52.24 -26.72
C GLU C 201 11.05 -53.09 -25.71
N ASP C 202 12.39 -53.02 -25.71
CA ASP C 202 13.16 -53.90 -24.85
C ASP C 202 12.92 -53.60 -23.37
N ASP C 203 12.79 -52.33 -23.01
CA ASP C 203 12.46 -51.97 -21.63
C ASP C 203 11.09 -52.50 -21.24
N ALA C 204 10.11 -52.35 -22.14
CA ALA C 204 8.79 -52.92 -22.01
C ALA C 204 8.90 -54.36 -21.57
N ALA C 205 9.47 -55.17 -22.45
CA ALA C 205 9.77 -56.59 -22.40
C ALA C 205 10.45 -56.98 -21.10
N THR C 206 11.40 -56.17 -20.65
CA THR C 206 12.11 -56.53 -19.43
C THR C 206 11.21 -56.35 -18.23
N VAL C 207 10.43 -55.26 -18.21
CA VAL C 207 9.41 -55.06 -17.18
C VAL C 207 8.42 -56.23 -17.17
N TYR C 208 8.00 -56.67 -18.35
CA TYR C 208 7.03 -57.77 -18.47
C TYR C 208 7.62 -59.05 -17.92
N ARG C 209 8.89 -59.33 -18.25
CA ARG C 209 9.56 -60.51 -17.71
C ARG C 209 9.67 -60.43 -16.19
N ALA C 210 9.99 -59.25 -15.66
CA ALA C 210 10.14 -59.12 -14.21
C ALA C 210 8.80 -59.26 -13.50
N ALA C 211 7.75 -58.70 -14.07
CA ALA C 211 6.41 -58.86 -13.50
C ALA C 211 5.93 -60.29 -13.64
N ALA C 212 6.45 -61.02 -14.63
CA ALA C 212 6.08 -62.41 -14.83
C ALA C 212 6.77 -63.34 -13.83
N MET C 213 8.09 -63.22 -13.71
CA MET C 213 8.85 -63.99 -12.73
C MET C 213 8.34 -63.73 -11.32
N LEU C 214 7.80 -62.54 -11.08
CA LEU C 214 7.28 -62.16 -9.78
C LEU C 214 5.75 -62.05 -9.86
N ASN C 215 5.16 -61.57 -8.77
CA ASN C 215 3.72 -61.60 -8.52
C ASN C 215 3.15 -60.21 -8.74
N MET C 216 3.08 -59.81 -10.02
CA MET C 216 2.48 -58.53 -10.37
C MET C 216 1.58 -58.64 -11.60
N THR C 217 1.06 -59.84 -11.88
CA THR C 217 0.04 -60.00 -12.90
C THR C 217 -1.29 -60.47 -12.33
N GLY C 218 -1.49 -60.38 -11.02
CA GLY C 218 -2.72 -60.83 -10.42
C GLY C 218 -3.84 -59.81 -10.61
N SER C 219 -4.94 -60.08 -9.92
CA SER C 219 -6.11 -59.21 -9.96
C SER C 219 -5.85 -58.01 -9.07
N GLY C 220 -5.52 -56.88 -9.69
CA GLY C 220 -5.17 -55.68 -8.95
C GLY C 220 -4.04 -54.91 -9.59
N TYR C 221 -3.11 -55.63 -10.22
CA TYR C 221 -1.99 -55.00 -10.90
C TYR C 221 -2.40 -54.75 -12.35
N VAL C 222 -3.08 -53.63 -12.60
CA VAL C 222 -3.47 -53.29 -13.96
C VAL C 222 -2.79 -52.00 -14.37
N TRP C 223 -2.52 -51.87 -15.67
CA TRP C 223 -1.89 -50.66 -16.19
C TRP C 223 -2.14 -50.54 -17.68
N LEU C 224 -1.83 -49.36 -18.21
CA LEU C 224 -1.96 -49.03 -19.62
C LEU C 224 -0.61 -49.06 -20.33
N VAL C 225 -0.66 -49.25 -21.65
CA VAL C 225 0.52 -49.34 -22.50
C VAL C 225 0.33 -48.44 -23.72
N GLY C 226 1.46 -48.03 -24.30
CA GLY C 226 1.44 -47.11 -25.43
C GLY C 226 1.22 -47.73 -26.79
N GLU C 227 1.93 -47.27 -27.82
CA GLU C 227 1.61 -47.68 -29.19
C GLU C 227 2.46 -48.84 -29.66
N ARG C 228 3.78 -48.65 -29.76
CA ARG C 228 4.61 -49.66 -30.41
C ARG C 228 5.17 -50.70 -29.46
N GLU C 229 5.06 -50.53 -28.14
CA GLU C 229 5.57 -51.53 -27.22
C GLU C 229 4.71 -52.80 -27.26
N ILE C 230 3.64 -52.82 -28.04
CA ILE C 230 2.71 -53.93 -28.07
C ILE C 230 2.88 -54.84 -29.28
N SER C 231 3.90 -54.59 -30.11
CA SER C 231 4.11 -55.39 -31.32
C SER C 231 5.53 -55.92 -31.30
N GLY C 232 5.68 -57.20 -30.98
CA GLY C 232 6.99 -57.82 -30.98
C GLY C 232 7.26 -58.67 -29.76
N ASN C 233 8.48 -58.56 -29.21
CA ASN C 233 8.86 -59.39 -28.07
C ASN C 233 8.01 -59.07 -26.85
N ALA C 234 7.71 -57.79 -26.62
CA ALA C 234 6.84 -57.38 -25.51
C ALA C 234 5.39 -57.73 -25.76
N LEU C 235 5.07 -58.32 -26.90
CA LEU C 235 3.75 -58.87 -27.14
C LEU C 235 3.72 -60.36 -26.85
N ARG C 236 4.89 -61.00 -26.95
CA ARG C 236 5.05 -62.36 -26.47
C ARG C 236 5.04 -62.45 -24.96
N TYR C 237 5.64 -61.46 -24.28
CA TYR C 237 5.69 -61.41 -22.83
C TYR C 237 4.48 -60.69 -22.24
N ALA C 238 3.48 -60.40 -23.08
CA ALA C 238 2.33 -59.64 -22.63
C ALA C 238 1.49 -60.44 -21.64
N PRO C 239 0.82 -59.77 -20.71
CA PRO C 239 -0.07 -60.46 -19.78
C PRO C 239 -1.39 -60.83 -20.45
N ASP C 240 -2.36 -61.32 -19.69
CA ASP C 240 -3.69 -61.62 -20.21
C ASP C 240 -4.65 -60.58 -19.66
N GLY C 241 -4.79 -59.45 -20.36
CA GLY C 241 -5.75 -58.45 -19.97
C GLY C 241 -5.30 -57.00 -20.05
N ILE C 242 -4.08 -56.76 -20.54
CA ILE C 242 -3.60 -55.39 -20.66
C ILE C 242 -4.42 -54.65 -21.72
N ILE C 243 -4.49 -53.32 -21.57
CA ILE C 243 -5.22 -52.48 -22.51
C ILE C 243 -4.30 -51.41 -23.09
N GLY C 244 -4.57 -51.05 -24.35
CA GLY C 244 -3.74 -50.13 -25.10
C GLY C 244 -4.55 -49.38 -26.14
N LEU C 245 -3.94 -48.33 -26.68
CA LEU C 245 -4.56 -47.44 -27.63
C LEU C 245 -4.04 -47.71 -29.03
N GLN C 246 -4.89 -47.48 -30.03
CA GLN C 246 -4.53 -47.75 -31.42
C GLN C 246 -5.15 -46.70 -32.33
N LEU C 247 -4.46 -46.43 -33.44
CA LEU C 247 -4.85 -45.37 -34.35
C LEU C 247 -5.80 -45.91 -35.42
N ILE C 248 -6.89 -45.17 -35.67
CA ILE C 248 -7.76 -45.52 -36.78
C ILE C 248 -7.10 -45.05 -38.08
N ASN C 249 -7.03 -45.96 -39.05
CA ASN C 249 -6.38 -45.69 -40.35
C ASN C 249 -4.93 -45.27 -40.17
N GLY C 250 -4.25 -45.89 -39.22
CA GLY C 250 -2.85 -45.60 -38.99
C GLY C 250 -1.91 -46.19 -40.01
N LYS C 251 -2.38 -47.14 -40.82
CA LYS C 251 -1.57 -47.74 -41.87
C LYS C 251 -1.91 -47.23 -43.26
N ASN C 252 -3.19 -46.96 -43.53
CA ASN C 252 -3.61 -46.51 -44.85
C ASN C 252 -3.13 -45.08 -45.06
N GLU C 253 -2.04 -44.94 -45.82
CA GLU C 253 -1.43 -43.64 -46.09
C GLU C 253 -2.16 -42.85 -47.15
N SER C 254 -3.13 -43.47 -47.85
CA SER C 254 -3.81 -42.77 -48.94
C SER C 254 -4.69 -41.65 -48.41
N ALA C 255 -5.45 -41.93 -47.34
CA ALA C 255 -6.31 -40.90 -46.77
C ALA C 255 -5.48 -39.74 -46.23
N HIS C 256 -4.39 -40.04 -45.52
CA HIS C 256 -3.53 -38.98 -45.00
C HIS C 256 -2.91 -38.17 -46.13
N ILE C 257 -2.47 -38.84 -47.19
CA ILE C 257 -1.86 -38.13 -48.31
C ILE C 257 -2.88 -37.20 -48.98
N SER C 258 -4.08 -37.72 -49.22
CA SER C 258 -5.12 -36.89 -49.85
C SER C 258 -5.50 -35.71 -48.97
N ASP C 259 -5.62 -35.94 -47.67
CA ASP C 259 -5.89 -34.87 -46.72
C ASP C 259 -4.80 -33.81 -46.76
N ALA C 260 -3.54 -34.23 -46.86
CA ALA C 260 -2.46 -33.24 -46.87
C ALA C 260 -2.37 -32.49 -48.20
N VAL C 261 -2.70 -33.15 -49.31
CA VAL C 261 -2.78 -32.48 -50.60
C VAL C 261 -3.87 -31.42 -50.60
N GLY C 262 -5.05 -31.77 -50.07
CA GLY C 262 -6.10 -30.78 -49.89
C GLY C 262 -5.70 -29.65 -48.97
N VAL C 263 -5.14 -29.95 -47.80
CA VAL C 263 -4.67 -28.85 -46.93
C VAL C 263 -3.73 -27.91 -47.69
N VAL C 264 -2.74 -28.47 -48.38
CA VAL C 264 -1.68 -27.66 -48.99
C VAL C 264 -2.26 -26.88 -50.16
N ALA C 265 -3.20 -27.49 -50.90
CA ALA C 265 -3.87 -26.79 -51.99
C ALA C 265 -4.67 -25.61 -51.46
N GLN C 266 -5.41 -25.81 -50.37
CA GLN C 266 -6.16 -24.71 -49.78
C GLN C 266 -5.23 -23.60 -49.32
N ALA C 267 -4.11 -23.97 -48.70
CA ALA C 267 -3.18 -22.97 -48.21
C ALA C 267 -2.57 -22.16 -49.34
N VAL C 268 -2.13 -22.84 -50.40
CA VAL C 268 -1.55 -22.17 -51.56
C VAL C 268 -2.59 -21.29 -52.26
N HIS C 269 -3.84 -21.76 -52.29
CA HIS C 269 -4.88 -20.98 -52.95
C HIS C 269 -5.14 -19.70 -52.18
N GLU C 270 -5.24 -19.83 -50.85
CA GLU C 270 -5.44 -18.64 -50.03
C GLU C 270 -4.28 -17.67 -50.21
N LEU C 271 -3.04 -18.16 -50.06
CA LEU C 271 -1.85 -17.33 -50.26
C LEU C 271 -1.85 -16.62 -51.61
N LEU C 272 -2.04 -17.37 -52.71
CA LEU C 272 -1.95 -16.75 -54.03
C LEU C 272 -3.10 -15.80 -54.31
N GLU C 273 -4.28 -16.06 -53.73
CA GLU C 273 -5.38 -15.10 -53.82
C GLU C 273 -5.22 -13.93 -52.87
N LYS C 274 -4.25 -14.01 -51.95
CA LYS C 274 -3.97 -12.95 -50.99
C LYS C 274 -2.99 -11.96 -51.60
N GLU C 275 -2.35 -11.15 -50.75
CA GLU C 275 -1.50 -10.04 -51.15
C GLU C 275 -0.28 -10.48 -51.98
N ASN C 276 0.56 -9.53 -52.37
CA ASN C 276 1.65 -9.85 -53.29
C ASN C 276 2.61 -10.87 -52.69
N ILE C 277 3.20 -11.69 -53.56
CA ILE C 277 4.12 -12.76 -53.16
C ILE C 277 5.34 -12.70 -54.06
N THR C 278 6.53 -12.89 -53.46
CA THR C 278 7.73 -13.02 -54.26
C THR C 278 7.98 -14.50 -54.55
N ASP C 279 9.12 -14.82 -55.11
CA ASP C 279 9.40 -16.21 -55.46
C ASP C 279 10.26 -16.90 -54.40
N PRO C 280 10.13 -18.22 -54.27
CA PRO C 280 11.11 -19.00 -53.50
C PRO C 280 12.45 -19.04 -54.22
N PRO C 281 13.52 -19.44 -53.55
CA PRO C 281 14.83 -19.54 -54.24
C PRO C 281 14.75 -20.47 -55.44
N ARG C 282 14.94 -19.89 -56.64
CA ARG C 282 15.08 -20.71 -57.84
C ARG C 282 16.20 -21.74 -57.80
N GLY C 283 17.08 -21.70 -56.79
CA GLY C 283 18.17 -22.66 -56.76
C GLY C 283 18.90 -22.59 -55.44
N CYS C 284 19.88 -23.49 -55.30
CA CYS C 284 20.70 -23.58 -54.09
C CYS C 284 21.95 -22.72 -54.15
N VAL C 285 21.96 -21.68 -54.98
CA VAL C 285 23.13 -20.84 -55.19
C VAL C 285 22.70 -19.38 -55.22
N GLY C 286 23.47 -18.52 -54.58
CA GLY C 286 23.27 -17.07 -54.61
C GLY C 286 22.38 -16.43 -53.56
N ASN C 287 21.21 -17.02 -53.29
CA ASN C 287 20.28 -16.43 -52.33
C ASN C 287 20.78 -16.62 -50.91
N THR C 288 20.68 -15.55 -50.10
CA THR C 288 21.24 -15.55 -48.75
C THR C 288 20.18 -15.35 -47.68
N ASN C 289 19.33 -14.33 -47.81
CA ASN C 289 18.44 -13.84 -46.77
C ASN C 289 17.21 -14.75 -46.64
N ILE C 290 16.48 -14.58 -45.54
CA ILE C 290 15.31 -15.41 -45.31
C ILE C 290 14.19 -15.01 -46.26
N TRP C 291 13.24 -15.93 -46.44
CA TRP C 291 12.08 -15.68 -47.29
C TRP C 291 11.00 -14.94 -46.54
N LYS C 292 10.42 -13.93 -47.18
CA LYS C 292 9.33 -13.17 -46.58
C LYS C 292 8.00 -13.91 -46.66
N THR C 293 7.87 -14.89 -47.55
CA THR C 293 6.61 -15.63 -47.65
C THR C 293 6.40 -16.59 -46.49
N GLY C 294 7.45 -16.92 -45.74
CA GLY C 294 7.36 -17.82 -44.62
C GLY C 294 6.36 -17.39 -43.56
N PRO C 295 6.41 -16.12 -43.13
CA PRO C 295 5.39 -15.63 -42.20
C PRO C 295 3.96 -15.85 -42.67
N LEU C 296 3.65 -15.42 -43.89
CA LEU C 296 2.28 -15.55 -44.40
C LEU C 296 1.87 -17.01 -44.51
N PHE C 297 2.78 -17.87 -44.98
CA PHE C 297 2.44 -19.27 -45.16
C PHE C 297 2.21 -19.98 -43.83
N LYS C 298 3.07 -19.71 -42.85
CA LYS C 298 2.85 -20.32 -41.54
C LYS C 298 1.59 -19.79 -40.89
N ARG C 299 1.28 -18.50 -41.09
CA ARG C 299 0.03 -17.96 -40.57
C ARG C 299 -1.18 -18.62 -41.22
N VAL C 300 -1.11 -18.85 -42.53
CA VAL C 300 -2.20 -19.51 -43.24
C VAL C 300 -2.36 -20.94 -42.74
N LEU C 301 -1.25 -21.66 -42.57
CA LEU C 301 -1.31 -23.03 -42.09
C LEU C 301 -1.85 -23.10 -40.67
N MET C 302 -1.51 -22.12 -39.82
CA MET C 302 -2.09 -22.08 -38.49
C MET C 302 -3.60 -21.89 -38.55
N SER C 303 -4.06 -20.97 -39.39
CA SER C 303 -5.49 -20.68 -39.53
C SER C 303 -6.19 -21.61 -40.49
N SER C 304 -5.65 -22.79 -40.75
CA SER C 304 -6.16 -23.61 -41.85
C SER C 304 -7.44 -24.30 -41.40
N LYS C 305 -8.51 -24.17 -42.18
CA LYS C 305 -9.76 -24.81 -41.79
C LYS C 305 -10.03 -25.94 -42.77
N TYR C 306 -9.47 -27.12 -42.49
CA TYR C 306 -9.69 -28.26 -43.38
C TYR C 306 -10.88 -29.08 -42.89
N ALA C 307 -12.05 -28.44 -42.86
CA ALA C 307 -13.25 -29.14 -42.41
C ALA C 307 -13.68 -30.21 -43.38
N ASP C 308 -13.26 -30.13 -44.65
CA ASP C 308 -13.59 -31.13 -45.66
C ASP C 308 -12.54 -32.25 -45.66
N GLY C 309 -12.43 -32.91 -44.51
CA GLY C 309 -11.50 -34.02 -44.39
C GLY C 309 -12.07 -35.32 -44.92
N VAL C 310 -11.14 -36.22 -45.24
CA VAL C 310 -11.51 -37.55 -45.74
C VAL C 310 -12.00 -38.44 -44.60
N THR C 311 -11.23 -38.56 -43.53
CA THR C 311 -11.57 -39.47 -42.44
C THR C 311 -12.19 -38.76 -41.24
N GLY C 312 -12.81 -37.61 -41.45
CA GLY C 312 -13.43 -36.86 -40.38
C GLY C 312 -13.03 -35.41 -40.47
N ARG C 313 -13.18 -34.69 -39.36
CA ARG C 313 -12.82 -33.27 -39.30
C ARG C 313 -11.31 -33.21 -39.12
N VAL C 314 -10.58 -33.13 -40.23
CA VAL C 314 -9.12 -33.09 -40.17
C VAL C 314 -8.74 -31.63 -39.99
N GLU C 315 -8.76 -31.17 -38.75
CA GLU C 315 -8.38 -29.80 -38.40
C GLU C 315 -7.33 -29.86 -37.31
N PHE C 316 -6.30 -29.03 -37.43
CA PHE C 316 -5.15 -29.07 -36.54
C PHE C 316 -5.22 -27.96 -35.51
N ASN C 317 -4.19 -27.91 -34.68
CA ASN C 317 -4.06 -27.01 -33.54
C ASN C 317 -2.89 -26.09 -33.79
N GLU C 318 -2.51 -25.30 -32.78
CA GLU C 318 -1.39 -24.39 -32.97
C GLU C 318 -0.08 -25.10 -33.30
N ASP C 319 0.03 -26.40 -33.04
CA ASP C 319 1.25 -27.16 -33.33
C ASP C 319 1.03 -28.20 -34.45
N GLY C 320 0.15 -27.89 -35.39
CA GLY C 320 -0.39 -28.82 -36.36
C GLY C 320 -0.67 -30.23 -35.87
N ASP C 321 -1.66 -30.40 -35.01
CA ASP C 321 -2.01 -31.73 -34.51
C ASP C 321 -3.52 -31.90 -34.59
N ARG C 322 -3.96 -33.00 -35.20
CA ARG C 322 -5.38 -33.24 -35.44
C ARG C 322 -6.15 -33.15 -34.14
N LYS C 323 -7.32 -32.54 -34.20
CA LYS C 323 -8.14 -32.40 -33.00
C LYS C 323 -9.30 -33.38 -33.12
N PHE C 324 -10.00 -33.60 -32.00
CA PHE C 324 -11.09 -34.57 -31.93
C PHE C 324 -10.64 -35.93 -32.45
N ALA C 325 -9.44 -36.33 -32.06
CA ALA C 325 -8.83 -37.55 -32.59
C ALA C 325 -9.63 -38.78 -32.17
N ASN C 326 -9.67 -39.77 -33.06
CA ASN C 326 -10.38 -41.01 -32.84
C ASN C 326 -9.38 -42.14 -32.65
N TYR C 327 -9.51 -42.87 -31.55
CA TYR C 327 -8.58 -43.95 -31.22
C TYR C 327 -9.37 -45.15 -30.72
N SER C 328 -8.97 -46.33 -31.17
CA SER C 328 -9.58 -47.56 -30.70
C SER C 328 -8.84 -48.07 -29.46
N ILE C 329 -9.55 -48.85 -28.67
CA ILE C 329 -9.06 -49.32 -27.37
C ILE C 329 -9.00 -50.84 -27.43
N MET C 330 -7.80 -51.39 -27.64
CA MET C 330 -7.62 -52.84 -27.70
C MET C 330 -7.31 -53.37 -26.30
N ASN C 331 -8.20 -54.22 -25.80
CA ASN C 331 -7.98 -55.02 -24.61
C ASN C 331 -7.42 -56.37 -25.06
N LEU C 332 -6.57 -56.95 -24.23
CA LEU C 332 -5.89 -58.20 -24.55
C LEU C 332 -6.75 -59.37 -24.07
N GLN C 333 -7.76 -59.68 -24.87
CA GLN C 333 -8.62 -60.85 -24.61
C GLN C 333 -7.93 -62.07 -25.22
N ASN C 334 -7.35 -62.89 -24.35
CA ASN C 334 -6.64 -64.11 -24.74
C ASN C 334 -5.60 -63.81 -25.83
N ARG C 335 -4.73 -62.84 -25.51
CA ARG C 335 -3.64 -62.40 -26.37
C ARG C 335 -4.14 -61.66 -27.61
N LYS C 336 -5.45 -61.57 -27.79
CA LYS C 336 -6.02 -60.92 -28.96
C LYS C 336 -6.40 -59.48 -28.64
N LEU C 337 -6.13 -58.59 -29.58
CA LEU C 337 -6.45 -57.17 -29.41
C LEU C 337 -7.88 -56.94 -29.86
N VAL C 338 -8.79 -56.75 -28.90
CA VAL C 338 -10.21 -56.62 -29.19
C VAL C 338 -10.68 -55.25 -28.70
N GLN C 339 -11.46 -54.55 -29.53
CA GLN C 339 -11.92 -53.22 -29.18
C GLN C 339 -12.93 -53.30 -28.03
N VAL C 340 -12.69 -52.49 -26.99
CA VAL C 340 -13.57 -52.44 -25.84
C VAL C 340 -13.90 -50.99 -25.51
N GLY C 341 -13.45 -50.08 -26.37
CA GLY C 341 -13.72 -48.67 -26.16
C GLY C 341 -13.34 -47.86 -27.38
N ILE C 342 -13.93 -46.67 -27.47
CA ILE C 342 -13.69 -45.76 -28.58
C ILE C 342 -13.46 -44.36 -28.01
N TYR C 343 -12.41 -43.71 -28.49
CA TYR C 343 -12.08 -42.33 -28.14
C TYR C 343 -12.55 -41.45 -29.28
N ASN C 344 -13.35 -40.42 -28.97
CA ASN C 344 -13.84 -39.56 -30.03
C ASN C 344 -13.13 -38.22 -30.07
N GLY C 345 -12.43 -37.84 -29.01
CA GLY C 345 -11.71 -36.60 -28.94
C GLY C 345 -12.01 -35.86 -27.66
N THR C 346 -13.28 -35.87 -27.24
CA THR C 346 -13.61 -35.37 -25.91
C THR C 346 -13.82 -36.46 -24.86
N HIS C 347 -14.55 -37.53 -25.16
CA HIS C 347 -14.80 -38.56 -24.16
C HIS C 347 -14.23 -39.90 -24.63
N VAL C 348 -14.43 -40.93 -23.79
CA VAL C 348 -14.14 -42.31 -24.17
C VAL C 348 -15.31 -43.19 -23.78
N ILE C 349 -15.89 -43.85 -24.77
CA ILE C 349 -17.13 -44.62 -24.59
C ILE C 349 -16.77 -46.10 -24.72
N PRO C 350 -17.03 -46.91 -23.70
CA PRO C 350 -16.77 -48.35 -23.82
C PRO C 350 -17.72 -49.02 -24.80
N ASN C 351 -17.24 -50.13 -25.37
CA ASN C 351 -18.00 -50.89 -26.34
C ASN C 351 -18.86 -51.93 -25.62
N ASP C 352 -19.48 -52.81 -26.40
CA ASP C 352 -20.43 -53.79 -25.85
C ASP C 352 -19.76 -55.06 -25.37
N ARG C 353 -18.45 -55.22 -25.56
CA ARG C 353 -17.74 -56.41 -25.16
C ARG C 353 -17.07 -56.17 -23.80
N LYS C 354 -17.16 -57.16 -22.91
CA LYS C 354 -16.66 -56.99 -21.56
C LYS C 354 -15.14 -56.83 -21.57
N ILE C 355 -14.66 -55.90 -20.76
CA ILE C 355 -13.22 -55.65 -20.65
C ILE C 355 -12.62 -56.77 -19.81
N ILE C 356 -11.77 -57.57 -20.43
CA ILE C 356 -11.08 -58.64 -19.72
C ILE C 356 -9.90 -58.04 -18.95
N TRP C 357 -9.89 -58.25 -17.60
CA TRP C 357 -8.87 -57.52 -16.86
C TRP C 357 -7.65 -58.40 -16.60
N PRO C 358 -6.49 -57.80 -16.37
CA PRO C 358 -5.33 -58.59 -15.95
C PRO C 358 -5.63 -59.35 -14.67
N GLY C 359 -5.22 -60.62 -14.64
CA GLY C 359 -5.54 -61.49 -13.54
C GLY C 359 -6.89 -62.17 -13.62
N GLY C 360 -7.69 -61.85 -14.63
CA GLY C 360 -8.98 -62.51 -14.82
C GLY C 360 -10.11 -61.91 -14.02
N GLU C 361 -10.36 -60.62 -14.20
CA GLU C 361 -11.44 -59.92 -13.51
C GLU C 361 -12.56 -59.56 -14.47
N THR C 362 -13.73 -59.29 -13.90
CA THR C 362 -14.87 -58.79 -14.65
C THR C 362 -15.36 -57.44 -14.13
N GLU C 363 -14.71 -56.87 -13.14
CA GLU C 363 -15.17 -55.63 -12.51
C GLU C 363 -14.04 -54.60 -12.45
N LYS C 364 -14.27 -53.50 -11.76
CA LYS C 364 -13.27 -52.43 -11.70
C LYS C 364 -12.09 -52.83 -10.84
N PRO C 365 -10.88 -52.92 -11.39
CA PRO C 365 -9.72 -53.30 -10.56
C PRO C 365 -9.36 -52.21 -9.56
N ARG C 366 -8.77 -52.63 -8.45
CA ARG C 366 -8.36 -51.71 -7.40
C ARG C 366 -7.06 -51.04 -7.79
N GLY C 367 -7.10 -49.72 -7.98
CA GLY C 367 -5.93 -48.97 -8.40
C GLY C 367 -5.10 -48.38 -7.29
N TYR C 368 -5.59 -48.43 -6.06
CA TYR C 368 -4.86 -47.83 -4.95
C TYR C 368 -5.49 -48.29 -3.64
N GLN C 369 -4.67 -48.62 -2.67
CA GLN C 369 -5.12 -49.26 -1.44
C GLN C 369 -4.77 -48.41 -0.23
N MET C 370 -5.39 -48.77 0.91
CA MET C 370 -5.16 -48.09 2.18
C MET C 370 -4.00 -48.77 2.90
N SER C 371 -2.90 -48.03 3.09
CA SER C 371 -1.74 -48.61 3.76
C SER C 371 -2.04 -48.82 5.24
N THR C 372 -2.49 -50.02 5.59
CA THR C 372 -2.82 -50.31 6.98
C THR C 372 -1.60 -50.25 7.87
N ARG C 373 -0.44 -50.70 7.38
CA ARG C 373 0.77 -50.67 8.18
C ARG C 373 1.34 -49.27 8.19
N LEU C 374 1.39 -48.66 9.37
CA LEU C 374 1.84 -47.28 9.52
C LEU C 374 3.23 -47.22 10.12
N LYS C 375 4.01 -46.24 9.69
CA LYS C 375 5.37 -46.05 10.14
C LYS C 375 5.48 -44.71 10.86
N ILE C 376 6.07 -44.73 12.06
CA ILE C 376 6.16 -43.54 12.91
C ILE C 376 7.58 -43.36 13.40
N VAL C 377 8.05 -42.11 13.43
CA VAL C 377 9.33 -41.74 14.00
C VAL C 377 9.11 -40.55 14.92
N THR C 378 9.98 -40.39 15.91
CA THR C 378 9.82 -39.27 16.83
C THR C 378 11.15 -38.97 17.51
N ILE C 379 11.23 -37.80 18.16
CA ILE C 379 12.38 -37.46 19.00
C ILE C 379 12.10 -37.93 20.42
N HIS C 380 13.13 -38.51 21.03
CA HIS C 380 13.05 -38.92 22.42
C HIS C 380 13.21 -37.70 23.31
N GLN C 381 12.13 -37.35 24.02
CA GLN C 381 12.13 -36.18 24.89
C GLN C 381 11.06 -36.36 25.95
N GLU C 382 11.42 -36.12 27.21
CA GLU C 382 10.48 -36.26 28.32
C GLU C 382 9.53 -35.07 28.36
N PRO C 383 8.26 -35.28 28.76
CA PRO C 383 7.66 -36.54 29.19
C PRO C 383 6.77 -37.17 28.13
N PHE C 384 7.16 -37.08 26.87
CA PHE C 384 6.37 -37.68 25.80
C PHE C 384 6.96 -38.97 25.26
N VAL C 385 8.29 -39.07 25.20
CA VAL C 385 8.95 -40.30 24.78
C VAL C 385 9.83 -40.79 25.92
N TYR C 386 9.56 -42.02 26.37
CA TYR C 386 10.34 -42.67 27.42
C TYR C 386 10.97 -43.92 26.83
N VAL C 387 12.30 -43.95 26.79
CA VAL C 387 13.05 -45.04 26.18
C VAL C 387 13.99 -45.64 27.22
N LYS C 388 13.96 -46.97 27.34
CA LYS C 388 14.90 -47.68 28.19
C LYS C 388 15.43 -48.91 27.49
N PRO C 389 16.66 -49.31 27.78
CA PRO C 389 17.20 -50.55 27.19
C PRO C 389 16.51 -51.78 27.76
N THR C 390 16.53 -52.83 26.96
CA THR C 390 15.89 -54.11 27.25
C THR C 390 16.93 -55.18 27.58
N MET C 391 16.44 -56.33 28.03
CA MET C 391 17.25 -57.49 28.30
C MET C 391 17.44 -58.26 27.00
N SER C 392 18.14 -59.40 27.05
CA SER C 392 18.28 -60.22 25.86
C SER C 392 16.93 -60.76 25.38
N ASP C 393 15.91 -60.78 26.23
CA ASP C 393 14.58 -61.15 25.74
C ASP C 393 13.92 -60.05 24.92
N GLY C 394 14.49 -58.85 24.90
CA GLY C 394 13.90 -57.74 24.20
C GLY C 394 12.78 -57.04 24.95
N THR C 395 12.50 -57.44 26.18
CA THR C 395 11.46 -56.84 26.99
C THR C 395 12.05 -56.23 28.26
N CYS C 396 11.15 -55.78 29.13
CA CYS C 396 11.50 -54.99 30.30
C CYS C 396 10.31 -55.01 31.25
N LYS C 397 10.55 -54.40 32.41
CA LYS C 397 9.67 -54.47 33.57
C LYS C 397 8.29 -53.94 33.21
N GLU C 398 7.26 -54.70 33.56
CA GLU C 398 5.88 -54.32 33.21
C GLU C 398 5.30 -53.50 34.35
N GLU C 399 5.60 -52.20 34.32
CA GLU C 399 5.22 -51.32 35.40
C GLU C 399 3.70 -51.12 35.46
N PHE C 400 3.24 -50.58 36.58
CA PHE C 400 1.82 -50.33 36.80
C PHE C 400 1.60 -48.88 37.22
N THR C 401 0.39 -48.56 37.64
CA THR C 401 0.03 -47.21 38.09
C THR C 401 -0.52 -47.27 39.52
N VAL C 402 -1.07 -46.15 39.98
CA VAL C 402 -1.59 -46.08 41.35
C VAL C 402 -2.74 -47.05 41.55
N ASN C 403 -3.70 -47.06 40.62
CA ASN C 403 -4.81 -48.00 40.70
C ASN C 403 -4.49 -49.33 40.03
N GLY C 404 -3.21 -49.67 39.87
CA GLY C 404 -2.93 -51.02 39.44
C GLY C 404 -2.96 -51.23 37.94
N ASP C 405 -3.32 -50.20 37.17
CA ASP C 405 -3.39 -50.34 35.72
C ASP C 405 -1.98 -50.41 35.14
N PRO C 406 -1.67 -51.44 34.35
CA PRO C 406 -0.31 -51.56 33.80
C PRO C 406 -0.04 -50.47 32.76
N VAL C 407 1.13 -49.85 32.89
CA VAL C 407 1.56 -48.85 31.92
C VAL C 407 1.80 -49.51 30.58
N LYS C 408 1.21 -48.94 29.53
CA LYS C 408 1.32 -49.52 28.19
C LYS C 408 2.76 -49.47 27.71
N LYS C 409 3.26 -50.60 27.25
CA LYS C 409 4.62 -50.73 26.75
C LYS C 409 4.59 -50.98 25.25
N VAL C 410 5.52 -50.36 24.53
CA VAL C 410 5.72 -50.69 23.13
C VAL C 410 7.20 -50.97 22.91
N ILE C 411 7.48 -51.72 21.85
CA ILE C 411 8.84 -52.05 21.46
C ILE C 411 9.24 -51.10 20.34
N CYS C 412 10.26 -50.31 20.59
CA CYS C 412 10.72 -49.30 19.64
C CYS C 412 12.12 -49.62 19.19
N THR C 413 12.36 -49.54 17.88
CA THR C 413 13.65 -49.94 17.35
C THR C 413 14.49 -48.68 17.25
N GLY C 414 15.32 -48.43 18.26
CA GLY C 414 15.98 -47.15 18.37
C GLY C 414 17.44 -47.21 18.02
N PRO C 415 17.88 -46.37 17.09
CA PRO C 415 19.31 -46.31 16.77
C PRO C 415 20.12 -45.82 17.96
N ASN C 416 21.34 -46.35 18.07
CA ASN C 416 22.24 -46.08 19.19
C ASN C 416 22.97 -44.76 18.96
N ASP C 417 22.22 -43.67 19.13
CA ASP C 417 22.74 -42.33 18.85
C ASP C 417 23.35 -41.70 20.09
N THR C 418 24.32 -42.40 20.70
CA THR C 418 25.01 -41.85 21.86
C THR C 418 25.92 -40.70 21.46
N SER C 419 26.70 -40.87 20.41
CA SER C 419 27.64 -39.86 19.95
C SER C 419 27.67 -39.85 18.44
N PRO C 420 27.93 -38.70 17.81
CA PRO C 420 28.05 -38.66 16.35
C PRO C 420 29.33 -39.33 15.87
N GLY C 421 29.19 -40.48 15.23
CA GLY C 421 30.32 -41.29 14.82
C GLY C 421 30.39 -42.64 15.50
N SER C 422 29.74 -42.78 16.65
CA SER C 422 29.76 -44.03 17.40
C SER C 422 28.83 -45.02 16.70
N PRO C 423 28.92 -46.31 17.04
CA PRO C 423 27.92 -47.25 16.49
C PRO C 423 26.50 -46.72 16.66
N ARG C 424 25.85 -46.38 15.55
CA ARG C 424 24.50 -45.84 15.57
C ARG C 424 23.63 -46.82 14.80
N HIS C 425 23.19 -47.86 15.51
CA HIS C 425 22.43 -48.92 14.91
C HIS C 425 21.20 -49.21 15.76
N THR C 426 20.18 -49.71 15.08
CA THR C 426 18.85 -49.84 15.64
C THR C 426 18.73 -51.05 16.56
N VAL C 427 18.40 -50.82 17.82
CA VAL C 427 18.31 -51.89 18.82
C VAL C 427 16.92 -51.87 19.42
N PRO C 428 16.37 -53.03 19.80
CA PRO C 428 15.05 -53.02 20.45
C PRO C 428 15.12 -52.35 21.83
N GLN C 429 14.12 -51.51 22.12
CA GLN C 429 14.06 -50.80 23.37
C GLN C 429 12.62 -50.71 23.86
N CYS C 430 12.46 -50.45 25.16
CA CYS C 430 11.14 -50.22 25.74
C CYS C 430 10.76 -48.75 25.63
N CYS C 431 9.61 -48.49 25.02
CA CYS C 431 9.12 -47.13 24.82
C CYS C 431 7.74 -46.97 25.44
N TYR C 432 7.53 -45.82 26.06
CA TYR C 432 6.31 -45.47 26.77
C TYR C 432 6.30 -43.98 27.10
N GLY C 433 5.14 -43.36 26.96
CA GLY C 433 5.03 -41.93 27.21
C GLY C 433 3.73 -41.39 26.63
N PHE C 434 3.69 -40.06 26.53
CA PHE C 434 2.48 -39.37 26.07
C PHE C 434 2.13 -39.74 24.65
N CYS C 435 3.08 -39.63 23.73
CA CYS C 435 2.80 -40.00 22.36
C CYS C 435 2.52 -41.49 22.23
N ILE C 436 3.17 -42.31 23.08
CA ILE C 436 3.01 -43.75 22.96
C ILE C 436 1.57 -44.16 23.30
N ASP C 437 1.07 -43.75 24.46
CA ASP C 437 -0.31 -44.11 24.77
C ASP C 437 -1.31 -43.32 23.95
N LEU C 438 -0.92 -42.16 23.43
CA LEU C 438 -1.80 -41.46 22.51
C LEU C 438 -2.01 -42.26 21.23
N LEU C 439 -0.93 -42.80 20.65
CA LEU C 439 -1.09 -43.60 19.45
C LEU C 439 -1.74 -44.95 19.75
N ILE C 440 -1.53 -45.50 20.94
CA ILE C 440 -2.25 -46.74 21.24
C ILE C 440 -3.75 -46.45 21.37
N LYS C 441 -4.11 -45.28 21.90
CA LYS C 441 -5.52 -44.91 21.95
C LYS C 441 -6.08 -44.71 20.55
N LEU C 442 -5.28 -44.10 19.67
CA LEU C 442 -5.70 -43.95 18.28
C LEU C 442 -5.88 -45.31 17.61
N ALA C 443 -4.97 -46.24 17.88
CA ALA C 443 -5.08 -47.60 17.35
C ALA C 443 -6.29 -48.32 17.90
N ARG C 444 -6.67 -48.01 19.12
CA ARG C 444 -7.82 -48.65 19.74
C ARG C 444 -9.09 -48.09 19.11
N THR C 445 -9.06 -46.80 18.78
CA THR C 445 -10.22 -46.13 18.20
C THR C 445 -10.44 -46.56 16.76
N MET C 446 -9.46 -46.30 15.89
CA MET C 446 -9.66 -46.51 14.46
C MET C 446 -8.89 -47.71 13.90
N ASN C 447 -8.25 -48.50 14.77
CA ASN C 447 -7.80 -49.86 14.44
C ASN C 447 -6.78 -49.87 13.29
N PHE C 448 -5.61 -49.31 13.56
CA PHE C 448 -4.50 -49.38 12.62
C PHE C 448 -3.40 -50.28 13.17
N THR C 449 -2.41 -50.55 12.33
CA THR C 449 -1.16 -51.20 12.73
C THR C 449 -0.02 -50.21 12.58
N TYR C 450 1.04 -50.40 13.35
CA TYR C 450 2.03 -49.34 13.49
C TYR C 450 3.39 -49.92 13.83
N GLU C 451 4.41 -49.07 13.69
CA GLU C 451 5.74 -49.28 14.24
C GLU C 451 6.21 -47.98 14.86
N VAL C 452 7.13 -48.11 15.82
CA VAL C 452 7.68 -46.95 16.51
C VAL C 452 9.19 -47.06 16.55
N HIS C 453 9.87 -45.94 16.33
CA HIS C 453 11.32 -45.87 16.41
C HIS C 453 11.72 -44.40 16.52
N LEU C 454 12.88 -44.17 17.10
CA LEU C 454 13.36 -42.80 17.27
C LEU C 454 14.31 -42.42 16.15
N VAL C 455 14.37 -41.11 15.89
CA VAL C 455 15.18 -40.57 14.79
C VAL C 455 16.67 -40.66 15.13
N ALA C 456 17.49 -40.66 14.08
CA ALA C 456 18.94 -40.80 14.28
C ALA C 456 19.56 -39.53 14.84
N ASP C 457 19.38 -38.40 14.14
CA ASP C 457 20.06 -37.17 14.56
C ASP C 457 19.46 -36.56 15.81
N GLY C 458 18.19 -36.84 16.10
CA GLY C 458 17.54 -36.27 17.27
C GLY C 458 17.43 -34.77 17.18
N LYS C 459 16.74 -34.27 16.16
CA LYS C 459 16.67 -32.84 15.94
C LYS C 459 15.42 -32.49 15.16
N PHE C 460 14.89 -31.30 15.43
CA PHE C 460 13.63 -30.87 14.82
C PHE C 460 13.73 -30.81 13.30
N GLY C 461 14.57 -29.91 12.79
CA GLY C 461 14.70 -29.74 11.34
C GLY C 461 14.00 -28.51 10.81
N THR C 462 14.70 -27.73 10.00
CA THR C 462 14.14 -26.55 9.33
C THR C 462 14.90 -26.34 8.02
N GLN C 463 14.64 -25.21 7.36
CA GLN C 463 15.32 -24.86 6.11
C GLN C 463 16.74 -24.45 6.43
N GLU C 464 17.69 -25.34 6.15
CA GLU C 464 19.09 -25.09 6.41
C GLU C 464 19.91 -25.53 5.21
N ARG C 465 21.13 -25.00 5.11
CA ARG C 465 21.95 -25.26 3.95
C ARG C 465 22.52 -26.67 4.03
N VAL C 466 22.48 -27.39 2.92
CA VAL C 466 22.81 -28.82 2.90
C VAL C 466 24.32 -28.91 2.68
N ASN C 467 25.07 -28.86 3.77
CA ASN C 467 26.53 -29.01 3.75
C ASN C 467 27.17 -27.95 2.84
N ASN C 468 26.99 -26.69 3.24
CA ASN C 468 27.44 -25.49 2.54
C ASN C 468 27.31 -25.59 1.02
N SER C 469 26.17 -26.11 0.56
CA SER C 469 25.84 -26.23 -0.85
C SER C 469 25.08 -24.97 -1.27
N ASN C 470 24.42 -25.01 -2.41
CA ASN C 470 23.50 -23.95 -2.80
C ASN C 470 22.04 -24.37 -2.67
N LYS C 471 21.70 -25.12 -1.62
CA LYS C 471 20.34 -25.61 -1.45
C LYS C 471 19.93 -25.57 0.02
N LYS C 472 18.79 -24.92 0.30
CA LYS C 472 18.22 -24.83 1.64
C LYS C 472 17.01 -25.77 1.71
N GLU C 473 17.15 -26.86 2.46
CA GLU C 473 16.11 -27.88 2.56
C GLU C 473 15.88 -28.25 4.02
N TRP C 474 14.91 -29.15 4.24
CA TRP C 474 14.52 -29.57 5.57
C TRP C 474 15.45 -30.66 6.09
N ASN C 475 15.31 -30.95 7.38
CA ASN C 475 15.97 -32.09 8.01
C ASN C 475 15.09 -32.56 9.16
N GLY C 476 15.57 -33.56 9.90
CA GLY C 476 14.81 -34.02 11.04
C GLY C 476 13.50 -34.67 10.61
N MET C 477 12.55 -34.73 11.56
CA MET C 477 11.33 -35.49 11.35
C MET C 477 10.69 -35.17 10.01
N MET C 478 10.34 -33.91 9.79
CA MET C 478 9.72 -33.56 8.51
C MET C 478 10.72 -33.61 7.37
N GLY C 479 12.02 -33.57 7.67
CA GLY C 479 13.00 -33.78 6.62
C GLY C 479 12.90 -35.14 5.98
N GLU C 480 12.72 -36.18 6.80
CA GLU C 480 12.51 -37.52 6.23
C GLU C 480 11.05 -37.84 5.98
N LEU C 481 10.12 -37.05 6.52
CA LEU C 481 8.71 -37.27 6.25
C LEU C 481 8.36 -36.82 4.84
N LEU C 482 8.87 -35.66 4.42
CA LEU C 482 8.69 -35.25 3.04
C LEU C 482 9.42 -36.18 2.09
N SER C 483 10.40 -36.95 2.59
CA SER C 483 11.10 -37.88 1.73
C SER C 483 10.40 -39.24 1.64
N GLY C 484 9.40 -39.47 2.49
CA GLY C 484 8.66 -40.71 2.48
C GLY C 484 9.17 -41.80 3.38
N GLN C 485 10.11 -41.51 4.28
CA GLN C 485 10.64 -42.53 5.17
C GLN C 485 9.57 -43.03 6.14
N ALA C 486 9.03 -42.11 6.94
CA ALA C 486 7.98 -42.44 7.90
C ALA C 486 6.63 -41.97 7.37
N ASP C 487 5.56 -42.65 7.79
CA ASP C 487 4.24 -42.29 7.26
C ASP C 487 3.65 -41.11 8.04
N MET C 488 3.37 -41.32 9.32
CA MET C 488 2.71 -40.33 10.15
C MET C 488 3.66 -39.90 11.26
N ILE C 489 3.56 -38.63 11.66
CA ILE C 489 4.33 -38.13 12.79
C ILE C 489 3.44 -38.01 14.01
N VAL C 490 3.91 -38.53 15.14
CA VAL C 490 3.32 -38.21 16.44
C VAL C 490 4.45 -37.68 17.32
N ALA C 491 4.35 -36.40 17.67
CA ALA C 491 5.32 -35.73 18.51
C ALA C 491 4.78 -34.34 18.81
N PRO C 492 5.18 -33.77 19.92
CA PRO C 492 4.77 -32.45 20.27
C PRO C 492 5.64 -31.46 19.50
N LEU C 493 5.26 -31.19 18.26
CA LEU C 493 5.91 -30.18 17.42
C LEU C 493 5.00 -28.97 17.28
N THR C 494 5.58 -27.77 17.42
CA THR C 494 4.86 -26.54 17.09
C THR C 494 4.45 -26.53 15.63
N ILE C 495 3.64 -25.54 15.26
CA ILE C 495 3.16 -25.38 13.89
C ILE C 495 3.50 -23.95 13.46
N ASN C 496 4.64 -23.76 12.83
CA ASN C 496 5.00 -22.46 12.29
C ASN C 496 4.44 -22.33 10.87
N ASN C 497 4.86 -21.28 10.16
CA ASN C 497 4.29 -21.07 8.83
C ASN C 497 4.90 -22.00 7.79
N GLU C 498 6.20 -22.30 7.92
CA GLU C 498 6.90 -23.03 6.87
C GLU C 498 6.38 -24.45 6.74
N ARG C 499 6.49 -25.25 7.80
CA ARG C 499 6.03 -26.63 7.74
C ARG C 499 4.52 -26.71 7.53
N ALA C 500 3.78 -25.66 7.89
CA ALA C 500 2.35 -25.63 7.56
C ALA C 500 2.14 -25.47 6.06
N GLN C 501 2.92 -24.59 5.42
CA GLN C 501 2.87 -24.49 3.97
C GLN C 501 3.24 -25.82 3.32
N TYR C 502 4.26 -26.49 3.85
CA TYR C 502 4.68 -27.76 3.25
C TYR C 502 3.63 -28.85 3.46
N ILE C 503 3.14 -28.98 4.70
CA ILE C 503 2.15 -30.00 5.05
C ILE C 503 1.11 -29.40 5.99
N GLU C 504 -0.14 -29.80 5.80
CA GLU C 504 -1.21 -29.35 6.67
C GLU C 504 -1.19 -30.13 7.99
N PHE C 505 -1.93 -29.62 8.97
CA PHE C 505 -1.97 -30.21 10.29
C PHE C 505 -3.43 -30.32 10.76
N SER C 506 -3.64 -31.18 11.75
CA SER C 506 -4.96 -31.37 12.32
C SER C 506 -5.14 -30.44 13.53
N LYS C 507 -6.19 -30.68 14.30
CA LYS C 507 -6.47 -29.86 15.46
C LYS C 507 -5.36 -30.06 16.50
N PRO C 508 -5.06 -29.05 17.30
CA PRO C 508 -3.98 -29.19 18.29
C PRO C 508 -4.44 -30.02 19.48
N PHE C 509 -3.91 -31.24 19.59
CA PHE C 509 -4.34 -32.13 20.66
C PHE C 509 -4.02 -31.57 22.03
N LYS C 510 -3.00 -30.72 22.15
CA LYS C 510 -2.66 -30.21 23.47
C LYS C 510 -2.21 -28.77 23.38
N TYR C 511 -2.86 -27.89 24.13
CA TYR C 511 -2.47 -26.49 24.16
C TYR C 511 -1.20 -26.31 24.97
N GLN C 512 -0.55 -25.16 24.76
CA GLN C 512 0.79 -24.98 25.32
C GLN C 512 1.16 -23.51 25.26
N GLY C 513 2.03 -23.12 26.19
CA GLY C 513 2.66 -21.81 26.12
C GLY C 513 4.16 -21.93 26.34
N LEU C 514 4.79 -20.80 26.64
CA LEU C 514 6.24 -20.67 26.51
C LEU C 514 6.73 -19.90 27.73
N THR C 515 7.75 -20.43 28.39
CA THR C 515 8.21 -19.88 29.65
C THR C 515 9.70 -20.13 29.80
N ILE C 516 10.33 -19.22 30.51
CA ILE C 516 11.74 -19.31 30.89
C ILE C 516 11.79 -20.14 32.16
N LEU C 517 12.86 -20.92 32.33
CA LEU C 517 13.01 -21.76 33.50
C LEU C 517 14.38 -21.52 34.14
N VAL C 518 14.39 -21.32 35.46
CA VAL C 518 15.60 -21.11 36.22
C VAL C 518 15.50 -21.95 37.49
N LYS C 519 16.66 -22.37 38.01
CA LYS C 519 16.67 -23.18 39.23
C LYS C 519 16.57 -22.32 40.47
N LYS C 520 15.59 -21.42 40.49
CA LYS C 520 15.29 -20.50 41.58
C LYS C 520 16.54 -19.96 42.27
N GLU C 521 16.52 -19.93 43.60
CA GLU C 521 17.64 -19.46 44.40
C GLU C 521 17.37 -19.79 45.85
N ILE C 522 18.39 -20.29 46.55
CA ILE C 522 18.22 -20.66 47.95
C ILE C 522 18.07 -19.39 48.78
N PRO C 523 17.00 -19.27 49.56
CA PRO C 523 16.78 -18.04 50.33
C PRO C 523 17.89 -17.81 51.35
N ARG C 524 18.62 -16.71 51.16
CA ARG C 524 19.77 -16.39 52.01
C ARG C 524 19.79 -14.89 52.25
N SER C 525 19.80 -14.48 53.52
CA SER C 525 19.99 -13.08 53.86
C SER C 525 21.48 -12.77 53.96
N THR C 526 21.95 -11.80 53.20
CA THR C 526 23.35 -11.44 53.19
C THR C 526 23.58 -10.24 54.12
N LEU C 527 24.44 -10.44 55.12
CA LEU C 527 24.87 -9.34 55.97
C LEU C 527 26.02 -9.86 56.83
N ASP C 528 26.84 -8.93 57.34
CA ASP C 528 28.10 -9.34 57.96
C ASP C 528 27.90 -9.85 59.39
N SER C 529 27.45 -8.98 60.30
CA SER C 529 27.41 -9.35 61.71
C SER C 529 26.43 -8.42 62.44
N PHE C 530 26.52 -8.39 63.77
CA PHE C 530 25.70 -7.47 64.54
C PHE C 530 26.03 -6.01 64.23
N MET C 531 27.26 -5.73 63.82
CA MET C 531 27.77 -4.37 63.67
C MET C 531 27.19 -3.63 62.47
N GLN C 532 26.41 -4.30 61.62
CA GLN C 532 25.89 -3.64 60.43
C GLN C 532 25.13 -2.34 60.72
N PRO C 533 24.32 -2.24 61.78
CA PRO C 533 23.66 -0.95 62.03
C PRO C 533 24.61 0.16 62.48
N PHE C 534 25.53 -0.11 63.42
CA PHE C 534 26.28 0.94 64.10
C PHE C 534 27.78 0.75 63.91
N GLN C 535 28.51 1.86 63.77
CA GLN C 535 29.85 1.66 63.23
C GLN C 535 30.77 1.48 64.43
N SER C 536 31.95 0.90 64.18
CA SER C 536 32.91 0.75 65.27
C SER C 536 33.20 2.10 65.92
N THR C 537 33.16 3.18 65.14
CA THR C 537 33.31 4.51 65.71
C THR C 537 32.19 4.81 66.70
N LEU C 538 30.96 4.41 66.37
CA LEU C 538 29.85 4.56 67.32
C LEU C 538 30.07 3.72 68.56
N TRP C 539 30.57 2.50 68.39
CA TRP C 539 30.80 1.64 69.55
C TRP C 539 31.78 2.28 70.50
N LEU C 540 32.93 2.74 69.98
CA LEU C 540 33.89 3.47 70.80
C LEU C 540 33.27 4.73 71.41
N LEU C 541 32.47 5.45 70.63
CA LEU C 541 31.84 6.68 71.14
C LEU C 541 31.00 6.38 72.37
N VAL C 542 30.14 5.37 72.29
CA VAL C 542 29.28 5.06 73.43
C VAL C 542 30.08 4.48 74.58
N GLY C 543 31.10 3.68 74.28
CA GLY C 543 31.90 3.07 75.34
C GLY C 543 32.76 4.07 76.08
N LEU C 544 33.07 5.20 75.44
CA LEU C 544 33.74 6.29 76.13
C LEU C 544 32.75 7.22 76.82
N SER C 545 31.58 7.43 76.21
CA SER C 545 30.59 8.30 76.82
C SER C 545 30.04 7.72 78.11
N VAL C 546 29.91 6.39 78.18
CA VAL C 546 29.44 5.79 79.43
C VAL C 546 30.42 6.05 80.55
N HIS C 547 31.72 5.93 80.27
CA HIS C 547 32.72 6.21 81.30
C HIS C 547 32.74 7.68 81.66
N VAL C 548 32.57 8.56 80.67
CA VAL C 548 32.56 10.00 80.95
C VAL C 548 31.38 10.36 81.85
N VAL C 549 30.19 9.84 81.53
CA VAL C 549 29.02 10.15 82.34
C VAL C 549 29.13 9.50 83.71
N ALA C 550 29.78 8.34 83.80
CA ALA C 550 30.02 7.74 85.12
C ALA C 550 30.95 8.61 85.96
N VAL C 551 31.99 9.16 85.34
CA VAL C 551 32.90 10.05 86.05
C VAL C 551 32.15 11.30 86.53
N MET C 552 31.32 11.87 85.66
CA MET C 552 30.53 13.03 86.05
C MET C 552 29.56 12.67 87.18
N LEU C 553 28.95 11.49 87.12
CA LEU C 553 28.04 11.08 88.19
C LEU C 553 28.78 10.95 89.51
N TYR C 554 29.98 10.37 89.49
CA TYR C 554 30.77 10.27 90.71
C TYR C 554 31.15 11.66 91.24
N LEU C 555 31.52 12.57 90.35
CA LEU C 555 31.84 13.93 90.78
C LEU C 555 30.63 14.63 91.39
N LEU C 556 29.45 14.45 90.79
CA LEU C 556 28.24 15.02 91.37
C LEU C 556 27.94 14.42 92.72
N ASP C 557 28.09 13.10 92.87
CA ASP C 557 27.83 12.46 94.14
C ASP C 557 28.87 12.81 95.19
N ARG C 558 30.04 13.31 94.77
CA ARG C 558 31.01 13.85 95.73
C ARG C 558 30.43 15.05 96.45
N PHE C 559 29.74 15.93 95.73
CA PHE C 559 29.13 17.11 96.32
C PHE C 559 27.76 16.75 96.89
N SER C 560 27.57 17.06 98.17
CA SER C 560 26.30 16.77 98.83
C SER C 560 25.24 17.80 98.46
N THR C 578 31.47 6.68 95.94
CA THR C 578 30.68 6.02 94.92
C THR C 578 31.33 6.14 93.55
N LEU C 579 32.51 5.52 93.41
CA LEU C 579 33.25 5.53 92.16
C LEU C 579 33.08 4.25 91.36
N SER C 580 33.23 3.10 92.01
CA SER C 580 33.08 1.82 91.31
C SER C 580 31.62 1.45 91.12
N SER C 581 30.80 1.61 92.18
CA SER C 581 29.39 1.26 92.08
C SER C 581 28.67 2.15 91.07
N ALA C 582 29.07 3.41 90.96
CA ALA C 582 28.40 4.31 90.02
C ALA C 582 28.71 3.92 88.58
N MET C 583 29.97 3.64 88.26
CA MET C 583 30.31 3.21 86.90
C MET C 583 29.67 1.86 86.58
N TRP C 584 29.63 0.96 87.57
CA TRP C 584 28.97 -0.32 87.34
C TRP C 584 27.49 -0.11 87.02
N PHE C 585 26.81 0.74 87.79
CA PHE C 585 25.40 0.99 87.55
C PHE C 585 25.16 1.62 86.19
N SER C 586 25.99 2.61 85.82
CA SER C 586 25.82 3.27 84.54
C SER C 586 26.06 2.33 83.37
N TRP C 587 27.10 1.49 83.47
CA TRP C 587 27.40 0.59 82.38
C TRP C 587 26.44 -0.59 82.32
N GLY C 588 25.78 -0.94 83.43
CA GLY C 588 24.66 -1.86 83.35
C GLY C 588 23.43 -1.23 82.73
N VAL C 589 23.19 0.06 83.03
CA VAL C 589 22.07 0.79 82.42
C VAL C 589 22.27 0.89 80.92
N LEU C 590 23.52 1.02 80.48
CA LEU C 590 23.82 0.98 79.05
C LEU C 590 23.25 -0.28 78.41
N LEU C 591 23.23 -1.38 79.15
CA LEU C 591 22.72 -2.65 78.66
C LEU C 591 21.35 -2.99 79.20
N ASN C 592 20.67 -2.03 79.84
CA ASN C 592 19.34 -2.23 80.42
C ASN C 592 19.32 -3.43 81.36
N SER C 593 20.36 -3.53 82.19
CA SER C 593 20.52 -4.61 83.14
C SER C 593 20.27 -4.10 84.55
N GLY C 594 19.93 -5.05 85.44
CA GLY C 594 19.66 -4.71 86.82
C GLY C 594 20.92 -4.61 87.68
N ILE C 595 21.98 -4.04 87.11
CA ILE C 595 23.24 -3.86 87.81
C ILE C 595 23.27 -2.44 88.36
N GLY C 596 23.46 -2.32 89.67
CA GLY C 596 23.47 -1.01 90.30
C GLY C 596 22.12 -0.63 90.89
N GLU C 597 22.02 -0.67 92.21
CA GLU C 597 20.75 -0.46 92.91
C GLU C 597 20.66 0.87 93.63
N GLY C 598 21.75 1.61 93.75
CA GLY C 598 21.70 2.91 94.40
C GLY C 598 20.86 3.92 93.64
N ALA C 599 20.42 4.93 94.37
CA ALA C 599 19.60 6.03 93.90
C ALA C 599 20.41 7.33 93.94
N PRO C 600 20.02 8.34 93.14
CA PRO C 600 20.75 9.61 93.18
C PRO C 600 20.65 10.28 94.54
N ARG C 601 21.75 10.89 94.97
CA ARG C 601 21.79 11.64 96.23
C ARG C 601 21.57 13.12 96.04
N SER C 602 21.38 13.59 94.81
CA SER C 602 21.00 14.96 94.53
C SER C 602 20.16 14.98 93.26
N PHE C 603 19.36 16.04 93.10
CA PHE C 603 18.59 16.17 91.86
C PHE C 603 19.49 16.31 90.64
N SER C 604 20.75 16.73 90.86
CA SER C 604 21.68 16.90 89.75
C SER C 604 22.15 15.55 89.25
N ALA C 605 22.56 14.67 90.18
CA ALA C 605 22.82 13.28 89.82
C ALA C 605 21.57 12.63 89.24
N ARG C 606 20.41 12.97 89.79
CA ARG C 606 19.14 12.49 89.27
C ARG C 606 19.02 12.79 87.78
N ILE C 607 19.07 14.08 87.40
CA ILE C 607 18.97 14.43 85.98
C ILE C 607 20.12 13.87 85.15
N LEU C 608 21.31 13.74 85.73
CA LEU C 608 22.46 13.25 84.97
C LEU C 608 22.29 11.78 84.57
N GLY C 609 22.00 10.93 85.55
CA GLY C 609 21.69 9.55 85.24
C GLY C 609 20.43 9.42 84.41
N MET C 610 19.48 10.35 84.59
CA MET C 610 18.27 10.36 83.79
C MET C 610 18.60 10.51 82.31
N VAL C 611 19.36 11.54 81.96
CA VAL C 611 19.67 11.77 80.55
C VAL C 611 20.60 10.69 80.03
N TRP C 612 21.46 10.15 80.88
CA TRP C 612 22.31 9.03 80.46
C TRP C 612 21.46 7.84 80.04
N ALA C 613 20.50 7.44 80.88
CA ALA C 613 19.63 6.33 80.53
C ALA C 613 18.78 6.65 79.32
N GLY C 614 18.37 7.92 79.19
CA GLY C 614 17.60 8.31 78.02
C GLY C 614 18.37 8.08 76.73
N PHE C 615 19.62 8.53 76.70
CA PHE C 615 20.43 8.30 75.52
C PHE C 615 20.72 6.82 75.32
N ALA C 616 20.87 6.07 76.42
CA ALA C 616 21.14 4.64 76.30
C ALA C 616 19.99 3.92 75.58
N MET C 617 18.76 4.15 76.05
CA MET C 617 17.66 3.46 75.42
C MET C 617 17.32 4.02 74.05
N ILE C 618 17.55 5.32 73.81
CA ILE C 618 17.29 5.82 72.47
C ILE C 618 18.26 5.19 71.50
N ILE C 619 19.52 4.96 71.93
CA ILE C 619 20.48 4.30 71.06
C ILE C 619 20.06 2.86 70.80
N VAL C 620 19.58 2.16 71.83
CA VAL C 620 19.22 0.76 71.62
C VAL C 620 17.99 0.66 70.72
N ALA C 621 17.01 1.56 70.90
CA ALA C 621 15.87 1.58 70.00
C ALA C 621 16.29 1.90 68.57
N SER C 622 17.18 2.90 68.39
CA SER C 622 17.66 3.24 67.06
C SER C 622 18.33 2.01 66.41
N TYR C 623 19.01 1.18 67.21
CA TYR C 623 19.75 0.07 66.59
C TYR C 623 18.91 -1.06 66.29
N THR C 624 17.92 -1.30 67.13
CA THR C 624 17.02 -2.37 66.79
C THR C 624 16.26 -2.01 65.53
N ALA C 625 15.80 -0.76 65.42
CA ALA C 625 15.11 -0.36 64.20
C ALA C 625 16.02 -0.46 62.99
N ASN C 626 17.28 -0.04 63.15
CA ASN C 626 18.21 -0.03 62.03
C ASN C 626 18.48 -1.45 61.53
N LEU C 627 18.69 -2.39 62.45
CA LEU C 627 18.90 -3.77 62.02
C LEU C 627 17.63 -4.34 61.40
N ALA C 628 16.46 -3.94 61.91
CA ALA C 628 15.20 -4.38 61.30
C ALA C 628 15.13 -3.94 59.86
N ALA C 629 15.35 -2.65 59.61
CA ALA C 629 15.30 -2.12 58.26
C ALA C 629 16.37 -2.77 57.39
N PHE C 630 17.53 -3.05 57.96
CA PHE C 630 18.60 -3.70 57.20
C PHE C 630 18.16 -5.08 56.71
N LEU C 631 17.66 -5.92 57.61
CA LEU C 631 17.39 -7.28 57.15
C LEU C 631 16.11 -7.37 56.33
N VAL C 632 15.08 -6.57 56.66
CA VAL C 632 13.85 -6.69 55.90
C VAL C 632 14.04 -6.12 54.51
N LEU C 633 14.85 -5.08 54.34
CA LEU C 633 14.98 -4.50 53.02
C LEU C 633 15.96 -5.25 52.13
N ASP C 634 16.40 -6.45 52.52
CA ASP C 634 17.40 -7.17 51.74
C ASP C 634 16.66 -8.27 50.98
N ARG C 635 16.09 -7.88 49.86
CA ARG C 635 15.29 -8.80 49.08
C ARG C 635 16.16 -9.62 48.14
N PRO C 636 15.79 -10.86 47.86
CA PRO C 636 16.57 -11.69 46.94
C PRO C 636 16.35 -11.28 45.49
N GLU C 637 17.31 -11.64 44.66
CA GLU C 637 17.26 -11.33 43.24
C GLU C 637 17.72 -12.54 42.44
N GLU C 638 17.17 -12.71 41.23
CA GLU C 638 16.19 -11.80 40.65
C GLU C 638 15.03 -12.56 40.02
N ARG C 639 13.80 -12.11 40.29
CA ARG C 639 12.60 -12.73 39.74
C ARG C 639 12.43 -12.26 38.30
N ILE C 640 12.71 -13.15 37.35
CA ILE C 640 12.65 -12.80 35.94
C ILE C 640 11.20 -12.55 35.55
N THR C 641 10.93 -11.39 34.95
CA THR C 641 9.57 -11.06 34.54
C THR C 641 9.17 -11.85 33.30
N GLY C 642 10.10 -12.05 32.37
CA GLY C 642 9.80 -12.75 31.14
C GLY C 642 10.25 -11.97 29.92
N ILE C 643 9.32 -11.72 28.99
CA ILE C 643 9.63 -10.94 27.80
C ILE C 643 10.08 -9.54 28.18
N ASN C 644 9.49 -8.98 29.23
CA ASN C 644 9.77 -7.60 29.60
C ASN C 644 10.93 -7.49 30.58
N ASP C 645 11.78 -8.49 30.64
CA ASP C 645 12.94 -8.45 31.51
C ASP C 645 13.97 -7.48 30.95
N PRO C 646 14.47 -6.54 31.75
CA PRO C 646 15.63 -5.74 31.32
C PRO C 646 16.81 -6.59 30.91
N ARG C 647 17.05 -7.71 31.60
CA ARG C 647 18.13 -8.60 31.21
C ARG C 647 17.87 -9.23 29.85
N LEU C 648 16.59 -9.43 29.50
CA LEU C 648 16.27 -9.99 28.19
C LEU C 648 16.52 -8.99 27.08
N ARG C 649 16.41 -7.69 27.38
CA ARG C 649 16.58 -6.70 26.31
C ARG C 649 18.01 -6.56 25.87
N ASN C 650 18.95 -7.46 26.21
CA ASN C 650 20.33 -7.18 25.84
C ASN C 650 21.07 -8.49 26.12
N PRO C 651 22.14 -8.80 25.39
CA PRO C 651 22.83 -10.06 25.66
C PRO C 651 23.54 -10.05 27.01
N SER C 652 23.00 -10.77 27.98
CA SER C 652 23.55 -10.76 29.33
C SER C 652 24.79 -11.64 29.37
N ASP C 653 25.96 -11.01 29.41
CA ASP C 653 27.20 -11.76 29.50
C ASP C 653 27.32 -12.50 30.82
N LYS C 654 26.77 -11.93 31.89
CA LYS C 654 26.84 -12.56 33.20
C LYS C 654 25.81 -13.67 33.33
N PHE C 655 24.53 -13.33 33.17
CA PHE C 655 23.45 -14.31 33.27
C PHE C 655 23.39 -15.12 31.99
N ILE C 656 23.60 -16.43 32.10
CA ILE C 656 23.68 -17.31 30.93
C ILE C 656 22.30 -17.88 30.66
N TYR C 657 21.74 -17.54 29.50
CA TYR C 657 20.46 -18.10 29.07
C TYR C 657 20.47 -18.25 27.56
N ALA C 658 19.90 -19.34 27.08
CA ALA C 658 19.83 -19.63 25.66
C ALA C 658 18.69 -20.60 25.41
N THR C 659 18.67 -21.20 24.23
CA THR C 659 17.61 -22.13 23.85
C THR C 659 18.23 -23.30 23.11
N VAL C 660 17.39 -24.28 22.74
CA VAL C 660 17.87 -25.42 21.97
C VAL C 660 18.15 -24.96 20.55
N LYS C 661 19.38 -25.17 20.09
CA LYS C 661 19.78 -24.72 18.77
C LYS C 661 18.90 -25.35 17.69
N GLN C 662 18.55 -24.55 16.70
CA GLN C 662 17.84 -25.01 15.50
C GLN C 662 16.54 -25.74 15.88
N SER C 663 15.61 -24.96 16.42
CA SER C 663 14.35 -25.51 16.87
C SER C 663 13.23 -24.56 16.44
N SER C 664 12.02 -24.83 16.92
CA SER C 664 10.89 -24.00 16.56
C SER C 664 11.08 -22.56 17.03
N VAL C 665 11.59 -22.40 18.26
CA VAL C 665 11.84 -21.06 18.77
C VAL C 665 12.85 -20.32 17.90
N ASP C 666 13.67 -21.04 17.15
CA ASP C 666 14.70 -20.39 16.35
C ASP C 666 14.05 -19.60 15.22
N ILE C 667 13.15 -20.24 14.49
CA ILE C 667 12.40 -19.57 13.44
C ILE C 667 11.39 -18.60 14.03
N TYR C 668 10.93 -18.86 15.25
CA TYR C 668 10.07 -17.89 15.93
C TYR C 668 10.78 -16.57 16.12
N PHE C 669 12.05 -16.64 16.51
CA PHE C 669 12.90 -15.46 16.66
C PHE C 669 13.37 -14.97 15.31
N ARG C 670 13.36 -15.83 14.29
CA ARG C 670 13.74 -15.40 12.96
C ARG C 670 12.65 -14.55 12.32
N ARG C 671 11.41 -14.73 12.76
CA ARG C 671 10.33 -13.83 12.38
C ARG C 671 10.53 -12.46 13.03
N GLN C 672 10.83 -12.42 14.32
CA GLN C 672 11.05 -11.15 15.00
C GLN C 672 12.54 -11.03 15.21
N VAL C 673 13.23 -10.38 14.27
CA VAL C 673 14.67 -10.19 14.37
C VAL C 673 14.96 -8.96 15.21
N GLU C 674 13.93 -8.40 15.84
CA GLU C 674 14.16 -7.40 16.87
C GLU C 674 14.88 -7.99 18.07
N LEU C 675 14.78 -9.31 18.24
CA LEU C 675 15.57 -10.06 19.21
C LEU C 675 16.90 -10.52 18.62
N SER C 676 17.23 -10.08 17.40
CA SER C 676 18.38 -10.62 16.69
C SER C 676 19.66 -10.55 17.52
N THR C 677 19.82 -9.49 18.30
CA THR C 677 20.96 -9.39 19.21
C THR C 677 21.02 -10.60 20.13
N MET C 678 19.96 -10.82 20.90
CA MET C 678 19.91 -12.01 21.72
C MET C 678 20.04 -13.28 20.87
N TYR C 679 19.62 -13.24 19.61
CA TYR C 679 19.75 -14.38 18.72
C TYR C 679 21.22 -14.76 18.54
N ARG C 680 22.10 -13.79 18.29
CA ARG C 680 23.50 -14.21 18.16
C ARG C 680 24.17 -14.34 19.53
N HIS C 681 23.45 -14.05 20.60
CA HIS C 681 23.85 -14.52 21.91
C HIS C 681 23.45 -15.98 22.14
N MET C 682 22.58 -16.51 21.28
CA MET C 682 22.05 -17.85 21.51
C MET C 682 23.05 -18.93 21.12
N GLU C 683 23.56 -18.90 19.88
CA GLU C 683 24.46 -19.96 19.42
C GLU C 683 25.69 -20.05 20.32
N LYS C 684 26.14 -18.92 20.86
CA LYS C 684 27.33 -18.92 21.71
C LYS C 684 27.13 -19.74 22.97
N HIS C 685 25.87 -20.06 23.31
CA HIS C 685 25.56 -20.90 24.45
C HIS C 685 24.39 -21.84 24.16
N ASN C 686 24.22 -22.26 22.91
CA ASN C 686 23.10 -23.12 22.56
C ASN C 686 23.37 -24.56 22.97
N TYR C 687 22.32 -25.36 22.95
CA TYR C 687 22.40 -26.77 23.27
C TYR C 687 21.67 -27.59 22.22
N GLU C 688 22.14 -28.82 22.02
CA GLU C 688 21.64 -29.66 20.96
C GLU C 688 20.47 -30.54 21.40
N SER C 689 20.11 -30.50 22.68
CA SER C 689 18.98 -31.28 23.16
C SER C 689 18.40 -30.60 24.39
N ALA C 690 17.14 -30.90 24.66
CA ALA C 690 16.48 -30.26 25.80
C ALA C 690 16.96 -30.89 27.10
N ALA C 691 17.31 -32.18 27.02
CA ALA C 691 17.76 -32.97 28.15
C ALA C 691 19.06 -32.43 28.71
N GLU C 692 20.05 -32.20 27.85
CA GLU C 692 21.28 -31.54 28.29
C GLU C 692 21.02 -30.08 28.65
N ALA C 693 19.95 -29.47 28.14
CA ALA C 693 19.66 -28.09 28.50
C ALA C 693 19.19 -28.01 29.94
N ILE C 694 18.27 -28.90 30.33
CA ILE C 694 17.86 -28.94 31.73
C ILE C 694 18.99 -29.45 32.61
N GLN C 695 19.84 -30.32 32.08
CA GLN C 695 21.01 -30.74 32.85
C GLN C 695 21.92 -29.55 33.13
N ALA C 696 22.14 -28.69 32.14
CA ALA C 696 22.88 -27.46 32.39
C ALA C 696 22.16 -26.57 33.40
N VAL C 697 20.83 -26.47 33.28
CA VAL C 697 20.06 -25.68 34.23
C VAL C 697 20.27 -26.19 35.65
N ARG C 698 20.50 -27.50 35.80
CA ARG C 698 20.75 -28.06 37.12
C ARG C 698 22.02 -27.49 37.75
N ASP C 699 23.04 -27.18 36.95
CA ASP C 699 24.30 -26.68 37.48
C ASP C 699 24.55 -25.25 36.96
N ASN C 700 25.77 -24.76 37.18
CA ASN C 700 26.03 -23.32 37.11
C ASN C 700 25.72 -22.75 35.72
N LYS C 701 26.15 -23.43 34.67
CA LYS C 701 26.05 -22.86 33.34
C LYS C 701 24.63 -23.00 32.82
N LEU C 702 24.19 -22.03 32.04
CA LEU C 702 22.83 -21.97 31.49
C LEU C 702 21.80 -21.96 32.62
N HIS C 703 21.85 -20.85 33.37
CA HIS C 703 20.93 -20.68 34.50
C HIS C 703 19.47 -20.69 34.03
N ALA C 704 19.19 -20.25 32.80
CA ALA C 704 17.81 -20.13 32.36
C ALA C 704 17.63 -20.70 30.96
N PHE C 705 16.48 -21.33 30.75
CA PHE C 705 16.18 -21.97 29.46
C PHE C 705 14.73 -21.72 29.07
N ILE C 706 14.53 -21.18 27.86
CA ILE C 706 13.18 -20.90 27.36
C ILE C 706 12.65 -22.15 26.66
N TRP C 707 11.44 -22.54 27.00
CA TRP C 707 10.89 -23.81 26.51
C TRP C 707 9.39 -23.82 26.77
N ASP C 708 8.73 -24.86 26.26
CA ASP C 708 7.28 -24.99 26.45
C ASP C 708 6.95 -25.19 27.93
N SER C 709 5.74 -24.79 28.29
CA SER C 709 5.39 -24.70 29.70
C SER C 709 5.30 -26.07 30.35
N ALA C 710 4.81 -27.05 29.60
CA ALA C 710 4.40 -28.32 30.18
C ALA C 710 5.61 -29.15 30.63
N VAL C 711 6.61 -29.29 29.76
CA VAL C 711 7.82 -30.02 30.12
C VAL C 711 8.50 -29.34 31.31
N LEU C 712 8.56 -28.02 31.30
CA LEU C 712 9.34 -27.30 32.30
C LEU C 712 8.66 -27.36 33.65
N GLU C 713 7.33 -27.24 33.70
CA GLU C 713 6.63 -27.42 34.96
C GLU C 713 6.62 -28.89 35.40
N PHE C 714 6.74 -29.82 34.46
CA PHE C 714 6.83 -31.21 34.86
C PHE C 714 8.14 -31.45 35.59
N GLU C 715 9.24 -31.01 34.99
CA GLU C 715 10.55 -31.11 35.62
C GLU C 715 10.59 -30.31 36.93
N ALA C 716 9.91 -29.16 36.97
CA ALA C 716 9.82 -28.41 38.21
C ALA C 716 9.10 -29.20 39.29
N SER C 717 8.01 -29.88 38.94
CA SER C 717 7.32 -30.68 39.95
C SER C 717 8.18 -31.86 40.40
N GLN C 718 8.91 -32.45 39.47
CA GLN C 718 9.73 -33.62 39.77
C GLN C 718 10.90 -33.25 40.68
N LYS C 719 11.58 -32.15 40.38
CA LYS C 719 12.79 -31.78 41.10
C LYS C 719 12.55 -30.85 42.28
N CYS C 720 11.42 -30.14 42.28
CA CYS C 720 10.98 -29.26 43.36
C CYS C 720 11.92 -28.07 43.57
N ASP C 721 12.74 -27.74 42.57
CA ASP C 721 13.61 -26.57 42.67
C ASP C 721 13.68 -25.80 41.35
N LEU C 722 12.61 -25.80 40.57
CA LEU C 722 12.52 -25.02 39.34
C LEU C 722 11.25 -24.18 39.37
N VAL C 723 11.33 -22.97 38.79
CA VAL C 723 10.24 -22.02 38.84
C VAL C 723 9.93 -21.52 37.44
N THR C 724 8.64 -21.33 37.14
CA THR C 724 8.21 -20.70 35.91
C THR C 724 8.19 -19.17 36.04
N THR C 725 8.12 -18.53 34.89
CA THR C 725 8.17 -17.09 34.68
C THR C 725 6.77 -16.47 34.78
N GLY C 726 6.72 -15.28 35.39
CA GLY C 726 5.82 -14.22 34.96
C GLY C 726 4.50 -14.64 34.36
N GLU C 727 4.29 -14.18 33.13
CA GLU C 727 3.18 -14.55 32.28
C GLU C 727 3.69 -15.33 31.08
N LEU C 728 2.91 -16.28 30.60
CA LEU C 728 3.31 -17.09 29.47
C LEU C 728 2.89 -16.41 28.16
N PHE C 729 3.66 -16.70 27.11
CA PHE C 729 3.46 -16.08 25.81
C PHE C 729 3.50 -17.16 24.74
N PHE C 730 3.07 -16.79 23.53
CA PHE C 730 2.93 -17.73 22.41
C PHE C 730 2.03 -18.90 22.80
N ARG C 731 0.77 -18.56 23.05
CA ARG C 731 -0.25 -19.51 23.50
C ARG C 731 -0.70 -20.34 22.29
N SER C 732 0.12 -21.31 21.94
CA SER C 732 -0.03 -22.16 20.77
C SER C 732 -0.66 -23.52 21.11
N GLY C 733 -0.71 -24.38 20.10
CA GLY C 733 -1.17 -25.74 20.29
C GLY C 733 -0.26 -26.70 19.55
N PHE C 734 -0.26 -27.93 20.01
CA PHE C 734 0.48 -29.01 19.38
C PHE C 734 -0.53 -30.00 18.82
N GLY C 735 -0.54 -30.21 17.50
CA GLY C 735 -1.32 -31.35 17.08
C GLY C 735 -0.52 -32.23 16.11
N ILE C 736 -1.19 -32.82 15.11
CA ILE C 736 -0.54 -33.83 14.29
C ILE C 736 -0.80 -33.55 12.81
N GLY C 737 0.26 -33.63 11.99
CA GLY C 737 0.12 -33.40 10.55
C GLY C 737 1.28 -33.90 9.70
N MET C 738 0.95 -34.56 8.59
CA MET C 738 1.95 -35.04 7.64
C MET C 738 1.54 -34.60 6.23
N ARG C 739 2.20 -35.20 5.22
CA ARG C 739 1.92 -34.91 3.82
C ARG C 739 0.43 -34.91 3.50
N LYS C 740 0.09 -34.18 2.44
CA LYS C 740 -1.29 -33.86 2.15
C LYS C 740 -2.12 -35.01 1.53
N ASP C 741 -1.54 -36.17 1.37
CA ASP C 741 -2.03 -37.33 0.64
C ASP C 741 -2.81 -38.23 1.59
N SER C 742 -3.37 -37.65 2.63
CA SER C 742 -3.79 -38.40 3.82
C SER C 742 -4.94 -37.68 4.51
N PRO C 743 -6.16 -38.21 4.39
CA PRO C 743 -7.29 -37.68 5.15
C PRO C 743 -7.38 -38.22 6.57
N TRP C 744 -6.28 -38.83 7.03
CA TRP C 744 -6.26 -39.37 8.38
C TRP C 744 -6.42 -38.26 9.41
N LYS C 745 -5.80 -37.10 9.15
CA LYS C 745 -5.95 -35.95 10.06
C LYS C 745 -7.40 -35.61 10.33
N GLN C 746 -8.34 -35.95 9.43
CA GLN C 746 -9.68 -35.64 9.90
C GLN C 746 -10.09 -36.60 11.01
N ASN C 747 -9.80 -37.89 10.83
CA ASN C 747 -10.01 -38.86 11.91
C ASN C 747 -9.22 -38.50 13.15
N VAL C 748 -8.10 -37.79 13.01
CA VAL C 748 -7.34 -37.36 14.19
C VAL C 748 -8.14 -36.32 14.95
N SER C 749 -8.74 -35.40 14.23
CA SER C 749 -9.61 -34.43 14.86
C SER C 749 -10.82 -35.13 15.49
N LEU C 750 -11.33 -36.14 14.79
CA LEU C 750 -12.41 -36.97 15.31
C LEU C 750 -12.02 -37.60 16.64
N SER C 751 -10.81 -38.14 16.71
CA SER C 751 -10.37 -38.79 17.94
C SER C 751 -10.16 -37.79 19.06
N ILE C 752 -9.64 -36.59 18.75
CA ILE C 752 -9.42 -35.62 19.81
C ILE C 752 -10.75 -35.13 20.36
N LEU C 753 -11.75 -34.93 19.49
CA LEU C 753 -13.06 -34.54 20.01
C LEU C 753 -13.74 -35.70 20.75
N LYS C 754 -13.54 -36.93 20.28
CA LYS C 754 -14.07 -38.09 20.99
C LYS C 754 -13.52 -38.18 22.40
N SER C 755 -12.22 -37.92 22.55
CA SER C 755 -11.62 -37.88 23.89
C SER C 755 -12.02 -36.64 24.64
N HIS C 756 -12.40 -35.56 23.95
CA HIS C 756 -13.06 -34.45 24.61
C HIS C 756 -14.41 -34.85 25.18
N GLU C 757 -15.06 -35.85 24.59
CA GLU C 757 -16.35 -36.33 25.04
C GLU C 757 -16.24 -37.48 26.04
N ASN C 758 -15.03 -37.87 26.44
CA ASN C 758 -14.88 -38.93 27.43
C ASN C 758 -13.80 -38.64 28.46
N GLY C 759 -13.09 -37.53 28.34
CA GLY C 759 -12.05 -37.19 29.28
C GLY C 759 -10.87 -38.14 29.26
N PHE C 760 -10.16 -38.18 28.13
CA PHE C 760 -8.98 -39.02 28.02
C PHE C 760 -7.67 -38.25 28.08
N MET C 761 -7.65 -37.00 27.62
CA MET C 761 -6.46 -36.19 27.85
C MET C 761 -6.27 -35.85 29.31
N GLU C 762 -7.36 -35.80 30.08
CA GLU C 762 -7.18 -35.67 31.53
C GLU C 762 -6.59 -36.94 32.13
N ASP C 763 -6.88 -38.10 31.54
CA ASP C 763 -6.19 -39.33 31.95
C ASP C 763 -4.70 -39.23 31.67
N LEU C 764 -4.33 -38.74 30.49
CA LEU C 764 -2.92 -38.54 30.16
C LEU C 764 -2.28 -37.53 31.11
N ASP C 765 -3.01 -36.47 31.44
CA ASP C 765 -2.51 -35.46 32.36
C ASP C 765 -2.25 -36.07 33.74
N LYS C 766 -3.25 -36.74 34.30
CA LYS C 766 -3.07 -37.37 35.60
C LYS C 766 -2.04 -38.49 35.57
N THR C 767 -1.73 -39.02 34.38
CA THR C 767 -0.71 -40.07 34.33
C THR C 767 0.70 -39.49 34.31
N TRP C 768 0.88 -38.39 33.59
CA TRP C 768 2.16 -37.81 33.21
C TRP C 768 2.33 -36.39 33.70
N VAL C 769 1.40 -35.50 33.40
CA VAL C 769 1.63 -34.06 33.59
C VAL C 769 1.28 -33.67 35.02
N ARG C 770 0.00 -33.81 35.40
CA ARG C 770 -0.43 -33.51 36.77
C ARG C 770 -0.53 -34.79 37.58
N TYR C 771 0.61 -35.46 37.74
CA TYR C 771 0.67 -36.64 38.60
C TYR C 771 1.10 -36.25 40.02
N GLN C 772 0.45 -35.20 40.53
CA GLN C 772 0.76 -34.62 41.84
C GLN C 772 2.23 -34.22 41.89
N GLU C 773 3.07 -35.07 42.47
CA GLU C 773 4.53 -34.97 42.34
C GLU C 773 5.05 -33.62 42.86
N CYS C 774 4.96 -33.48 44.18
CA CYS C 774 5.71 -32.44 44.91
C CYS C 774 5.29 -31.03 44.47
N ASP C 775 4.06 -30.69 44.83
CA ASP C 775 3.56 -29.33 44.62
C ASP C 775 4.29 -28.36 45.54
N SER C 776 5.34 -27.73 45.04
CA SER C 776 6.17 -26.86 45.86
C SER C 776 5.48 -25.53 46.15
N ARG C 777 5.75 -25.00 47.34
CA ARG C 777 5.14 -23.77 47.83
C ARG C 777 6.04 -23.20 48.92
N SER C 778 5.51 -22.28 49.71
CA SER C 778 6.17 -21.68 50.87
C SER C 778 7.41 -20.88 50.48
N ASN C 779 7.24 -19.86 49.64
CA ASN C 779 8.34 -19.02 49.20
C ASN C 779 8.62 -17.97 50.27
N ALA C 780 9.39 -18.40 51.28
CA ALA C 780 9.69 -17.52 52.40
C ALA C 780 10.64 -16.40 51.97
N PRO C 781 10.52 -15.22 52.58
CA PRO C 781 11.42 -14.10 52.26
C PRO C 781 12.76 -14.19 52.98
N ALA C 782 13.35 -15.39 52.95
CA ALA C 782 14.61 -15.80 53.54
C ALA C 782 14.61 -15.67 55.06
N THR C 783 15.45 -16.47 55.72
CA THR C 783 15.48 -16.54 57.17
C THR C 783 16.84 -16.07 57.69
N LEU C 784 17.04 -16.24 59.00
CA LEU C 784 18.30 -15.93 59.67
C LEU C 784 18.80 -17.17 60.38
N THR C 785 20.10 -17.41 60.32
CA THR C 785 20.71 -18.61 60.87
C THR C 785 21.84 -18.23 61.81
N PHE C 786 22.31 -19.22 62.56
CA PHE C 786 23.28 -18.95 63.62
C PHE C 786 24.67 -18.68 63.07
N GLU C 787 25.10 -19.40 62.03
CA GLU C 787 26.44 -19.17 61.51
C GLU C 787 26.60 -17.77 60.95
N ASN C 788 25.52 -17.18 60.41
CA ASN C 788 25.57 -15.79 60.00
C ASN C 788 25.94 -14.89 61.16
N MET C 789 25.49 -15.23 62.37
CA MET C 789 25.87 -14.50 63.58
C MET C 789 26.99 -15.19 64.34
N ALA C 790 27.64 -16.18 63.74
CA ALA C 790 28.68 -16.93 64.44
C ALA C 790 29.70 -16.01 65.07
N GLY C 791 30.00 -14.89 64.40
CA GLY C 791 30.97 -13.95 64.92
C GLY C 791 30.65 -13.50 66.34
N VAL C 792 29.42 -13.02 66.57
CA VAL C 792 29.10 -12.52 67.90
C VAL C 792 29.36 -13.60 68.94
N PHE C 793 29.20 -14.86 68.55
CA PHE C 793 29.36 -15.96 69.48
C PHE C 793 30.77 -16.02 70.05
N MET C 794 31.79 -15.87 69.19
CA MET C 794 33.15 -15.94 69.73
C MET C 794 33.45 -14.80 70.67
N LEU C 795 32.60 -13.77 70.69
CA LEU C 795 32.79 -12.72 71.68
C LEU C 795 32.73 -13.28 73.09
N VAL C 796 31.80 -14.21 73.36
CA VAL C 796 31.76 -14.79 74.70
C VAL C 796 33.04 -15.58 74.97
N ALA C 797 33.67 -16.13 73.92
CA ALA C 797 34.94 -16.82 74.11
C ALA C 797 35.97 -15.87 74.71
N GLY C 798 35.93 -14.60 74.29
CA GLY C 798 36.77 -13.58 74.90
C GLY C 798 36.57 -13.51 76.40
N GLY C 799 35.31 -13.50 76.84
CA GLY C 799 35.02 -13.56 78.26
C GLY C 799 35.53 -14.84 78.89
N ILE C 800 35.47 -15.96 78.15
CA ILE C 800 36.07 -17.20 78.63
C ILE C 800 37.55 -16.97 78.92
N VAL C 801 38.23 -16.22 78.04
CA VAL C 801 39.63 -15.88 78.30
C VAL C 801 39.74 -15.10 79.60
N ALA C 802 38.81 -14.18 79.83
CA ALA C 802 38.83 -13.42 81.07
C ALA C 802 38.63 -14.31 82.29
N GLY C 803 38.07 -15.51 82.11
CA GLY C 803 37.98 -16.46 83.20
C GLY C 803 39.32 -16.89 83.75
N ILE C 804 40.39 -16.74 82.97
CA ILE C 804 41.73 -17.09 83.43
C ILE C 804 42.59 -15.87 83.70
N PHE C 805 42.04 -14.66 83.58
CA PHE C 805 42.79 -13.44 83.84
C PHE C 805 42.29 -12.72 85.08
N LEU C 806 41.00 -12.41 85.16
CA LEU C 806 40.48 -11.66 86.30
C LEU C 806 40.66 -12.42 87.61
N ILE C 807 40.77 -13.75 87.56
CA ILE C 807 40.80 -14.52 88.79
C ILE C 807 42.18 -14.47 89.44
N PHE C 808 43.21 -14.13 88.66
CA PHE C 808 44.50 -13.73 89.24
C PHE C 808 44.49 -12.29 89.71
N ILE C 809 43.74 -11.42 89.03
CA ILE C 809 43.55 -10.06 89.52
C ILE C 809 42.82 -10.06 90.85
N GLU C 810 42.05 -11.12 91.14
CA GLU C 810 41.46 -11.26 92.47
C GLU C 810 42.53 -11.35 93.55
N ILE C 811 43.58 -12.15 93.30
CA ILE C 811 44.70 -12.22 94.25
C ILE C 811 45.48 -10.92 94.24
N ALA C 812 45.63 -10.30 93.07
CA ALA C 812 46.29 -9.00 92.98
C ALA C 812 45.57 -7.95 93.82
N TYR C 813 44.25 -8.08 93.95
CA TYR C 813 43.48 -7.16 94.79
C TYR C 813 43.95 -7.21 96.23
N LYS C 814 44.42 -8.37 96.68
CA LYS C 814 45.04 -8.49 98.01
C LYS C 814 46.52 -8.20 98.00
N ARG C 815 47.17 -8.31 96.84
CA ARG C 815 48.61 -8.03 96.76
C ARG C 815 48.92 -6.54 96.83
N HIS C 816 48.13 -5.70 96.15
CA HIS C 816 48.45 -4.29 96.06
C HIS C 816 48.30 -3.60 97.41
N LYS C 817 47.08 -3.59 97.96
CA LYS C 817 46.77 -2.92 99.22
C LYS C 817 47.20 -1.45 99.21
N ILE D 1 46.56 -33.46 -38.27
CA ILE D 1 45.10 -33.52 -38.37
C ILE D 1 44.60 -32.36 -39.23
N GLY D 2 43.70 -32.68 -40.16
CA GLY D 2 43.18 -31.65 -41.06
C GLY D 2 42.14 -30.79 -40.37
N ILE D 3 42.35 -29.47 -40.43
CA ILE D 3 41.44 -28.50 -39.84
C ILE D 3 40.99 -27.54 -40.94
N ALA D 4 39.69 -27.25 -40.96
CA ALA D 4 39.10 -26.35 -41.93
C ALA D 4 38.52 -25.14 -41.21
N VAL D 5 38.91 -23.95 -41.65
CA VAL D 5 38.43 -22.70 -41.06
C VAL D 5 37.54 -22.02 -42.10
N ILE D 6 36.25 -21.92 -41.80
CA ILE D 6 35.28 -21.34 -42.71
C ILE D 6 35.19 -19.84 -42.40
N LEU D 7 35.43 -19.01 -43.40
CA LEU D 7 35.45 -17.56 -43.24
C LEU D 7 34.25 -16.96 -43.97
N VAL D 8 33.41 -16.23 -43.25
CA VAL D 8 32.27 -15.52 -43.82
C VAL D 8 32.29 -14.11 -43.23
N GLY D 9 32.88 -13.18 -43.95
CA GLY D 9 32.91 -11.80 -43.50
C GLY D 9 34.21 -11.12 -43.89
N THR D 10 34.58 -10.13 -43.10
CA THR D 10 35.75 -9.29 -43.36
C THR D 10 37.02 -9.81 -42.70
N SER D 11 36.97 -10.99 -42.09
CA SER D 11 38.14 -11.54 -41.41
C SER D 11 39.28 -11.76 -42.40
N ASP D 12 40.50 -11.50 -41.94
CA ASP D 12 41.67 -11.60 -42.80
C ASP D 12 42.75 -12.47 -42.17
N GLU D 13 43.96 -12.44 -42.75
CA GLU D 13 45.05 -13.29 -42.28
C GLU D 13 45.58 -12.89 -40.92
N VAL D 14 45.17 -11.72 -40.39
CA VAL D 14 45.59 -11.34 -39.04
C VAL D 14 45.03 -12.31 -38.01
N ALA D 15 43.81 -12.79 -38.23
CA ALA D 15 43.23 -13.80 -37.35
C ALA D 15 44.04 -15.09 -37.41
N ILE D 16 44.51 -15.46 -38.61
CA ILE D 16 45.35 -16.65 -38.75
C ILE D 16 46.66 -16.46 -37.98
N LYS D 17 47.27 -15.26 -38.10
CA LYS D 17 48.51 -15.00 -37.40
C LYS D 17 48.32 -15.06 -35.89
N ASP D 18 47.21 -14.50 -35.38
CA ASP D 18 46.98 -14.49 -33.94
C ASP D 18 46.57 -15.86 -33.42
N ALA D 19 45.96 -16.69 -34.25
CA ALA D 19 45.39 -17.94 -33.79
C ALA D 19 46.45 -19.02 -33.60
N HIS D 20 47.12 -19.41 -34.69
CA HIS D 20 48.01 -20.57 -34.66
C HIS D 20 49.48 -20.21 -34.76
N GLU D 21 49.82 -19.00 -35.22
CA GLU D 21 51.22 -18.61 -35.35
C GLU D 21 51.80 -18.07 -34.06
N LYS D 22 51.18 -18.34 -32.91
CA LYS D 22 51.68 -17.87 -31.62
C LYS D 22 51.79 -18.96 -30.56
N ASP D 23 51.07 -20.06 -30.68
CA ASP D 23 51.07 -21.12 -29.68
C ASP D 23 51.82 -22.34 -30.21
N ASP D 24 52.25 -23.19 -29.28
CA ASP D 24 52.96 -24.41 -29.60
C ASP D 24 51.95 -25.55 -29.74
N PHE D 25 51.88 -26.13 -30.95
CA PHE D 25 50.95 -27.20 -31.26
C PHE D 25 51.61 -28.57 -31.26
N HIS D 26 52.67 -28.74 -30.47
CA HIS D 26 53.39 -30.00 -30.43
C HIS D 26 52.66 -30.98 -29.51
N HIS D 27 53.34 -32.06 -29.13
CA HIS D 27 52.80 -33.19 -28.38
C HIS D 27 51.74 -33.96 -29.16
N LEU D 28 51.64 -33.74 -30.47
CA LEU D 28 50.72 -34.47 -31.34
C LEU D 28 51.55 -35.27 -32.35
N SER D 29 51.15 -36.52 -32.57
CA SER D 29 51.87 -37.36 -33.52
C SER D 29 51.78 -36.79 -34.93
N VAL D 30 50.61 -36.29 -35.32
CA VAL D 30 50.39 -35.69 -36.62
C VAL D 30 50.26 -34.18 -36.44
N VAL D 31 50.92 -33.43 -37.33
CA VAL D 31 50.90 -31.97 -37.25
C VAL D 31 49.54 -31.46 -37.73
N PRO D 32 48.94 -30.50 -37.03
CA PRO D 32 47.63 -29.99 -37.48
C PRO D 32 47.74 -29.11 -38.71
N ARG D 33 47.33 -29.63 -39.86
CA ARG D 33 47.35 -28.89 -41.12
C ARG D 33 46.06 -28.10 -41.24
N VAL D 34 46.16 -26.78 -41.22
CA VAL D 34 45.01 -25.88 -41.21
C VAL D 34 44.84 -25.27 -42.60
N GLU D 35 43.60 -25.23 -43.07
CA GLU D 35 43.27 -24.61 -44.35
C GLU D 35 42.08 -23.69 -44.16
N LEU D 36 42.20 -22.46 -44.65
CA LEU D 36 41.14 -21.47 -44.56
C LEU D 36 40.41 -21.38 -45.89
N VAL D 37 39.09 -21.53 -45.86
CA VAL D 37 38.27 -21.42 -47.05
C VAL D 37 37.27 -20.30 -46.80
N ALA D 38 37.20 -19.35 -47.73
CA ALA D 38 36.41 -18.14 -47.57
C ALA D 38 35.26 -18.11 -48.57
N MET D 39 34.08 -17.70 -48.08
CA MET D 39 32.90 -17.59 -48.93
C MET D 39 31.91 -16.67 -48.24
N ASN D 40 31.21 -15.85 -49.03
CA ASN D 40 30.17 -14.97 -48.51
C ASN D 40 28.84 -15.68 -48.34
N GLU D 41 28.75 -16.95 -48.70
CA GLU D 41 27.49 -17.65 -48.85
C GLU D 41 27.27 -18.65 -47.73
N THR D 42 26.00 -18.78 -47.31
CA THR D 42 25.58 -19.82 -46.39
C THR D 42 24.58 -20.78 -47.03
N ASP D 43 24.47 -20.74 -48.36
CA ASP D 43 23.55 -21.62 -49.06
C ASP D 43 24.01 -23.07 -48.89
N PRO D 44 23.12 -23.98 -48.49
CA PRO D 44 23.56 -25.34 -48.13
C PRO D 44 24.36 -26.06 -49.20
N LYS D 45 24.02 -25.93 -50.48
CA LYS D 45 24.64 -26.78 -51.51
C LYS D 45 26.15 -26.59 -51.56
N SER D 46 26.60 -25.35 -51.69
CA SER D 46 28.03 -25.09 -51.84
C SER D 46 28.80 -25.52 -50.60
N ILE D 47 28.29 -25.20 -49.42
CA ILE D 47 29.03 -25.51 -48.20
C ILE D 47 29.08 -27.01 -47.97
N ILE D 48 27.98 -27.72 -48.22
CA ILE D 48 27.98 -29.15 -48.00
C ILE D 48 28.88 -29.85 -49.02
N THR D 49 28.90 -29.37 -50.27
CA THR D 49 29.81 -29.97 -51.24
C THR D 49 31.26 -29.71 -50.85
N ARG D 50 31.57 -28.50 -50.40
CA ARG D 50 32.93 -28.19 -50.01
C ARG D 50 33.38 -29.03 -48.82
N ILE D 51 32.52 -29.16 -47.80
CA ILE D 51 32.92 -29.95 -46.64
C ILE D 51 32.99 -31.43 -46.99
N CYS D 52 32.13 -31.91 -47.90
CA CYS D 52 32.23 -33.31 -48.31
C CYS D 52 33.54 -33.57 -49.04
N ASP D 53 33.95 -32.62 -49.88
CA ASP D 53 35.24 -32.75 -50.55
C ASP D 53 36.39 -32.71 -49.55
N LEU D 54 36.30 -31.84 -48.55
CA LEU D 54 37.36 -31.76 -47.54
C LEU D 54 37.37 -32.98 -46.63
N MET D 55 36.23 -33.66 -46.50
CA MET D 55 36.12 -34.80 -45.61
C MET D 55 36.59 -36.07 -46.30
N SER D 56 36.11 -36.32 -47.51
CA SER D 56 36.46 -37.56 -48.19
C SER D 56 37.85 -37.49 -48.80
N ASP D 57 38.13 -36.45 -49.58
CA ASP D 57 39.41 -36.34 -50.26
C ASP D 57 40.53 -35.95 -49.32
N ARG D 58 40.28 -35.01 -48.41
CA ARG D 58 41.34 -34.46 -47.56
C ARG D 58 41.32 -35.00 -46.13
N LYS D 59 40.21 -35.60 -45.70
CA LYS D 59 40.08 -36.18 -44.37
C LYS D 59 40.33 -35.12 -43.28
N ILE D 60 39.45 -34.14 -43.24
CA ILE D 60 39.52 -33.07 -42.25
C ILE D 60 38.61 -33.43 -41.09
N GLN D 61 39.16 -33.38 -39.88
CA GLN D 61 38.45 -33.78 -38.67
C GLN D 61 38.15 -32.62 -37.73
N GLY D 62 38.61 -31.43 -38.04
CA GLY D 62 38.37 -30.25 -37.21
C GLY D 62 37.61 -29.19 -37.97
N VAL D 63 36.61 -28.61 -37.31
CA VAL D 63 35.75 -27.59 -37.92
C VAL D 63 35.82 -26.33 -37.07
N VAL D 64 36.12 -25.22 -37.73
CA VAL D 64 36.13 -23.90 -37.10
C VAL D 64 35.35 -22.95 -38.00
N PHE D 65 34.36 -22.26 -37.44
CA PHE D 65 33.50 -21.41 -38.23
C PHE D 65 33.11 -20.16 -37.45
N ALA D 66 33.05 -19.03 -38.15
CA ALA D 66 32.57 -17.78 -37.60
C ALA D 66 32.07 -16.92 -38.75
N ASP D 67 31.14 -16.03 -38.44
CA ASP D 67 30.53 -15.18 -39.46
C ASP D 67 29.98 -13.92 -38.78
N ASP D 68 29.30 -13.08 -39.55
CA ASP D 68 28.76 -11.83 -39.06
C ASP D 68 27.30 -11.64 -39.49
N THR D 69 26.54 -12.72 -39.57
CA THR D 69 25.14 -12.65 -40.00
C THR D 69 24.24 -13.06 -38.84
N ASP D 70 23.03 -12.49 -38.84
CA ASP D 70 22.03 -12.79 -37.81
C ASP D 70 21.28 -14.08 -38.08
N GLN D 71 21.65 -14.82 -39.12
CA GLN D 71 21.03 -16.11 -39.41
C GLN D 71 21.35 -17.10 -38.29
N GLU D 72 20.32 -17.56 -37.59
CA GLU D 72 20.49 -18.44 -36.45
C GLU D 72 20.36 -19.91 -36.79
N ALA D 73 19.73 -20.24 -37.92
CA ALA D 73 19.57 -21.63 -38.30
C ALA D 73 20.90 -22.28 -38.71
N ILE D 74 21.89 -21.47 -39.08
CA ILE D 74 23.18 -22.05 -39.44
C ILE D 74 23.90 -22.63 -38.23
N ALA D 75 23.59 -22.12 -37.04
CA ALA D 75 24.18 -22.69 -35.83
C ALA D 75 23.85 -24.18 -35.71
N GLN D 76 22.64 -24.57 -36.07
CA GLN D 76 22.24 -25.98 -36.07
C GLN D 76 22.47 -26.66 -37.41
N ILE D 77 22.66 -25.90 -38.49
CA ILE D 77 23.27 -26.48 -39.69
C ILE D 77 24.60 -27.13 -39.33
N LEU D 78 25.39 -26.41 -38.53
CA LEU D 78 26.64 -26.97 -38.01
C LEU D 78 26.37 -28.26 -37.24
N ASP D 79 25.26 -28.31 -36.49
CA ASP D 79 24.93 -29.52 -35.76
C ASP D 79 24.67 -30.69 -36.72
N PHE D 80 24.00 -30.41 -37.84
CA PHE D 80 23.80 -31.46 -38.84
C PHE D 80 25.13 -31.92 -39.42
N ILE D 81 26.03 -30.98 -39.68
CA ILE D 81 27.33 -31.39 -40.22
C ILE D 81 28.03 -32.30 -39.21
N SER D 82 27.91 -31.96 -37.93
CA SER D 82 28.48 -32.81 -36.89
C SER D 82 27.85 -34.19 -36.89
N ALA D 83 26.54 -34.25 -37.07
CA ALA D 83 25.86 -35.55 -37.15
C ALA D 83 26.31 -36.34 -38.37
N GLN D 84 26.66 -35.66 -39.45
CA GLN D 84 27.04 -36.32 -40.69
C GLN D 84 28.53 -36.58 -40.82
N THR D 85 29.35 -36.08 -39.91
CA THR D 85 30.79 -36.25 -40.05
C THR D 85 31.42 -36.91 -38.82
N LEU D 86 30.76 -36.82 -37.67
CA LEU D 86 31.31 -37.28 -36.40
C LEU D 86 32.61 -36.59 -36.05
N THR D 87 32.74 -35.32 -36.44
CA THR D 87 33.93 -34.52 -36.18
C THR D 87 33.57 -33.31 -35.33
N PRO D 88 34.41 -32.94 -34.37
CA PRO D 88 34.07 -31.83 -33.47
C PRO D 88 33.89 -30.52 -34.23
N ILE D 89 32.89 -29.74 -33.80
CA ILE D 89 32.59 -28.44 -34.39
C ILE D 89 32.40 -27.43 -33.27
N LEU D 90 32.91 -26.22 -33.48
CA LEU D 90 32.82 -25.14 -32.51
C LEU D 90 32.21 -23.92 -33.17
N GLY D 91 31.24 -23.31 -32.51
CA GLY D 91 30.65 -22.06 -32.96
C GLY D 91 31.26 -20.89 -32.20
N ILE D 92 31.55 -19.82 -32.93
CA ILE D 92 32.32 -18.72 -32.37
C ILE D 92 31.56 -17.40 -32.45
N HIS D 93 31.29 -16.93 -33.67
CA HIS D 93 30.82 -15.57 -33.87
C HIS D 93 29.64 -15.53 -34.84
N GLY D 94 28.82 -14.51 -34.69
CA GLY D 94 27.74 -14.27 -35.64
C GLY D 94 26.70 -15.37 -35.59
N GLY D 95 26.44 -15.98 -36.75
CA GLY D 95 25.44 -17.03 -36.85
C GLY D 95 25.75 -18.27 -36.04
N SER D 96 27.01 -18.41 -35.59
CA SER D 96 27.42 -19.53 -34.76
C SER D 96 27.67 -19.11 -33.32
N SER D 97 26.95 -18.09 -32.85
CA SER D 97 27.16 -17.55 -31.52
C SER D 97 25.97 -17.70 -30.59
N MET D 98 24.75 -17.59 -31.11
CA MET D 98 23.56 -17.64 -30.28
C MET D 98 23.27 -19.07 -29.82
N ILE D 99 22.14 -19.23 -29.14
CA ILE D 99 21.80 -20.52 -28.56
C ILE D 99 21.42 -21.51 -29.65
N MET D 100 21.44 -22.79 -29.29
CA MET D 100 21.08 -23.88 -30.19
C MET D 100 20.08 -24.81 -29.52
N ALA D 101 19.23 -25.41 -30.33
CA ALA D 101 18.29 -26.43 -29.90
C ALA D 101 18.75 -27.78 -30.48
N ASP D 102 17.89 -28.78 -30.38
CA ASP D 102 18.14 -30.18 -30.74
C ASP D 102 19.55 -30.64 -30.36
N LYS D 103 19.84 -30.54 -29.06
CA LYS D 103 21.08 -31.10 -28.55
C LYS D 103 21.12 -32.58 -28.87
N ASP D 104 22.02 -32.97 -29.78
CA ASP D 104 22.01 -34.32 -30.35
C ASP D 104 23.01 -35.19 -29.61
N GLU D 105 22.57 -36.39 -29.23
CA GLU D 105 23.44 -37.31 -28.50
C GLU D 105 24.60 -37.78 -29.35
N SER D 106 24.40 -37.91 -30.66
CA SER D 106 25.45 -38.32 -31.57
C SER D 106 26.30 -37.16 -32.09
N SER D 107 25.89 -35.92 -31.81
CA SER D 107 26.63 -34.74 -32.23
C SER D 107 27.42 -34.17 -31.06
N MET D 108 28.59 -33.63 -31.37
CA MET D 108 29.49 -33.04 -30.40
C MET D 108 29.79 -31.59 -30.75
N PHE D 109 28.78 -30.88 -31.26
CA PHE D 109 28.93 -29.47 -31.58
C PHE D 109 28.83 -28.63 -30.33
N PHE D 110 29.82 -27.74 -30.13
CA PHE D 110 29.87 -26.88 -28.96
C PHE D 110 29.79 -25.43 -29.40
N GLN D 111 29.37 -24.56 -28.47
CA GLN D 111 29.25 -23.14 -28.75
C GLN D 111 29.87 -22.34 -27.63
N PHE D 112 30.48 -21.20 -28.00
CA PHE D 112 31.26 -20.40 -27.07
C PHE D 112 30.43 -19.42 -26.25
N GLY D 113 29.16 -19.22 -26.60
CA GLY D 113 28.34 -18.24 -25.93
C GLY D 113 27.86 -18.72 -24.57
N PRO D 114 26.80 -18.08 -24.06
CA PRO D 114 26.19 -18.55 -22.81
C PRO D 114 25.01 -19.48 -23.05
N SER D 115 24.92 -20.54 -22.26
CA SER D 115 23.77 -21.43 -22.29
C SER D 115 22.58 -20.76 -21.61
N ILE D 116 21.38 -21.25 -21.93
CA ILE D 116 20.15 -20.57 -21.51
C ILE D 116 20.13 -20.39 -19.99
N GLU D 117 20.44 -21.46 -19.26
CA GLU D 117 20.50 -21.34 -17.80
C GLU D 117 21.59 -20.39 -17.35
N GLN D 118 22.65 -20.25 -18.15
CA GLN D 118 23.75 -19.35 -17.79
C GLN D 118 23.31 -17.89 -17.81
N GLN D 119 22.66 -17.45 -18.90
CA GLN D 119 22.17 -16.08 -18.88
C GLN D 119 21.02 -15.91 -17.91
N ALA D 120 20.26 -16.99 -17.65
CA ALA D 120 19.25 -16.92 -16.60
C ALA D 120 19.88 -16.58 -15.25
N SER D 121 20.94 -17.32 -14.89
CA SER D 121 21.61 -17.08 -13.61
C SER D 121 22.29 -15.71 -13.59
N VAL D 122 22.86 -15.29 -14.72
CA VAL D 122 23.48 -13.97 -14.79
C VAL D 122 22.42 -12.88 -14.60
N MET D 123 21.27 -13.04 -15.24
CA MET D 123 20.20 -12.05 -15.12
C MET D 123 19.69 -11.97 -13.69
N LEU D 124 19.52 -13.12 -13.03
CA LEU D 124 19.04 -13.06 -11.65
C LEU D 124 20.12 -12.52 -10.71
N ASN D 125 21.40 -12.74 -11.02
CA ASN D 125 22.46 -12.12 -10.23
C ASN D 125 22.43 -10.61 -10.39
N ILE D 126 22.22 -10.13 -11.62
CA ILE D 126 22.04 -8.68 -11.83
C ILE D 126 20.83 -8.18 -11.07
N MET D 127 19.75 -8.97 -11.07
CA MET D 127 18.53 -8.62 -10.35
C MET D 127 18.82 -8.44 -8.87
N GLU D 128 19.56 -9.37 -8.29
CA GLU D 128 19.95 -9.25 -6.89
C GLU D 128 20.86 -8.05 -6.66
N GLU D 129 21.73 -7.77 -7.63
CA GLU D 129 22.71 -6.69 -7.48
C GLU D 129 22.02 -5.34 -7.31
N TYR D 130 20.97 -5.09 -8.09
CA TYR D 130 20.23 -3.84 -8.01
C TYR D 130 19.09 -3.91 -7.00
N ASP D 131 19.03 -4.99 -6.21
CA ASP D 131 18.17 -5.18 -5.03
C ASP D 131 16.83 -4.46 -5.10
N TRP D 132 16.05 -4.74 -6.14
CA TRP D 132 14.67 -4.22 -6.28
C TRP D 132 13.77 -5.42 -6.53
N TYR D 133 13.34 -6.09 -5.45
CA TYR D 133 12.71 -7.40 -5.57
C TYR D 133 11.34 -7.40 -6.29
N ILE D 134 10.89 -6.30 -6.88
CA ILE D 134 9.64 -6.28 -7.64
C ILE D 134 9.96 -6.33 -9.13
N PHE D 135 9.31 -7.25 -9.84
CA PHE D 135 9.57 -7.43 -11.26
C PHE D 135 8.42 -8.21 -11.88
N SER D 136 8.33 -8.13 -13.20
CA SER D 136 7.36 -8.89 -13.98
C SER D 136 8.08 -9.61 -15.11
N ILE D 137 7.34 -10.48 -15.81
CA ILE D 137 7.90 -11.27 -16.90
C ILE D 137 6.96 -11.18 -18.09
N VAL D 138 7.50 -10.76 -19.24
CA VAL D 138 6.77 -10.76 -20.50
C VAL D 138 7.46 -11.75 -21.42
N THR D 139 6.72 -12.76 -21.85
CA THR D 139 7.28 -13.86 -22.64
C THR D 139 6.32 -14.22 -23.75
N THR D 140 6.84 -14.38 -24.96
CA THR D 140 6.02 -14.69 -26.12
C THR D 140 5.80 -16.20 -26.22
N TYR D 141 5.01 -16.62 -27.20
CA TYR D 141 4.74 -18.03 -27.43
C TYR D 141 5.87 -18.74 -28.18
N PHE D 142 7.03 -18.10 -28.30
CA PHE D 142 8.18 -18.76 -28.90
C PHE D 142 8.60 -19.94 -28.03
N PRO D 143 8.71 -21.14 -28.59
CA PRO D 143 8.98 -22.33 -27.77
C PRO D 143 10.35 -22.27 -27.11
N GLY D 144 10.51 -23.10 -26.09
CA GLY D 144 11.67 -23.05 -25.22
C GLY D 144 11.52 -22.12 -24.03
N TYR D 145 10.43 -21.37 -23.97
CA TYR D 145 10.22 -20.47 -22.84
C TYR D 145 9.83 -21.21 -21.57
N GLN D 146 9.20 -22.38 -21.72
CA GLN D 146 8.74 -23.13 -20.56
C GLN D 146 9.92 -23.57 -19.69
N ASP D 147 10.98 -24.08 -20.31
CA ASP D 147 12.15 -24.48 -19.53
C ASP D 147 12.86 -23.27 -18.95
N PHE D 148 12.88 -22.16 -19.69
CA PHE D 148 13.49 -20.94 -19.19
C PHE D 148 12.80 -20.47 -17.92
N VAL D 149 11.48 -20.35 -17.95
CA VAL D 149 10.76 -19.92 -16.75
C VAL D 149 10.85 -20.98 -15.66
N ASN D 150 10.94 -22.25 -16.04
CA ASN D 150 11.11 -23.31 -15.04
C ASN D 150 12.40 -23.12 -14.26
N LYS D 151 13.50 -22.85 -14.97
CA LYS D 151 14.77 -22.66 -14.27
C LYS D 151 14.81 -21.33 -13.53
N ILE D 152 14.18 -20.29 -14.08
CA ILE D 152 14.06 -19.03 -13.34
C ILE D 152 13.40 -19.27 -12.01
N ARG D 153 12.28 -19.98 -12.01
CA ARG D 153 11.60 -20.35 -10.78
C ARG D 153 12.53 -21.15 -9.89
N SER D 154 13.00 -22.30 -10.37
CA SER D 154 13.86 -23.18 -9.58
C SER D 154 14.93 -22.41 -8.83
N THR D 155 15.58 -21.46 -9.50
CA THR D 155 16.61 -20.68 -8.82
C THR D 155 16.02 -19.62 -7.88
N ILE D 156 14.88 -19.03 -8.25
CA ILE D 156 14.31 -17.96 -7.43
C ILE D 156 13.82 -18.50 -6.09
N GLU D 157 13.30 -19.72 -6.07
CA GLU D 157 13.02 -20.34 -4.77
C GLU D 157 14.21 -21.11 -4.21
N ASN D 158 15.23 -21.37 -5.01
CA ASN D 158 16.46 -21.94 -4.46
C ASN D 158 17.11 -20.96 -3.49
N SER D 159 17.10 -19.67 -3.83
CA SER D 159 17.48 -18.61 -2.91
C SER D 159 16.24 -18.19 -2.13
N PHE D 160 16.18 -18.57 -0.86
CA PHE D 160 14.96 -18.43 -0.06
C PHE D 160 14.78 -17.04 0.52
N VAL D 161 15.44 -16.02 -0.02
CA VAL D 161 15.17 -14.65 0.39
C VAL D 161 13.81 -14.25 -0.15
N GLY D 162 13.25 -13.15 0.38
CA GLY D 162 11.88 -12.79 0.09
C GLY D 162 11.65 -12.11 -1.24
N TRP D 163 11.71 -12.87 -2.33
CA TRP D 163 11.45 -12.33 -3.65
C TRP D 163 9.97 -11.94 -3.81
N GLU D 164 9.66 -11.30 -4.93
CA GLU D 164 8.28 -10.93 -5.25
C GLU D 164 8.13 -10.98 -6.77
N LEU D 165 7.64 -12.12 -7.25
CA LEU D 165 7.33 -12.29 -8.66
C LEU D 165 5.91 -11.81 -8.90
N GLU D 166 5.76 -10.76 -9.70
CA GLU D 166 4.43 -10.18 -9.93
C GLU D 166 3.59 -11.09 -10.81
N GLU D 167 3.99 -11.27 -12.07
CA GLU D 167 3.23 -12.07 -13.01
C GLU D 167 4.17 -12.67 -14.04
N VAL D 168 3.69 -13.71 -14.72
CA VAL D 168 4.38 -14.31 -15.86
C VAL D 168 3.42 -14.25 -17.05
N LEU D 169 3.94 -13.85 -18.21
CA LEU D 169 3.09 -13.52 -19.34
C LEU D 169 3.38 -14.45 -20.51
N LEU D 170 2.30 -14.89 -21.18
CA LEU D 170 2.38 -15.62 -22.43
C LEU D 170 1.70 -14.79 -23.51
N LEU D 171 2.43 -14.50 -24.58
CA LEU D 171 1.98 -13.58 -25.61
C LEU D 171 1.63 -14.35 -26.88
N ASP D 172 0.53 -13.97 -27.51
CA ASP D 172 0.06 -14.59 -28.74
C ASP D 172 -0.08 -13.51 -29.81
N MET D 173 0.90 -13.41 -30.70
CA MET D 173 0.89 -12.43 -31.77
C MET D 173 0.25 -12.95 -33.06
N SER D 174 -0.02 -14.25 -33.15
CA SER D 174 -0.68 -14.78 -34.33
C SER D 174 -2.13 -14.38 -34.42
N LEU D 175 -2.71 -13.83 -33.35
CA LEU D 175 -4.10 -13.39 -33.33
C LEU D 175 -4.14 -11.90 -33.06
N ASP D 176 -4.91 -11.16 -33.87
CA ASP D 176 -5.07 -9.74 -33.62
C ASP D 176 -5.78 -9.48 -32.30
N ASP D 177 -6.80 -10.28 -31.99
CA ASP D 177 -7.43 -10.20 -30.69
C ASP D 177 -6.52 -10.66 -29.56
N GLY D 178 -5.39 -11.31 -29.89
CA GLY D 178 -4.44 -11.67 -28.86
C GLY D 178 -3.88 -10.46 -28.14
N ASP D 179 -3.58 -9.39 -28.89
CA ASP D 179 -3.08 -8.17 -28.26
C ASP D 179 -4.14 -7.54 -27.37
N SER D 180 -5.40 -7.54 -27.82
CA SER D 180 -6.48 -7.00 -27.00
C SER D 180 -6.63 -7.81 -25.71
N LYS D 181 -6.49 -9.14 -25.82
CA LYS D 181 -6.50 -9.97 -24.61
C LYS D 181 -5.31 -9.62 -23.72
N ILE D 182 -4.17 -9.33 -24.34
CA ILE D 182 -2.96 -8.99 -23.59
C ILE D 182 -3.11 -7.66 -22.85
N GLN D 183 -3.94 -6.77 -23.38
CA GLN D 183 -4.11 -5.48 -22.73
C GLN D 183 -4.64 -5.60 -21.30
N ASN D 184 -5.42 -6.65 -21.02
CA ASN D 184 -6.02 -6.80 -19.69
C ASN D 184 -4.94 -6.94 -18.62
N GLN D 185 -3.95 -7.80 -18.87
CA GLN D 185 -2.84 -7.96 -17.95
C GLN D 185 -1.82 -6.85 -18.08
N LEU D 186 -1.75 -6.21 -19.26
CA LEU D 186 -0.94 -5.01 -19.39
C LEU D 186 -1.42 -3.91 -18.46
N LYS D 187 -2.74 -3.88 -18.19
CA LYS D 187 -3.28 -3.00 -17.17
C LYS D 187 -2.67 -3.29 -15.80
N LYS D 188 -2.16 -4.50 -15.58
CA LYS D 188 -1.51 -4.87 -14.32
C LYS D 188 0.00 -4.67 -14.37
N LEU D 189 0.48 -3.71 -15.16
CA LEU D 189 1.91 -3.45 -15.29
C LEU D 189 2.29 -2.31 -14.33
N GLN D 190 2.94 -2.67 -13.22
CA GLN D 190 3.42 -1.69 -12.26
C GLN D 190 4.87 -1.88 -11.84
N SER D 191 5.44 -3.06 -12.06
CA SER D 191 6.84 -3.28 -11.69
C SER D 191 7.75 -2.50 -12.62
N PRO D 192 8.82 -1.88 -12.11
CA PRO D 192 9.73 -1.12 -12.97
C PRO D 192 10.67 -2.00 -13.80
N ILE D 193 10.77 -3.29 -13.50
CA ILE D 193 11.67 -4.19 -14.20
C ILE D 193 10.86 -5.34 -14.78
N ILE D 194 11.03 -5.61 -16.07
CA ILE D 194 10.33 -6.68 -16.76
C ILE D 194 11.35 -7.52 -17.52
N LEU D 195 11.27 -8.83 -17.35
CA LEU D 195 12.15 -9.77 -18.03
C LEU D 195 11.50 -10.21 -19.34
N LEU D 196 12.20 -10.02 -20.45
CA LEU D 196 11.63 -10.19 -21.78
C LEU D 196 12.10 -11.50 -22.42
N TYR D 197 11.18 -12.18 -23.08
CA TYR D 197 11.49 -13.37 -23.86
C TYR D 197 10.75 -13.27 -25.20
N CYS D 198 11.51 -13.16 -26.28
CA CYS D 198 10.95 -13.03 -27.62
C CYS D 198 12.08 -13.11 -28.64
N THR D 199 11.72 -13.10 -29.91
CA THR D 199 12.65 -12.95 -31.01
C THR D 199 12.75 -11.48 -31.37
N LYS D 200 13.46 -11.15 -32.46
CA LYS D 200 13.61 -9.76 -32.85
C LYS D 200 12.34 -9.20 -33.49
N GLU D 201 11.72 -9.96 -34.38
CA GLU D 201 10.48 -9.50 -35.02
C GLU D 201 9.36 -9.37 -34.00
N GLU D 202 9.28 -10.29 -33.04
CA GLU D 202 8.36 -10.12 -31.92
C GLU D 202 8.78 -8.97 -31.03
N ALA D 203 10.10 -8.75 -30.92
CA ALA D 203 10.60 -7.67 -30.10
C ALA D 203 10.10 -6.33 -30.62
N THR D 204 10.15 -6.11 -31.93
CA THR D 204 9.71 -4.82 -32.46
C THR D 204 8.27 -4.52 -32.05
N TYR D 205 7.39 -5.51 -32.17
CA TYR D 205 6.01 -5.33 -31.72
C TYR D 205 5.94 -5.10 -30.22
N ILE D 206 6.78 -5.79 -29.45
CA ILE D 206 6.75 -5.64 -28.00
C ILE D 206 7.14 -4.22 -27.59
N PHE D 207 8.22 -3.70 -28.18
CA PHE D 207 8.63 -2.33 -27.91
C PHE D 207 7.58 -1.34 -28.37
N GLU D 208 6.94 -1.61 -29.52
CA GLU D 208 5.88 -0.73 -30.00
C GLU D 208 4.75 -0.64 -28.97
N VAL D 209 4.31 -1.79 -28.47
CA VAL D 209 3.25 -1.79 -27.45
C VAL D 209 3.73 -1.07 -26.19
N ALA D 210 4.97 -1.33 -25.77
CA ALA D 210 5.48 -0.75 -24.54
C ALA D 210 5.51 0.78 -24.62
N ASN D 211 6.05 1.32 -25.71
CA ASN D 211 6.12 2.77 -25.83
C ASN D 211 4.80 3.40 -26.26
N SER D 212 3.84 2.60 -26.76
CA SER D 212 2.51 3.14 -26.97
C SER D 212 1.76 3.29 -25.65
N VAL D 213 1.92 2.33 -24.75
CA VAL D 213 1.30 2.47 -23.43
C VAL D 213 2.02 3.52 -22.60
N GLY D 214 3.33 3.66 -22.76
CA GLY D 214 4.09 4.63 -22.00
C GLY D 214 4.98 4.01 -20.96
N LEU D 215 5.61 2.89 -21.29
CA LEU D 215 6.50 2.17 -20.39
C LEU D 215 7.95 2.65 -20.49
N THR D 216 8.16 3.87 -20.98
CA THR D 216 9.49 4.44 -21.11
C THR D 216 9.80 5.46 -20.03
N GLY D 217 9.01 5.49 -18.96
CA GLY D 217 9.20 6.46 -17.91
C GLY D 217 10.37 6.14 -17.00
N TYR D 218 10.54 6.97 -15.98
CA TYR D 218 11.64 6.82 -15.06
C TYR D 218 11.50 5.53 -14.25
N GLY D 219 12.64 4.93 -13.92
CA GLY D 219 12.68 3.67 -13.20
C GLY D 219 12.42 2.44 -14.04
N TYR D 220 11.84 2.60 -15.22
CA TYR D 220 11.56 1.46 -16.09
C TYR D 220 12.84 0.95 -16.73
N THR D 221 13.46 -0.05 -16.11
CA THR D 221 14.70 -0.64 -16.61
C THR D 221 14.40 -1.98 -17.25
N TRP D 222 14.90 -2.17 -18.47
CA TRP D 222 14.64 -3.37 -19.25
C TRP D 222 15.96 -4.10 -19.49
N ILE D 223 15.95 -5.41 -19.25
CA ILE D 223 17.11 -6.26 -19.46
C ILE D 223 16.71 -7.38 -20.41
N VAL D 224 17.41 -7.47 -21.54
CA VAL D 224 17.09 -8.48 -22.55
C VAL D 224 18.35 -9.24 -22.92
N PRO D 225 18.25 -10.50 -23.30
CA PRO D 225 19.43 -11.26 -23.74
C PRO D 225 19.84 -10.86 -25.16
N SER D 226 20.89 -11.53 -25.65
CA SER D 226 21.41 -11.22 -26.97
C SER D 226 20.44 -11.62 -28.08
N LEU D 227 19.69 -12.71 -27.88
CA LEU D 227 18.75 -13.15 -28.90
C LEU D 227 17.62 -12.14 -29.10
N VAL D 228 17.12 -11.57 -28.00
CA VAL D 228 16.03 -10.60 -28.10
C VAL D 228 16.50 -9.35 -28.82
N ALA D 229 17.66 -8.83 -28.45
CA ALA D 229 18.17 -7.59 -29.03
C ALA D 229 18.83 -7.78 -30.39
N GLY D 230 19.09 -9.02 -30.80
CA GLY D 230 19.77 -9.23 -32.06
C GLY D 230 21.20 -8.71 -32.02
N ASP D 231 21.57 -8.00 -33.08
CA ASP D 231 22.90 -7.41 -33.18
C ASP D 231 22.92 -6.00 -32.61
N THR D 232 24.03 -5.63 -31.97
CA THR D 232 24.13 -4.32 -31.33
C THR D 232 24.11 -3.20 -32.36
N ASP D 233 24.79 -3.39 -33.48
CA ASP D 233 24.87 -2.32 -34.49
C ASP D 233 23.50 -1.98 -35.05
N THR D 234 22.66 -2.99 -35.29
CA THR D 234 21.31 -2.76 -35.80
C THR D 234 20.44 -2.30 -34.63
N VAL D 235 20.05 -1.03 -34.65
CA VAL D 235 19.23 -0.46 -33.58
C VAL D 235 17.88 -0.07 -34.15
N PRO D 236 16.84 -0.88 -33.91
CA PRO D 236 15.50 -0.51 -34.39
C PRO D 236 15.00 0.75 -33.72
N SER D 237 14.15 1.50 -34.44
CA SER D 237 13.62 2.75 -33.92
C SER D 237 12.72 2.53 -32.71
N GLU D 238 12.24 1.31 -32.50
CA GLU D 238 11.40 1.02 -31.34
C GLU D 238 12.19 0.92 -30.04
N PHE D 239 13.51 0.96 -30.11
CA PHE D 239 14.34 0.84 -28.91
C PHE D 239 14.18 2.07 -28.03
N PRO D 240 13.75 1.92 -26.78
CA PRO D 240 13.64 3.08 -25.90
C PRO D 240 15.00 3.53 -25.40
N THR D 241 15.06 4.80 -25.00
CA THR D 241 16.29 5.35 -24.45
C THR D 241 16.59 4.71 -23.09
N GLY D 242 17.86 4.39 -22.87
CA GLY D 242 18.25 3.71 -21.66
C GLY D 242 18.00 2.22 -21.65
N LEU D 243 18.03 1.58 -22.82
CA LEU D 243 17.72 0.16 -22.92
C LEU D 243 18.96 -0.68 -22.67
N ILE D 244 18.87 -1.63 -21.75
CA ILE D 244 20.02 -2.42 -21.34
C ILE D 244 19.85 -3.85 -21.84
N SER D 245 20.94 -4.41 -22.37
CA SER D 245 20.95 -5.76 -22.89
C SER D 245 22.18 -6.50 -22.36
N VAL D 246 22.15 -7.82 -22.49
CA VAL D 246 23.25 -8.68 -22.07
C VAL D 246 23.63 -9.57 -23.25
N SER D 247 24.93 -9.64 -23.55
CA SER D 247 25.41 -10.44 -24.66
C SER D 247 26.81 -10.93 -24.33
N TYR D 248 27.50 -11.44 -25.35
CA TYR D 248 28.88 -11.88 -25.19
C TYR D 248 29.84 -10.73 -25.45
N ASP D 249 31.09 -10.92 -25.03
CA ASP D 249 32.13 -9.91 -25.19
C ASP D 249 32.52 -9.83 -26.67
N GLU D 250 32.06 -8.79 -27.35
CA GLU D 250 32.33 -8.60 -28.76
C GLU D 250 33.40 -7.56 -29.03
N TRP D 251 33.76 -6.74 -28.03
CA TRP D 251 34.75 -5.68 -28.21
C TRP D 251 36.08 -6.02 -27.56
N ASP D 252 36.09 -6.34 -26.27
CA ASP D 252 37.34 -6.67 -25.60
C ASP D 252 37.84 -8.06 -25.99
N TYR D 253 36.94 -8.98 -26.29
CA TYR D 253 37.28 -10.36 -26.60
C TYR D 253 37.17 -10.53 -28.11
N GLY D 254 38.26 -10.20 -28.81
CA GLY D 254 38.24 -10.21 -30.25
C GLY D 254 38.23 -11.60 -30.85
N LEU D 255 37.72 -11.67 -32.08
CA LEU D 255 37.58 -12.95 -32.77
C LEU D 255 38.89 -13.73 -32.90
N PRO D 256 40.04 -13.13 -33.22
CA PRO D 256 41.29 -13.92 -33.23
C PRO D 256 41.59 -14.58 -31.90
N ALA D 257 41.32 -13.90 -30.78
CA ALA D 257 41.49 -14.52 -29.48
C ALA D 257 40.53 -15.70 -29.31
N ARG D 258 39.30 -15.55 -29.79
CA ARG D 258 38.32 -16.63 -29.69
C ARG D 258 38.80 -17.86 -30.44
N VAL D 259 39.25 -17.68 -31.69
CA VAL D 259 39.67 -18.82 -32.49
C VAL D 259 40.96 -19.42 -31.94
N ARG D 260 41.85 -18.59 -31.38
CA ARG D 260 43.06 -19.11 -30.76
C ARG D 260 42.72 -19.99 -29.56
N ASP D 261 41.82 -19.52 -28.70
CA ASP D 261 41.41 -20.33 -27.55
C ASP D 261 40.72 -21.61 -28.00
N GLY D 262 39.89 -21.52 -29.05
CA GLY D 262 39.21 -22.71 -29.54
C GLY D 262 40.17 -23.75 -30.08
N ILE D 263 41.16 -23.31 -30.87
CA ILE D 263 42.11 -24.27 -31.43
C ILE D 263 43.01 -24.83 -30.33
N ALA D 264 43.33 -24.02 -29.31
CA ALA D 264 44.09 -24.56 -28.18
C ALA D 264 43.30 -25.63 -27.44
N ILE D 265 42.00 -25.38 -27.23
CA ILE D 265 41.16 -26.38 -26.58
C ILE D 265 41.08 -27.64 -27.44
N ILE D 266 40.98 -27.48 -28.75
CA ILE D 266 40.92 -28.63 -29.65
C ILE D 266 42.22 -29.44 -29.55
N THR D 267 43.36 -28.77 -29.54
CA THR D 267 44.64 -29.47 -29.41
C THR D 267 44.74 -30.19 -28.08
N THR D 268 44.29 -29.54 -27.00
CA THR D 268 44.32 -30.19 -25.69
C THR D 268 43.43 -31.44 -25.67
N ALA D 269 42.24 -31.35 -26.27
CA ALA D 269 41.35 -32.51 -26.31
C ALA D 269 41.95 -33.63 -27.15
N ALA D 270 42.59 -33.29 -28.26
CA ALA D 270 43.23 -34.31 -29.09
C ALA D 270 44.36 -35.00 -28.34
N SER D 271 45.17 -34.23 -27.61
CA SER D 271 46.24 -34.82 -26.81
C SER D 271 45.68 -35.71 -25.71
N ASP D 272 44.59 -35.27 -25.07
CA ASP D 272 43.97 -36.09 -24.03
C ASP D 272 43.46 -37.41 -24.58
N MET D 273 42.81 -37.37 -25.75
CA MET D 273 42.38 -38.61 -26.38
C MET D 273 43.59 -39.49 -26.70
N LEU D 274 44.64 -38.91 -27.29
CA LEU D 274 45.80 -39.71 -27.66
C LEU D 274 46.41 -40.38 -26.45
N SER D 275 46.40 -39.70 -25.31
CA SER D 275 46.85 -40.36 -24.07
C SER D 275 45.85 -41.40 -23.61
N GLU D 276 44.56 -41.20 -23.87
CA GLU D 276 43.53 -42.13 -23.41
C GLU D 276 43.59 -43.46 -24.16
N HIS D 277 43.66 -43.40 -25.49
CA HIS D 277 43.52 -44.61 -26.31
C HIS D 277 44.63 -44.81 -27.34
N SER D 278 45.35 -43.76 -27.74
CA SER D 278 46.53 -43.88 -28.60
C SER D 278 46.18 -44.47 -29.97
N PHE D 279 45.03 -44.07 -30.51
CA PHE D 279 44.70 -44.36 -31.90
C PHE D 279 43.97 -43.18 -32.50
N ILE D 280 44.13 -43.00 -33.82
CA ILE D 280 43.53 -41.88 -34.53
C ILE D 280 42.25 -42.39 -35.21
N PRO D 281 41.07 -41.95 -34.78
CA PRO D 281 39.83 -42.37 -35.45
C PRO D 281 39.76 -41.82 -36.87
N GLU D 282 39.84 -42.71 -37.85
CA GLU D 282 39.79 -42.29 -39.24
C GLU D 282 38.40 -41.73 -39.56
N PRO D 283 38.33 -40.61 -40.28
CA PRO D 283 37.01 -40.06 -40.64
C PRO D 283 36.27 -40.94 -41.63
N LYS D 284 35.06 -40.52 -42.01
CA LYS D 284 34.24 -41.34 -42.90
C LYS D 284 34.88 -41.45 -44.28
N SER D 285 34.57 -42.55 -44.97
CA SER D 285 35.09 -42.73 -46.32
C SER D 285 34.37 -41.81 -47.31
N SER D 286 33.07 -41.60 -47.11
CA SER D 286 32.29 -40.75 -48.00
C SER D 286 31.13 -40.17 -47.22
N CYS D 287 30.58 -39.07 -47.74
CA CYS D 287 29.42 -38.46 -47.10
C CYS D 287 28.20 -39.36 -47.14
N TYR D 288 28.12 -40.24 -48.14
CA TYR D 288 27.02 -41.20 -48.23
C TYR D 288 27.27 -42.46 -47.39
N ASN D 289 28.45 -42.59 -46.79
CA ASN D 289 28.80 -43.75 -45.98
C ASN D 289 28.79 -43.31 -44.52
N THR D 290 27.64 -43.45 -43.87
CA THR D 290 27.50 -43.08 -42.48
C THR D 290 28.00 -44.20 -41.58
N HIS D 291 28.81 -43.85 -40.58
CA HIS D 291 29.38 -44.82 -39.65
C HIS D 291 28.43 -44.99 -38.47
N GLU D 292 27.90 -46.20 -38.30
CA GLU D 292 26.96 -46.51 -37.23
C GLU D 292 27.64 -47.12 -36.01
N LYS D 293 28.49 -48.12 -36.22
CA LYS D 293 29.19 -48.78 -35.12
C LYS D 293 30.45 -48.04 -34.69
N ARG D 294 30.87 -47.02 -35.43
CA ARG D 294 32.08 -46.27 -35.12
C ARG D 294 31.81 -45.07 -34.22
N ILE D 295 30.58 -44.91 -33.74
CA ILE D 295 30.25 -43.78 -32.87
C ILE D 295 31.13 -43.80 -31.62
N TYR D 296 31.36 -45.00 -31.06
CA TYR D 296 32.19 -45.11 -29.87
C TYR D 296 33.60 -44.58 -30.13
N GLN D 297 34.05 -44.60 -31.38
CA GLN D 297 35.36 -44.03 -31.70
C GLN D 297 35.40 -42.54 -31.44
N SER D 298 34.32 -41.83 -31.75
CA SER D 298 34.27 -40.39 -31.55
C SER D 298 33.73 -40.00 -30.18
N ASN D 299 32.90 -40.85 -29.58
CA ASN D 299 32.31 -40.52 -28.29
C ASN D 299 33.37 -40.31 -27.22
N MET D 300 34.43 -41.14 -27.25
CA MET D 300 35.53 -40.93 -26.31
C MET D 300 36.15 -39.55 -26.51
N LEU D 301 36.27 -39.10 -27.76
CA LEU D 301 36.65 -37.72 -28.03
C LEU D 301 35.75 -36.76 -27.26
N ASN D 302 34.44 -36.95 -27.38
CA ASN D 302 33.50 -36.10 -26.65
C ASN D 302 33.75 -36.14 -25.15
N ARG D 303 34.22 -37.28 -24.63
CA ARG D 303 34.49 -37.38 -23.20
C ARG D 303 35.51 -36.36 -22.73
N TYR D 304 36.37 -35.88 -23.62
CA TYR D 304 37.34 -34.86 -23.26
C TYR D 304 36.95 -33.46 -23.73
N LEU D 305 35.84 -33.34 -24.48
CA LEU D 305 35.46 -32.03 -24.98
C LEU D 305 34.82 -31.16 -23.92
N ILE D 306 34.11 -31.76 -22.96
CA ILE D 306 33.43 -30.97 -21.93
C ILE D 306 34.43 -30.34 -20.98
N ASN D 307 35.45 -31.09 -20.57
CA ASN D 307 36.41 -30.64 -19.56
C ASN D 307 37.75 -30.37 -20.22
N VAL D 308 38.04 -29.09 -20.47
CA VAL D 308 39.33 -28.65 -20.99
C VAL D 308 39.77 -27.42 -20.21
N THR D 309 40.99 -27.44 -19.70
CA THR D 309 41.57 -26.31 -19.00
C THR D 309 42.67 -25.70 -19.85
N PHE D 310 42.61 -24.39 -20.04
CA PHE D 310 43.56 -23.69 -20.91
C PHE D 310 44.00 -22.39 -20.24
N GLU D 311 45.31 -22.16 -20.22
CA GLU D 311 45.91 -20.93 -19.70
C GLU D 311 45.48 -20.65 -18.26
N GLY D 312 45.39 -21.72 -17.46
CA GLY D 312 45.03 -21.57 -16.06
C GLY D 312 43.63 -21.10 -15.81
N ARG D 313 42.77 -21.07 -16.82
CA ARG D 313 41.38 -20.64 -16.69
C ARG D 313 40.46 -21.79 -17.06
N ASN D 314 39.32 -21.86 -16.37
CA ASN D 314 38.35 -22.93 -16.59
C ASN D 314 37.46 -22.58 -17.79
N LEU D 315 38.06 -22.66 -18.97
CA LEU D 315 37.34 -22.46 -20.22
C LEU D 315 36.60 -23.71 -20.67
N SER D 316 36.46 -24.70 -19.80
CA SER D 316 35.78 -25.94 -20.15
C SER D 316 34.30 -25.68 -20.38
N PHE D 317 33.71 -26.50 -21.25
CA PHE D 317 32.28 -26.42 -21.53
C PHE D 317 31.51 -27.20 -20.47
N SER D 318 30.22 -27.38 -20.69
CA SER D 318 29.35 -28.12 -19.78
C SER D 318 28.72 -29.29 -20.53
N GLU D 319 27.74 -29.94 -19.89
CA GLU D 319 27.11 -31.11 -20.47
C GLU D 319 26.42 -30.77 -21.78
N ASP D 320 25.69 -29.66 -21.83
CA ASP D 320 25.00 -29.28 -23.06
C ASP D 320 25.95 -28.73 -24.12
N GLY D 321 27.19 -28.41 -23.75
CA GLY D 321 28.17 -27.95 -24.71
C GLY D 321 28.38 -26.45 -24.74
N TYR D 322 28.44 -25.83 -23.56
CA TYR D 322 28.62 -24.39 -23.45
C TYR D 322 29.64 -24.07 -22.37
N GLN D 323 30.53 -23.12 -22.67
CA GLN D 323 31.62 -22.79 -21.77
C GLN D 323 31.08 -22.33 -20.43
N MET D 324 31.50 -23.00 -19.36
CA MET D 324 30.99 -22.73 -18.02
C MET D 324 31.47 -21.39 -17.46
N HIS D 325 32.48 -20.77 -18.05
CA HIS D 325 32.99 -19.47 -17.64
C HIS D 325 33.08 -18.55 -18.84
N PRO D 326 31.94 -18.06 -19.33
CA PRO D 326 31.96 -17.15 -20.48
C PRO D 326 32.10 -15.70 -20.08
N LYS D 327 32.76 -14.95 -20.95
CA LYS D 327 32.95 -13.51 -20.74
C LYS D 327 31.70 -12.80 -21.24
N LEU D 328 30.80 -12.46 -20.31
CA LEU D 328 29.53 -11.84 -20.66
C LEU D 328 29.61 -10.34 -20.39
N VAL D 329 29.00 -9.56 -21.28
CA VAL D 329 29.04 -8.10 -21.19
C VAL D 329 27.62 -7.56 -21.21
N ILE D 330 27.32 -6.68 -20.28
CA ILE D 330 26.02 -6.01 -20.18
C ILE D 330 26.20 -4.59 -20.72
N ILE D 331 25.50 -4.28 -21.80
CA ILE D 331 25.67 -3.03 -22.52
C ILE D 331 24.41 -2.19 -22.36
N LEU D 332 24.57 -0.88 -22.41
CA LEU D 332 23.49 0.08 -22.22
C LEU D 332 23.41 1.01 -23.43
N LEU D 333 22.19 1.24 -23.91
CA LEU D 333 21.91 2.20 -24.96
C LEU D 333 21.28 3.43 -24.30
N ASN D 334 21.99 4.55 -24.37
CA ASN D 334 21.55 5.77 -23.71
C ASN D 334 20.75 6.65 -24.68
N LYS D 335 20.51 7.91 -24.29
CA LYS D 335 19.81 8.84 -25.17
C LYS D 335 20.57 9.07 -26.46
N GLU D 336 21.90 8.94 -26.43
CA GLU D 336 22.71 9.11 -27.63
C GLU D 336 22.52 7.99 -28.64
N ARG D 337 21.79 6.93 -28.27
CA ARG D 337 21.57 5.76 -29.13
C ARG D 337 22.89 5.13 -29.56
N LYS D 338 23.82 5.04 -28.61
CA LYS D 338 25.07 4.33 -28.78
C LYS D 338 25.19 3.28 -27.68
N TRP D 339 25.75 2.13 -28.02
CA TRP D 339 25.86 1.01 -27.09
C TRP D 339 27.17 1.12 -26.31
N GLU D 340 27.05 1.27 -24.99
CA GLU D 340 28.20 1.41 -24.10
C GLU D 340 28.19 0.28 -23.09
N ARG D 341 29.28 -0.47 -23.02
CA ARG D 341 29.38 -1.57 -22.08
C ARG D 341 29.46 -1.03 -20.66
N VAL D 342 28.53 -1.46 -19.80
CA VAL D 342 28.42 -0.96 -18.43
C VAL D 342 28.51 -2.06 -17.39
N GLY D 343 28.64 -3.32 -17.80
CA GLY D 343 28.80 -4.40 -16.84
C GLY D 343 29.58 -5.54 -17.43
N LYS D 344 30.34 -6.23 -16.58
CA LYS D 344 31.17 -7.34 -17.01
C LYS D 344 30.94 -8.53 -16.07
N TRP D 345 31.03 -9.73 -16.64
CA TRP D 345 30.92 -10.97 -15.87
C TRP D 345 31.93 -11.96 -16.42
N LYS D 346 32.91 -12.33 -15.60
CA LYS D 346 33.96 -13.24 -16.02
C LYS D 346 34.62 -13.83 -14.78
N ASP D 347 35.01 -15.09 -14.89
CA ASP D 347 35.69 -15.82 -13.80
C ASP D 347 34.89 -15.69 -12.50
N LYS D 348 33.61 -16.08 -12.58
CA LYS D 348 32.63 -16.02 -11.49
C LYS D 348 32.63 -14.67 -10.76
N SER D 349 33.08 -13.61 -11.44
CA SER D 349 33.13 -12.28 -10.84
C SER D 349 32.27 -11.33 -11.68
N LEU D 350 31.46 -10.53 -11.00
CA LEU D 350 30.56 -9.57 -11.62
C LEU D 350 30.99 -8.17 -11.23
N GLN D 351 31.24 -7.33 -12.23
CA GLN D 351 31.72 -5.96 -12.00
C GLN D 351 30.80 -4.97 -12.70
N MET D 352 30.41 -3.93 -11.99
CA MET D 352 29.57 -2.88 -12.53
C MET D 352 30.42 -1.65 -12.83
N LYS D 353 30.21 -1.06 -14.02
CA LYS D 353 30.93 0.16 -14.37
C LYS D 353 30.56 1.31 -13.44
N TYR D 354 29.36 1.29 -12.87
CA TYR D 354 28.89 2.28 -11.91
C TYR D 354 28.55 1.57 -10.61
N TYR D 355 29.27 1.90 -9.54
CA TYR D 355 28.94 1.33 -8.23
C TYR D 355 27.55 1.76 -7.80
N VAL D 356 27.28 3.06 -7.83
CA VAL D 356 25.92 3.55 -7.66
C VAL D 356 25.12 3.20 -8.91
N TRP D 357 23.83 2.94 -8.73
CA TRP D 357 22.97 2.59 -9.86
C TRP D 357 22.98 3.72 -10.89
N PRO D 358 23.32 3.44 -12.14
CA PRO D 358 23.38 4.50 -13.15
C PRO D 358 22.04 5.18 -13.33
N ARG D 359 22.08 6.47 -13.60
CA ARG D 359 20.87 7.29 -13.69
C ARG D 359 20.33 7.20 -15.12
N MET D 360 19.42 6.27 -15.34
CA MET D 360 18.74 6.15 -16.63
C MET D 360 17.49 7.02 -16.66
N CYS D 361 17.70 8.32 -16.48
CA CYS D 361 16.62 9.28 -16.55
C CYS D 361 16.09 9.35 -17.98
N PRO D 362 14.80 9.14 -18.20
CA PRO D 362 14.25 9.14 -19.55
C PRO D 362 14.13 10.56 -20.11
N GLU D 363 13.66 10.64 -21.35
CA GLU D 363 13.43 11.93 -22.00
C GLU D 363 12.04 12.46 -21.65
N THR D 364 11.85 12.73 -20.36
CA THR D 364 10.59 13.21 -19.83
C THR D 364 10.79 14.59 -19.19
N GLU D 365 9.70 15.35 -19.12
CA GLU D 365 9.75 16.67 -18.51
C GLU D 365 9.93 16.54 -16.99
N GLU D 366 10.03 17.70 -16.34
CA GLU D 366 10.23 17.82 -14.90
C GLU D 366 11.61 17.31 -14.48
N GLN D 367 11.80 15.99 -14.50
CA GLN D 367 13.05 15.36 -14.08
C GLN D 367 13.41 15.75 -12.65
N GLU D 368 12.40 15.84 -11.79
CA GLU D 368 12.63 16.13 -10.39
C GLU D 368 13.40 14.98 -9.74
N ASP D 369 14.41 15.32 -8.95
CA ASP D 369 15.27 14.33 -8.30
C ASP D 369 14.53 13.76 -7.09
N ASP D 370 13.68 12.76 -7.36
CA ASP D 370 13.01 12.06 -6.28
C ASP D 370 14.02 11.33 -5.38
N HIS D 371 15.17 10.97 -5.93
CA HIS D 371 16.23 10.32 -5.17
C HIS D 371 17.19 11.40 -4.69
N LEU D 372 16.84 12.00 -3.55
CA LEU D 372 17.61 13.10 -3.02
C LEU D 372 18.97 12.61 -2.52
N SER D 373 20.01 13.41 -2.77
CA SER D 373 21.35 13.09 -2.31
C SER D 373 21.47 13.40 -0.82
N ILE D 374 21.77 12.38 -0.03
CA ILE D 374 21.80 12.48 1.42
C ILE D 374 23.17 12.05 1.92
N VAL D 375 23.77 12.87 2.77
CA VAL D 375 25.06 12.57 3.38
C VAL D 375 24.89 12.60 4.89
N THR D 376 25.69 11.78 5.58
CA THR D 376 25.57 11.64 7.03
C THR D 376 26.93 11.25 7.60
N LEU D 377 27.16 11.66 8.84
CA LEU D 377 28.38 11.33 9.57
C LEU D 377 28.08 10.30 10.65
N GLU D 378 28.98 9.34 10.82
CA GLU D 378 28.82 8.27 11.78
C GLU D 378 28.76 8.80 13.21
N GLU D 379 27.61 8.66 13.86
CA GLU D 379 27.46 9.09 15.26
C GLU D 379 26.37 8.21 15.88
N ALA D 380 26.79 7.19 16.62
CA ALA D 380 25.83 6.29 17.24
C ALA D 380 25.10 6.99 18.39
N PRO D 381 23.84 6.61 18.64
CA PRO D 381 23.04 5.61 17.92
C PRO D 381 22.21 6.22 16.80
N PHE D 382 22.51 7.47 16.40
CA PHE D 382 21.86 8.03 15.22
C PHE D 382 22.21 7.25 13.98
N VAL D 383 23.49 6.87 13.85
CA VAL D 383 23.99 6.15 12.68
C VAL D 383 24.64 4.86 13.16
N ILE D 384 24.22 3.74 12.59
CA ILE D 384 24.81 2.43 12.87
C ILE D 384 25.08 1.77 11.52
N VAL D 385 26.35 1.74 11.11
CA VAL D 385 26.75 1.17 9.83
C VAL D 385 27.46 -0.14 10.09
N GLU D 386 27.08 -1.18 9.32
CA GLU D 386 27.67 -2.49 9.45
C GLU D 386 27.93 -3.06 8.06
N SER D 387 28.83 -4.04 8.00
CA SER D 387 29.17 -4.67 6.74
C SER D 387 27.99 -5.49 6.22
N VAL D 388 27.77 -5.41 4.91
CA VAL D 388 26.70 -6.18 4.28
C VAL D 388 27.05 -7.66 4.32
N ASP D 389 26.09 -8.49 4.75
CA ASP D 389 26.29 -9.93 4.82
C ASP D 389 26.56 -10.48 3.42
N PRO D 390 27.77 -10.98 3.17
CA PRO D 390 28.08 -11.48 1.82
C PRO D 390 27.24 -12.67 1.39
N LEU D 391 26.84 -13.53 2.34
CA LEU D 391 26.07 -14.71 1.97
C LEU D 391 24.68 -14.33 1.48
N SER D 392 24.06 -13.32 2.10
CA SER D 392 22.71 -12.91 1.75
C SER D 392 22.68 -11.83 0.69
N GLY D 393 23.83 -11.21 0.39
CA GLY D 393 23.87 -10.14 -0.59
C GLY D 393 23.50 -8.80 0.00
N THR D 394 22.62 -8.80 0.99
CA THR D 394 22.19 -7.59 1.68
C THR D 394 22.14 -7.88 3.17
N CYS D 395 21.58 -6.94 3.92
CA CYS D 395 21.28 -7.12 5.33
C CYS D 395 19.76 -7.21 5.49
N MET D 396 19.30 -7.26 6.73
CA MET D 396 17.87 -7.38 6.97
C MET D 396 17.15 -6.12 6.50
N ARG D 397 15.82 -6.24 6.35
CA ARG D 397 15.06 -5.29 5.53
C ARG D 397 15.10 -3.87 6.07
N ASN D 398 15.12 -3.69 7.40
CA ASN D 398 15.13 -2.34 7.95
C ASN D 398 16.41 -1.58 7.66
N THR D 399 17.52 -2.28 7.39
CA THR D 399 18.74 -1.59 7.03
C THR D 399 18.64 -1.02 5.63
N VAL D 400 19.42 0.02 5.37
CA VAL D 400 19.45 0.65 4.06
C VAL D 400 20.90 0.66 3.57
N PRO D 401 21.15 0.42 2.29
CA PRO D 401 22.52 0.52 1.78
C PRO D 401 22.97 1.98 1.75
N CYS D 402 24.17 2.21 2.31
CA CYS D 402 24.78 3.53 2.29
C CYS D 402 26.26 3.38 1.87
N GLN D 403 26.79 4.44 1.29
CA GLN D 403 28.05 4.42 0.56
C GLN D 403 29.17 5.01 1.40
N LYS D 404 30.21 4.22 1.61
CA LYS D 404 31.48 4.75 2.09
C LYS D 404 32.14 5.54 0.96
N ARG D 405 32.61 6.74 1.29
CA ARG D 405 33.02 7.74 0.32
C ARG D 405 34.23 7.29 -0.48
N ILE D 406 34.57 8.09 -1.48
CA ILE D 406 35.66 7.80 -2.41
C ILE D 406 36.86 8.62 -1.96
N ILE D 407 37.67 8.03 -1.08
CA ILE D 407 38.88 8.68 -0.57
C ILE D 407 39.92 7.60 -0.31
N SER D 408 41.11 7.77 -0.87
CA SER D 408 42.26 6.92 -0.55
C SER D 408 43.52 7.72 -0.86
N GLU D 409 44.17 8.24 0.19
CA GLU D 409 45.38 9.03 0.02
C GLU D 409 46.57 8.17 -0.44
N ASN D 410 46.47 6.85 -0.34
CA ASN D 410 47.54 5.99 -0.84
C ASN D 410 47.72 6.15 -2.34
N LYS D 411 46.61 6.21 -3.09
CA LYS D 411 46.64 6.40 -4.55
C LYS D 411 45.47 7.32 -4.91
N THR D 412 45.74 8.63 -4.95
CA THR D 412 44.72 9.59 -5.32
C THR D 412 44.46 9.63 -6.82
N ASP D 413 45.36 9.07 -7.63
CA ASP D 413 45.15 9.04 -9.08
C ASP D 413 43.99 8.12 -9.44
N GLU D 414 43.75 7.08 -8.65
CA GLU D 414 42.63 6.17 -8.85
C GLU D 414 41.59 6.43 -7.77
N GLU D 415 40.34 6.62 -8.17
CA GLU D 415 39.27 6.94 -7.23
C GLU D 415 38.70 5.64 -6.68
N PRO D 416 38.84 5.37 -5.38
CA PRO D 416 38.28 4.14 -4.79
C PRO D 416 36.78 4.26 -4.62
N GLY D 417 36.03 3.55 -5.47
CA GLY D 417 34.59 3.63 -5.49
C GLY D 417 33.91 3.47 -4.14
N TYR D 418 32.73 4.06 -3.99
CA TYR D 418 31.95 3.97 -2.76
C TYR D 418 31.76 2.53 -2.35
N ILE D 419 31.59 2.27 -1.05
CA ILE D 419 31.44 0.90 -0.56
C ILE D 419 30.05 0.77 0.08
N LYS D 420 29.26 -0.17 -0.42
CA LYS D 420 27.90 -0.35 0.08
C LYS D 420 27.92 -1.12 1.40
N LYS D 421 27.34 -0.52 2.43
CA LYS D 421 27.21 -1.14 3.75
C LYS D 421 25.80 -0.91 4.27
N CYS D 422 25.32 -1.85 5.08
CA CYS D 422 23.95 -1.78 5.57
C CYS D 422 23.94 -0.96 6.85
N CYS D 423 23.12 0.10 6.87
CA CYS D 423 23.08 1.01 8.00
C CYS D 423 21.64 1.29 8.44
N LYS D 424 21.50 1.48 9.75
CA LYS D 424 20.22 1.72 10.39
C LYS D 424 20.37 2.86 11.39
N GLY D 425 19.22 3.45 11.75
CA GLY D 425 19.20 4.52 12.71
C GLY D 425 17.85 5.19 12.89
N PHE D 426 17.70 5.95 13.97
CA PHE D 426 16.46 6.70 14.19
C PHE D 426 16.25 7.72 13.08
N CYS D 427 17.30 8.45 12.71
CA CYS D 427 17.18 9.37 11.60
C CYS D 427 16.75 8.64 10.35
N ILE D 428 17.36 7.49 10.06
CA ILE D 428 16.96 6.70 8.90
C ILE D 428 15.49 6.30 9.01
N ASP D 429 15.01 6.07 10.24
CA ASP D 429 13.60 5.76 10.42
C ASP D 429 12.74 6.94 10.01
N ILE D 430 13.11 8.14 10.46
CA ILE D 430 12.40 9.35 10.06
C ILE D 430 12.42 9.50 8.54
N LEU D 431 13.57 9.20 7.94
CA LEU D 431 13.72 9.35 6.50
C LEU D 431 12.80 8.39 5.75
N LYS D 432 12.71 7.14 6.20
CA LYS D 432 11.84 6.22 5.47
C LYS D 432 10.38 6.55 5.70
N LYS D 433 10.04 7.08 6.88
CA LYS D 433 8.67 7.51 7.12
C LYS D 433 8.29 8.66 6.21
N ILE D 434 9.16 9.67 6.11
CA ILE D 434 8.84 10.80 5.24
C ILE D 434 8.89 10.41 3.77
N SER D 435 9.71 9.42 3.43
CA SER D 435 9.77 8.95 2.05
C SER D 435 8.49 8.22 1.68
N LYS D 436 7.94 7.44 2.61
CA LYS D 436 6.67 6.77 2.34
C LYS D 436 5.49 7.73 2.42
N SER D 437 5.63 8.84 3.13
CA SER D 437 4.53 9.81 3.20
C SER D 437 4.51 10.73 1.98
N VAL D 438 5.67 11.21 1.55
CA VAL D 438 5.75 12.13 0.40
C VAL D 438 5.92 11.39 -0.91
N LYS D 439 6.18 10.08 -0.87
CA LYS D 439 6.36 9.25 -2.08
C LYS D 439 7.61 9.68 -2.86
N PHE D 440 8.74 9.74 -2.16
CA PHE D 440 10.02 10.00 -2.79
C PHE D 440 11.07 9.09 -2.16
N THR D 441 12.31 9.20 -2.63
CA THR D 441 13.37 8.31 -2.18
C THR D 441 14.63 9.09 -1.82
N TYR D 442 15.74 8.38 -1.60
CA TYR D 442 16.98 9.03 -1.21
C TYR D 442 18.14 8.08 -1.38
N ASP D 443 19.32 8.65 -1.65
CA ASP D 443 20.57 7.90 -1.69
C ASP D 443 21.44 8.32 -0.52
N LEU D 444 22.08 7.34 0.12
CA LEU D 444 22.86 7.56 1.32
C LEU D 444 24.34 7.38 1.02
N TYR D 445 25.16 8.33 1.47
CA TYR D 445 26.60 8.21 1.37
C TYR D 445 27.23 8.90 2.57
N LEU D 446 28.56 8.78 2.66
CA LEU D 446 29.30 9.21 3.84
C LEU D 446 30.03 10.52 3.58
N VAL D 447 30.14 11.33 4.63
CA VAL D 447 30.85 12.59 4.54
C VAL D 447 32.34 12.33 4.29
N THR D 448 32.94 13.18 3.45
CA THR D 448 34.33 12.95 3.04
C THR D 448 35.30 13.10 4.21
N ASN D 449 35.20 14.20 4.95
CA ASN D 449 36.16 14.51 5.99
C ASN D 449 35.73 14.05 7.37
N GLY D 450 34.58 13.40 7.49
CA GLY D 450 34.12 12.92 8.79
C GLY D 450 33.82 14.02 9.78
N LYS D 451 33.30 15.15 9.31
CA LYS D 451 32.97 16.27 10.18
C LYS D 451 31.61 16.83 9.80
N HIS D 452 30.92 17.39 10.79
CA HIS D 452 29.63 18.02 10.53
C HIS D 452 29.79 19.22 9.61
N GLY D 453 30.80 20.05 9.87
CA GLY D 453 31.03 21.23 9.05
C GLY D 453 31.58 22.40 9.83
N LYS D 454 32.48 23.15 9.21
CA LYS D 454 33.08 24.32 9.84
C LYS D 454 33.46 25.32 8.76
N LYS D 455 33.36 26.60 9.10
CA LYS D 455 33.68 27.68 8.17
C LYS D 455 35.18 27.89 8.16
N ILE D 456 35.88 27.14 7.31
CA ILE D 456 37.32 27.23 7.16
C ILE D 456 37.62 28.43 6.26
N ASN D 457 37.90 29.58 6.87
CA ASN D 457 38.19 30.82 6.14
C ASN D 457 37.08 31.15 5.15
N GLY D 458 35.84 31.05 5.63
CA GLY D 458 34.68 31.36 4.84
C GLY D 458 34.11 30.20 4.05
N THR D 459 34.97 29.27 3.64
CA THR D 459 34.52 28.11 2.86
C THR D 459 34.07 27.00 3.80
N TRP D 460 32.85 26.51 3.59
CA TRP D 460 32.31 25.45 4.42
C TRP D 460 32.76 24.09 3.93
N ASN D 461 32.99 23.18 4.87
CA ASN D 461 33.40 21.82 4.57
C ASN D 461 32.45 20.85 5.27
N GLY D 462 32.73 19.56 5.12
CA GLY D 462 31.89 18.54 5.73
C GLY D 462 30.50 18.51 5.12
N MET D 463 29.52 18.14 5.93
CA MET D 463 28.14 18.11 5.47
C MET D 463 27.67 19.50 5.05
N ILE D 464 28.01 20.51 5.85
CA ILE D 464 27.64 21.88 5.49
C ILE D 464 28.28 22.28 4.18
N GLY D 465 29.54 21.88 3.96
CA GLY D 465 30.18 22.16 2.69
C GLY D 465 29.50 21.47 1.52
N GLU D 466 29.08 20.22 1.72
CA GLU D 466 28.37 19.51 0.66
C GLU D 466 27.05 20.19 0.34
N VAL D 467 26.33 20.65 1.36
CA VAL D 467 25.06 21.32 1.13
C VAL D 467 25.27 22.66 0.43
N VAL D 468 26.31 23.40 0.84
CA VAL D 468 26.57 24.70 0.23
C VAL D 468 26.91 24.54 -1.24
N MET D 469 27.76 23.57 -1.57
CA MET D 469 28.14 23.33 -2.95
C MET D 469 27.14 22.48 -3.71
N LYS D 470 25.95 22.27 -3.14
CA LYS D 470 24.85 21.53 -3.76
C LYS D 470 25.19 20.06 -4.03
N ARG D 471 26.33 19.58 -3.54
CA ARG D 471 26.65 18.17 -3.67
C ARG D 471 25.64 17.30 -2.92
N ALA D 472 25.25 17.75 -1.72
CA ALA D 472 24.21 17.10 -0.93
C ALA D 472 22.99 18.02 -0.93
N TYR D 473 21.91 17.57 -1.54
CA TYR D 473 20.70 18.40 -1.62
C TYR D 473 20.08 18.61 -0.25
N MET D 474 19.66 17.52 0.39
CA MET D 474 19.11 17.58 1.73
C MET D 474 20.12 16.98 2.71
N ALA D 475 20.04 17.43 3.97
CA ALA D 475 20.98 17.03 5.00
C ALA D 475 20.31 16.13 6.03
N VAL D 476 21.06 15.13 6.50
CA VAL D 476 20.57 14.22 7.53
C VAL D 476 21.71 13.95 8.51
N GLY D 477 21.47 14.20 9.79
CA GLY D 477 22.46 13.97 10.82
C GLY D 477 22.10 14.67 12.11
N SER D 478 22.76 14.27 13.21
CA SER D 478 22.52 14.88 14.51
C SER D 478 23.37 16.14 14.64
N LEU D 479 22.96 17.17 13.91
CA LEU D 479 23.63 18.46 13.95
C LEU D 479 22.67 19.51 14.51
N THR D 480 23.17 20.30 15.45
CA THR D 480 22.35 21.30 16.13
C THR D 480 22.15 22.50 15.21
N ILE D 481 21.53 23.57 15.74
CA ILE D 481 21.22 24.77 14.98
C ILE D 481 22.21 25.85 15.36
N ASN D 482 22.91 26.39 14.37
CA ASN D 482 23.88 27.46 14.56
C ASN D 482 23.56 28.62 13.64
N GLU D 483 23.93 29.83 14.08
CA GLU D 483 23.64 31.02 13.28
C GLU D 483 24.46 31.03 12.00
N GLU D 484 25.71 30.59 12.06
CA GLU D 484 26.55 30.57 10.87
C GLU D 484 25.96 29.66 9.80
N ARG D 485 25.47 28.49 10.21
CA ARG D 485 24.79 27.61 9.27
C ARG D 485 23.47 28.20 8.82
N SER D 486 22.80 28.93 9.71
CA SER D 486 21.51 29.53 9.36
C SER D 486 21.63 30.50 8.19
N GLU D 487 22.77 31.17 8.07
CA GLU D 487 22.96 32.13 6.98
C GLU D 487 23.24 31.45 5.65
N VAL D 488 23.65 30.18 5.67
CA VAL D 488 24.02 29.49 4.44
C VAL D 488 23.06 28.37 4.07
N VAL D 489 22.28 27.85 5.01
CA VAL D 489 21.29 26.82 4.76
C VAL D 489 20.01 27.19 5.48
N ASP D 490 18.96 26.39 5.27
CA ASP D 490 17.66 26.60 5.88
C ASP D 490 17.44 25.51 6.93
N PHE D 491 17.32 25.91 8.18
CA PHE D 491 17.09 24.96 9.26
C PHE D 491 15.62 24.58 9.32
N SER D 492 15.35 23.29 9.30
CA SER D 492 13.98 22.79 9.33
C SER D 492 13.48 22.73 10.77
N VAL D 493 12.25 22.26 10.94
CA VAL D 493 11.70 22.10 12.28
C VAL D 493 12.42 20.96 13.00
N PRO D 494 12.95 21.17 14.19
CA PRO D 494 13.66 20.09 14.89
C PRO D 494 12.70 19.01 15.33
N PHE D 495 13.24 17.79 15.42
CA PHE D 495 12.47 16.63 15.86
C PHE D 495 12.77 16.22 17.29
N ILE D 496 13.84 16.73 17.89
CA ILE D 496 14.16 16.45 19.29
C ILE D 496 14.95 17.63 19.83
N GLU D 497 14.94 17.77 21.15
CA GLU D 497 15.54 18.91 21.82
C GLU D 497 16.85 18.55 22.49
N THR D 498 17.67 19.57 22.73
CA THR D 498 18.98 19.42 23.37
C THR D 498 19.42 20.82 23.80
N GLY D 499 20.59 20.88 24.43
CA GLY D 499 21.13 22.16 24.87
C GLY D 499 22.27 21.96 25.85
N ILE D 500 22.57 23.03 26.58
CA ILE D 500 23.66 23.03 27.55
C ILE D 500 23.16 22.29 28.79
N SER D 501 23.50 21.01 28.88
CA SER D 501 23.07 20.15 29.97
C SER D 501 24.26 19.73 30.82
N VAL D 502 23.97 19.43 32.08
CA VAL D 502 24.98 18.99 33.04
C VAL D 502 24.55 17.65 33.61
N MET D 503 25.49 16.71 33.66
CA MET D 503 25.27 15.38 34.20
C MET D 503 26.16 15.17 35.41
N VAL D 504 25.59 14.56 36.44
CA VAL D 504 26.29 14.31 37.71
C VAL D 504 26.08 12.86 38.09
N SER D 505 27.05 12.31 38.83
CA SER D 505 26.90 10.96 39.36
C SER D 505 25.64 10.85 40.20
N ARG D 506 24.92 9.75 40.03
CA ARG D 506 23.72 9.52 40.82
C ARG D 506 24.04 9.42 42.30
N SER D 507 25.14 8.75 42.65
CA SER D 507 25.62 8.63 44.02
C SER D 507 24.59 8.00 44.94
N ASN D 508 24.79 8.11 46.24
CA ASN D 508 23.89 7.55 47.24
C ASN D 508 23.51 8.61 48.25
N GLY D 509 22.31 8.47 48.80
CA GLY D 509 21.77 9.46 49.72
C GLY D 509 22.33 9.30 51.12
N THR D 510 21.67 9.97 52.06
CA THR D 510 22.09 9.98 53.46
C THR D 510 20.84 10.07 54.34
N VAL D 511 21.06 10.02 55.65
CA VAL D 511 19.99 10.05 56.63
C VAL D 511 20.01 11.38 57.36
N SER D 512 18.82 11.95 57.57
CA SER D 512 18.72 13.22 58.26
C SER D 512 19.19 13.07 59.71
N PRO D 513 20.08 13.95 60.19
CA PRO D 513 20.54 13.83 61.57
C PRO D 513 19.44 13.98 62.60
N SER D 514 18.43 14.82 62.33
CA SER D 514 17.34 15.07 63.26
C SER D 514 16.10 14.23 62.93
N ALA D 515 16.28 13.12 62.21
CA ALA D 515 15.13 12.31 61.84
C ALA D 515 14.54 11.56 63.02
N PHE D 516 15.25 11.48 64.14
CA PHE D 516 14.74 10.74 65.29
C PHE D 516 13.52 11.40 65.90
N LEU D 517 13.43 12.72 65.84
CA LEU D 517 12.26 13.44 66.32
C LEU D 517 11.20 13.62 65.25
N GLU D 518 11.46 13.16 64.03
CA GLU D 518 10.45 13.23 62.99
C GLU D 518 9.16 12.47 63.32
N PRO D 519 9.19 11.26 63.92
CA PRO D 519 7.91 10.58 64.20
C PRO D 519 6.97 11.34 65.11
N PHE D 520 7.49 12.08 66.09
CA PHE D 520 6.67 12.69 67.12
C PHE D 520 7.05 14.16 67.28
N SER D 521 6.04 15.03 67.26
CA SER D 521 6.25 16.47 67.44
C SER D 521 6.39 16.77 68.93
N ALA D 522 6.31 18.06 69.28
CA ALA D 522 6.36 18.46 70.68
C ALA D 522 5.15 17.98 71.47
N ASP D 523 4.12 17.48 70.77
CA ASP D 523 2.95 16.96 71.47
C ASP D 523 3.35 15.87 72.46
N VAL D 524 4.25 14.97 72.07
CA VAL D 524 4.64 13.90 72.97
C VAL D 524 5.38 14.45 74.18
N TRP D 525 6.19 15.50 73.98
CA TRP D 525 6.89 16.11 75.10
C TRP D 525 5.90 16.70 76.10
N VAL D 526 4.97 17.54 75.62
CA VAL D 526 4.04 18.18 76.54
C VAL D 526 3.15 17.13 77.21
N MET D 527 2.74 16.10 76.46
CA MET D 527 1.85 15.10 77.05
C MET D 527 2.58 14.28 78.10
N MET D 528 3.81 13.86 77.82
CA MET D 528 4.53 13.08 78.82
C MET D 528 4.75 13.90 80.09
N PHE D 529 5.05 15.19 79.93
CA PHE D 529 5.26 16.02 81.11
C PHE D 529 3.97 16.20 81.91
N VAL D 530 2.84 16.47 81.23
CA VAL D 530 1.61 16.72 81.97
C VAL D 530 1.10 15.44 82.63
N MET D 531 1.19 14.30 81.93
CA MET D 531 0.78 13.05 82.55
C MET D 531 1.70 12.69 83.71
N LEU D 532 3.00 12.93 83.56
CA LEU D 532 3.92 12.70 84.67
C LEU D 532 3.50 13.49 85.89
N LEU D 533 3.22 14.79 85.71
CA LEU D 533 2.88 15.61 86.87
C LEU D 533 1.55 15.19 87.48
N ILE D 534 0.55 14.88 86.66
CA ILE D 534 -0.76 14.53 87.23
C ILE D 534 -0.68 13.20 87.97
N VAL D 535 0.01 12.21 87.39
CA VAL D 535 0.06 10.92 88.08
C VAL D 535 0.98 10.98 89.29
N SER D 536 2.01 11.84 89.28
CA SER D 536 2.82 12.02 90.47
C SER D 536 2.01 12.65 91.59
N ALA D 537 1.18 13.65 91.25
CA ALA D 537 0.30 14.23 92.26
C ALA D 537 -0.66 13.18 92.81
N VAL D 538 -1.23 12.35 91.93
CA VAL D 538 -2.18 11.34 92.41
C VAL D 538 -1.47 10.33 93.30
N ALA D 539 -0.26 9.91 92.90
CA ALA D 539 0.47 8.92 93.68
C ALA D 539 0.85 9.46 95.05
N VAL D 540 1.32 10.71 95.12
CA VAL D 540 1.69 11.26 96.41
C VAL D 540 0.45 11.49 97.27
N PHE D 541 -0.69 11.85 96.66
CA PHE D 541 -1.92 11.98 97.43
C PHE D 541 -2.37 10.63 97.98
N VAL D 542 -2.21 9.57 97.20
CA VAL D 542 -2.54 8.23 97.68
C VAL D 542 -1.62 7.84 98.84
N PHE D 543 -0.32 8.11 98.69
CA PHE D 543 0.63 7.80 99.75
C PHE D 543 0.34 8.62 101.01
N GLU D 544 -0.24 9.82 100.85
CA GLU D 544 -0.59 10.63 102.01
C GLU D 544 -1.59 9.93 102.91
N TYR D 545 -2.44 9.07 102.35
CA TYR D 545 -3.39 8.31 103.15
C TYR D 545 -2.74 7.21 103.96
N PHE D 546 -1.47 6.89 103.70
CA PHE D 546 -0.77 5.86 104.44
C PHE D 546 0.71 6.23 104.63
N PHE D 566 8.42 12.17 101.35
CA PHE D 566 9.04 10.86 101.25
C PHE D 566 8.89 10.29 99.85
N THR D 567 7.74 10.56 99.22
CA THR D 567 7.47 10.11 97.87
C THR D 567 7.38 11.26 96.87
N ILE D 568 7.14 12.49 97.33
CA ILE D 568 6.99 13.63 96.43
C ILE D 568 8.25 13.90 95.61
N GLY D 569 9.41 13.44 96.09
CA GLY D 569 10.65 13.65 95.35
C GLY D 569 11.01 12.49 94.45
N LYS D 570 10.86 11.26 94.95
CA LYS D 570 11.18 10.07 94.17
C LYS D 570 10.10 9.74 93.14
N ALA D 571 8.96 10.44 93.19
CA ALA D 571 7.86 10.12 92.28
C ALA D 571 8.26 10.32 90.82
N ILE D 572 8.95 11.41 90.52
CA ILE D 572 9.34 11.69 89.13
C ILE D 572 10.26 10.60 88.60
N TRP D 573 11.28 10.25 89.39
CA TRP D 573 12.22 9.20 89.00
C TRP D 573 11.49 7.88 88.78
N LEU D 574 10.66 7.49 89.75
CA LEU D 574 9.94 6.22 89.65
C LEU D 574 9.07 6.19 88.40
N LEU D 575 8.28 7.24 88.18
CA LEU D 575 7.30 7.23 87.10
C LEU D 575 7.96 7.31 85.74
N TRP D 576 9.02 8.10 85.60
CA TRP D 576 9.70 8.15 84.31
C TRP D 576 10.43 6.84 84.04
N GLY D 577 10.99 6.22 85.08
CA GLY D 577 11.53 4.88 84.90
C GLY D 577 10.48 3.89 84.47
N LEU D 578 9.24 4.07 84.95
CA LEU D 578 8.15 3.20 84.54
C LEU D 578 7.77 3.41 83.08
N VAL D 579 7.58 4.66 82.67
CA VAL D 579 7.17 4.93 81.29
C VAL D 579 8.32 4.85 80.30
N PHE D 580 9.54 4.65 80.75
CA PHE D 580 10.69 4.80 79.88
C PHE D 580 11.43 3.49 79.66
N ASN D 581 11.96 2.89 80.72
CA ASN D 581 12.71 1.65 80.65
C ASN D 581 13.03 1.23 82.08
N ASN D 582 12.99 -0.07 82.33
CA ASN D 582 13.32 -0.59 83.66
C ASN D 582 14.80 -0.90 83.73
N SER D 583 15.60 0.16 83.59
CA SER D 583 17.05 0.05 83.63
C SER D 583 17.64 0.37 84.99
N VAL D 584 16.92 1.10 85.83
CA VAL D 584 17.37 1.45 87.18
C VAL D 584 16.36 0.89 88.17
N PRO D 585 16.79 0.20 89.22
CA PRO D 585 15.85 -0.20 90.27
C PRO D 585 15.24 1.02 90.95
N VAL D 586 13.97 0.91 91.30
CA VAL D 586 13.23 2.00 91.91
C VAL D 586 12.53 1.48 93.16
N GLN D 587 12.38 2.37 94.15
CA GLN D 587 11.66 2.04 95.38
C GLN D 587 10.16 2.27 95.14
N ASN D 588 9.60 1.41 94.30
CA ASN D 588 8.21 1.57 93.87
C ASN D 588 7.13 1.17 94.88
N PRO D 589 7.33 0.17 95.79
CA PRO D 589 6.17 -0.32 96.53
C PRO D 589 5.76 0.62 97.66
N LYS D 590 4.72 1.40 97.41
CA LYS D 590 4.19 2.35 98.38
C LYS D 590 2.73 2.58 98.03
N GLY D 591 1.82 2.30 98.97
CA GLY D 591 0.41 2.40 98.65
C GLY D 591 0.04 1.40 97.57
N THR D 592 -0.03 0.12 97.95
CA THR D 592 -0.16 -0.97 97.00
C THR D 592 -1.34 -0.82 96.05
N THR D 593 -2.34 0.00 96.41
CA THR D 593 -3.47 0.20 95.50
C THR D 593 -3.08 1.04 94.30
N SER D 594 -2.10 1.93 94.43
CA SER D 594 -1.60 2.71 93.31
C SER D 594 -0.78 1.88 92.34
N LYS D 595 -0.47 0.63 92.69
CA LYS D 595 0.27 -0.23 91.79
C LYS D 595 -0.50 -0.47 90.49
N ILE D 596 -1.83 -0.46 90.56
CA ILE D 596 -2.64 -0.54 89.34
C ILE D 596 -2.35 0.65 88.43
N MET D 597 -2.28 1.85 89.02
CA MET D 597 -2.02 3.04 88.23
C MET D 597 -0.62 3.01 87.63
N VAL D 598 0.37 2.61 88.43
CA VAL D 598 1.73 2.57 87.89
C VAL D 598 1.88 1.45 86.87
N SER D 599 1.07 0.41 86.95
CA SER D 599 1.14 -0.65 85.94
C SER D 599 0.52 -0.19 84.62
N VAL D 600 -0.61 0.52 84.67
CA VAL D 600 -1.13 1.04 83.42
C VAL D 600 -0.19 2.11 82.87
N TRP D 601 0.52 2.81 83.75
CA TRP D 601 1.62 3.67 83.35
C TRP D 601 2.66 2.89 82.54
N ALA D 602 3.07 1.73 83.06
CA ALA D 602 3.99 0.87 82.32
C ALA D 602 3.38 0.36 81.02
N PHE D 603 2.06 0.22 80.98
CA PHE D 603 1.40 -0.15 79.73
C PHE D 603 1.54 0.95 78.69
N PHE D 604 1.34 2.19 79.11
CA PHE D 604 1.66 3.33 78.25
C PHE D 604 3.08 3.23 77.73
N ALA D 605 4.01 2.87 78.63
CA ALA D 605 5.41 2.71 78.22
C ALA D 605 5.54 1.67 77.11
N VAL D 606 4.98 0.48 77.34
CA VAL D 606 5.21 -0.63 76.43
C VAL D 606 4.48 -0.46 75.11
N ILE D 607 3.51 0.43 75.03
CA ILE D 607 2.94 0.75 73.72
C ILE D 607 3.70 1.88 73.05
N PHE D 608 4.13 2.89 73.83
CA PHE D 608 4.79 4.04 73.25
C PHE D 608 6.15 3.67 72.65
N LEU D 609 6.92 2.86 73.37
CA LEU D 609 8.22 2.47 72.85
C LEU D 609 8.09 1.68 71.56
N ALA D 610 7.10 0.78 71.52
CA ALA D 610 6.84 0.01 70.32
C ALA D 610 6.51 0.91 69.15
N SER D 611 5.59 1.85 69.37
CA SER D 611 5.20 2.76 68.28
C SER D 611 6.40 3.59 67.82
N TYR D 612 7.26 4.00 68.75
CA TYR D 612 8.44 4.78 68.36
C TYR D 612 9.39 3.94 67.49
N THR D 613 9.77 2.76 67.98
CA THR D 613 10.68 1.92 67.23
C THR D 613 10.11 1.50 65.89
N ALA D 614 8.79 1.53 65.76
CA ALA D 614 8.17 1.21 64.47
C ALA D 614 8.20 2.41 63.53
N ASN D 615 7.67 3.55 63.99
CA ASN D 615 7.53 4.71 63.11
C ASN D 615 8.89 5.24 62.67
N LEU D 616 9.86 5.28 63.59
CA LEU D 616 11.18 5.78 63.21
C LEU D 616 11.83 4.86 62.19
N ALA D 617 11.69 3.54 62.39
CA ALA D 617 12.17 2.59 61.38
C ALA D 617 11.53 2.84 60.03
N ALA D 618 10.22 3.14 60.04
CA ALA D 618 9.54 3.48 58.79
C ALA D 618 10.17 4.71 58.15
N PHE D 619 10.48 5.72 58.96
CA PHE D 619 11.12 6.93 58.45
C PHE D 619 12.51 6.67 57.90
N MET D 620 13.16 5.60 58.36
CA MET D 620 14.52 5.29 57.98
C MET D 620 14.61 4.55 56.65
N ILE D 621 13.47 4.24 56.02
CA ILE D 621 13.45 3.47 54.78
C ILE D 621 13.41 4.44 53.61
N GLN D 622 13.93 5.65 53.82
CA GLN D 622 13.98 6.63 52.74
C GLN D 622 14.89 6.14 51.61
N GLU D 623 14.61 6.62 50.41
CA GLU D 623 15.41 6.30 49.23
C GLU D 623 16.38 7.44 48.94
N GLU D 624 17.44 7.11 48.19
CA GLU D 624 18.46 8.10 47.89
C GLU D 624 17.88 9.22 47.04
N TYR D 625 17.97 10.46 47.55
CA TYR D 625 17.39 11.61 46.87
C TYR D 625 18.41 12.33 46.00
N VAL D 626 19.49 12.84 46.61
CA VAL D 626 20.51 13.63 45.92
C VAL D 626 19.85 14.83 45.25
N ASP D 627 19.87 15.99 45.91
CA ASP D 627 19.17 17.17 45.41
C ASP D 627 19.73 17.71 44.09
N GLN D 628 20.79 17.09 43.56
CA GLN D 628 21.46 17.42 42.30
C GLN D 628 21.77 18.92 42.25
N VAL D 629 21.86 19.48 41.04
CA VAL D 629 22.08 20.90 40.84
C VAL D 629 20.83 21.48 40.21
N SER D 630 20.36 22.61 40.75
CA SER D 630 19.13 23.22 40.24
C SER D 630 19.28 23.62 38.78
N GLY D 631 20.44 24.14 38.40
CA GLY D 631 20.66 24.54 37.02
C GLY D 631 22.06 25.08 36.86
N LEU D 632 22.35 25.52 35.63
CA LEU D 632 23.66 26.08 35.34
C LEU D 632 23.91 27.33 36.17
N SER D 633 22.86 28.11 36.44
CA SER D 633 22.96 29.33 37.22
C SER D 633 22.85 29.08 38.73
N ASP D 634 23.10 27.86 39.18
CA ASP D 634 23.06 27.55 40.61
C ASP D 634 24.14 28.31 41.34
N LYS D 635 23.78 28.92 42.48
CA LYS D 635 24.72 29.74 43.23
C LYS D 635 26.00 28.97 43.56
N LYS D 636 25.88 27.67 43.85
CA LYS D 636 27.06 26.86 44.09
C LYS D 636 27.94 26.78 42.85
N PHE D 637 27.33 26.69 41.67
CA PHE D 637 28.08 26.52 40.43
C PHE D 637 28.99 27.71 40.15
N GLN D 638 28.50 28.93 40.38
CA GLN D 638 29.28 30.10 40.02
C GLN D 638 30.54 30.23 40.87
N ARG D 639 30.43 29.95 42.17
CA ARG D 639 31.55 30.07 43.09
C ARG D 639 31.71 28.78 43.88
N PRO D 640 32.19 27.72 43.23
CA PRO D 640 32.41 26.46 43.96
C PRO D 640 33.55 26.53 44.95
N ASN D 641 34.48 27.48 44.81
CA ASN D 641 35.60 27.60 45.72
C ASN D 641 35.15 27.97 47.14
N ASP D 642 33.96 28.55 47.28
CA ASP D 642 33.43 28.85 48.60
C ASP D 642 33.02 27.59 49.37
N PHE D 643 32.97 26.45 48.71
CA PHE D 643 32.57 25.19 49.33
C PHE D 643 33.76 24.24 49.38
N SER D 644 33.83 23.44 50.44
CA SER D 644 34.91 22.49 50.63
C SER D 644 34.39 21.07 50.47
N PRO D 645 34.85 20.32 49.45
CA PRO D 645 35.79 20.71 48.40
C PRO D 645 35.12 21.47 47.27
N PRO D 646 35.88 22.24 46.50
CA PRO D 646 35.27 22.98 45.37
C PRO D 646 34.74 22.01 44.32
N PHE D 647 33.53 22.29 43.84
CA PHE D 647 32.90 21.42 42.85
C PHE D 647 33.58 21.59 41.50
N ARG D 648 34.00 20.48 40.90
CA ARG D 648 34.83 20.48 39.70
C ARG D 648 34.00 20.00 38.50
N PHE D 649 33.96 20.82 37.46
CA PHE D 649 33.28 20.48 36.22
C PHE D 649 34.17 20.83 35.04
N GLY D 650 34.01 20.10 33.95
CA GLY D 650 34.81 20.33 32.76
C GLY D 650 34.27 19.56 31.57
N THR D 651 34.88 19.82 30.42
CA THR D 651 34.49 19.18 29.18
C THR D 651 35.62 19.33 28.17
N VAL D 652 35.44 18.74 26.99
CA VAL D 652 36.44 18.84 25.93
C VAL D 652 36.43 20.24 25.35
N PRO D 653 37.58 20.85 25.08
CA PRO D 653 37.59 22.19 24.45
C PRO D 653 37.21 22.15 22.98
N ASN D 654 37.31 23.31 22.32
CA ASN D 654 36.96 23.46 20.90
C ASN D 654 35.51 23.11 20.64
N GLY D 655 34.63 23.37 21.60
CA GLY D 655 33.23 23.04 21.48
C GLY D 655 32.35 24.28 21.45
N SER D 656 31.20 24.15 20.81
CA SER D 656 30.24 25.25 20.79
C SER D 656 29.78 25.61 22.20
N THR D 657 29.71 24.62 23.08
CA THR D 657 29.40 24.90 24.49
C THR D 657 30.47 25.81 25.09
N GLU D 658 31.74 25.54 24.79
CA GLU D 658 32.81 26.41 25.27
C GLU D 658 32.70 27.80 24.64
N ARG D 659 32.27 27.87 23.37
CA ARG D 659 32.09 29.16 22.74
C ARG D 659 31.02 29.98 23.46
N ASN D 660 29.89 29.35 23.77
CA ASN D 660 28.83 30.05 24.49
C ASN D 660 29.30 30.46 25.89
N ILE D 661 30.01 29.58 26.57
CA ILE D 661 30.47 29.90 27.93
C ILE D 661 31.49 31.03 27.90
N ARG D 662 32.37 31.04 26.90
CA ARG D 662 33.31 32.14 26.75
C ARG D 662 32.61 33.44 26.42
N ASN D 663 31.53 33.38 25.63
CA ASN D 663 30.79 34.57 25.28
C ASN D 663 29.93 35.10 26.42
N ASN D 664 29.55 34.25 27.37
CA ASN D 664 28.62 34.66 28.41
C ASN D 664 29.20 34.64 29.81
N TYR D 665 29.95 33.60 30.16
CA TYR D 665 30.42 33.36 31.52
C TYR D 665 31.92 33.14 31.54
N ALA D 666 32.68 34.22 31.80
CA ALA D 666 34.13 34.13 31.73
C ALA D 666 34.72 33.33 32.89
N GLU D 667 34.18 33.51 34.09
CA GLU D 667 34.72 32.81 35.26
C GLU D 667 34.56 31.31 35.11
N MET D 668 33.36 30.86 34.72
CA MET D 668 33.14 29.44 34.53
C MET D 668 33.91 28.90 33.34
N HIS D 669 34.15 29.74 32.32
CA HIS D 669 35.02 29.33 31.22
C HIS D 669 36.44 29.09 31.71
N ALA D 670 36.95 29.97 32.58
CA ALA D 670 38.27 29.78 33.15
C ALA D 670 38.32 28.53 34.01
N TYR D 671 37.25 28.25 34.76
CA TYR D 671 37.21 27.04 35.56
C TYR D 671 37.23 25.80 34.67
N MET D 672 36.45 25.81 33.58
CA MET D 672 36.48 24.70 32.64
C MET D 672 37.87 24.51 32.06
N GLY D 673 38.56 25.62 31.75
CA GLY D 673 39.95 25.51 31.33
C GLY D 673 40.82 24.88 32.40
N LYS D 674 40.56 25.22 33.66
CA LYS D 674 41.28 24.59 34.76
C LYS D 674 41.02 23.09 34.82
N PHE D 675 39.85 22.65 34.36
CA PHE D 675 39.47 21.24 34.42
C PHE D 675 39.10 20.72 33.03
N ASN D 676 39.98 20.97 32.06
CA ASN D 676 39.73 20.54 30.69
C ASN D 676 39.79 19.03 30.57
N GLN D 677 39.08 18.51 29.58
CA GLN D 677 39.03 17.08 29.26
C GLN D 677 39.52 16.87 27.82
N ARG D 678 39.49 15.61 27.38
CA ARG D 678 39.92 15.27 26.04
C ARG D 678 39.01 14.29 25.32
N GLY D 679 37.95 13.81 25.95
CA GLY D 679 37.06 12.87 25.30
C GLY D 679 35.73 12.80 26.00
N VAL D 680 34.95 11.79 25.64
CA VAL D 680 33.64 11.55 26.23
C VAL D 680 33.71 10.51 27.34
N ASP D 681 34.29 9.35 27.05
CA ASP D 681 34.30 8.27 28.03
C ASP D 681 35.31 8.50 29.15
N ASP D 682 36.35 9.30 28.91
CA ASP D 682 37.30 9.58 29.98
C ASP D 682 36.65 10.39 31.09
N ALA D 683 35.80 11.36 30.74
CA ALA D 683 35.03 12.06 31.75
C ALA D 683 34.06 11.12 32.45
N LEU D 684 33.51 10.16 31.71
CA LEU D 684 32.61 9.18 32.29
C LEU D 684 33.31 8.36 33.36
N LEU D 685 34.51 7.86 33.06
CA LEU D 685 35.24 7.08 34.04
C LEU D 685 35.75 7.93 35.20
N SER D 686 36.10 9.19 34.93
CA SER D 686 36.47 10.09 36.01
C SER D 686 35.31 10.32 36.96
N LEU D 687 34.11 10.47 36.41
CA LEU D 687 32.92 10.57 37.25
C LEU D 687 32.66 9.28 38.01
N LYS D 688 32.90 8.13 37.37
CA LYS D 688 32.69 6.85 38.04
C LYS D 688 33.63 6.70 39.23
N THR D 689 34.89 7.09 39.07
CA THR D 689 35.90 6.91 40.11
C THR D 689 36.05 8.13 41.01
N GLY D 690 35.28 9.18 40.80
CA GLY D 690 35.32 10.34 41.67
C GLY D 690 36.39 11.36 41.34
N LYS D 691 37.12 11.20 40.23
CA LYS D 691 38.09 12.19 39.82
C LYS D 691 37.45 13.43 39.21
N LEU D 692 36.20 13.32 38.75
CA LEU D 692 35.45 14.45 38.22
C LEU D 692 34.06 14.46 38.84
N ASP D 693 33.56 15.65 39.15
CA ASP D 693 32.27 15.77 39.82
C ASP D 693 31.09 15.85 38.86
N ALA D 694 31.27 16.53 37.72
CA ALA D 694 30.17 16.68 36.78
C ALA D 694 30.72 16.88 35.38
N PHE D 695 29.84 16.67 34.39
CA PHE D 695 30.17 16.84 32.99
C PHE D 695 29.15 17.78 32.35
N ILE D 696 29.60 18.59 31.41
CA ILE D 696 28.74 19.50 30.68
C ILE D 696 28.79 19.13 29.20
N TYR D 697 27.61 18.97 28.60
CA TYR D 697 27.49 18.43 27.25
C TYR D 697 26.03 18.57 26.83
N ASP D 698 25.73 18.12 25.61
CA ASP D 698 24.36 18.14 25.13
C ASP D 698 23.54 17.06 25.83
N ALA D 699 22.26 16.96 25.47
CA ALA D 699 21.36 16.06 26.17
C ALA D 699 21.36 14.66 25.59
N ALA D 700 21.32 14.55 24.26
CA ALA D 700 21.06 13.26 23.62
C ALA D 700 22.16 12.25 23.93
N VAL D 701 23.42 12.64 23.74
CA VAL D 701 24.51 11.68 23.91
C VAL D 701 24.69 11.34 25.38
N LEU D 702 24.48 12.30 26.28
CA LEU D 702 24.55 11.98 27.70
C LEU D 702 23.46 10.99 28.10
N ASN D 703 22.25 11.19 27.58
CA ASN D 703 21.18 10.23 27.84
C ASN D 703 21.54 8.85 27.29
N TYR D 704 22.12 8.81 26.10
CA TYR D 704 22.54 7.55 25.50
C TYR D 704 23.58 6.85 26.38
N MET D 705 24.56 7.60 26.86
CA MET D 705 25.59 7.03 27.71
C MET D 705 24.99 6.51 29.02
N ALA D 706 24.07 7.27 29.61
CA ALA D 706 23.50 6.86 30.88
C ALA D 706 22.54 5.69 30.73
N GLY D 707 21.97 5.51 29.54
CA GLY D 707 20.94 4.50 29.36
C GLY D 707 21.45 3.08 29.52
N ARG D 708 22.61 2.79 28.94
CA ARG D 708 23.15 1.44 28.93
C ARG D 708 24.20 1.22 30.02
N ASP D 709 24.31 2.14 30.97
CA ASP D 709 25.25 1.94 32.07
C ASP D 709 24.81 0.79 32.95
N GLU D 710 25.77 -0.05 33.34
CA GLU D 710 25.46 -1.22 34.14
C GLU D 710 25.10 -0.83 35.58
N GLY D 711 25.68 0.25 36.09
CA GLY D 711 25.43 0.64 37.46
C GLY D 711 24.43 1.78 37.61
N CYS D 712 24.10 2.44 36.50
CA CYS D 712 23.19 3.58 36.49
C CYS D 712 23.65 4.67 37.47
N LYS D 713 24.96 4.87 37.53
CA LYS D 713 25.57 5.82 38.47
C LYS D 713 25.76 7.21 37.87
N LEU D 714 24.94 7.59 36.89
CA LEU D 714 25.06 8.89 36.25
C LEU D 714 23.69 9.34 35.78
N VAL D 715 23.31 10.56 36.14
CA VAL D 715 22.01 11.11 35.77
C VAL D 715 22.18 12.57 35.39
N THR D 716 21.36 13.02 34.44
CA THR D 716 21.20 14.43 34.14
C THR D 716 19.82 14.88 34.60
N ILE D 717 19.75 16.13 35.06
CA ILE D 717 18.53 16.66 35.66
C ILE D 717 18.13 17.94 34.95
N GLY D 718 16.83 18.20 34.92
CA GLY D 718 16.31 19.43 34.34
C GLY D 718 15.12 19.18 33.44
N SER D 719 14.96 17.94 32.97
CA SER D 719 13.91 17.56 32.03
C SER D 719 13.91 18.47 30.82
N GLY D 720 15.10 18.88 30.39
CA GLY D 720 15.24 19.85 29.33
C GLY D 720 15.56 21.25 29.77
N LYS D 721 15.74 21.48 31.08
CA LYS D 721 16.11 22.80 31.57
C LYS D 721 17.57 23.07 31.26
N VAL D 722 17.85 23.59 30.06
CA VAL D 722 19.21 23.76 29.57
C VAL D 722 19.36 25.18 29.02
N PHE D 723 20.61 25.63 28.96
CA PHE D 723 20.92 26.89 28.31
C PHE D 723 21.01 26.69 26.80
N ALA D 724 20.67 27.74 26.07
CA ALA D 724 20.67 27.72 24.61
C ALA D 724 19.83 26.57 24.08
N SER D 725 18.53 26.63 24.36
CA SER D 725 17.61 25.59 23.96
C SER D 725 17.54 25.46 22.45
N THR D 726 18.10 24.38 21.91
CA THR D 726 18.21 24.21 20.47
C THR D 726 17.87 22.77 20.10
N GLY D 727 17.45 22.58 18.86
CA GLY D 727 17.09 21.26 18.38
C GLY D 727 17.93 20.82 17.20
N TYR D 728 17.48 19.77 16.51
CA TYR D 728 18.18 19.24 15.35
C TYR D 728 17.45 19.72 14.10
N GLY D 729 17.85 20.89 13.61
CA GLY D 729 17.27 21.44 12.40
C GLY D 729 17.93 20.88 11.15
N ILE D 730 17.14 20.27 10.27
CA ILE D 730 17.68 19.68 9.06
C ILE D 730 18.10 20.78 8.11
N ALA D 731 19.37 20.74 7.68
CA ALA D 731 19.88 21.74 6.75
C ALA D 731 19.26 21.57 5.38
N ILE D 732 18.92 22.69 4.75
CA ILE D 732 18.21 22.71 3.48
C ILE D 732 18.90 23.71 2.56
N GLN D 733 19.04 23.34 1.28
CA GLN D 733 19.56 24.28 0.30
C GLN D 733 18.67 25.52 0.26
N LYS D 734 19.31 26.69 0.14
CA LYS D 734 18.59 27.94 0.27
C LYS D 734 17.48 28.06 -0.77
N ASP D 735 16.31 28.51 -0.30
CA ASP D 735 15.15 28.75 -1.16
C ASP D 735 14.67 27.48 -1.85
N SER D 736 14.87 26.33 -1.22
CA SER D 736 14.36 25.08 -1.76
C SER D 736 12.86 24.99 -1.50
N GLY D 737 12.10 24.64 -2.53
CA GLY D 737 10.66 24.56 -2.40
C GLY D 737 10.18 23.44 -1.51
N TRP D 738 11.01 22.41 -1.30
CA TRP D 738 10.59 21.28 -0.50
C TRP D 738 10.43 21.64 0.97
N LYS D 739 11.15 22.67 1.43
CA LYS D 739 11.25 22.98 2.85
C LYS D 739 9.90 22.95 3.56
N ARG D 740 8.92 23.68 3.03
CA ARG D 740 7.63 23.78 3.70
C ARG D 740 6.96 22.41 3.80
N GLN D 741 6.81 21.72 2.67
CA GLN D 741 6.06 20.47 2.68
C GLN D 741 6.76 19.40 3.50
N VAL D 742 8.10 19.33 3.44
CA VAL D 742 8.79 18.34 4.25
C VAL D 742 8.69 18.69 5.72
N ASP D 743 8.68 19.98 6.07
CA ASP D 743 8.45 20.38 7.44
C ASP D 743 7.05 19.96 7.90
N LEU D 744 6.07 20.13 7.03
CA LEU D 744 4.71 19.70 7.37
C LEU D 744 4.64 18.19 7.56
N ALA D 745 5.42 17.44 6.77
CA ALA D 745 5.43 15.99 6.91
C ALA D 745 6.06 15.57 8.23
N ILE D 746 7.22 16.14 8.58
CA ILE D 746 7.84 15.76 9.85
C ILE D 746 6.99 16.25 11.01
N LEU D 747 6.23 17.33 10.82
CA LEU D 747 5.31 17.76 11.87
C LEU D 747 4.15 16.79 11.98
N GLN D 748 3.70 16.23 10.86
CA GLN D 748 2.68 15.18 10.93
C GLN D 748 3.19 13.99 11.72
N LEU D 749 4.46 13.64 11.51
CA LEU D 749 5.07 12.61 12.35
C LEU D 749 5.08 13.03 13.81
N PHE D 750 5.45 14.29 14.06
CA PHE D 750 5.45 14.81 15.43
C PHE D 750 4.06 14.75 16.05
N GLY D 751 3.03 14.85 15.23
CA GLY D 751 1.66 14.74 15.70
C GLY D 751 1.09 13.35 15.71
N ASP D 752 1.81 12.38 15.15
CA ASP D 752 1.33 11.01 15.07
C ASP D 752 1.61 10.20 16.33
N GLY D 753 2.32 10.77 17.31
CA GLY D 753 2.53 10.10 18.58
C GLY D 753 3.26 8.79 18.50
N GLU D 754 4.28 8.70 17.64
CA GLU D 754 5.09 7.50 17.51
C GLU D 754 6.51 7.70 18.02
N MET D 755 6.84 8.90 18.50
CA MET D 755 8.21 9.19 18.90
C MET D 755 8.61 8.41 20.15
N GLU D 756 7.63 8.07 21.00
CA GLU D 756 7.96 7.49 22.29
C GLU D 756 8.66 6.14 22.15
N GLU D 757 8.05 5.21 21.41
CA GLU D 757 8.62 3.86 21.34
C GLU D 757 9.88 3.83 20.48
N LEU D 758 9.91 4.62 19.40
CA LEU D 758 11.12 4.69 18.59
C LEU D 758 12.28 5.28 19.38
N GLU D 759 12.01 6.34 20.15
CA GLU D 759 13.04 6.94 20.99
C GLU D 759 13.50 5.97 22.07
N ALA D 760 12.56 5.20 22.64
CA ALA D 760 12.93 4.18 23.62
C ALA D 760 13.80 3.12 22.99
N LEU D 761 13.54 2.78 21.72
CA LEU D 761 14.30 1.73 21.07
C LEU D 761 15.70 2.21 20.68
N TRP D 762 15.82 3.45 20.20
CA TRP D 762 17.05 3.88 19.53
C TRP D 762 17.95 4.75 20.42
N LEU D 763 17.42 5.86 20.93
CA LEU D 763 18.26 6.91 21.53
C LEU D 763 18.23 6.89 23.05
N THR D 764 17.90 5.76 23.67
CA THR D 764 17.85 5.67 25.11
C THR D 764 18.45 4.33 25.55
N GLY D 765 18.22 3.99 26.81
CA GLY D 765 18.64 2.72 27.37
C GLY D 765 17.59 2.12 28.27
N ILE D 766 17.95 1.05 28.99
CA ILE D 766 16.96 0.37 29.81
C ILE D 766 16.79 1.03 31.16
N CYS D 767 17.81 1.74 31.66
CA CYS D 767 17.79 2.29 33.01
C CYS D 767 17.22 3.69 33.07
N HIS D 768 16.31 4.05 32.17
CA HIS D 768 15.67 5.35 32.18
C HIS D 768 14.34 5.35 32.91
N ASN D 769 13.97 4.24 33.56
CA ASN D 769 12.67 4.16 34.22
C ASN D 769 12.64 5.01 35.48
N GLU D 770 13.49 4.69 36.46
CA GLU D 770 13.52 5.37 37.74
C GLU D 770 14.69 4.80 38.55
N LYS D 771 14.97 5.45 39.67
CA LYS D 771 16.01 4.99 40.59
C LYS D 771 15.44 3.87 41.47
N ASN D 772 16.20 3.46 42.48
CA ASN D 772 15.77 2.41 43.40
C ASN D 772 15.91 2.90 44.83
N GLU D 773 15.19 2.24 45.73
CA GLU D 773 15.28 2.54 47.16
C GLU D 773 16.52 1.83 47.71
N VAL D 774 17.63 2.55 47.73
CA VAL D 774 18.87 1.99 48.26
C VAL D 774 18.77 1.94 49.78
N MET D 775 19.45 0.95 50.37
CA MET D 775 19.57 0.85 51.81
C MET D 775 20.87 1.49 52.25
N SER D 776 20.83 2.19 53.38
CA SER D 776 22.00 2.91 53.86
C SER D 776 23.15 1.96 54.16
N SER D 777 24.37 2.49 54.09
CA SER D 777 25.55 1.74 54.49
C SER D 777 25.69 1.77 56.01
N GLN D 778 26.86 1.42 56.52
CA GLN D 778 27.14 1.52 57.95
C GLN D 778 26.80 2.90 58.46
N LEU D 779 25.79 2.97 59.34
CA LEU D 779 25.31 4.25 59.82
C LEU D 779 26.37 4.94 60.68
N ASP D 780 26.67 6.19 60.35
CA ASP D 780 27.64 6.99 61.07
C ASP D 780 26.91 7.91 62.05
N ILE D 781 27.66 8.39 63.04
CA ILE D 781 27.16 9.35 64.02
C ILE D 781 26.42 10.54 63.38
N ASP D 782 26.98 11.10 62.34
CA ASP D 782 26.40 12.29 61.74
C ASP D 782 25.00 12.02 61.21
N ASN D 783 24.73 10.80 60.75
CA ASN D 783 23.38 10.46 60.29
C ASN D 783 22.34 10.59 61.39
N MET D 784 22.77 10.52 62.65
CA MET D 784 21.91 10.78 63.80
C MET D 784 22.48 11.92 64.65
N ALA D 785 23.23 12.81 64.01
CA ALA D 785 23.99 13.83 64.74
C ALA D 785 23.11 14.66 65.66
N GLY D 786 21.82 14.78 65.35
CA GLY D 786 20.92 15.53 66.21
C GLY D 786 20.96 15.05 67.65
N VAL D 787 20.93 13.73 67.86
CA VAL D 787 20.99 13.24 69.22
C VAL D 787 22.30 13.68 69.87
N PHE D 788 23.40 13.62 69.13
CA PHE D 788 24.66 14.11 69.65
C PHE D 788 24.54 15.56 70.10
N TYR D 789 23.82 16.37 69.33
CA TYR D 789 23.57 17.75 69.74
C TYR D 789 22.91 17.79 71.11
N MET D 790 21.83 17.02 71.28
CA MET D 790 21.18 16.95 72.58
C MET D 790 22.15 16.49 73.65
N LEU D 791 23.06 15.57 73.29
CA LEU D 791 24.08 15.12 74.23
C LEU D 791 24.85 16.30 74.77
N GLY D 792 25.31 17.19 73.88
CA GLY D 792 25.96 18.40 74.33
C GLY D 792 25.09 19.19 75.28
N ALA D 793 23.82 19.38 74.92
CA ALA D 793 22.89 20.09 75.78
C ALA D 793 22.85 19.49 77.16
N ALA D 794 22.93 18.15 77.24
CA ALA D 794 22.94 17.49 78.54
C ALA D 794 24.02 18.08 79.43
N MET D 795 25.25 18.13 78.94
CA MET D 795 26.33 18.69 79.75
C MET D 795 26.03 20.14 80.12
N ALA D 796 25.48 20.90 79.17
CA ALA D 796 25.08 22.26 79.49
C ALA D 796 24.19 22.28 80.72
N LEU D 797 23.15 21.43 80.71
CA LEU D 797 22.26 21.37 81.85
C LEU D 797 23.03 21.03 83.12
N SER D 798 23.93 20.05 83.04
CA SER D 798 24.67 19.67 84.24
C SER D 798 25.47 20.85 84.77
N LEU D 799 26.02 21.67 83.85
CA LEU D 799 26.74 22.86 84.28
C LEU D 799 25.87 23.71 85.19
N ILE D 800 24.62 23.95 84.77
CA ILE D 800 23.70 24.73 85.59
C ILE D 800 23.54 24.09 86.96
N THR D 801 23.32 22.77 86.99
CA THR D 801 23.14 22.10 88.27
C THR D 801 24.41 22.16 89.10
N PHE D 802 25.58 22.25 88.44
CA PHE D 802 26.81 22.43 89.18
C PHE D 802 26.77 23.73 89.99
N ILE D 803 26.25 24.79 89.39
CA ILE D 803 26.04 26.02 90.12
C ILE D 803 25.11 25.77 91.31
N CYS D 804 24.06 24.97 91.09
CA CYS D 804 23.16 24.62 92.18
C CYS D 804 23.90 23.88 93.29
N GLU D 805 24.97 23.18 92.96
CA GLU D 805 25.78 22.54 93.99
C GLU D 805 26.70 23.54 94.69
N HIS D 806 27.16 24.57 93.96
CA HIS D 806 28.09 25.53 94.55
C HIS D 806 27.38 26.60 95.37
N LEU D 807 26.09 26.86 95.11
CA LEU D 807 25.34 27.90 95.81
C LEU D 807 24.19 27.33 96.64
N PHE D 808 24.30 26.06 97.05
CA PHE D 808 23.24 25.40 97.80
C PHE D 808 23.27 25.73 99.29
N TYR D 809 24.02 26.75 99.70
CA TYR D 809 24.12 27.10 101.11
C TYR D 809 22.92 27.92 101.61
N TRP D 810 22.04 28.35 100.71
CA TRP D 810 20.88 29.13 101.13
C TRP D 810 19.77 28.27 101.73
N GLN D 811 19.75 26.98 101.45
CA GLN D 811 18.76 26.08 102.01
C GLN D 811 19.35 24.70 102.29
N ASP E 1 -8.87 64.01 -43.92
CA ASP E 1 -9.34 65.27 -43.40
C ASP E 1 -10.82 65.22 -43.05
N VAL E 2 -11.17 65.73 -41.87
CA VAL E 2 -12.54 65.70 -41.36
C VAL E 2 -13.04 67.13 -41.25
N GLN E 3 -14.26 67.37 -41.74
CA GLN E 3 -14.86 68.69 -41.71
C GLN E 3 -16.34 68.55 -41.39
N LEU E 4 -16.99 69.67 -41.08
CA LEU E 4 -18.38 69.71 -40.69
C LEU E 4 -19.17 70.60 -41.64
N GLN E 5 -20.43 70.23 -41.87
CA GLN E 5 -21.31 70.93 -42.79
C GLN E 5 -22.60 71.31 -42.08
N GLU E 6 -23.02 72.57 -42.24
CA GLU E 6 -24.21 73.10 -41.60
C GLU E 6 -25.41 73.01 -42.53
N SER E 7 -26.59 72.95 -41.93
CA SER E 7 -27.84 73.12 -42.67
C SER E 7 -28.97 73.33 -41.68
N GLY E 8 -30.01 74.05 -42.14
CA GLY E 8 -31.15 74.33 -41.32
C GLY E 8 -32.22 75.12 -42.07
N PRO E 9 -33.31 75.47 -41.38
CA PRO E 9 -34.37 76.22 -42.06
C PRO E 9 -33.97 77.64 -42.42
N GLY E 10 -33.15 78.30 -41.60
CA GLY E 10 -32.73 79.66 -41.85
C GLY E 10 -33.69 80.72 -41.37
N LEU E 11 -34.98 80.40 -41.23
CA LEU E 11 -35.97 81.36 -40.74
C LEU E 11 -37.06 80.55 -40.03
N VAL E 12 -36.92 80.43 -38.72
CA VAL E 12 -37.87 79.65 -37.92
C VAL E 12 -39.10 80.50 -37.62
N LYS E 13 -40.21 79.84 -37.38
CA LYS E 13 -41.49 80.46 -37.06
C LYS E 13 -41.72 80.45 -35.57
N PRO E 14 -42.57 81.36 -35.06
CA PRO E 14 -42.90 81.33 -33.63
C PRO E 14 -43.55 80.01 -33.25
N SER E 15 -43.18 79.51 -32.06
CA SER E 15 -43.67 78.24 -31.54
C SER E 15 -43.48 77.10 -32.53
N GLN E 16 -42.33 77.11 -33.22
CA GLN E 16 -41.96 76.08 -34.17
C GLN E 16 -40.63 75.47 -33.77
N SER E 17 -40.54 74.15 -33.84
CA SER E 17 -39.34 73.45 -33.41
C SER E 17 -38.20 73.70 -34.38
N LEU E 18 -37.11 74.30 -33.88
CA LEU E 18 -35.92 74.52 -34.69
C LEU E 18 -35.28 73.17 -35.01
N SER E 19 -35.05 72.91 -36.29
CA SER E 19 -34.49 71.65 -36.77
C SER E 19 -33.18 71.93 -37.48
N LEU E 20 -32.08 71.83 -36.74
CA LEU E 20 -30.75 72.01 -37.30
C LEU E 20 -30.18 70.65 -37.72
N THR E 21 -29.20 70.69 -38.63
CA THR E 21 -28.64 69.48 -39.19
C THR E 21 -27.17 69.70 -39.48
N CYS E 22 -26.34 68.74 -39.09
CA CYS E 22 -24.90 68.86 -39.28
C CYS E 22 -24.32 67.54 -39.76
N THR E 23 -23.44 67.64 -40.75
CA THR E 23 -22.79 66.50 -41.39
C THR E 23 -21.32 66.46 -41.00
N VAL E 24 -20.82 65.25 -40.77
CA VAL E 24 -19.40 65.01 -40.55
C VAL E 24 -18.84 64.30 -41.79
N THR E 25 -17.72 64.79 -42.31
CA THR E 25 -17.11 64.21 -43.50
C THR E 25 -15.66 63.87 -43.17
N GLY E 26 -15.30 62.60 -43.36
CA GLY E 26 -13.94 62.14 -43.13
C GLY E 26 -13.78 61.20 -41.95
N TYR E 27 -14.80 61.04 -41.12
CA TYR E 27 -14.74 60.15 -39.97
C TYR E 27 -16.14 59.61 -39.72
N SER E 28 -16.37 59.03 -38.55
CA SER E 28 -17.64 58.43 -38.16
C SER E 28 -18.21 59.14 -36.92
N ILE E 29 -19.53 59.11 -36.75
CA ILE E 29 -20.12 59.73 -35.58
C ILE E 29 -20.19 58.79 -34.37
N THR E 30 -20.20 57.48 -34.59
CA THR E 30 -20.32 56.53 -33.49
C THR E 30 -18.98 56.10 -32.93
N SER E 31 -17.92 56.17 -33.74
CA SER E 31 -16.61 55.69 -33.30
C SER E 31 -16.08 56.54 -32.15
N ASP E 32 -15.87 57.84 -32.39
CA ASP E 32 -15.34 58.72 -31.36
C ASP E 32 -15.97 60.09 -31.50
N TYR E 33 -15.37 61.07 -30.84
CA TYR E 33 -15.72 62.50 -30.90
C TYR E 33 -17.07 62.78 -30.25
N ALA E 34 -17.30 64.06 -29.94
CA ALA E 34 -18.57 64.56 -29.44
C ALA E 34 -18.87 65.86 -30.15
N TRP E 35 -20.16 66.20 -30.23
CA TRP E 35 -20.59 67.34 -31.03
C TRP E 35 -21.46 68.27 -30.19
N ASN E 36 -21.05 69.53 -30.09
CA ASN E 36 -21.76 70.55 -29.33
C ASN E 36 -22.45 71.51 -30.28
N TRP E 37 -23.57 72.06 -29.82
CA TRP E 37 -24.30 73.07 -30.56
C TRP E 37 -24.17 74.39 -29.83
N ILE E 38 -23.69 75.42 -30.53
CA ILE E 38 -23.35 76.69 -29.92
C ILE E 38 -24.05 77.81 -30.67
N ARG E 39 -24.64 78.74 -29.92
CA ARG E 39 -25.28 79.94 -30.46
C ARG E 39 -24.41 81.13 -30.11
N GLN E 40 -23.59 81.57 -31.06
CA GLN E 40 -22.75 82.75 -30.85
C GLN E 40 -23.57 84.02 -31.06
N PHE E 41 -23.37 84.98 -30.17
CA PHE E 41 -24.02 86.28 -30.27
C PHE E 41 -23.12 87.24 -31.03
N PRO E 42 -23.68 88.28 -31.62
CA PRO E 42 -22.85 89.28 -32.32
C PRO E 42 -21.83 89.95 -31.42
N GLY E 43 -22.06 89.99 -30.11
CA GLY E 43 -21.12 90.59 -29.19
C GLY E 43 -20.02 89.66 -28.73
N ASN E 44 -19.66 88.71 -29.59
CA ASN E 44 -18.57 87.75 -29.32
C ASN E 44 -18.83 86.97 -28.04
N LYS E 45 -20.01 86.36 -27.96
CA LYS E 45 -20.42 85.58 -26.78
C LYS E 45 -20.93 84.23 -27.25
N LEU E 46 -20.10 83.20 -27.14
CA LEU E 46 -20.54 81.85 -27.45
C LEU E 46 -21.46 81.34 -26.35
N GLU E 47 -22.60 80.78 -26.75
CA GLU E 47 -23.58 80.23 -25.80
C GLU E 47 -23.88 78.80 -26.20
N TRP E 48 -23.26 77.85 -25.51
CA TRP E 48 -23.43 76.44 -25.83
C TRP E 48 -24.73 75.91 -25.23
N MET E 49 -25.48 75.15 -26.04
CA MET E 49 -26.74 74.57 -25.61
C MET E 49 -26.56 73.15 -25.08
N GLY E 50 -26.08 72.25 -25.93
CA GLY E 50 -25.90 70.87 -25.54
C GLY E 50 -25.04 70.12 -26.52
N TYR E 51 -24.54 68.98 -26.08
CA TYR E 51 -23.67 68.13 -26.88
C TYR E 51 -24.14 66.69 -26.85
N ILE E 52 -23.81 65.97 -27.90
CA ILE E 52 -24.08 64.54 -28.04
C ILE E 52 -22.75 63.80 -28.15
N SER E 53 -22.65 62.69 -27.44
CA SER E 53 -21.47 61.84 -27.47
C SER E 53 -21.65 60.71 -28.47
N TYR E 54 -20.54 60.04 -28.79
CA TYR E 54 -20.61 58.91 -29.70
C TYR E 54 -21.23 57.67 -29.05
N SER E 55 -21.40 57.68 -27.73
CA SER E 55 -22.07 56.59 -27.03
C SER E 55 -23.54 56.86 -26.77
N GLY E 56 -24.05 58.03 -27.18
CA GLY E 56 -25.45 58.34 -27.02
C GLY E 56 -25.78 59.08 -25.74
N SER E 57 -24.94 60.04 -25.37
CA SER E 57 -25.13 60.85 -24.17
C SER E 57 -25.43 62.29 -24.57
N THR E 58 -26.55 62.81 -24.08
CA THR E 58 -26.99 64.17 -24.38
C THR E 58 -26.76 65.03 -23.13
N GLY E 59 -25.69 65.81 -23.13
CA GLY E 59 -25.42 66.71 -22.03
C GLY E 59 -25.70 68.15 -22.39
N TYR E 60 -26.68 68.76 -21.74
CA TYR E 60 -27.11 70.10 -22.11
C TYR E 60 -27.36 70.93 -20.85
N ASN E 61 -27.75 72.18 -21.05
CA ASN E 61 -28.01 73.09 -19.94
C ASN E 61 -29.20 72.59 -19.13
N PRO E 62 -29.14 72.68 -17.79
CA PRO E 62 -30.31 72.29 -16.99
C PRO E 62 -31.54 73.14 -17.24
N SER E 63 -31.36 74.36 -17.76
CA SER E 63 -32.51 75.19 -18.11
C SER E 63 -33.25 74.65 -19.33
N LEU E 64 -32.63 73.76 -20.09
CA LEU E 64 -33.23 73.15 -21.28
C LEU E 64 -33.46 71.66 -21.09
N LYS E 65 -33.93 71.27 -19.91
CA LYS E 65 -34.13 69.86 -19.60
C LYS E 65 -35.40 69.27 -20.19
N SER E 66 -36.21 70.07 -20.88
CA SER E 66 -37.44 69.57 -21.46
C SER E 66 -37.73 70.11 -22.85
N ARG E 67 -36.84 70.90 -23.45
CA ARG E 67 -37.11 71.51 -24.74
C ARG E 67 -35.85 71.49 -25.62
N ILE E 68 -35.12 70.38 -25.60
CA ILE E 68 -33.96 70.21 -26.46
C ILE E 68 -33.71 68.72 -26.65
N SER E 69 -33.22 68.36 -27.84
CA SER E 69 -32.91 66.96 -28.15
C SER E 69 -31.89 66.93 -29.29
N ILE E 70 -31.07 65.88 -29.31
CA ILE E 70 -30.12 65.65 -30.39
C ILE E 70 -30.30 64.22 -30.87
N THR E 71 -30.56 64.05 -32.17
CA THR E 71 -30.67 62.73 -32.79
C THR E 71 -29.58 62.60 -33.85
N ARG E 72 -29.42 61.40 -34.38
CA ARG E 72 -28.40 61.17 -35.39
C ARG E 72 -28.73 59.91 -36.19
N ASP E 73 -28.05 59.78 -37.32
CA ASP E 73 -28.12 58.60 -38.17
C ASP E 73 -26.72 58.25 -38.63
N THR E 74 -26.34 56.99 -38.42
CA THR E 74 -24.99 56.52 -38.75
C THR E 74 -24.86 56.05 -40.19
N SER E 75 -25.96 55.58 -40.79
CA SER E 75 -25.90 55.10 -42.16
C SER E 75 -25.50 56.22 -43.13
N LYS E 76 -25.86 57.46 -42.81
CA LYS E 76 -25.52 58.60 -43.63
C LYS E 76 -24.57 59.57 -42.95
N ASN E 77 -24.15 59.29 -41.71
CA ASN E 77 -23.20 60.12 -40.98
C ASN E 77 -23.73 61.54 -40.82
N GLN E 78 -24.82 61.65 -40.08
CA GLN E 78 -25.55 62.91 -39.95
C GLN E 78 -26.09 63.04 -38.54
N PHE E 79 -26.29 64.27 -38.07
CA PHE E 79 -27.00 64.41 -36.80
C PHE E 79 -27.84 65.69 -36.80
N PHE E 80 -29.05 65.54 -36.26
CA PHE E 80 -30.04 66.61 -36.17
C PHE E 80 -30.12 67.13 -34.73
N LEU E 81 -30.50 68.39 -34.61
CA LEU E 81 -30.78 69.05 -33.34
C LEU E 81 -32.20 69.61 -33.37
N GLN E 82 -32.99 69.26 -32.36
CA GLN E 82 -34.36 69.72 -32.24
C GLN E 82 -34.48 70.61 -31.02
N LEU E 83 -34.88 71.87 -31.24
CA LEU E 83 -35.06 72.86 -30.18
C LEU E 83 -36.54 73.21 -30.11
N ASN E 84 -37.20 72.81 -29.02
CA ASN E 84 -38.63 73.03 -28.85
C ASN E 84 -38.87 74.20 -27.89
N SER E 85 -40.12 74.65 -27.86
CA SER E 85 -40.56 75.72 -26.97
C SER E 85 -39.71 76.97 -27.12
N VAL E 86 -39.51 77.37 -28.38
CA VAL E 86 -38.67 78.51 -28.69
C VAL E 86 -39.49 79.79 -28.67
N THR E 87 -38.80 80.93 -28.59
CA THR E 87 -39.45 82.23 -28.59
C THR E 87 -38.86 83.11 -29.68
N THR E 88 -39.17 84.40 -29.65
CA THR E 88 -38.69 85.32 -30.69
C THR E 88 -37.19 85.50 -30.62
N GLU E 89 -36.63 85.55 -29.41
CA GLU E 89 -35.22 85.87 -29.22
C GLU E 89 -34.38 84.63 -29.50
N ASP E 90 -34.01 84.45 -30.77
CA ASP E 90 -33.09 83.38 -31.15
C ASP E 90 -32.13 83.80 -32.27
N THR E 91 -32.05 85.09 -32.59
CA THR E 91 -31.16 85.58 -33.64
C THR E 91 -29.71 85.41 -33.18
N ALA E 92 -28.97 84.50 -33.82
CA ALA E 92 -27.61 84.21 -33.42
C ALA E 92 -26.94 83.40 -34.54
N THR E 93 -25.71 82.97 -34.30
CA THR E 93 -24.95 82.19 -35.26
C THR E 93 -24.83 80.76 -34.75
N TYR E 94 -25.30 79.81 -35.55
CA TYR E 94 -25.26 78.40 -35.20
C TYR E 94 -23.91 77.79 -35.53
N TYR E 95 -23.39 76.98 -34.61
CA TYR E 95 -22.15 76.23 -34.82
C TYR E 95 -22.37 74.80 -34.32
N CYS E 96 -22.14 73.82 -35.19
CA CYS E 96 -22.11 72.42 -34.77
C CYS E 96 -20.65 71.99 -34.57
N ALA E 97 -20.09 72.48 -33.48
CA ALA E 97 -18.67 72.30 -33.22
C ALA E 97 -18.41 70.88 -32.71
N ARG E 98 -17.13 70.48 -32.77
CA ARG E 98 -16.73 69.13 -32.39
C ARG E 98 -15.68 69.22 -31.28
N LEU E 99 -15.98 68.59 -30.15
CA LEU E 99 -15.05 68.44 -29.04
C LEU E 99 -14.90 66.96 -28.75
N TYR E 100 -13.65 66.50 -28.64
CA TYR E 100 -13.39 65.10 -28.32
C TYR E 100 -14.13 64.72 -27.04
N TYR E 101 -14.87 63.61 -27.09
CA TYR E 101 -15.67 63.19 -25.95
C TYR E 101 -14.77 62.96 -24.74
N GLY E 102 -15.13 63.57 -23.62
CA GLY E 102 -14.31 63.56 -22.44
C GLY E 102 -13.57 64.86 -22.17
N PHE E 103 -13.91 65.94 -22.88
CA PHE E 103 -13.31 67.25 -22.68
C PHE E 103 -11.80 67.20 -22.91
N TYR E 104 -11.43 66.73 -24.12
CA TYR E 104 -10.03 66.50 -24.46
C TYR E 104 -9.53 67.45 -25.53
N GLY E 105 -10.17 67.49 -26.70
CA GLY E 105 -9.66 68.28 -27.80
C GLY E 105 -10.70 69.06 -28.57
N MET E 106 -10.47 70.35 -28.77
CA MET E 106 -11.35 71.23 -29.53
C MET E 106 -10.68 71.51 -30.87
N ASP E 107 -10.84 70.58 -31.81
CA ASP E 107 -10.12 70.64 -33.07
C ASP E 107 -10.94 71.27 -34.18
N TYR E 108 -12.05 70.64 -34.56
CA TYR E 108 -12.83 71.03 -35.74
C TYR E 108 -14.13 71.68 -35.30
N TRP E 109 -14.26 72.98 -35.56
CA TRP E 109 -15.46 73.72 -35.20
C TRP E 109 -16.50 73.70 -36.32
N GLY E 110 -16.09 74.11 -37.53
CA GLY E 110 -16.99 74.28 -38.64
C GLY E 110 -16.98 75.72 -39.15
N GLN E 111 -18.14 76.18 -39.60
CA GLN E 111 -18.25 77.55 -40.08
C GLN E 111 -19.46 78.24 -39.47
N GLY E 112 -20.51 77.48 -39.16
CA GLY E 112 -21.72 78.06 -38.60
C GLY E 112 -22.45 78.91 -39.62
N THR E 113 -23.58 79.48 -39.19
CA THR E 113 -24.35 80.34 -40.06
C THR E 113 -25.27 81.23 -39.22
N SER E 114 -25.47 82.46 -39.66
CA SER E 114 -26.32 83.40 -38.95
C SER E 114 -27.79 83.05 -39.19
N VAL E 115 -28.64 83.47 -38.24
CA VAL E 115 -30.07 83.21 -38.33
C VAL E 115 -30.80 84.24 -37.50
N THR E 116 -31.95 84.68 -38.01
CA THR E 116 -32.87 85.57 -37.33
C THR E 116 -34.22 84.89 -37.16
N VAL E 117 -35.11 85.55 -36.43
CA VAL E 117 -36.45 85.03 -36.17
C VAL E 117 -37.47 86.09 -36.56
N SER E 118 -38.35 85.73 -37.49
CA SER E 118 -39.41 86.64 -37.95
C SER E 118 -40.50 85.81 -38.60
N ILE F 1 -22.46 81.32 -14.02
CA ILE F 1 -21.91 82.61 -13.59
C ILE F 1 -21.07 83.22 -14.71
N VAL F 2 -21.32 84.49 -15.00
CA VAL F 2 -20.57 85.19 -16.04
C VAL F 2 -19.15 85.42 -15.54
N LEU F 3 -18.18 84.79 -16.21
CA LEU F 3 -16.78 84.95 -15.84
C LEU F 3 -16.29 86.35 -16.19
N THR F 4 -15.48 86.92 -15.32
CA THR F 4 -14.98 88.28 -15.51
C THR F 4 -13.58 88.24 -16.08
N GLN F 5 -13.28 89.15 -16.99
CA GLN F 5 -11.97 89.26 -17.61
C GLN F 5 -11.40 90.66 -17.37
N SER F 6 -10.07 90.76 -17.46
CA SER F 6 -9.39 92.04 -17.28
C SER F 6 -8.03 91.97 -17.95
N PRO F 7 -7.58 93.06 -18.59
CA PRO F 7 -8.31 94.31 -18.82
C PRO F 7 -9.18 94.23 -20.07
N ALA F 8 -9.74 95.35 -20.53
CA ALA F 8 -10.56 95.36 -21.73
C ALA F 8 -10.18 96.43 -22.74
N SER F 9 -9.40 97.43 -22.35
CA SER F 9 -8.97 98.49 -23.25
C SER F 9 -7.49 98.78 -23.05
N LEU F 10 -6.69 97.73 -22.95
CA LEU F 10 -5.26 97.87 -22.69
C LEU F 10 -4.52 98.27 -23.96
N ALA F 11 -3.23 98.53 -23.81
CA ALA F 11 -2.39 98.97 -24.94
C ALA F 11 -0.99 98.42 -24.69
N VAL F 12 -0.64 97.35 -25.41
CA VAL F 12 0.62 96.65 -25.24
C VAL F 12 1.51 96.93 -26.44
N SER F 13 2.73 97.41 -26.17
CA SER F 13 3.70 97.67 -27.22
C SER F 13 4.42 96.39 -27.61
N LEU F 14 5.50 96.50 -28.38
CA LEU F 14 6.27 95.35 -28.84
C LEU F 14 7.47 95.18 -27.94
N GLY F 15 7.42 94.18 -27.05
CA GLY F 15 8.54 93.88 -26.19
C GLY F 15 8.21 93.76 -24.72
N GLN F 16 7.18 94.48 -24.27
CA GLN F 16 6.82 94.50 -22.86
C GLN F 16 5.85 93.36 -22.55
N ARG F 17 5.30 93.36 -21.34
CA ARG F 17 4.39 92.30 -20.90
C ARG F 17 2.97 92.59 -21.35
N ALA F 18 2.20 91.52 -21.55
CA ALA F 18 0.81 91.59 -22.00
C ALA F 18 -0.07 90.72 -21.12
N THR F 19 0.09 90.89 -19.80
CA THR F 19 -0.66 90.09 -18.84
C THR F 19 -2.16 90.35 -18.94
N ILE F 20 -2.93 89.27 -19.11
CA ILE F 20 -4.40 89.35 -19.16
C ILE F 20 -4.92 88.30 -18.19
N SER F 21 -5.64 88.74 -17.17
CA SER F 21 -6.15 87.83 -16.14
C SER F 21 -7.67 87.71 -16.26
N CYS F 22 -8.21 86.67 -15.62
CA CYS F 22 -9.66 86.54 -15.57
C CYS F 22 -10.05 85.70 -14.36
N LYS F 23 -11.17 86.05 -13.76
CA LYS F 23 -11.69 85.42 -12.55
C LYS F 23 -12.98 84.69 -12.86
N ALA F 24 -13.07 83.45 -12.39
CA ALA F 24 -14.27 82.64 -12.47
C ALA F 24 -15.08 82.77 -11.19
N SER F 25 -16.07 81.91 -11.00
CA SER F 25 -16.92 81.96 -9.82
C SER F 25 -16.34 81.18 -8.64
N GLN F 26 -15.68 80.06 -8.90
CA GLN F 26 -15.09 79.24 -7.84
C GLN F 26 -13.72 78.78 -8.31
N SER F 27 -13.14 77.82 -7.59
CA SER F 27 -11.79 77.33 -7.88
C SER F 27 -11.86 76.35 -9.05
N VAL F 28 -11.52 76.84 -10.24
CA VAL F 28 -11.45 75.96 -11.41
C VAL F 28 -10.27 75.02 -11.29
N ASP F 29 -9.12 75.53 -10.83
CA ASP F 29 -7.95 74.69 -10.61
C ASP F 29 -8.25 73.65 -9.54
N TYR F 30 -7.89 72.40 -9.83
CA TYR F 30 -8.09 71.33 -8.85
C TYR F 30 -7.01 70.27 -9.05
N ASP F 31 -6.48 69.77 -7.93
CA ASP F 31 -5.44 68.75 -7.93
C ASP F 31 -4.22 69.20 -8.74
N GLY F 32 -3.87 70.47 -8.63
CA GLY F 32 -2.74 71.01 -9.34
C GLY F 32 -3.03 71.40 -10.78
N ASN F 33 -3.58 70.47 -11.54
CA ASN F 33 -3.88 70.74 -12.94
C ASN F 33 -5.02 71.74 -13.08
N SER F 34 -4.79 72.77 -13.89
CA SER F 34 -5.83 73.76 -14.15
C SER F 34 -6.82 73.23 -15.17
N TYR F 35 -7.98 73.88 -15.23
CA TYR F 35 -9.04 73.53 -16.18
C TYR F 35 -9.61 74.79 -16.81
N MET F 36 -8.73 75.72 -17.18
CA MET F 36 -9.14 77.04 -17.65
C MET F 36 -8.44 77.29 -18.99
N ASN F 37 -9.07 76.83 -20.07
CA ASN F 37 -8.42 76.93 -21.37
C ASN F 37 -8.47 78.36 -21.90
N TRP F 38 -7.50 78.68 -22.76
CA TRP F 38 -7.39 79.99 -23.38
C TRP F 38 -7.56 79.84 -24.89
N TYR F 39 -8.53 80.56 -25.45
CA TYR F 39 -8.86 80.51 -26.86
C TYR F 39 -8.56 81.86 -27.49
N GLN F 40 -7.83 81.86 -28.59
CA GLN F 40 -7.57 83.06 -29.39
C GLN F 40 -8.31 82.94 -30.71
N GLN F 41 -9.12 83.94 -31.03
CA GLN F 41 -9.95 83.93 -32.23
C GLN F 41 -9.70 85.20 -33.03
N LYS F 42 -9.66 85.05 -34.35
CA LYS F 42 -9.56 86.16 -35.27
C LYS F 42 -10.91 86.37 -35.94
N PRO F 43 -11.46 87.59 -35.93
CA PRO F 43 -12.75 87.83 -36.58
C PRO F 43 -12.73 87.49 -38.06
N GLY F 44 -13.51 86.49 -38.46
CA GLY F 44 -13.51 86.02 -39.82
C GLY F 44 -13.28 84.53 -39.91
N GLN F 45 -12.78 83.95 -38.82
CA GLN F 45 -12.53 82.52 -38.72
C GLN F 45 -13.13 81.99 -37.44
N PRO F 46 -13.49 80.70 -37.41
CA PRO F 46 -14.03 80.12 -36.18
C PRO F 46 -12.97 80.12 -35.09
N PRO F 47 -13.39 80.17 -33.83
CA PRO F 47 -12.41 80.15 -32.73
C PRO F 47 -11.62 78.85 -32.71
N LYS F 48 -10.49 78.89 -32.00
CA LYS F 48 -9.63 77.73 -31.89
C LYS F 48 -9.02 77.70 -30.49
N LEU F 49 -8.73 76.50 -30.02
CA LEU F 49 -8.09 76.33 -28.71
C LEU F 49 -6.60 76.57 -28.85
N LEU F 50 -6.09 77.58 -28.15
CA LEU F 50 -4.68 77.93 -28.22
C LEU F 50 -3.87 77.42 -27.06
N ILE F 51 -4.42 77.45 -25.84
CA ILE F 51 -3.73 76.92 -24.67
C ILE F 51 -4.69 76.03 -23.91
N TYR F 52 -4.30 74.76 -23.72
CA TYR F 52 -5.09 73.80 -22.98
C TYR F 52 -4.49 73.57 -21.60
N ALA F 53 -5.35 73.27 -20.64
CA ALA F 53 -5.00 73.05 -19.24
C ALA F 53 -4.40 74.28 -18.57
N ALA F 54 -4.43 75.43 -19.24
CA ALA F 54 -3.95 76.72 -18.73
C ALA F 54 -2.45 76.74 -18.45
N SER F 55 -1.75 75.64 -18.70
CA SER F 55 -0.32 75.61 -18.48
C SER F 55 0.45 74.84 -19.55
N ASN F 56 -0.22 74.35 -20.59
CA ASN F 56 0.42 73.56 -21.63
C ASN F 56 0.02 74.08 -23.00
N LEU F 57 0.97 74.05 -23.94
CA LEU F 57 0.74 74.52 -25.29
C LEU F 57 0.62 73.32 -26.24
N GLU F 58 -0.37 73.36 -27.11
CA GLU F 58 -0.60 72.27 -28.03
C GLU F 58 0.50 72.23 -29.09
N SER F 59 0.63 71.08 -29.74
CA SER F 59 1.68 70.86 -30.74
C SER F 59 1.33 71.61 -32.02
N GLY F 60 2.07 72.67 -32.31
CA GLY F 60 1.84 73.44 -33.53
C GLY F 60 2.04 74.93 -33.35
N ILE F 61 2.26 75.37 -32.12
CA ILE F 61 2.45 76.77 -31.78
C ILE F 61 3.82 76.91 -31.14
N PRO F 62 4.65 77.87 -31.54
CA PRO F 62 5.90 78.11 -30.85
C PRO F 62 5.66 78.66 -29.45
N ALA F 63 6.71 78.61 -28.62
CA ALA F 63 6.62 78.98 -27.20
C ALA F 63 6.60 80.50 -27.08
N ARG F 64 5.42 81.07 -27.33
CA ARG F 64 5.18 82.50 -27.15
C ARG F 64 4.08 82.79 -26.15
N PHE F 65 2.95 82.11 -26.27
CA PHE F 65 1.81 82.31 -25.36
C PHE F 65 1.97 81.36 -24.18
N SER F 66 2.27 81.92 -23.01
CA SER F 66 2.42 81.16 -21.79
C SER F 66 1.39 81.65 -20.77
N GLY F 67 1.46 81.12 -19.57
CA GLY F 67 0.57 81.57 -18.50
C GLY F 67 0.31 80.47 -17.50
N SER F 68 -0.50 80.81 -16.51
CA SER F 68 -0.78 79.90 -15.41
C SER F 68 -2.09 80.35 -14.77
N GLY F 69 -2.36 79.88 -13.56
CA GLY F 69 -3.53 80.32 -12.82
C GLY F 69 -3.98 79.29 -11.83
N SER F 70 -4.79 79.74 -10.88
CA SER F 70 -5.32 78.88 -9.84
C SER F 70 -6.60 79.50 -9.29
N GLY F 71 -7.35 78.70 -8.54
CA GLY F 71 -8.58 79.15 -7.91
C GLY F 71 -9.51 79.87 -8.88
N THR F 72 -9.67 81.17 -8.67
CA THR F 72 -10.45 82.00 -9.59
C THR F 72 -9.59 82.71 -10.62
N ASP F 73 -8.37 83.13 -10.26
CA ASP F 73 -7.58 83.98 -11.13
C ASP F 73 -6.69 83.14 -12.04
N PHE F 74 -6.86 83.33 -13.34
CA PHE F 74 -6.05 82.66 -14.36
C PHE F 74 -5.49 83.71 -15.30
N THR F 75 -4.19 83.64 -15.55
CA THR F 75 -3.44 84.68 -16.26
C THR F 75 -2.79 84.11 -17.50
N LEU F 76 -2.93 84.84 -18.61
CA LEU F 76 -2.29 84.54 -19.88
C LEU F 76 -1.30 85.66 -20.20
N ASN F 77 -0.09 85.27 -20.64
CA ASN F 77 0.97 86.23 -20.96
C ASN F 77 1.56 85.88 -22.32
N ILE F 78 2.12 86.91 -22.96
CA ILE F 78 2.71 86.79 -24.29
C ILE F 78 4.16 87.23 -24.22
N HIS F 79 5.07 86.38 -24.71
CA HIS F 79 6.49 86.65 -24.72
C HIS F 79 7.18 85.96 -25.88
N PRO F 80 7.65 86.70 -26.89
CA PRO F 80 7.55 88.16 -27.05
C PRO F 80 6.25 88.57 -27.75
N VAL F 81 5.90 89.84 -27.71
CA VAL F 81 4.69 90.32 -28.37
C VAL F 81 4.99 90.55 -29.85
N GLU F 82 4.16 89.97 -30.72
CA GLU F 82 4.31 90.08 -32.16
C GLU F 82 3.09 90.78 -32.76
N GLU F 83 3.06 90.84 -34.09
CA GLU F 83 1.95 91.48 -34.78
C GLU F 83 0.68 90.66 -34.70
N GLU F 84 0.80 89.34 -34.60
CA GLU F 84 -0.36 88.46 -34.52
C GLU F 84 -0.93 88.36 -33.11
N ASP F 85 -0.35 89.07 -32.14
CA ASP F 85 -0.85 89.02 -30.78
C ASP F 85 -2.23 89.69 -30.67
N ALA F 86 -2.51 90.66 -31.52
CA ALA F 86 -3.80 91.36 -31.50
C ALA F 86 -4.89 90.43 -32.01
N ALA F 87 -5.73 89.95 -31.11
CA ALA F 87 -6.83 89.05 -31.46
C ALA F 87 -7.87 89.13 -30.34
N THR F 88 -8.87 88.26 -30.40
CA THR F 88 -9.88 88.17 -29.34
C THR F 88 -9.55 87.00 -28.43
N TYR F 89 -9.46 87.27 -27.13
CA TYR F 89 -9.05 86.27 -26.16
C TYR F 89 -10.25 85.90 -25.29
N TYR F 90 -10.51 84.60 -25.16
CA TYR F 90 -11.56 84.10 -24.28
C TYR F 90 -10.97 83.02 -23.39
N CYS F 91 -11.06 83.22 -22.08
CA CYS F 91 -10.73 82.18 -21.13
C CYS F 91 -12.02 81.44 -20.80
N GLN F 92 -11.99 80.11 -20.92
CA GLN F 92 -13.20 79.28 -20.82
C GLN F 92 -12.97 78.10 -19.90
N GLN F 93 -13.97 77.79 -19.08
CA GLN F 93 -13.98 76.63 -18.20
C GLN F 93 -15.05 75.65 -18.64
N GLY F 94 -14.75 74.36 -18.52
CA GLY F 94 -15.68 73.31 -18.93
C GLY F 94 -15.85 72.22 -17.90
N ASN F 95 -15.90 72.60 -16.62
CA ASN F 95 -15.86 71.63 -15.54
C ASN F 95 -17.14 70.80 -15.43
N GLU F 96 -18.27 71.43 -15.15
CA GLU F 96 -19.52 70.71 -14.96
C GLU F 96 -20.69 71.56 -15.46
N ASP F 97 -21.85 70.93 -15.52
CA ASP F 97 -23.08 71.58 -15.95
C ASP F 97 -23.48 72.68 -14.97
N PRO F 98 -23.66 73.93 -15.41
CA PRO F 98 -23.44 74.44 -16.77
C PRO F 98 -22.06 75.07 -16.95
N PRO F 99 -21.29 74.62 -17.94
CA PRO F 99 -19.98 75.22 -18.19
C PRO F 99 -20.06 76.58 -18.85
N THR F 100 -20.28 77.63 -18.04
CA THR F 100 -20.36 78.98 -18.56
C THR F 100 -19.01 79.43 -19.11
N PHE F 101 -19.05 80.37 -20.04
CA PHE F 101 -17.87 80.88 -20.70
C PHE F 101 -17.52 82.27 -20.17
N GLY F 102 -16.35 82.76 -20.59
CA GLY F 102 -15.88 84.06 -20.16
C GLY F 102 -16.39 85.18 -21.05
N GLY F 103 -15.89 86.38 -20.77
CA GLY F 103 -16.28 87.56 -21.54
C GLY F 103 -15.41 87.75 -22.77
N GLY F 104 -15.04 88.99 -23.04
CA GLY F 104 -14.21 89.30 -24.19
C GLY F 104 -13.19 90.40 -23.93
N THR F 105 -11.92 90.10 -24.18
CA THR F 105 -10.84 91.05 -23.99
C THR F 105 -10.27 91.43 -25.35
N LYS F 106 -10.25 92.72 -25.66
CA LYS F 106 -9.74 93.23 -26.92
C LYS F 106 -8.33 93.75 -26.70
N LEU F 107 -7.38 93.21 -27.46
CA LEU F 107 -5.97 93.57 -27.36
C LEU F 107 -5.50 94.15 -28.69
N GLU F 108 -4.88 95.32 -28.64
CA GLU F 108 -4.38 96.01 -29.82
C GLU F 108 -2.90 96.29 -29.66
N ILE F 109 -2.12 95.95 -30.68
CA ILE F 109 -0.67 96.17 -30.66
C ILE F 109 -0.38 97.57 -31.16
N LYS F 110 0.47 98.29 -30.44
CA LYS F 110 0.77 99.67 -30.74
C LYS F 110 1.95 99.78 -31.71
N VAL G 1 -72.80 14.39 -22.36
CA VAL G 1 -73.47 14.87 -21.14
C VAL G 1 -74.58 15.84 -21.51
N LYS G 2 -75.73 15.69 -20.87
CA LYS G 2 -76.89 16.53 -21.11
C LYS G 2 -77.41 17.06 -19.78
N LEU G 3 -77.91 18.30 -19.80
CA LEU G 3 -78.36 19.00 -18.61
C LEU G 3 -79.87 19.06 -18.57
N GLN G 4 -80.44 18.72 -17.41
CA GLN G 4 -81.89 18.73 -17.21
C GLN G 4 -82.21 19.43 -15.90
N GLU G 5 -83.05 20.45 -15.95
CA GLU G 5 -83.38 21.21 -14.76
C GLU G 5 -84.50 20.53 -13.97
N SER G 6 -84.56 20.88 -12.68
CA SER G 6 -85.58 20.36 -11.79
C SER G 6 -85.64 21.25 -10.55
N GLY G 7 -86.82 21.29 -9.93
CA GLY G 7 -87.01 22.11 -8.75
C GLY G 7 -87.36 23.55 -9.07
N GLY G 8 -88.31 23.74 -9.97
CA GLY G 8 -88.75 25.07 -10.38
C GLY G 8 -90.10 25.40 -9.76
N GLY G 9 -90.14 26.54 -9.07
CA GLY G 9 -91.37 26.96 -8.42
C GLY G 9 -91.12 27.90 -7.26
N LEU G 10 -92.04 28.83 -7.05
CA LEU G 10 -91.88 29.85 -6.02
C LEU G 10 -93.21 30.12 -5.35
N VAL G 11 -93.91 29.05 -4.98
CA VAL G 11 -95.28 29.16 -4.49
C VAL G 11 -95.33 29.90 -3.15
N GLN G 12 -94.34 29.69 -2.28
CA GLN G 12 -94.35 30.29 -0.95
C GLN G 12 -93.90 31.74 -1.02
N PRO G 13 -94.73 32.71 -0.62
CA PRO G 13 -94.30 34.12 -0.65
C PRO G 13 -93.28 34.40 0.43
N GLY G 14 -92.13 34.93 0.03
CA GLY G 14 -91.05 35.24 0.94
C GLY G 14 -90.18 34.07 1.33
N GLY G 15 -90.35 32.92 0.69
CA GLY G 15 -89.64 31.71 1.06
C GLY G 15 -88.30 31.57 0.39
N SER G 16 -87.78 30.35 0.42
CA SER G 16 -86.47 30.02 -0.16
C SER G 16 -86.62 28.68 -0.86
N LEU G 17 -86.68 28.71 -2.19
CA LEU G 17 -86.94 27.50 -2.96
C LEU G 17 -85.69 27.04 -3.69
N LYS G 18 -85.51 25.73 -3.81
CA LYS G 18 -84.27 25.14 -4.29
C LYS G 18 -84.41 24.74 -5.75
N LEU G 19 -83.60 25.34 -6.62
CA LEU G 19 -83.49 24.90 -7.99
C LEU G 19 -82.19 24.13 -8.21
N SER G 20 -82.25 23.19 -9.15
CA SER G 20 -81.12 22.33 -9.48
C SER G 20 -81.16 22.02 -10.97
N CYS G 21 -80.02 21.62 -11.51
CA CYS G 21 -79.95 21.09 -12.87
C CYS G 21 -78.95 19.95 -12.87
N ALA G 22 -79.44 18.73 -13.08
CA ALA G 22 -78.59 17.55 -13.09
C ALA G 22 -77.96 17.34 -14.47
N ALA G 23 -76.87 16.57 -14.47
CA ALA G 23 -76.13 16.25 -15.68
C ALA G 23 -76.06 14.75 -15.87
N SER G 24 -76.16 14.32 -17.11
CA SER G 24 -76.09 12.89 -17.45
C SER G 24 -74.98 12.62 -18.45
N THR G 27 -68.36 13.22 -17.76
CA THR G 27 -68.49 12.87 -16.36
C THR G 27 -69.02 14.06 -15.57
N PHE G 28 -68.80 15.27 -16.11
CA PHE G 28 -69.27 16.54 -15.57
C PHE G 28 -68.56 16.93 -14.28
N SER G 29 -67.63 16.12 -13.78
CA SER G 29 -66.97 16.44 -12.53
C SER G 29 -65.96 17.57 -12.70
N SER G 30 -65.31 17.64 -13.86
CA SER G 30 -64.28 18.64 -14.11
C SER G 30 -64.76 19.77 -15.01
N TYR G 31 -66.07 19.91 -15.21
CA TYR G 31 -66.63 20.94 -16.07
C TYR G 31 -67.44 21.92 -15.25
N THR G 32 -67.17 23.21 -15.42
CA THR G 32 -67.89 24.25 -14.70
C THR G 32 -69.32 24.36 -15.23
N MET G 33 -70.16 25.08 -14.47
CA MET G 33 -71.58 25.16 -14.77
C MET G 33 -72.11 26.53 -14.42
N SER G 34 -73.08 27.00 -15.22
CA SER G 34 -73.72 28.29 -14.99
C SER G 34 -75.20 28.15 -15.29
N TRP G 35 -75.96 29.21 -14.99
CA TRP G 35 -77.39 29.23 -15.23
C TRP G 35 -77.82 30.67 -15.51
N VAL G 36 -78.93 30.80 -16.23
CA VAL G 36 -79.43 32.10 -16.65
C VAL G 36 -80.90 32.21 -16.27
N ARG G 37 -81.27 33.33 -15.65
CA ARG G 37 -82.65 33.63 -15.29
C ARG G 37 -83.28 34.54 -16.34
N GLN G 38 -84.57 34.34 -16.58
CA GLN G 38 -85.32 35.11 -17.57
C GLN G 38 -86.19 36.14 -16.86
N THR G 39 -85.94 37.42 -17.17
CA THR G 39 -86.74 38.51 -16.67
C THR G 39 -88.14 38.45 -17.29
N PRO G 40 -89.15 39.03 -16.63
CA PRO G 40 -90.42 39.24 -17.33
C PRO G 40 -90.28 40.02 -18.63
N GLU G 41 -89.30 40.91 -18.70
CA GLU G 41 -88.94 41.58 -19.95
C GLU G 41 -88.08 40.71 -20.85
N LYS G 42 -88.01 39.41 -20.57
CA LYS G 42 -87.27 38.39 -21.32
C LYS G 42 -85.76 38.51 -21.18
N ARG G 43 -85.27 39.45 -20.37
CA ARG G 43 -83.83 39.70 -20.29
C ARG G 43 -83.10 38.54 -19.63
N LEU G 44 -82.00 38.12 -20.25
CA LEU G 44 -81.18 37.05 -19.70
C LEU G 44 -80.24 37.63 -18.65
N GLU G 45 -80.30 37.10 -17.43
CA GLU G 45 -79.55 37.64 -16.31
C GLU G 45 -78.77 36.53 -15.61
N TRP G 46 -77.53 36.82 -15.24
CA TRP G 46 -76.74 35.91 -14.44
C TRP G 46 -77.23 35.93 -12.99
N VAL G 47 -77.07 34.80 -12.32
CA VAL G 47 -77.58 34.66 -10.95
C VAL G 47 -76.42 34.44 -9.99
N ALA G 48 -75.66 33.36 -10.19
CA ALA G 48 -74.54 33.05 -9.31
C ALA G 48 -73.48 32.32 -10.13
N TYR G 49 -72.27 32.28 -9.57
CA TYR G 49 -71.11 31.71 -10.26
C TYR G 49 -70.45 30.66 -9.38
N ILE G 50 -70.12 29.51 -9.98
CA ILE G 50 -69.35 28.47 -9.33
C ILE G 50 -68.20 28.07 -10.24
N SER G 51 -67.03 27.86 -9.64
CA SER G 51 -65.89 27.32 -10.39
C SER G 51 -66.03 25.81 -10.52
N ASN G 52 -65.07 25.20 -11.21
CA ASN G 52 -65.09 23.74 -11.35
C ASN G 52 -64.87 23.04 -10.01
N GLY G 53 -64.10 23.65 -9.13
CA GLY G 53 -63.83 23.10 -7.81
C GLY G 53 -64.80 23.50 -6.73
N GLY G 54 -65.82 24.29 -7.06
CA GLY G 54 -66.81 24.73 -6.10
C GLY G 54 -66.55 26.08 -5.48
N GLY G 55 -65.34 26.63 -5.62
CA GLY G 55 -65.00 27.90 -5.04
C GLY G 55 -65.43 29.07 -5.92
N GLY G 56 -65.08 30.27 -5.45
CA GLY G 56 -65.40 31.48 -6.16
C GLY G 56 -66.88 31.75 -6.30
N THR G 57 -67.62 31.59 -5.21
CA THR G 57 -69.06 31.80 -5.20
C THR G 57 -69.35 33.29 -5.09
N TYR G 58 -69.41 33.96 -6.24
CA TYR G 58 -69.71 35.38 -6.31
C TYR G 58 -71.05 35.59 -7.01
N TYR G 59 -71.56 36.81 -6.89
CA TYR G 59 -72.86 37.18 -7.43
C TYR G 59 -72.75 38.54 -8.10
N PRO G 60 -73.61 38.82 -9.08
CA PRO G 60 -73.64 40.16 -9.67
C PRO G 60 -74.22 41.17 -8.69
N ASP G 61 -74.18 42.44 -9.11
CA ASP G 61 -74.63 43.56 -8.27
C ASP G 61 -76.15 43.58 -8.06
N THR G 62 -76.91 42.59 -8.52
CA THR G 62 -78.36 42.57 -8.36
C THR G 62 -78.83 41.63 -7.27
N VAL G 63 -78.18 40.48 -7.09
CA VAL G 63 -78.60 39.49 -6.12
C VAL G 63 -77.48 39.22 -5.13
N LYS G 64 -76.66 40.23 -4.87
CA LYS G 64 -75.54 40.07 -3.95
C LYS G 64 -76.02 40.00 -2.51
N GLY G 65 -75.47 39.05 -1.76
CA GLY G 65 -75.72 38.97 -0.33
C GLY G 65 -77.05 38.39 0.07
N ARG G 66 -77.83 37.86 -0.87
CA ARG G 66 -79.14 37.29 -0.56
C ARG G 66 -79.38 35.92 -1.17
N PHE G 67 -78.43 35.37 -1.91
CA PHE G 67 -78.58 34.08 -2.56
C PHE G 67 -77.57 33.10 -2.00
N THR G 68 -77.99 31.85 -1.82
CA THR G 68 -77.10 30.77 -1.39
C THR G 68 -76.96 29.76 -2.51
N ILE G 69 -75.72 29.42 -2.84
CA ILE G 69 -75.40 28.57 -3.98
C ILE G 69 -74.40 27.51 -3.55
N SER G 70 -74.54 26.30 -4.11
CA SER G 70 -73.61 25.22 -3.85
C SER G 70 -73.64 24.28 -5.05
N ARG G 71 -72.66 23.37 -5.10
CA ARG G 71 -72.59 22.38 -6.16
C ARG G 71 -72.19 21.03 -5.56
N ASP G 72 -72.56 19.96 -6.28
CA ASP G 72 -72.21 18.60 -5.87
C ASP G 72 -71.95 17.79 -7.12
N ASN G 73 -70.71 17.35 -7.30
CA ASN G 73 -70.33 16.58 -8.47
C ASN G 73 -70.67 15.10 -8.36
N ALA G 74 -71.06 14.62 -7.18
CA ALA G 74 -71.46 13.23 -7.04
C ALA G 74 -72.72 12.94 -7.85
N LYS G 75 -73.72 13.83 -7.74
CA LYS G 75 -74.93 13.73 -8.54
C LYS G 75 -74.92 14.70 -9.72
N ASN G 76 -73.82 15.44 -9.92
CA ASN G 76 -73.69 16.40 -11.01
C ASN G 76 -74.82 17.42 -10.97
N THR G 77 -75.05 17.99 -9.78
CA THR G 77 -76.16 18.90 -9.56
C THR G 77 -75.66 20.20 -8.95
N LEU G 78 -76.45 21.25 -9.16
CA LEU G 78 -76.27 22.52 -8.47
C LEU G 78 -77.42 22.73 -7.51
N TYR G 79 -77.21 23.59 -6.53
CA TYR G 79 -78.16 23.83 -5.43
C TYR G 79 -78.27 25.34 -5.24
N LEU G 80 -79.35 25.94 -5.74
CA LEU G 80 -79.53 27.38 -5.64
C LEU G 80 -80.81 27.71 -4.89
N GLN G 81 -80.71 28.58 -3.89
CA GLN G 81 -81.88 29.00 -3.13
C GLN G 81 -82.37 30.36 -3.63
N MET G 82 -83.66 30.43 -3.96
CA MET G 82 -84.30 31.66 -4.35
C MET G 82 -85.05 32.23 -3.16
N ASN G 83 -84.82 33.50 -2.88
CA ASN G 83 -85.39 34.22 -1.75
C ASN G 83 -86.04 35.54 -2.16
N SER G 84 -85.47 36.24 -3.14
CA SER G 84 -85.91 37.59 -3.50
C SER G 84 -86.38 37.65 -4.95
N LEU G 85 -87.05 36.61 -5.42
CA LEU G 85 -87.60 36.58 -6.77
C LEU G 85 -89.13 36.59 -6.77
N LYS G 86 -89.73 37.19 -5.74
CA LYS G 86 -91.19 37.16 -5.59
C LYS G 86 -91.88 37.84 -6.76
N GLU G 87 -91.36 38.98 -7.20
CA GLU G 87 -91.96 39.76 -8.27
C GLU G 87 -91.51 39.30 -9.65
N ASP G 88 -91.10 38.04 -9.78
CA ASP G 88 -90.59 37.50 -11.04
C ASP G 88 -91.15 36.10 -11.25
N THR G 89 -91.88 35.91 -12.35
CA THR G 89 -92.26 34.57 -12.81
C THR G 89 -91.15 34.05 -13.72
N ALA G 90 -90.00 33.82 -13.09
CA ALA G 90 -88.77 33.59 -13.83
C ALA G 90 -88.76 32.20 -14.47
N MET G 91 -87.86 32.04 -15.44
CA MET G 91 -87.63 30.76 -16.11
C MET G 91 -86.12 30.63 -16.29
N TYR G 92 -85.48 29.86 -15.42
CA TYR G 92 -84.04 29.67 -15.46
C TYR G 92 -83.70 28.46 -16.33
N TYR G 93 -82.52 28.52 -16.95
CA TYR G 93 -81.99 27.38 -17.70
C TYR G 93 -80.50 27.24 -17.42
N CYS G 94 -80.06 26.00 -17.28
CA CYS G 94 -78.67 25.70 -16.95
C CYS G 94 -77.82 25.58 -18.23
N ALA G 95 -76.51 25.58 -18.04
CA ALA G 95 -75.56 25.58 -19.14
C ALA G 95 -74.21 25.09 -18.63
N ARG G 96 -73.48 24.38 -19.48
CA ARG G 96 -72.15 23.90 -19.12
C ARG G 96 -71.11 24.56 -20.01
N PRO G 97 -70.32 25.50 -19.51
CA PRO G 97 -69.21 26.04 -20.30
C PRO G 97 -68.22 24.95 -20.67
N SER G 98 -67.68 25.05 -21.88
CA SER G 98 -66.75 24.06 -22.38
C SER G 98 -65.37 24.23 -21.73
N ARG G 99 -64.52 23.22 -21.94
CA ARG G 99 -63.13 23.19 -21.49
C ARG G 99 -63.01 23.04 -19.97
N GLY G 100 -64.14 23.10 -19.28
CA GLY G 100 -64.11 22.96 -17.83
C GLY G 100 -63.29 24.04 -17.17
N GLY G 101 -62.61 23.67 -16.09
CA GLY G 101 -61.72 24.59 -15.40
C GLY G 101 -62.46 25.66 -14.62
N SER G 102 -61.68 26.50 -13.95
CA SER G 102 -62.22 27.62 -13.18
C SER G 102 -62.52 28.84 -14.04
N SER G 103 -62.04 28.87 -15.28
CA SER G 103 -62.25 30.01 -16.16
C SER G 103 -63.62 29.90 -16.83
N TYR G 104 -63.89 30.78 -17.79
CA TYR G 104 -65.17 30.82 -18.49
C TYR G 104 -64.94 30.92 -19.98
N TRP G 105 -65.79 30.25 -20.75
CA TRP G 105 -65.67 30.22 -22.20
C TRP G 105 -67.08 30.32 -22.79
N TYR G 106 -67.18 30.01 -24.08
CA TYR G 106 -68.46 30.04 -24.79
C TYR G 106 -69.05 28.64 -24.85
N PHE G 107 -70.33 28.53 -24.52
CA PHE G 107 -70.96 27.23 -24.29
C PHE G 107 -72.17 27.06 -25.20
N ASP G 108 -72.45 25.80 -25.54
CA ASP G 108 -73.52 25.47 -26.47
C ASP G 108 -74.48 24.40 -25.97
N VAL G 109 -74.07 23.53 -25.06
CA VAL G 109 -74.93 22.47 -24.55
C VAL G 109 -75.88 23.09 -23.53
N TRP G 110 -77.16 23.14 -23.86
CA TRP G 110 -78.15 23.83 -23.05
C TRP G 110 -79.26 22.89 -22.63
N GLY G 111 -79.93 23.26 -21.54
CA GLY G 111 -80.88 22.37 -20.88
C GLY G 111 -82.23 22.26 -21.54
N ALA G 112 -83.28 22.20 -20.72
CA ALA G 112 -84.64 21.98 -21.20
C ALA G 112 -85.60 23.12 -20.90
N GLY G 113 -85.44 23.81 -19.77
CA GLY G 113 -86.32 24.90 -19.43
C GLY G 113 -87.37 24.54 -18.40
N THR G 114 -87.24 25.08 -17.19
CA THR G 114 -88.20 24.86 -16.12
C THR G 114 -88.73 26.20 -15.63
N THR G 115 -90.04 26.27 -15.43
CA THR G 115 -90.69 27.51 -15.05
C THR G 115 -90.73 27.65 -13.52
N VAL G 116 -90.82 28.90 -13.08
CA VAL G 116 -90.94 29.25 -11.67
C VAL G 116 -92.15 30.16 -11.52
N THR G 117 -93.16 29.70 -10.79
CA THR G 117 -94.43 30.40 -10.65
C THR G 117 -94.77 30.61 -9.19
N VAL G 118 -95.51 31.68 -8.92
CA VAL G 118 -95.92 32.01 -7.56
C VAL G 118 -97.43 31.85 -7.42
N ASP H 1 -66.15 43.92 -9.30
CA ASP H 1 -66.80 43.26 -10.42
C ASP H 1 -67.07 44.24 -11.55
N ILE H 2 -66.56 43.93 -12.74
CA ILE H 2 -66.74 44.80 -13.89
C ILE H 2 -68.17 44.69 -14.40
N GLN H 3 -68.79 45.83 -14.68
CA GLN H 3 -70.17 45.91 -15.13
C GLN H 3 -70.23 46.31 -16.60
N MET H 4 -71.41 46.17 -17.18
CA MET H 4 -71.63 46.55 -18.56
C MET H 4 -73.10 46.85 -18.78
N THR H 5 -73.38 47.81 -19.66
CA THR H 5 -74.74 48.17 -20.04
C THR H 5 -74.86 48.10 -21.56
N GLN H 6 -76.10 47.90 -22.02
CA GLN H 6 -76.39 47.77 -23.44
C GLN H 6 -77.44 48.80 -23.85
N SER H 7 -77.38 49.17 -25.13
CA SER H 7 -78.28 50.17 -25.69
C SER H 7 -78.52 49.83 -27.16
N PRO H 8 -79.67 50.24 -27.73
CA PRO H 8 -80.77 50.99 -27.12
C PRO H 8 -81.90 50.08 -26.64
N SER H 9 -81.66 48.77 -26.62
CA SER H 9 -82.64 47.77 -26.17
C SER H 9 -83.97 47.90 -26.93
N SER H 10 -83.89 48.31 -28.19
CA SER H 10 -85.08 48.47 -29.01
C SER H 10 -84.71 48.40 -30.48
N LEU H 11 -85.63 47.89 -31.29
CA LEU H 11 -85.43 47.78 -32.71
C LEU H 11 -86.75 47.98 -33.43
N SER H 12 -86.70 48.56 -34.61
CA SER H 12 -87.88 48.80 -35.45
C SER H 12 -87.58 48.25 -36.84
N ALA H 13 -88.10 47.06 -37.14
CA ALA H 13 -87.81 46.41 -38.41
C ALA H 13 -88.92 45.42 -38.72
N SER H 14 -88.81 44.80 -39.90
CA SER H 14 -89.79 43.86 -40.40
C SER H 14 -89.01 42.73 -41.09
N LEU H 15 -89.69 41.99 -41.97
CA LEU H 15 -89.04 40.93 -42.74
C LEU H 15 -87.73 41.39 -43.38
N GLY H 16 -87.63 42.66 -43.73
CA GLY H 16 -86.40 43.20 -44.29
C GLY H 16 -85.95 44.43 -43.54
N GLY H 17 -84.63 44.53 -43.33
CA GLY H 17 -84.06 45.68 -42.65
C GLY H 17 -82.77 45.36 -41.92
N LYS H 18 -81.78 46.24 -42.04
CA LYS H 18 -80.50 46.06 -41.36
C LYS H 18 -80.59 46.63 -39.95
N VAL H 19 -80.51 45.75 -38.95
CA VAL H 19 -80.62 46.12 -37.56
C VAL H 19 -79.25 46.04 -36.91
N THR H 20 -78.85 47.11 -36.23
CA THR H 20 -77.54 47.21 -35.61
C THR H 20 -77.68 47.46 -34.11
N ILE H 21 -76.93 46.71 -33.32
CA ILE H 21 -76.90 46.85 -31.86
C ILE H 21 -75.51 47.28 -31.45
N THR H 22 -75.45 48.25 -30.54
CA THR H 22 -74.19 48.81 -30.07
C THR H 22 -73.86 48.25 -28.69
N CYS H 23 -72.74 47.55 -28.59
CA CYS H 23 -72.23 47.06 -27.31
C CYS H 23 -71.27 48.08 -26.74
N LYS H 24 -71.57 48.57 -25.55
CA LYS H 24 -70.75 49.57 -24.85
C LYS H 24 -70.16 48.89 -23.61
N ALA H 25 -68.99 48.28 -23.80
CA ALA H 25 -68.31 47.64 -22.68
C ALA H 25 -67.67 48.69 -21.77
N SER H 26 -67.12 48.22 -20.66
CA SER H 26 -66.46 49.09 -19.69
C SER H 26 -64.95 48.86 -19.68
N GLN H 27 -64.50 47.63 -19.47
CA GLN H 27 -63.08 47.31 -19.51
C GLN H 27 -62.68 46.89 -20.92
N ASP H 28 -61.38 47.08 -21.20
CA ASP H 28 -60.84 46.70 -22.51
C ASP H 28 -60.90 45.19 -22.65
N ILE H 29 -61.86 44.70 -23.44
CA ILE H 29 -62.03 43.26 -23.59
C ILE H 29 -61.00 42.69 -24.57
N ASN H 30 -60.48 43.52 -25.46
CA ASN H 30 -59.55 43.10 -26.52
C ASN H 30 -60.12 41.92 -27.31
N LYS H 31 -61.25 42.17 -27.97
CA LYS H 31 -62.02 41.09 -28.59
C LYS H 31 -62.29 40.00 -27.57
N TYR H 32 -63.29 40.25 -26.72
CA TYR H 32 -63.97 39.20 -25.95
C TYR H 32 -65.47 39.19 -26.22
N ILE H 33 -65.89 39.65 -27.40
CA ILE H 33 -67.30 39.83 -27.71
C ILE H 33 -67.99 38.48 -27.85
N ALA H 34 -69.23 38.41 -27.37
CA ALA H 34 -70.06 37.21 -27.53
C ALA H 34 -71.49 37.65 -27.80
N TRP H 35 -72.15 36.94 -28.72
CA TRP H 35 -73.54 37.23 -29.06
C TRP H 35 -74.37 35.96 -28.89
N TYR H 36 -75.41 36.05 -28.08
CA TYR H 36 -76.28 34.93 -27.78
C TYR H 36 -77.72 35.28 -28.11
N GLN H 37 -78.58 34.26 -28.05
CA GLN H 37 -80.02 34.42 -28.23
C GLN H 37 -80.72 33.35 -27.44
N HIS H 38 -82.04 33.44 -27.38
CA HIS H 38 -82.84 32.41 -26.72
C HIS H 38 -84.27 32.46 -27.23
N LYS H 39 -84.92 31.31 -27.22
CA LYS H 39 -86.30 31.16 -27.62
C LYS H 39 -87.18 30.82 -26.42
N PRO H 40 -88.48 31.13 -26.49
CA PRO H 40 -89.37 30.86 -25.34
C PRO H 40 -89.81 29.41 -25.25
N GLY H 41 -89.05 28.49 -25.85
CA GLY H 41 -89.48 27.10 -25.89
C GLY H 41 -88.99 26.29 -27.07
N LYS H 42 -88.17 26.91 -27.93
CA LYS H 42 -87.46 26.14 -28.95
C LYS H 42 -86.09 25.67 -28.49
N GLY H 43 -85.41 26.45 -27.65
CA GLY H 43 -84.08 26.13 -27.21
C GLY H 43 -83.05 27.04 -27.82
N PRO H 44 -82.35 27.81 -26.98
CA PRO H 44 -81.38 28.79 -27.50
C PRO H 44 -80.26 28.12 -28.29
N ARG H 45 -79.47 28.96 -28.96
CA ARG H 45 -78.45 28.49 -29.89
C ARG H 45 -77.32 29.52 -29.95
N LEU H 46 -76.11 29.03 -30.23
CA LEU H 46 -74.94 29.90 -30.31
C LEU H 46 -74.83 30.52 -31.69
N LEU H 47 -74.59 31.83 -31.73
CA LEU H 47 -74.63 32.57 -32.98
C LEU H 47 -73.26 33.09 -33.42
N ILE H 48 -72.62 33.93 -32.60
CA ILE H 48 -71.50 34.74 -33.10
C ILE H 48 -70.38 34.78 -32.05
N HIS H 49 -69.20 34.31 -32.45
CA HIS H 49 -67.95 34.49 -31.71
C HIS H 49 -67.35 35.85 -32.04
N TYR H 50 -66.03 35.95 -32.03
CA TYR H 50 -65.34 37.18 -32.41
C TYR H 50 -65.74 37.64 -33.81
N THR H 51 -65.24 38.82 -34.21
CA THR H 51 -65.72 39.53 -35.39
C THR H 51 -65.94 38.62 -36.59
N SER H 52 -67.21 38.49 -37.01
CA SER H 52 -67.62 37.75 -38.21
C SER H 52 -67.09 36.31 -38.19
N SER H 53 -67.09 35.70 -37.00
CA SER H 53 -66.64 34.32 -36.87
C SER H 53 -67.72 33.38 -37.37
N LEU H 54 -67.46 32.73 -38.50
CA LEU H 54 -68.42 31.79 -39.07
C LEU H 54 -68.52 30.55 -38.18
N GLN H 55 -69.72 30.00 -38.10
CA GLN H 55 -69.99 28.80 -37.32
C GLN H 55 -70.78 27.80 -38.14
N PRO H 56 -70.59 26.51 -37.90
CA PRO H 56 -71.36 25.50 -38.63
C PRO H 56 -72.86 25.63 -38.32
N GLY H 57 -73.67 25.44 -39.36
CA GLY H 57 -75.11 25.58 -39.20
C GLY H 57 -75.56 26.98 -38.86
N ILE H 58 -74.75 27.99 -39.14
CA ILE H 58 -75.02 29.37 -38.78
C ILE H 58 -74.94 30.22 -40.04
N PRO H 59 -75.95 31.03 -40.33
CA PRO H 59 -75.83 31.96 -41.47
C PRO H 59 -74.72 32.96 -41.25
N SER H 60 -74.08 33.37 -42.35
CA SER H 60 -72.98 34.31 -42.30
C SER H 60 -73.41 35.74 -42.59
N ARG H 61 -74.71 36.02 -42.59
CA ARG H 61 -75.20 37.37 -42.86
C ARG H 61 -74.87 38.34 -41.74
N PHE H 62 -74.53 37.84 -40.56
CA PHE H 62 -74.18 38.73 -39.45
C PHE H 62 -72.83 39.38 -39.69
N SER H 63 -72.70 40.63 -39.25
CA SER H 63 -71.47 41.39 -39.43
C SER H 63 -71.13 42.11 -38.13
N GLY H 64 -69.84 42.40 -37.96
CA GLY H 64 -69.37 43.08 -36.78
C GLY H 64 -68.34 44.13 -37.12
N SER H 65 -68.36 45.23 -36.36
CA SER H 65 -67.42 46.33 -36.54
C SER H 65 -67.06 46.90 -35.18
N GLY H 66 -65.93 47.59 -35.13
CA GLY H 66 -65.44 48.14 -33.88
C GLY H 66 -64.70 47.12 -33.05
N SER H 67 -64.22 47.56 -31.90
CA SER H 67 -63.37 46.75 -31.05
C SER H 67 -63.34 47.35 -29.65
N GLY H 68 -62.59 46.70 -28.77
CA GLY H 68 -62.32 47.22 -27.44
C GLY H 68 -63.55 47.58 -26.63
N ARG H 69 -63.78 48.87 -26.45
CA ARG H 69 -64.88 49.36 -25.65
C ARG H 69 -66.18 49.52 -26.43
N ASP H 70 -66.11 49.63 -27.77
CA ASP H 70 -67.29 49.90 -28.57
C ASP H 70 -67.40 48.88 -29.68
N TYR H 71 -68.54 48.19 -29.75
CA TYR H 71 -68.78 47.18 -30.77
C TYR H 71 -70.12 47.46 -31.45
N SER H 72 -70.23 47.06 -32.72
CA SER H 72 -71.46 47.22 -33.48
C SER H 72 -71.74 45.90 -34.20
N PHE H 73 -72.90 45.31 -33.91
CA PHE H 73 -73.29 44.02 -34.48
C PHE H 73 -74.51 44.23 -35.36
N SER H 74 -74.39 43.86 -36.63
CA SER H 74 -75.41 44.15 -37.63
C SER H 74 -75.96 42.87 -38.23
N ILE H 75 -77.28 42.83 -38.41
CA ILE H 75 -77.97 41.74 -39.07
C ILE H 75 -78.73 42.31 -40.26
N SER H 76 -78.54 41.72 -41.44
CA SER H 76 -79.15 42.19 -42.67
C SER H 76 -80.09 41.13 -43.22
N ASN H 77 -81.33 41.53 -43.48
CA ASN H 77 -82.34 40.68 -44.11
C ASN H 77 -82.56 39.40 -43.29
N LEU H 78 -83.05 39.59 -42.08
CA LEU H 78 -83.36 38.46 -41.20
C LEU H 78 -84.62 37.75 -41.68
N GLU H 79 -84.69 36.44 -41.38
CA GLU H 79 -85.81 35.60 -41.76
C GLU H 79 -86.88 35.60 -40.66
N PRO H 80 -88.15 35.38 -41.02
CA PRO H 80 -89.21 35.31 -40.01
C PRO H 80 -89.29 34.00 -39.26
N GLU H 81 -88.30 33.11 -39.41
CA GLU H 81 -88.27 31.84 -38.68
C GLU H 81 -87.42 31.89 -37.43
N ASP H 82 -86.43 32.78 -37.38
CA ASP H 82 -85.54 32.93 -36.23
C ASP H 82 -85.88 34.18 -35.44
N ILE H 83 -87.18 34.49 -35.31
CA ILE H 83 -87.62 35.67 -34.58
C ILE H 83 -87.36 35.45 -33.09
N ALA H 84 -86.31 36.09 -32.58
CA ALA H 84 -85.92 35.94 -31.18
C ALA H 84 -85.26 37.25 -30.73
N THR H 85 -84.56 37.19 -29.61
CA THR H 85 -83.89 38.35 -29.05
C THR H 85 -82.41 38.06 -28.85
N TYR H 86 -81.57 39.04 -29.15
CA TYR H 86 -80.12 38.89 -29.10
C TYR H 86 -79.55 39.56 -27.85
N TYR H 87 -78.34 39.14 -27.49
CA TYR H 87 -77.69 39.64 -26.29
C TYR H 87 -76.18 39.71 -26.50
N CYS H 88 -75.59 40.82 -26.07
CA CYS H 88 -74.15 41.05 -26.15
C CYS H 88 -73.54 40.76 -24.79
N LEU H 89 -72.85 39.63 -24.68
CA LEU H 89 -72.24 39.18 -23.43
C LEU H 89 -70.72 39.10 -23.59
N GLN H 90 -70.01 39.48 -22.54
CA GLN H 90 -68.55 39.44 -22.53
C GLN H 90 -68.05 38.73 -21.29
N TYR H 91 -66.73 38.70 -21.08
CA TYR H 91 -66.16 38.02 -19.91
C TYR H 91 -64.81 38.67 -19.58
N ASP H 92 -64.80 39.53 -18.58
CA ASP H 92 -63.57 40.08 -18.02
C ASP H 92 -63.38 39.69 -16.57
N ASN H 93 -64.35 40.01 -15.70
CA ASN H 93 -64.36 39.60 -14.31
C ASN H 93 -65.50 38.62 -14.12
N LEU H 94 -65.17 37.33 -14.02
CA LEU H 94 -66.16 36.26 -14.03
C LEU H 94 -67.05 36.38 -15.27
N TYR H 95 -68.28 36.86 -15.08
CA TYR H 95 -69.18 37.15 -16.18
C TYR H 95 -69.63 38.60 -16.10
N THR H 96 -69.81 39.21 -17.26
CA THR H 96 -70.19 40.61 -17.37
C THR H 96 -71.37 40.71 -18.34
N PHE H 97 -72.58 40.83 -17.80
CA PHE H 97 -73.80 40.94 -18.57
C PHE H 97 -74.31 42.38 -18.54
N GLY H 98 -75.43 42.60 -19.20
CA GLY H 98 -76.04 43.92 -19.25
C GLY H 98 -77.54 43.88 -19.41
N GLY H 99 -78.14 45.00 -19.80
CA GLY H 99 -79.58 45.05 -19.99
C GLY H 99 -80.04 44.19 -21.16
N GLY H 100 -79.27 44.20 -22.25
CA GLY H 100 -79.65 43.48 -23.44
C GLY H 100 -80.41 44.33 -24.43
N THR H 101 -80.75 43.72 -25.56
CA THR H 101 -81.47 44.39 -26.63
C THR H 101 -82.65 43.55 -27.08
N LYS H 102 -83.68 44.24 -27.57
CA LYS H 102 -84.93 43.60 -28.01
C LYS H 102 -84.94 43.43 -29.53
N LEU H 103 -85.97 42.75 -30.01
CA LEU H 103 -86.23 42.64 -31.44
C LEU H 103 -87.68 42.24 -31.62
N GLU H 104 -88.49 43.12 -32.20
CA GLU H 104 -89.90 42.87 -32.44
C GLU H 104 -90.23 43.05 -33.91
N ILE H 105 -91.19 42.28 -34.38
CA ILE H 105 -91.61 42.29 -35.79
C ILE H 105 -93.08 42.64 -35.85
N LYS H 106 -93.41 43.62 -36.68
CA LYS H 106 -94.79 44.06 -36.85
C LYS H 106 -95.64 42.98 -37.52
N ASP I 1 -6.82 -59.17 -50.54
CA ASP I 1 -6.23 -60.49 -50.32
C ASP I 1 -4.71 -60.43 -50.46
N VAL I 2 -4.01 -61.05 -49.52
CA VAL I 2 -2.55 -61.05 -49.47
C VAL I 2 -2.06 -62.48 -49.66
N GLN I 3 -1.08 -62.66 -50.54
CA GLN I 3 -0.51 -63.96 -50.84
C GLN I 3 1.00 -63.82 -51.01
N LEU I 4 1.68 -64.96 -51.03
CA LEU I 4 3.13 -65.01 -51.12
C LEU I 4 3.56 -65.80 -52.36
N GLN I 5 4.68 -65.38 -52.94
CA GLN I 5 5.20 -65.98 -54.16
C GLN I 5 6.64 -66.41 -53.94
N GLU I 6 6.97 -67.63 -54.35
CA GLU I 6 8.29 -68.21 -54.18
C GLU I 6 9.14 -68.01 -55.44
N SER I 7 10.45 -67.98 -55.25
CA SER I 7 11.39 -68.06 -56.36
C SER I 7 12.78 -68.36 -55.83
N GLY I 8 13.60 -69.00 -56.65
CA GLY I 8 14.95 -69.35 -56.28
C GLY I 8 15.69 -70.05 -57.41
N PRO I 9 16.93 -70.44 -57.14
CA PRO I 9 17.72 -71.11 -58.20
C PRO I 9 17.20 -72.49 -58.55
N GLY I 10 16.67 -73.24 -57.57
CA GLY I 10 16.17 -74.57 -57.81
C GLY I 10 17.21 -75.67 -57.78
N LEU I 11 18.48 -75.34 -58.03
CA LEU I 11 19.57 -76.32 -57.98
C LEU I 11 20.84 -75.57 -57.59
N VAL I 12 21.14 -75.59 -56.29
CA VAL I 12 22.30 -74.88 -55.77
C VAL I 12 23.55 -75.73 -55.96
N LYS I 13 24.69 -75.08 -56.04
CA LYS I 13 25.99 -75.71 -56.21
C LYS I 13 26.69 -75.84 -54.88
N PRO I 14 27.63 -76.78 -54.76
CA PRO I 14 28.40 -76.89 -53.52
C PRO I 14 29.17 -75.60 -53.24
N SER I 15 29.20 -75.23 -51.95
CA SER I 15 29.87 -74.01 -51.48
C SER I 15 29.39 -72.79 -52.24
N GLN I 16 28.08 -72.75 -52.52
CA GLN I 16 27.44 -71.63 -53.20
C GLN I 16 26.32 -71.09 -52.33
N SER I 17 26.23 -69.76 -52.23
CA SER I 17 25.25 -69.13 -51.38
C SER I 17 23.85 -69.31 -51.95
N LEU I 18 22.98 -69.97 -51.20
CA LEU I 18 21.59 -70.12 -51.58
C LEU I 18 20.89 -68.76 -51.55
N SER I 19 20.27 -68.38 -52.65
CA SER I 19 19.62 -67.08 -52.80
C SER I 19 18.13 -67.31 -53.08
N LEU I 20 17.33 -67.31 -52.01
CA LEU I 20 15.89 -67.44 -52.13
C LEU I 20 15.23 -66.06 -52.21
N THR I 21 14.03 -66.04 -52.76
CA THR I 21 13.33 -64.77 -52.98
C THR I 21 11.84 -65.00 -52.80
N CYS I 22 11.19 -64.09 -52.07
CA CYS I 22 9.77 -64.21 -51.80
C CYS I 22 9.09 -62.86 -51.94
N THR I 23 7.93 -62.88 -52.60
CA THR I 23 7.13 -61.69 -52.88
C THR I 23 5.86 -61.70 -52.03
N VAL I 24 5.49 -60.54 -51.53
CA VAL I 24 4.21 -60.34 -50.84
C VAL I 24 3.31 -59.52 -51.76
N THR I 25 2.07 -59.98 -51.94
CA THR I 25 1.11 -59.29 -52.80
C THR I 25 -0.15 -59.00 -52.00
N GLY I 26 -0.53 -57.73 -51.92
CA GLY I 26 -1.73 -57.32 -51.23
C GLY I 26 -1.49 -56.50 -49.98
N TYR I 27 -0.25 -56.41 -49.51
CA TYR I 27 0.07 -55.63 -48.31
C TYR I 27 1.49 -55.09 -48.49
N SER I 28 2.10 -54.63 -47.40
CA SER I 28 3.45 -54.07 -47.37
C SER I 28 4.36 -54.87 -46.46
N ILE I 29 5.66 -54.84 -46.73
CA ILE I 29 6.59 -55.57 -45.87
C ILE I 29 7.06 -54.76 -44.67
N THR I 30 7.02 -53.43 -44.75
CA THR I 30 7.51 -52.58 -43.67
C THR I 30 6.43 -52.24 -42.66
N SER I 31 5.16 -52.24 -43.09
CA SER I 31 4.07 -51.83 -42.20
C SER I 31 3.92 -52.80 -41.03
N ASP I 32 3.63 -54.07 -41.31
CA ASP I 32 3.44 -55.06 -40.25
C ASP I 32 3.98 -56.40 -40.74
N TYR I 33 3.59 -57.45 -40.01
CA TYR I 33 3.89 -58.85 -40.32
C TYR I 33 5.37 -59.18 -40.18
N ALA I 34 5.66 -60.48 -40.08
CA ALA I 34 7.02 -61.00 -40.07
C ALA I 34 7.06 -62.24 -40.97
N TRP I 35 8.24 -62.53 -41.50
CA TRP I 35 8.38 -63.59 -42.50
C TRP I 35 9.45 -64.57 -42.08
N ASN I 36 9.07 -65.84 -41.97
CA ASN I 36 9.97 -66.92 -41.58
C ASN I 36 10.30 -67.78 -42.80
N TRP I 37 11.50 -68.34 -42.79
CA TRP I 37 11.94 -69.27 -43.83
C TRP I 37 12.03 -70.67 -43.21
N ILE I 38 11.33 -71.62 -43.82
CA ILE I 38 11.19 -72.96 -43.26
C ILE I 38 11.58 -73.99 -44.30
N ARG I 39 12.37 -74.97 -43.89
CA ARG I 39 12.78 -76.10 -44.72
C ARG I 39 12.05 -77.34 -44.23
N GLN I 40 10.96 -77.69 -44.90
CA GLN I 40 10.22 -78.89 -44.55
C GLN I 40 10.90 -80.12 -45.13
N PHE I 41 10.98 -81.17 -44.33
CA PHE I 41 11.54 -82.44 -44.76
C PHE I 41 10.43 -83.35 -45.27
N PRO I 42 10.76 -84.32 -46.13
CA PRO I 42 9.73 -85.26 -46.61
C PRO I 42 9.04 -86.03 -45.49
N GLY I 43 9.68 -86.18 -44.34
CA GLY I 43 9.07 -86.90 -43.23
C GLY I 43 8.20 -86.02 -42.36
N ASN I 44 7.59 -85.00 -42.96
CA ASN I 44 6.66 -84.09 -42.26
C ASN I 44 7.33 -83.44 -41.06
N LYS I 45 8.49 -82.83 -41.29
CA LYS I 45 9.26 -82.17 -40.25
C LYS I 45 9.63 -80.76 -40.72
N LEU I 46 8.90 -79.76 -40.25
CA LEU I 46 9.23 -78.38 -40.55
C LEU I 46 10.46 -77.96 -39.75
N GLU I 47 11.42 -77.34 -40.44
CA GLU I 47 12.67 -76.89 -39.81
C GLU I 47 12.85 -75.41 -40.15
N TRP I 48 12.50 -74.54 -39.21
CA TRP I 48 12.59 -73.11 -39.41
C TRP I 48 14.02 -72.62 -39.23
N MET I 49 14.47 -71.76 -40.14
CA MET I 49 15.82 -71.22 -40.09
C MET I 49 15.84 -69.85 -39.39
N GLY I 50 15.13 -68.89 -39.94
CA GLY I 50 15.11 -67.55 -39.38
C GLY I 50 13.99 -66.73 -39.97
N TYR I 51 13.68 -65.64 -39.27
CA TYR I 51 12.61 -64.74 -39.67
C TYR I 51 13.09 -63.29 -39.63
N ILE I 52 12.44 -62.48 -40.46
CA ILE I 52 12.68 -61.05 -40.53
C ILE I 52 11.41 -60.32 -40.13
N SER I 53 11.56 -59.27 -39.32
CA SER I 53 10.44 -58.46 -38.88
C SER I 53 10.32 -57.22 -39.77
N TYR I 54 9.17 -56.55 -39.65
CA TYR I 54 8.96 -55.32 -40.41
C TYR I 54 9.77 -54.16 -39.88
N SER I 55 10.37 -54.28 -38.70
CA SER I 55 11.23 -53.26 -38.14
C SER I 55 12.71 -53.54 -38.41
N GLY I 56 13.04 -54.64 -39.06
CA GLY I 56 14.42 -54.95 -39.39
C GLY I 56 15.12 -55.81 -38.37
N SER I 57 14.44 -56.82 -37.85
CA SER I 57 14.99 -57.73 -36.86
C SER I 57 15.13 -59.12 -37.47
N THR I 58 16.33 -59.68 -37.43
CA THR I 58 16.62 -61.00 -37.98
C THR I 58 16.79 -61.97 -36.82
N GLY I 59 15.77 -62.76 -36.56
CA GLY I 59 15.85 -63.77 -35.52
C GLY I 59 15.98 -65.16 -36.10
N TYR I 60 17.11 -65.83 -35.85
CA TYR I 60 17.37 -67.12 -36.48
C TYR I 60 18.00 -68.05 -35.45
N ASN I 61 18.29 -69.28 -35.90
CA ASN I 61 18.86 -70.28 -35.01
C ASN I 61 20.27 -69.86 -34.58
N PRO I 62 20.63 -70.07 -33.31
CA PRO I 62 22.00 -69.74 -32.90
C PRO I 62 23.07 -70.55 -33.61
N SER I 63 22.73 -71.71 -34.17
CA SER I 63 23.68 -72.49 -34.95
C SER I 63 23.99 -71.82 -36.29
N LEU I 64 23.18 -70.86 -36.71
CA LEU I 64 23.38 -70.14 -37.97
C LEU I 64 23.68 -68.66 -37.71
N LYS I 65 24.52 -68.39 -36.72
CA LYS I 65 24.82 -67.01 -36.34
C LYS I 65 25.85 -66.35 -37.25
N SER I 66 26.38 -67.06 -38.24
CA SER I 66 27.36 -66.48 -39.13
C SER I 66 27.18 -66.88 -40.59
N ARG I 67 26.14 -67.62 -40.94
CA ARG I 67 25.96 -68.09 -42.31
C ARG I 67 24.49 -68.01 -42.73
N ILE I 68 23.82 -66.91 -42.36
CA ILE I 68 22.45 -66.68 -42.78
C ILE I 68 22.18 -65.18 -42.74
N SER I 69 21.34 -64.71 -43.66
CA SER I 69 20.96 -63.30 -43.72
C SER I 69 19.64 -63.17 -44.46
N ILE I 70 18.88 -62.13 -44.12
CA ILE I 70 17.63 -61.81 -44.81
C ILE I 70 17.66 -60.34 -45.17
N THR I 71 17.50 -60.04 -46.46
CA THR I 71 17.42 -58.67 -46.94
C THR I 71 16.05 -58.45 -47.58
N ARG I 72 15.75 -57.20 -47.91
CA ARG I 72 14.46 -56.89 -48.50
C ARG I 72 14.54 -55.56 -49.24
N ASP I 73 13.53 -55.32 -50.07
CA ASP I 73 13.35 -54.06 -50.78
C ASP I 73 11.88 -53.69 -50.72
N THR I 74 11.60 -52.46 -50.29
CA THR I 74 10.23 -51.98 -50.11
C THR I 74 9.66 -51.37 -51.38
N SER I 75 10.52 -50.82 -52.25
CA SER I 75 10.02 -50.21 -53.48
C SER I 75 9.31 -51.24 -54.36
N LYS I 76 9.75 -52.50 -54.30
CA LYS I 76 9.12 -53.56 -55.09
C LYS I 76 8.43 -54.61 -54.23
N ASN I 77 8.44 -54.46 -52.90
CA ASN I 77 7.75 -55.37 -51.99
C ASN I 77 8.29 -56.80 -52.15
N GLN I 78 9.56 -56.96 -51.82
CA GLN I 78 10.27 -58.22 -52.06
C GLN I 78 11.23 -58.47 -50.91
N PHE I 79 11.55 -59.74 -50.66
CA PHE I 79 12.63 -60.00 -49.71
C PHE I 79 13.41 -61.25 -50.10
N PHE I 80 14.73 -61.15 -49.96
CA PHE I 80 15.68 -62.20 -50.30
C PHE I 80 16.21 -62.85 -49.03
N LEU I 81 16.58 -64.12 -49.16
CA LEU I 81 17.24 -64.90 -48.13
C LEU I 81 18.56 -65.43 -48.66
N GLN I 82 19.65 -65.16 -47.93
CA GLN I 82 20.98 -65.62 -48.32
C GLN I 82 21.47 -66.63 -47.28
N LEU I 83 21.75 -67.84 -47.75
CA LEU I 83 22.25 -68.92 -46.90
C LEU I 83 23.66 -69.26 -47.35
N ASN I 84 24.65 -68.95 -46.50
CA ASN I 84 26.05 -69.18 -46.82
C ASN I 84 26.56 -70.43 -46.11
N SER I 85 27.76 -70.86 -46.53
CA SER I 85 28.45 -72.00 -45.94
C SER I 85 27.56 -73.25 -45.93
N VAL I 86 26.97 -73.53 -47.09
CA VAL I 86 26.04 -74.65 -47.23
C VAL I 86 26.82 -75.90 -47.59
N THR I 87 26.16 -77.05 -47.40
CA THR I 87 26.76 -78.34 -47.75
C THR I 87 25.82 -79.12 -48.67
N THR I 88 26.12 -80.41 -48.88
CA THR I 88 25.32 -81.21 -49.80
C THR I 88 23.91 -81.43 -49.26
N GLU I 89 23.77 -81.61 -47.95
CA GLU I 89 22.48 -81.97 -47.34
C GLU I 89 21.62 -80.72 -47.21
N ASP I 90 20.86 -80.42 -48.27
CA ASP I 90 19.89 -79.34 -48.23
C ASP I 90 18.61 -79.66 -49.00
N THR I 91 18.41 -80.91 -49.41
CA THR I 91 17.22 -81.30 -50.15
C THR I 91 16.00 -81.20 -49.24
N ALA I 92 15.12 -80.25 -49.53
CA ALA I 92 13.95 -80.02 -48.67
C ALA I 92 12.98 -79.12 -49.44
N THR I 93 11.90 -78.73 -48.77
CA THR I 93 10.87 -77.87 -49.35
C THR I 93 10.96 -76.50 -48.69
N TYR I 94 11.16 -75.47 -49.51
CA TYR I 94 11.27 -74.10 -49.02
C TYR I 94 9.88 -73.49 -48.85
N TYR I 95 9.71 -72.78 -47.73
CA TYR I 95 8.48 -72.03 -47.44
C TYR I 95 8.88 -70.66 -46.90
N CYS I 96 8.39 -69.60 -47.55
CA CYS I 96 8.52 -68.24 -47.01
C CYS I 96 7.21 -67.87 -46.32
N ALA I 97 7.02 -68.46 -45.15
CA ALA I 97 5.77 -68.33 -44.43
C ALA I 97 5.70 -66.97 -43.73
N ARG I 98 4.49 -66.59 -43.34
CA ARG I 98 4.25 -65.30 -42.70
C ARG I 98 3.61 -65.50 -41.34
N LEU I 99 4.27 -64.99 -40.30
CA LEU I 99 3.75 -64.97 -38.95
C LEU I 99 3.73 -63.52 -38.48
N TYR I 100 2.59 -63.09 -37.93
CA TYR I 100 2.47 -61.74 -37.40
C TYR I 100 3.58 -61.48 -36.40
N TYR I 101 4.29 -60.36 -36.58
CA TYR I 101 5.42 -60.04 -35.71
C TYR I 101 4.97 -59.93 -34.27
N GLY I 102 5.65 -60.65 -33.39
CA GLY I 102 5.25 -60.78 -32.01
C GLY I 102 4.62 -62.10 -31.66
N PHE I 103 4.70 -63.10 -32.53
CA PHE I 103 4.17 -64.45 -32.29
C PHE I 103 2.66 -64.38 -32.01
N TYR I 104 1.94 -63.82 -32.97
CA TYR I 104 0.51 -63.56 -32.83
C TYR I 104 -0.33 -64.41 -33.77
N GLY I 105 -0.10 -64.33 -35.08
CA GLY I 105 -0.95 -65.02 -36.03
C GLY I 105 -0.23 -65.69 -37.17
N MET I 106 -0.53 -66.97 -37.41
CA MET I 106 0.04 -67.75 -38.50
C MET I 106 -1.03 -67.91 -39.56
N ASP I 107 -1.16 -66.88 -40.41
CA ASP I 107 -2.26 -66.83 -41.38
C ASP I 107 -1.84 -67.34 -42.75
N TYR I 108 -0.90 -66.65 -43.40
CA TYR I 108 -0.56 -66.91 -44.80
C TYR I 108 0.80 -67.58 -44.87
N TRP I 109 0.82 -68.84 -45.28
CA TRP I 109 2.07 -69.60 -45.40
C TRP I 109 2.68 -69.45 -46.80
N GLY I 110 1.90 -69.74 -47.84
CA GLY I 110 2.40 -69.80 -49.19
C GLY I 110 2.19 -71.17 -49.80
N GLN I 111 3.14 -71.56 -50.64
CA GLN I 111 3.07 -72.88 -51.28
C GLN I 111 4.41 -73.61 -51.15
N GLY I 112 5.51 -72.87 -51.12
CA GLY I 112 6.82 -73.48 -51.06
C GLY I 112 7.17 -74.22 -52.33
N THR I 113 8.37 -74.80 -52.34
CA THR I 113 8.80 -75.57 -53.50
C THR I 113 9.92 -76.52 -53.09
N SER I 114 9.94 -77.71 -53.69
CA SER I 114 10.98 -78.68 -53.39
C SER I 114 12.30 -78.29 -54.05
N VAL I 115 13.39 -78.80 -53.48
CA VAL I 115 14.71 -78.50 -54.00
C VAL I 115 15.67 -79.61 -53.55
N THR I 116 16.59 -79.96 -54.44
CA THR I 116 17.66 -80.91 -54.18
C THR I 116 19.00 -80.21 -54.39
N VAL I 117 20.07 -80.94 -54.07
CA VAL I 117 21.43 -80.41 -54.20
C VAL I 117 22.25 -81.42 -55.00
N SER I 118 22.80 -80.96 -56.12
CA SER I 118 23.63 -81.80 -56.98
C SER I 118 24.47 -80.89 -57.86
N ILE J 1 15.38 -79.15 -28.46
CA ILE J 1 14.98 -80.49 -28.02
C ILE J 1 13.81 -81.00 -28.86
N VAL J 2 13.93 -82.23 -29.33
CA VAL J 2 12.88 -82.83 -30.14
C VAL J 2 11.69 -83.13 -29.24
N LEU J 3 10.57 -82.45 -29.50
CA LEU J 3 9.36 -82.67 -28.71
C LEU J 3 8.76 -84.03 -29.03
N THR J 4 8.27 -84.72 -28.00
CA THR J 4 7.70 -86.05 -28.14
C THR J 4 6.19 -85.97 -28.23
N GLN J 5 5.61 -86.80 -29.09
CA GLN J 5 4.16 -86.86 -29.25
C GLN J 5 3.67 -88.28 -28.99
N SER J 6 2.38 -88.40 -28.66
CA SER J 6 1.79 -89.70 -28.38
C SER J 6 0.29 -89.59 -28.57
N PRO J 7 -0.36 -90.61 -29.15
CA PRO J 7 0.21 -91.83 -29.72
C PRO J 7 0.64 -91.60 -31.17
N ALA J 8 1.00 -92.67 -31.89
CA ALA J 8 1.41 -92.54 -33.28
C ALA J 8 0.70 -93.51 -34.22
N SER J 9 0.06 -94.57 -33.70
CA SER J 9 -0.65 -95.54 -34.52
C SER J 9 -1.99 -95.86 -33.89
N LEU J 10 -2.70 -94.85 -33.42
CA LEU J 10 -3.97 -95.03 -32.73
C LEU J 10 -5.09 -95.31 -33.73
N ALA J 11 -6.27 -95.61 -33.20
CA ALA J 11 -7.43 -95.94 -34.02
C ALA J 11 -8.67 -95.44 -33.29
N VAL J 12 -9.21 -94.32 -33.76
CA VAL J 12 -10.34 -93.65 -33.11
C VAL J 12 -11.57 -93.83 -33.99
N SER J 13 -12.65 -94.36 -33.40
CA SER J 13 -13.91 -94.53 -34.09
C SER J 13 -14.70 -93.22 -34.10
N LEU J 14 -15.96 -93.28 -34.49
CA LEU J 14 -16.82 -92.09 -34.56
C LEU J 14 -17.67 -92.03 -33.30
N GLY J 15 -17.31 -91.12 -32.39
CA GLY J 15 -18.10 -90.93 -31.19
C GLY J 15 -17.30 -90.95 -29.89
N GLN J 16 -16.21 -91.71 -29.88
CA GLN J 16 -15.41 -91.85 -28.67
C GLN J 16 -14.37 -90.73 -28.58
N ARG J 17 -13.45 -90.84 -27.62
CA ARG J 17 -12.44 -89.83 -27.39
C ARG J 17 -11.24 -90.04 -28.30
N ALA J 18 -10.56 -88.94 -28.63
CA ALA J 18 -9.39 -88.94 -29.50
C ALA J 18 -8.26 -88.16 -28.87
N THR J 19 -7.98 -88.45 -27.60
CA THR J 19 -6.95 -87.75 -26.85
C THR J 19 -5.58 -87.97 -27.46
N ILE J 20 -4.88 -86.87 -27.76
CA ILE J 20 -3.51 -86.92 -28.28
C ILE J 20 -2.68 -85.95 -27.44
N SER J 21 -1.68 -86.48 -26.75
CA SER J 21 -0.85 -85.68 -25.86
C SER J 21 0.55 -85.52 -26.45
N CYS J 22 1.29 -84.55 -25.91
CA CYS J 22 2.68 -84.39 -26.32
C CYS J 22 3.44 -83.67 -25.22
N LYS J 23 4.70 -84.06 -25.05
CA LYS J 23 5.58 -83.55 -24.02
C LYS J 23 6.73 -82.77 -24.65
N ALA J 24 6.99 -81.58 -24.12
CA ALA J 24 8.10 -80.75 -24.50
C ALA J 24 9.28 -80.99 -23.57
N SER J 25 10.30 -80.14 -23.63
CA SER J 25 11.49 -80.29 -22.79
C SER J 25 11.31 -79.65 -21.42
N GLN J 26 10.63 -78.51 -21.34
CA GLN J 26 10.43 -77.81 -20.08
C GLN J 26 8.99 -77.33 -20.03
N SER J 27 8.68 -76.45 -19.07
CA SER J 27 7.33 -75.96 -18.85
C SER J 27 7.03 -74.87 -19.88
N VAL J 28 6.32 -75.24 -20.95
CA VAL J 28 5.89 -74.25 -21.93
C VAL J 28 4.83 -73.35 -21.34
N ASP J 29 3.88 -73.92 -20.60
CA ASP J 29 2.85 -73.11 -19.93
C ASP J 29 3.50 -72.19 -18.92
N TYR J 30 3.09 -70.92 -18.94
CA TYR J 30 3.61 -69.95 -17.99
C TYR J 30 2.54 -68.89 -17.71
N ASP J 31 2.41 -68.52 -16.45
CA ASP J 31 1.44 -67.51 -16.01
C ASP J 31 0.02 -67.90 -16.42
N GLY J 32 -0.29 -69.19 -16.34
CA GLY J 32 -1.61 -69.68 -16.69
C GLY J 32 -1.79 -69.91 -18.17
N ASN J 33 -1.50 -68.90 -18.98
CA ASN J 33 -1.68 -69.02 -20.42
C ASN J 33 -0.66 -69.99 -21.01
N SER J 34 -1.15 -70.94 -21.80
CA SER J 34 -0.28 -71.89 -22.48
C SER J 34 0.35 -71.23 -23.71
N TYR J 35 1.41 -71.85 -24.21
CA TYR J 35 2.11 -71.40 -25.40
C TYR J 35 2.43 -72.58 -26.30
N MET J 36 1.47 -73.48 -26.47
CA MET J 36 1.67 -74.75 -27.17
C MET J 36 0.59 -74.87 -28.24
N ASN J 37 0.84 -74.31 -29.41
CA ASN J 37 -0.19 -74.27 -30.44
C ASN J 37 -0.35 -75.64 -31.09
N TRP J 38 -1.55 -75.89 -31.62
CA TRP J 38 -1.88 -77.14 -32.29
C TRP J 38 -2.20 -76.83 -33.76
N TYR J 39 -1.47 -77.48 -34.66
CA TYR J 39 -1.62 -77.28 -36.10
C TYR J 39 -2.12 -78.58 -36.72
N GLN J 40 -3.16 -78.47 -37.54
CA GLN J 40 -3.68 -79.59 -38.31
C GLN J 40 -3.42 -79.33 -39.78
N GLN J 41 -2.76 -80.28 -40.45
CA GLN J 41 -2.37 -80.14 -41.84
C GLN J 41 -2.89 -81.33 -42.63
N LYS J 42 -3.35 -81.05 -43.85
CA LYS J 42 -3.75 -82.06 -44.80
C LYS J 42 -2.70 -82.18 -45.89
N PRO J 43 -2.20 -83.39 -46.17
CA PRO J 43 -1.18 -83.55 -47.22
C PRO J 43 -1.68 -83.07 -48.58
N GLY J 44 -1.04 -82.02 -49.11
CA GLY J 44 -1.47 -81.41 -50.34
C GLY J 44 -1.70 -79.92 -50.20
N GLN J 45 -1.81 -79.45 -48.96
CA GLN J 45 -2.00 -78.05 -48.65
C GLN J 45 -1.00 -77.64 -47.58
N PRO J 46 -0.63 -76.35 -47.54
CA PRO J 46 0.28 -75.89 -46.50
C PRO J 46 -0.36 -76.01 -45.14
N PRO J 47 0.44 -76.18 -44.08
CA PRO J 47 -0.13 -76.29 -42.73
C PRO J 47 -0.85 -75.01 -42.33
N LYS J 48 -1.69 -75.13 -41.31
CA LYS J 48 -2.47 -74.01 -40.81
C LYS J 48 -2.58 -74.13 -39.29
N LEU J 49 -2.70 -72.99 -38.62
CA LEU J 49 -2.86 -72.95 -37.18
C LEU J 49 -4.33 -73.20 -36.85
N LEU J 50 -4.60 -74.28 -36.13
CA LEU J 50 -5.96 -74.66 -35.78
C LEU J 50 -6.35 -74.27 -34.37
N ILE J 51 -5.44 -74.41 -33.40
CA ILE J 51 -5.71 -74.02 -32.03
C ILE J 51 -4.53 -73.19 -31.53
N TYR J 52 -4.82 -71.95 -31.10
CA TYR J 52 -3.82 -71.06 -30.56
C TYR J 52 -3.95 -70.98 -29.05
N ALA J 53 -2.81 -70.76 -28.39
CA ALA J 53 -2.68 -70.69 -26.94
C ALA J 53 -3.06 -71.98 -26.24
N ALA J 54 -3.27 -73.06 -26.99
CA ALA J 54 -3.58 -74.41 -26.49
C ALA J 54 -4.91 -74.47 -25.75
N SER J 55 -5.63 -73.36 -25.64
CA SER J 55 -6.92 -73.38 -24.97
C SER J 55 -7.97 -72.52 -25.66
N ASN J 56 -7.67 -71.92 -26.80
CA ASN J 56 -8.60 -71.04 -27.49
C ASN J 56 -8.67 -71.42 -28.97
N LEU J 57 -9.86 -71.31 -29.54
CA LEU J 57 -10.09 -71.63 -30.94
C LEU J 57 -10.26 -70.35 -31.74
N GLU J 58 -9.60 -70.28 -32.89
CA GLU J 58 -9.66 -69.11 -33.74
C GLU J 58 -11.05 -68.98 -34.37
N SER J 59 -11.36 -67.77 -34.82
CA SER J 59 -12.67 -67.47 -35.41
C SER J 59 -12.77 -68.08 -36.80
N GLY J 60 -13.58 -69.12 -36.94
CA GLY J 60 -13.76 -69.76 -38.22
C GLY J 60 -13.92 -71.27 -38.14
N ILE J 61 -13.74 -71.83 -36.95
CA ILE J 61 -13.84 -73.26 -36.73
C ILE J 61 -14.93 -73.48 -35.68
N PRO J 62 -15.86 -74.41 -35.90
CA PRO J 62 -16.84 -74.74 -34.85
C PRO J 62 -16.15 -75.43 -33.67
N ALA J 63 -16.88 -75.47 -32.55
CA ALA J 63 -16.35 -75.98 -31.29
C ALA J 63 -16.32 -77.50 -31.33
N ARG J 64 -15.29 -78.03 -32.00
CA ARG J 64 -15.04 -79.47 -32.05
C ARG J 64 -13.67 -79.82 -31.48
N PHE J 65 -12.62 -79.12 -31.90
CA PHE J 65 -11.27 -79.38 -31.43
C PHE J 65 -11.02 -78.58 -30.17
N SER J 66 -10.94 -79.26 -29.03
CA SER J 66 -10.67 -78.61 -27.75
C SER J 66 -9.37 -79.20 -27.18
N GLY J 67 -9.04 -78.79 -25.96
CA GLY J 67 -7.87 -79.32 -25.30
C GLY J 67 -7.28 -78.31 -24.33
N SER J 68 -6.20 -78.74 -23.69
CA SER J 68 -5.56 -77.95 -22.65
C SER J 68 -4.12 -78.44 -22.52
N GLY J 69 -3.48 -78.08 -21.42
CA GLY J 69 -2.14 -78.58 -21.15
C GLY J 69 -1.37 -77.64 -20.25
N SER J 70 -0.30 -78.17 -19.67
CA SER J 70 0.55 -77.40 -18.77
C SER J 70 1.92 -78.07 -18.73
N GLY J 71 2.89 -77.33 -18.19
CA GLY J 71 4.25 -77.82 -18.04
C GLY J 71 4.79 -78.42 -19.31
N THR J 72 5.00 -79.74 -19.31
CA THR J 72 5.43 -80.46 -20.49
C THR J 72 4.27 -81.08 -21.27
N ASP J 73 3.23 -81.54 -20.57
CA ASP J 73 2.18 -82.33 -21.22
C ASP J 73 1.06 -81.41 -21.71
N PHE J 74 0.80 -81.47 -23.01
CA PHE J 74 -0.28 -80.72 -23.64
C PHE J 74 -1.14 -81.67 -24.45
N THR J 75 -2.45 -81.60 -24.25
CA THR J 75 -3.39 -82.57 -24.78
C THR J 75 -4.41 -81.89 -25.68
N LEU J 76 -4.65 -82.50 -26.84
CA LEU J 76 -5.66 -82.09 -27.80
C LEU J 76 -6.71 -83.18 -27.90
N ASN J 77 -7.99 -82.79 -27.90
CA ASN J 77 -9.11 -83.71 -27.94
C ASN J 77 -10.11 -83.26 -29.00
N ILE J 78 -10.87 -84.21 -29.52
CA ILE J 78 -11.84 -83.96 -30.57
C ILE J 78 -13.21 -84.44 -30.09
N HIS J 79 -14.21 -83.55 -30.17
CA HIS J 79 -15.57 -83.86 -29.74
C HIS J 79 -16.57 -83.06 -30.55
N PRO J 80 -17.36 -83.72 -31.42
CA PRO J 80 -17.33 -85.14 -31.75
C PRO J 80 -16.33 -85.45 -32.86
N VAL J 81 -16.02 -86.73 -33.08
CA VAL J 81 -15.09 -87.12 -34.13
C VAL J 81 -15.85 -87.20 -35.44
N GLU J 82 -15.33 -86.53 -36.47
CA GLU J 82 -15.95 -86.48 -37.79
C GLU J 82 -15.01 -87.11 -38.82
N GLU J 83 -15.40 -87.03 -40.09
CA GLU J 83 -14.59 -87.59 -41.16
C GLU J 83 -13.34 -86.76 -41.41
N GLU J 84 -13.40 -85.45 -41.14
CA GLU J 84 -12.26 -84.57 -41.36
C GLU J 84 -11.27 -84.60 -40.20
N ASP J 85 -11.52 -85.41 -39.18
CA ASP J 85 -10.60 -85.50 -38.05
C ASP J 85 -9.27 -86.15 -38.45
N ALA J 86 -9.30 -87.02 -39.46
CA ALA J 86 -8.08 -87.70 -39.91
C ALA J 86 -7.20 -86.70 -40.65
N ALA J 87 -6.10 -86.30 -40.03
CA ALA J 87 -5.16 -85.37 -40.62
C ALA J 87 -3.82 -85.53 -39.90
N THR J 88 -2.87 -84.65 -40.20
CA THR J 88 -1.58 -84.65 -39.53
C THR J 88 -1.58 -83.58 -38.44
N TYR J 89 -1.25 -83.97 -37.22
CA TYR J 89 -1.30 -83.08 -36.06
C TYR J 89 0.12 -82.79 -35.61
N TYR J 90 0.42 -81.50 -35.43
CA TYR J 90 1.71 -81.06 -34.90
C TYR J 90 1.46 -80.10 -33.75
N CYS J 91 1.96 -80.43 -32.57
CA CYS J 91 1.98 -79.49 -31.48
C CYS J 91 3.31 -78.76 -31.50
N GLN J 92 3.27 -77.43 -31.47
CA GLN J 92 4.46 -76.59 -31.68
C GLN J 92 4.56 -75.51 -30.62
N GLN J 93 5.78 -75.28 -30.15
CA GLN J 93 6.08 -74.20 -29.20
C GLN J 93 6.97 -73.16 -29.88
N GLY J 94 6.75 -71.89 -29.54
CA GLY J 94 7.52 -70.81 -30.11
C GLY J 94 8.04 -69.82 -29.09
N ASN J 95 8.49 -70.31 -27.94
CA ASN J 95 8.82 -69.46 -26.80
C ASN J 95 10.07 -68.62 -27.04
N GLU J 96 11.23 -69.27 -27.19
CA GLU J 96 12.48 -68.54 -27.37
C GLU J 96 13.40 -69.32 -28.29
N ASP J 97 14.50 -68.68 -28.65
CA ASP J 97 15.50 -69.26 -29.53
C ASP J 97 16.19 -70.44 -28.84
N PRO J 98 16.19 -71.64 -29.43
CA PRO J 98 15.54 -72.01 -30.69
C PRO J 98 14.17 -72.65 -30.48
N PRO J 99 13.13 -72.12 -31.13
CA PRO J 99 11.79 -72.70 -30.99
C PRO J 99 11.64 -74.00 -31.77
N THR J 100 12.08 -75.10 -31.19
CA THR J 100 11.97 -76.40 -31.84
C THR J 100 10.51 -76.82 -31.96
N PHE J 101 10.24 -77.67 -32.94
CA PHE J 101 8.89 -78.13 -33.24
C PHE J 101 8.71 -79.57 -32.77
N GLY J 102 7.46 -80.03 -32.83
CA GLY J 102 7.12 -81.37 -32.40
C GLY J 102 7.31 -82.39 -33.51
N GLY J 103 6.91 -83.62 -33.21
CA GLY J 103 7.00 -84.70 -34.17
C GLY J 103 5.78 -84.80 -35.08
N GLY J 104 5.32 -86.01 -35.34
CA GLY J 104 4.16 -86.21 -36.18
C GLY J 104 3.27 -87.34 -35.71
N THR J 105 1.99 -87.05 -35.51
CA THR J 105 0.99 -88.03 -35.08
C THR J 105 0.02 -88.27 -36.22
N LYS J 106 -0.11 -89.54 -36.62
CA LYS J 106 -1.01 -89.93 -37.69
C LYS J 106 -2.30 -90.49 -37.09
N LEU J 107 -3.43 -89.88 -37.44
CA LEU J 107 -4.73 -90.29 -36.93
C LEU J 107 -5.61 -90.73 -38.09
N GLU J 108 -6.21 -91.90 -37.96
CA GLU J 108 -7.07 -92.48 -38.98
C GLU J 108 -8.43 -92.80 -38.36
N ILE J 109 -9.49 -92.39 -39.05
CA ILE J 109 -10.85 -92.62 -38.59
C ILE J 109 -11.31 -93.97 -39.10
N LYS J 110 -11.90 -94.77 -38.22
CA LYS J 110 -12.31 -96.12 -38.55
C LYS J 110 -13.73 -96.16 -39.09
N VAL K 1 61.49 -10.94 -45.90
CA VAL K 1 62.49 -11.51 -45.02
C VAL K 1 63.42 -12.44 -45.83
N LYS K 2 64.73 -12.32 -45.57
CA LYS K 2 65.73 -13.12 -46.25
C LYS K 2 66.64 -13.78 -45.23
N LEU K 3 67.08 -14.99 -45.54
CA LEU K 3 67.86 -15.80 -44.62
C LEU K 3 69.32 -15.83 -45.07
N GLN K 4 70.24 -15.60 -44.14
CA GLN K 4 71.68 -15.62 -44.42
C GLN K 4 72.38 -16.43 -43.35
N GLU K 5 73.14 -17.44 -43.77
CA GLU K 5 73.83 -18.31 -42.83
C GLU K 5 75.15 -17.69 -42.38
N SER K 6 75.62 -18.16 -41.22
CA SER K 6 76.89 -17.71 -40.66
C SER K 6 77.32 -18.72 -39.61
N GLY K 7 78.63 -18.81 -39.40
CA GLY K 7 79.19 -19.73 -38.43
C GLY K 7 79.39 -21.13 -38.99
N GLY K 8 80.00 -21.22 -40.17
CA GLY K 8 80.26 -22.49 -40.82
C GLY K 8 81.73 -22.87 -40.70
N GLY K 9 81.97 -24.06 -40.18
CA GLY K 9 83.34 -24.52 -40.00
C GLY K 9 83.46 -25.57 -38.93
N LEU K 10 84.38 -26.51 -39.12
CA LEU K 10 84.53 -27.63 -38.19
C LEU K 10 86.02 -27.94 -38.02
N VAL K 11 86.81 -26.89 -37.79
CA VAL K 11 88.26 -27.05 -37.78
C VAL K 11 88.72 -27.91 -36.61
N GLN K 12 88.07 -27.80 -35.45
CA GLN K 12 88.52 -28.53 -34.26
C GLN K 12 88.03 -29.98 -34.33
N PRO K 13 88.93 -30.96 -34.32
CA PRO K 13 88.49 -32.37 -34.34
C PRO K 13 87.87 -32.77 -33.01
N GLY K 14 86.64 -33.28 -33.08
CA GLY K 14 85.91 -33.70 -31.91
C GLY K 14 85.23 -32.59 -31.15
N GLY K 15 85.20 -31.38 -31.69
CA GLY K 15 84.67 -30.22 -30.99
C GLY K 15 83.19 -30.04 -31.18
N SER K 16 82.73 -28.83 -30.87
CA SER K 16 81.32 -28.47 -30.95
C SER K 16 81.25 -27.06 -31.53
N LEU K 17 80.88 -26.95 -32.80
CA LEU K 17 80.90 -25.67 -33.50
C LEU K 17 79.48 -25.17 -33.74
N LYS K 18 79.30 -23.85 -33.66
CA LYS K 18 77.97 -23.24 -33.64
C LYS K 18 77.65 -22.70 -35.03
N LEU K 19 76.59 -23.22 -35.64
CA LEU K 19 76.05 -22.64 -36.86
C LEU K 19 74.77 -21.88 -36.57
N SER K 20 74.53 -20.85 -37.38
CA SER K 20 73.37 -19.98 -37.25
C SER K 20 72.94 -19.52 -38.63
N CYS K 21 71.68 -19.09 -38.73
CA CYS K 21 71.19 -18.42 -39.94
C CYS K 21 70.26 -17.30 -39.51
N ALA K 22 70.68 -16.06 -39.75
CA ALA K 22 69.90 -14.90 -39.35
C ALA K 22 68.86 -14.57 -40.42
N ALA K 23 67.85 -13.82 -40.00
CA ALA K 23 66.75 -13.41 -40.88
C ALA K 23 66.65 -11.88 -40.87
N SER K 24 66.35 -11.33 -42.04
CA SER K 24 66.22 -9.89 -42.19
C SER K 24 64.84 -9.53 -42.75
N THR K 27 58.78 -10.29 -40.04
CA THR K 27 59.35 -10.08 -38.72
C THR K 27 60.10 -11.34 -38.27
N PHE K 28 59.70 -12.48 -38.82
CA PHE K 28 60.29 -13.80 -38.60
C PHE K 28 60.03 -14.33 -37.19
N SER K 29 59.33 -13.58 -36.33
CA SER K 29 59.09 -14.05 -34.97
C SER K 29 58.06 -15.16 -34.92
N SER K 30 57.07 -15.14 -35.81
CA SER K 30 55.99 -16.12 -35.82
C SER K 30 56.15 -17.15 -36.93
N TYR K 31 57.31 -17.24 -37.55
CA TYR K 31 57.56 -18.16 -38.65
C TYR K 31 58.58 -19.22 -38.22
N THR K 32 58.24 -20.48 -38.43
CA THR K 32 59.13 -21.57 -38.08
C THR K 32 60.32 -21.61 -39.05
N MET K 33 61.34 -22.39 -38.68
CA MET K 33 62.59 -22.41 -39.43
C MET K 33 63.18 -23.81 -39.42
N SER K 34 63.83 -24.19 -40.52
CA SER K 34 64.49 -25.47 -40.64
C SER K 34 65.80 -25.29 -41.39
N TRP K 35 66.59 -26.37 -41.45
CA TRP K 35 67.88 -26.33 -42.14
C TRP K 35 68.16 -27.72 -42.69
N VAL K 36 68.98 -27.77 -43.74
CA VAL K 36 69.30 -29.02 -44.43
C VAL K 36 70.81 -29.13 -44.55
N ARG K 37 71.34 -30.31 -44.19
CA ARG K 37 72.76 -30.62 -44.32
C ARG K 37 73.00 -31.40 -45.61
N GLN K 38 74.15 -31.17 -46.23
CA GLN K 38 74.52 -31.82 -47.48
C GLN K 38 75.56 -32.91 -47.20
N THR K 39 75.19 -34.15 -47.52
CA THR K 39 76.11 -35.27 -47.42
C THR K 39 77.23 -35.13 -48.45
N PRO K 40 78.39 -35.75 -48.22
CA PRO K 40 79.37 -35.87 -49.31
C PRO K 40 78.80 -36.53 -50.55
N GLU K 41 77.82 -37.43 -50.39
CA GLU K 41 77.08 -37.97 -51.52
C GLU K 41 75.98 -37.02 -52.02
N LYS K 42 76.03 -35.76 -51.59
CA LYS K 42 75.11 -34.68 -51.96
C LYS K 42 73.72 -34.84 -51.36
N ARG K 43 73.50 -35.86 -50.53
CA ARG K 43 72.17 -36.15 -50.03
C ARG K 43 71.71 -35.07 -49.04
N LEU K 44 70.47 -34.61 -49.23
CA LEU K 44 69.89 -33.61 -48.34
C LEU K 44 69.33 -34.30 -47.11
N GLU K 45 69.78 -33.89 -45.93
CA GLU K 45 69.43 -34.55 -44.69
C GLU K 45 68.93 -33.54 -43.66
N TRP K 46 67.86 -33.89 -42.95
CA TRP K 46 67.40 -33.06 -41.85
C TRP K 46 68.32 -33.23 -40.64
N VAL K 47 68.42 -32.17 -39.84
CA VAL K 47 69.34 -32.16 -38.71
C VAL K 47 68.56 -32.06 -37.40
N ALA K 48 67.79 -30.97 -37.25
CA ALA K 48 67.01 -30.76 -36.03
C ALA K 48 65.76 -29.97 -36.38
N TYR K 49 64.79 -30.00 -35.46
CA TYR K 49 63.49 -29.40 -35.68
C TYR K 49 63.17 -28.44 -34.54
N ILE K 50 62.68 -27.26 -34.88
CA ILE K 50 62.18 -26.28 -33.92
C ILE K 50 60.80 -25.82 -34.36
N SER K 51 59.89 -25.69 -33.40
CA SER K 51 58.58 -25.10 -33.69
C SER K 51 58.70 -23.58 -33.72
N ASN K 52 57.58 -22.91 -33.98
CA ASN K 52 57.59 -21.45 -33.98
C ASN K 52 57.80 -20.89 -32.59
N GLY K 53 57.35 -21.60 -31.55
CA GLY K 53 57.53 -21.19 -30.18
C GLY K 53 58.79 -21.67 -29.51
N GLY K 54 59.63 -22.41 -30.23
CA GLY K 54 60.88 -22.93 -29.69
C GLY K 54 60.80 -24.34 -29.15
N GLY K 55 59.60 -24.89 -28.96
CA GLY K 55 59.45 -26.22 -28.43
C GLY K 55 59.55 -27.29 -29.50
N GLY K 56 59.36 -28.53 -29.07
CA GLY K 56 59.39 -29.66 -29.96
C GLY K 56 60.75 -29.89 -30.60
N THR K 57 61.81 -29.83 -29.79
CA THR K 57 63.17 -30.01 -30.27
C THR K 57 63.46 -31.50 -30.41
N TYR K 58 63.14 -32.05 -31.57
CA TYR K 58 63.37 -33.46 -31.88
C TYR K 58 64.41 -33.58 -32.99
N TYR K 59 64.92 -34.79 -33.16
CA TYR K 59 65.96 -35.09 -34.12
C TYR K 59 65.61 -36.37 -34.86
N PRO K 60 66.11 -36.54 -36.08
CA PRO K 60 65.93 -37.82 -36.78
C PRO K 60 66.77 -38.92 -36.14
N ASP K 61 66.58 -40.13 -36.65
CA ASP K 61 67.26 -41.31 -36.12
C ASP K 61 68.77 -41.34 -36.40
N THR K 62 69.35 -40.30 -36.99
CA THR K 62 70.77 -40.27 -37.31
C THR K 62 71.59 -39.44 -36.34
N VAL K 63 71.04 -38.32 -35.85
CA VAL K 63 71.79 -37.42 -34.97
C VAL K 63 71.05 -37.27 -33.65
N LYS K 64 70.33 -38.32 -33.24
CA LYS K 64 69.57 -38.26 -32.00
C LYS K 64 70.49 -38.33 -30.79
N GLY K 65 70.23 -37.47 -29.81
CA GLY K 65 70.93 -37.52 -28.54
C GLY K 65 72.34 -36.96 -28.53
N ARG K 66 72.77 -36.33 -29.61
CA ARG K 66 74.12 -35.77 -29.69
C ARG K 66 74.17 -34.34 -30.20
N PHE K 67 73.04 -33.75 -30.54
CA PHE K 67 72.99 -32.39 -31.07
C PHE K 67 72.23 -31.49 -30.12
N THR K 68 72.71 -30.26 -29.97
CA THR K 68 72.03 -29.25 -29.17
C THR K 68 71.56 -28.13 -30.09
N ILE K 69 70.27 -27.78 -29.96
CA ILE K 69 69.63 -26.81 -30.85
C ILE K 69 68.83 -25.83 -30.01
N SER K 70 68.80 -24.57 -30.46
CA SER K 70 68.03 -23.52 -29.81
C SER K 70 67.68 -22.47 -30.86
N ARG K 71 66.76 -21.58 -30.50
CA ARG K 71 66.37 -20.49 -31.38
C ARG K 71 66.20 -19.22 -30.56
N ASP K 72 66.34 -18.08 -31.23
CA ASP K 72 66.16 -16.78 -30.60
C ASP K 72 65.53 -15.84 -31.62
N ASN K 73 64.30 -15.40 -31.33
CA ASN K 73 63.57 -14.53 -32.26
C ASN K 73 63.97 -13.07 -32.11
N ALA K 74 64.72 -12.70 -31.07
CA ALA K 74 65.17 -11.32 -30.94
C ALA K 74 66.11 -10.94 -32.08
N LYS K 75 67.08 -11.80 -32.37
CA LYS K 75 67.96 -11.62 -33.51
C LYS K 75 67.55 -12.46 -34.72
N ASN K 76 66.44 -13.18 -34.62
CA ASN K 76 65.95 -14.04 -35.71
C ASN K 76 67.02 -15.05 -36.13
N THR K 77 67.60 -15.72 -35.15
CA THR K 77 68.71 -16.63 -35.39
C THR K 77 68.41 -18.00 -34.78
N LEU K 78 69.07 -19.01 -35.33
CA LEU K 78 69.10 -20.34 -34.75
C LEU K 78 70.50 -20.63 -34.24
N TYR K 79 70.59 -21.59 -33.33
CA TYR K 79 71.85 -21.92 -32.63
C TYR K 79 71.99 -23.43 -32.64
N LEU K 80 72.84 -23.97 -33.52
CA LEU K 80 73.01 -25.41 -33.62
C LEU K 80 74.46 -25.79 -33.36
N GLN K 81 74.68 -26.76 -32.46
CA GLN K 81 76.02 -27.24 -32.16
C GLN K 81 76.31 -28.52 -32.93
N MET K 82 77.41 -28.54 -33.66
CA MET K 82 77.88 -29.72 -34.37
C MET K 82 78.96 -30.39 -33.53
N ASN K 83 78.80 -31.69 -33.32
CA ASN K 83 79.70 -32.51 -32.52
C ASN K 83 80.17 -33.77 -33.25
N SER K 84 79.30 -34.38 -34.06
CA SER K 84 79.57 -35.67 -34.67
C SER K 84 79.55 -35.59 -36.19
N LEU K 85 80.06 -34.49 -36.75
CA LEU K 85 80.14 -34.33 -38.20
C LEU K 85 81.58 -34.30 -38.69
N LYS K 86 82.48 -34.99 -37.97
CA LYS K 86 83.90 -34.96 -38.29
C LYS K 86 84.17 -35.51 -39.69
N GLU K 87 83.51 -36.61 -40.05
CA GLU K 87 83.72 -37.27 -41.33
C GLU K 87 82.86 -36.68 -42.43
N ASP K 88 82.46 -35.42 -42.30
CA ASP K 88 81.59 -34.77 -43.27
C ASP K 88 82.06 -33.35 -43.51
N THR K 89 82.40 -33.04 -44.76
CA THR K 89 82.64 -31.66 -45.18
C THR K 89 81.30 -31.06 -45.63
N ALA K 90 80.43 -30.91 -44.64
CA ALA K 90 79.03 -30.62 -44.92
C ALA K 90 78.83 -29.18 -45.39
N MET K 91 77.67 -28.93 -45.98
CA MET K 91 77.26 -27.60 -46.41
C MET K 91 75.77 -27.48 -46.09
N TYR K 92 75.46 -26.81 -44.98
CA TYR K 92 74.09 -26.63 -44.54
C TYR K 92 73.50 -25.35 -45.13
N TYR K 93 72.19 -25.37 -45.34
CA TYR K 93 71.46 -24.17 -45.76
C TYR K 93 70.15 -24.09 -45.01
N CYS K 94 69.79 -22.87 -44.61
CA CYS K 94 68.59 -22.62 -43.83
C CYS K 94 67.39 -22.40 -44.74
N ALA K 95 66.20 -22.43 -44.14
CA ALA K 95 64.94 -22.35 -44.87
C ALA K 95 63.84 -21.92 -43.91
N ARG K 96 62.89 -21.15 -44.40
CA ARG K 96 61.75 -20.72 -43.59
C ARG K 96 60.46 -21.31 -44.17
N PRO K 97 59.86 -22.31 -43.52
CA PRO K 97 58.55 -22.79 -43.96
C PRO K 97 57.51 -21.68 -43.89
N SER K 98 56.61 -21.67 -44.86
CA SER K 98 55.58 -20.65 -44.93
C SER K 98 54.49 -20.90 -43.90
N ARG K 99 53.64 -19.88 -43.71
CA ARG K 99 52.46 -19.94 -42.85
C ARG K 99 52.84 -19.94 -41.37
N GLY K 100 54.14 -20.04 -41.07
CA GLY K 100 54.58 -20.04 -39.68
C GLY K 100 53.99 -21.21 -38.91
N GLY K 101 53.70 -20.96 -37.63
CA GLY K 101 53.06 -21.95 -36.80
C GLY K 101 54.00 -23.07 -36.40
N SER K 102 53.46 -23.99 -35.61
CA SER K 102 54.20 -25.17 -35.17
C SER K 102 54.19 -26.30 -36.19
N SER K 103 53.33 -26.21 -37.21
CA SER K 103 53.23 -27.26 -38.22
C SER K 103 54.32 -27.05 -39.28
N TYR K 104 54.24 -27.83 -40.36
CA TYR K 104 55.23 -27.79 -41.43
C TYR K 104 54.52 -27.74 -42.77
N TRP K 105 55.09 -26.99 -43.71
CA TRP K 105 54.52 -26.80 -45.03
C TRP K 105 55.66 -26.83 -46.05
N TYR K 106 55.34 -26.39 -47.27
CA TYR K 106 56.32 -26.34 -48.35
C TYR K 106 56.88 -24.92 -48.45
N PHE K 107 58.20 -24.82 -48.54
CA PHE K 107 58.91 -23.56 -48.41
C PHE K 107 59.76 -23.26 -49.63
N ASP K 108 59.93 -21.97 -49.92
CA ASP K 108 60.66 -21.53 -51.10
C ASP K 108 61.75 -20.51 -50.83
N VAL K 109 61.66 -19.73 -49.75
CA VAL K 109 62.66 -18.72 -49.46
C VAL K 109 63.87 -19.41 -48.86
N TRP K 110 64.98 -19.41 -49.59
CA TRP K 110 66.17 -20.18 -49.22
C TRP K 110 67.37 -19.26 -49.09
N GLY K 111 68.35 -19.72 -48.31
CA GLY K 111 69.47 -18.90 -47.90
C GLY K 111 70.55 -18.70 -48.95
N ALA K 112 71.81 -18.69 -48.51
CA ALA K 112 72.93 -18.40 -49.38
C ALA K 112 73.93 -19.56 -49.52
N GLY K 113 74.12 -20.36 -48.47
CA GLY K 113 75.05 -21.47 -48.54
C GLY K 113 76.38 -21.20 -47.88
N THR K 114 76.63 -21.85 -46.75
CA THR K 114 77.89 -21.73 -46.02
C THR K 114 78.53 -23.10 -45.88
N THR K 115 79.83 -23.16 -46.12
CA THR K 115 80.56 -24.43 -46.08
C THR K 115 81.08 -24.71 -44.68
N VAL K 116 81.28 -26.01 -44.41
CA VAL K 116 81.85 -26.49 -43.15
C VAL K 116 83.03 -27.39 -43.49
N THR K 117 84.22 -26.98 -43.08
CA THR K 117 85.45 -27.68 -43.45
C THR K 117 86.24 -28.03 -42.19
N VAL K 118 87.01 -29.11 -42.28
CA VAL K 118 87.83 -29.57 -41.17
C VAL K 118 89.31 -29.39 -41.50
N ASP L 1 58.90 -41.71 -34.39
CA ASP L 1 59.16 -40.93 -35.60
C ASP L 1 59.03 -41.80 -36.84
N ILE L 2 58.17 -41.37 -37.77
CA ILE L 2 57.95 -42.13 -39.00
C ILE L 2 59.16 -41.94 -39.92
N GLN L 3 59.62 -43.04 -40.49
CA GLN L 3 60.79 -43.06 -41.37
C GLN L 3 60.36 -43.31 -42.81
N MET L 4 61.30 -43.08 -43.73
CA MET L 4 61.05 -43.32 -45.14
C MET L 4 62.37 -43.58 -45.85
N THR L 5 62.33 -44.44 -46.86
CA THR L 5 63.49 -44.74 -47.69
C THR L 5 63.13 -44.53 -49.15
N GLN L 6 64.15 -44.25 -49.96
CA GLN L 6 63.97 -43.99 -51.38
C GLN L 6 64.81 -44.95 -52.21
N SER L 7 64.34 -45.19 -53.44
CA SER L 7 64.99 -46.12 -54.35
C SER L 7 64.76 -45.62 -55.77
N PRO L 8 65.64 -45.96 -56.72
CA PRO L 8 66.88 -46.75 -56.57
C PRO L 8 68.12 -45.87 -56.40
N SER L 9 67.92 -44.57 -56.17
CA SER L 9 69.01 -43.61 -55.97
C SER L 9 70.01 -43.64 -57.12
N SER L 10 69.53 -43.93 -58.33
CA SER L 10 70.40 -43.99 -59.49
C SER L 10 69.56 -43.77 -60.74
N LEU L 11 70.19 -43.17 -61.76
CA LEU L 11 69.54 -42.91 -63.03
C LEU L 11 70.56 -43.02 -64.15
N SER L 12 70.12 -43.50 -65.31
CA SER L 12 70.96 -43.63 -66.49
C SER L 12 70.23 -42.95 -67.66
N ALA L 13 70.65 -41.74 -67.98
CA ALA L 13 69.98 -40.96 -69.01
C ALA L 13 70.95 -39.92 -69.58
N SER L 14 70.47 -39.20 -70.58
CA SER L 14 71.26 -38.19 -71.28
C SER L 14 70.31 -37.02 -71.57
N LEU L 15 70.68 -36.17 -72.54
CA LEU L 15 69.84 -35.06 -72.95
C LEU L 15 68.39 -35.47 -73.18
N GLY L 16 68.16 -36.70 -73.59
CA GLY L 16 66.81 -37.21 -73.78
C GLY L 16 66.59 -38.51 -73.05
N GLY L 17 65.42 -38.65 -72.44
CA GLY L 17 65.08 -39.86 -71.74
C GLY L 17 64.09 -39.64 -70.60
N LYS L 18 63.11 -40.53 -70.48
CA LYS L 18 62.11 -40.44 -69.42
C LYS L 18 62.66 -41.13 -68.17
N VAL L 19 62.91 -40.36 -67.12
CA VAL L 19 63.46 -40.87 -65.88
C VAL L 19 62.37 -40.88 -64.82
N THR L 20 62.20 -42.01 -64.15
CA THR L 20 61.15 -42.19 -63.15
C THR L 20 61.76 -42.59 -61.82
N ILE L 21 61.32 -41.94 -60.75
CA ILE L 21 61.76 -42.22 -59.40
C ILE L 21 60.56 -42.71 -58.59
N THR L 22 60.77 -43.77 -57.81
CA THR L 22 59.72 -44.40 -57.02
C THR L 22 59.87 -43.98 -55.56
N CYS L 23 58.86 -43.30 -55.04
CA CYS L 23 58.79 -42.95 -53.63
C CYS L 23 58.05 -44.05 -52.88
N LYS L 24 58.72 -44.65 -51.89
CA LYS L 24 58.16 -45.72 -51.07
C LYS L 24 57.99 -45.17 -49.65
N ALA L 25 56.84 -44.57 -49.39
CA ALA L 25 56.56 -44.05 -48.05
C ALA L 25 56.25 -45.19 -47.10
N SER L 26 56.08 -44.85 -45.82
CA SER L 26 55.75 -45.81 -44.78
C SER L 26 54.33 -45.62 -44.26
N GLN L 27 54.00 -44.42 -43.80
CA GLN L 27 52.66 -44.11 -43.35
C GLN L 27 51.81 -43.58 -44.51
N ASP L 28 50.50 -43.74 -44.38
CA ASP L 28 49.57 -43.25 -45.39
C ASP L 28 49.60 -41.73 -45.40
N ILE L 29 50.27 -41.16 -46.39
CA ILE L 29 50.40 -39.71 -46.45
C ILE L 29 49.13 -39.05 -46.98
N ASN L 30 48.32 -39.80 -47.75
CA ASN L 30 47.12 -39.29 -48.40
C ASN L 30 47.42 -38.04 -49.20
N LYS L 31 48.26 -38.20 -50.22
CA LYS L 31 48.81 -37.05 -50.95
C LYS L 31 49.43 -36.07 -49.96
N TYR L 32 50.64 -36.38 -49.51
CA TYR L 32 51.55 -35.40 -48.90
C TYR L 32 52.88 -35.34 -49.64
N ILE L 33 52.89 -35.67 -50.92
CA ILE L 33 54.12 -35.80 -51.69
C ILE L 33 54.76 -34.43 -51.91
N ALA L 34 56.09 -34.38 -51.85
CA ALA L 34 56.84 -33.18 -52.15
C ALA L 34 58.09 -33.55 -52.92
N TRP L 35 58.45 -32.74 -53.91
CA TRP L 35 59.64 -32.97 -54.71
C TRP L 35 60.50 -31.72 -54.69
N TYR L 36 61.75 -31.87 -54.28
CA TYR L 36 62.68 -30.76 -54.16
C TYR L 36 63.95 -31.06 -54.97
N GLN L 37 64.79 -30.04 -55.09
CA GLN L 37 66.08 -30.17 -55.74
C GLN L 37 67.03 -29.17 -55.11
N HIS L 38 68.30 -29.24 -55.51
CA HIS L 38 69.27 -28.27 -55.03
C HIS L 38 70.46 -28.26 -55.98
N LYS L 39 71.10 -27.09 -56.05
CA LYS L 39 72.29 -26.89 -56.87
C LYS L 39 73.51 -26.65 -55.98
N PRO L 40 74.71 -26.93 -56.49
CA PRO L 40 75.92 -26.75 -55.68
C PRO L 40 76.39 -25.31 -55.59
N GLY L 41 75.51 -24.35 -55.81
CA GLY L 41 75.92 -22.96 -55.85
C GLY L 41 75.08 -22.05 -56.73
N LYS L 42 74.03 -22.58 -57.34
CA LYS L 42 73.04 -21.74 -58.00
C LYS L 42 71.90 -21.34 -57.07
N GLY L 43 71.51 -22.21 -56.15
CA GLY L 43 70.40 -21.95 -55.27
C GLY L 43 69.20 -22.81 -55.60
N PRO L 44 68.80 -23.68 -54.66
CA PRO L 44 67.70 -24.61 -54.94
C PRO L 44 66.39 -23.89 -55.25
N ARG L 45 65.42 -24.67 -55.72
CA ARG L 45 64.17 -24.13 -56.21
C ARG L 45 63.06 -25.15 -56.01
N LEU L 46 61.83 -24.67 -55.83
CA LEU L 46 60.68 -25.54 -55.61
C LEU L 46 60.12 -26.03 -56.94
N LEU L 47 59.87 -27.33 -57.03
CA LEU L 47 59.48 -27.94 -58.30
C LEU L 47 58.05 -28.44 -58.32
N ILE L 48 57.68 -29.35 -57.42
CA ILE L 48 56.45 -30.12 -57.61
C ILE L 48 55.74 -30.30 -56.28
N HIS L 49 54.49 -29.81 -56.22
CA HIS L 49 53.55 -30.08 -55.14
C HIS L 49 52.85 -31.41 -55.40
N TYR L 50 51.59 -31.54 -54.96
CA TYR L 50 50.80 -32.74 -55.23
C TYR L 50 50.71 -33.05 -56.72
N THR L 51 50.09 -34.18 -57.05
CA THR L 51 50.16 -34.77 -58.39
C THR L 51 50.01 -33.73 -59.50
N SER L 52 51.07 -33.55 -60.29
CA SER L 52 51.08 -32.69 -61.46
C SER L 52 50.62 -31.27 -61.14
N SER L 53 51.00 -30.78 -59.96
CA SER L 53 50.63 -29.42 -59.55
C SER L 53 51.52 -28.42 -60.28
N LEU L 54 50.91 -27.67 -61.21
CA LEU L 54 51.65 -26.66 -61.95
C LEU L 54 52.06 -25.50 -61.03
N GLN L 55 53.24 -24.94 -61.28
CA GLN L 55 53.77 -23.83 -60.51
C GLN L 55 54.26 -22.75 -61.45
N PRO L 56 54.18 -21.49 -61.03
CA PRO L 56 54.70 -20.40 -61.87
C PRO L 56 56.21 -20.53 -62.06
N GLY L 57 56.65 -20.23 -63.28
CA GLY L 57 58.06 -20.36 -63.62
C GLY L 57 58.57 -21.78 -63.58
N ILE L 58 57.69 -22.77 -63.68
CA ILE L 58 58.04 -24.17 -63.56
C ILE L 58 57.55 -24.89 -64.81
N PRO L 59 58.40 -25.66 -65.49
CA PRO L 59 57.90 -26.46 -66.62
C PRO L 59 56.91 -27.51 -66.15
N SER L 60 55.94 -27.82 -67.02
CA SER L 60 54.88 -28.77 -66.71
C SER L 60 55.19 -30.17 -67.26
N ARG L 61 56.42 -30.41 -67.71
CA ARG L 61 56.77 -31.72 -68.25
C ARG L 61 56.79 -32.80 -67.20
N PHE L 62 56.87 -32.44 -65.92
CA PHE L 62 56.87 -33.43 -64.85
C PHE L 62 55.51 -34.07 -64.71
N SER L 63 55.50 -35.36 -64.38
CA SER L 63 54.26 -36.12 -64.22
C SER L 63 54.35 -36.98 -62.96
N GLY L 64 53.19 -37.30 -62.42
CA GLY L 64 53.11 -38.11 -61.21
C GLY L 64 52.00 -39.14 -61.32
N SER L 65 52.26 -40.30 -60.71
CA SER L 65 51.29 -41.38 -60.68
C SER L 65 51.37 -42.09 -59.34
N GLY L 66 50.30 -42.80 -59.01
CA GLY L 66 50.23 -43.48 -57.73
C GLY L 66 49.81 -42.56 -56.61
N SER L 67 49.73 -43.13 -55.41
CA SER L 67 49.21 -42.41 -54.25
C SER L 67 49.63 -43.15 -52.99
N GLY L 68 49.20 -42.61 -51.84
CA GLY L 68 49.37 -43.26 -50.56
C GLY L 68 50.79 -43.67 -50.23
N ARG L 69 51.03 -44.97 -50.27
CA ARG L 69 52.34 -45.53 -49.92
C ARG L 69 53.30 -45.58 -51.09
N ASP L 70 52.82 -45.56 -52.33
CA ASP L 70 53.67 -45.74 -53.50
C ASP L 70 53.42 -44.60 -54.48
N TYR L 71 54.50 -43.89 -54.84
CA TYR L 71 54.42 -42.79 -55.77
C TYR L 71 55.46 -42.98 -56.87
N SER L 72 55.16 -42.46 -58.06
CA SER L 72 56.07 -42.50 -59.19
C SER L 72 56.14 -41.13 -59.83
N PHE L 73 57.33 -40.55 -59.87
CA PHE L 73 57.54 -39.21 -60.40
C PHE L 73 58.41 -39.31 -61.65
N SER L 74 57.90 -38.82 -62.77
CA SER L 74 58.54 -38.99 -64.07
C SER L 74 58.88 -37.64 -64.69
N ILE L 75 60.07 -37.57 -65.29
CA ILE L 75 60.54 -36.40 -66.01
C ILE L 75 60.87 -36.85 -67.43
N SER L 76 60.31 -36.14 -68.42
CA SER L 76 60.47 -36.47 -69.82
C SER L 76 61.20 -35.36 -70.55
N ASN L 77 62.29 -35.71 -71.23
CA ASN L 77 63.06 -34.78 -72.05
C ASN L 77 63.56 -33.59 -71.24
N LEU L 78 64.40 -33.89 -70.26
CA LEU L 78 64.99 -32.84 -69.43
C LEU L 78 66.04 -32.07 -70.22
N GLU L 79 66.23 -30.80 -69.83
CA GLU L 79 67.19 -29.91 -70.46
C GLU L 79 68.56 -30.00 -69.78
N PRO L 80 69.64 -29.72 -70.50
CA PRO L 80 70.98 -29.74 -69.88
C PRO L 80 71.31 -28.50 -69.06
N GLU L 81 70.35 -27.62 -68.81
CA GLU L 81 70.58 -26.43 -67.98
C GLU L 81 70.18 -26.62 -66.53
N ASP L 82 69.24 -27.52 -66.26
CA ASP L 82 68.77 -27.80 -64.91
C ASP L 82 69.33 -29.12 -64.39
N ILE L 83 70.58 -29.42 -64.71
CA ILE L 83 71.21 -30.66 -64.28
C ILE L 83 71.45 -30.60 -62.79
N ALA L 84 70.61 -31.30 -62.02
CA ALA L 84 70.70 -31.29 -60.57
C ALA L 84 70.19 -32.64 -60.07
N THR L 85 69.89 -32.71 -58.78
CA THR L 85 69.42 -33.94 -58.15
C THR L 85 68.09 -33.69 -57.46
N TYR L 86 67.18 -34.64 -57.57
CA TYR L 86 65.83 -34.53 -57.03
C TYR L 86 65.68 -35.31 -55.74
N TYR L 87 64.66 -34.96 -54.97
CA TYR L 87 64.41 -35.59 -53.67
C TYR L 87 62.92 -35.66 -53.40
N CYS L 88 62.48 -36.82 -52.92
CA CYS L 88 61.09 -37.07 -52.55
C CYS L 88 60.96 -36.91 -51.04
N LEU L 89 60.35 -35.81 -50.60
CA LEU L 89 60.19 -35.50 -49.19
C LEU L 89 58.70 -35.42 -48.85
N GLN L 90 58.36 -35.92 -47.66
CA GLN L 90 56.98 -35.90 -47.18
C GLN L 90 56.92 -35.32 -45.77
N TYR L 91 55.73 -35.35 -45.16
CA TYR L 91 55.59 -34.79 -43.80
C TYR L 91 54.41 -35.49 -43.13
N ASP L 92 54.71 -36.45 -42.25
CA ASP L 92 53.71 -37.07 -41.40
C ASP L 92 54.01 -36.83 -39.92
N ASN L 93 55.20 -37.22 -39.46
CA ASN L 93 55.65 -36.94 -38.10
C ASN L 93 56.82 -35.96 -38.20
N LEU L 94 56.55 -34.70 -37.87
CA LEU L 94 57.51 -33.62 -38.09
C LEU L 94 57.95 -33.61 -39.56
N TYR L 95 59.16 -34.09 -39.81
CA TYR L 95 59.67 -34.25 -41.18
C TYR L 95 60.08 -35.69 -41.39
N THR L 96 59.87 -36.18 -42.61
CA THR L 96 60.18 -37.56 -42.97
C THR L 96 60.98 -37.54 -44.27
N PHE L 97 62.29 -37.69 -44.15
CA PHE L 97 63.20 -37.71 -45.29
C PHE L 97 63.67 -39.13 -45.56
N GLY L 98 64.51 -39.28 -46.57
CA GLY L 98 65.05 -40.57 -46.94
C GLY L 98 66.42 -40.49 -47.57
N GLY L 99 66.84 -41.56 -48.24
CA GLY L 99 68.14 -41.56 -48.90
C GLY L 99 68.21 -40.59 -50.05
N GLY L 100 67.14 -40.50 -50.84
CA GLY L 100 67.13 -39.65 -52.01
C GLY L 100 67.51 -40.40 -53.27
N THR L 101 67.49 -39.67 -54.38
CA THR L 101 67.80 -40.22 -55.69
C THR L 101 68.80 -39.32 -56.41
N LYS L 102 69.60 -39.94 -57.28
CA LYS L 102 70.65 -39.24 -58.02
C LYS L 102 70.17 -38.91 -59.43
N LEU L 103 71.00 -38.17 -60.16
CA LEU L 103 70.79 -37.93 -61.58
C LEU L 103 72.13 -37.48 -62.18
N GLU L 104 72.68 -38.30 -63.07
CA GLU L 104 73.94 -38.00 -63.71
C GLU L 104 73.77 -38.03 -65.23
N ILE L 105 74.55 -37.19 -65.91
CA ILE L 105 74.49 -37.05 -67.36
C ILE L 105 75.86 -37.38 -67.93
N LYS L 106 75.89 -38.27 -68.92
CA LYS L 106 77.14 -38.67 -69.57
C LYS L 106 77.73 -37.51 -70.36
#